data_8CW9
#
_entry.id   8CW9
#
_cell.length_a   1.00
_cell.length_b   1.00
_cell.length_c   1.00
_cell.angle_alpha   90.00
_cell.angle_beta   90.00
_cell.angle_gamma   90.00
#
_symmetry.space_group_name_H-M   'P 1'
#
loop_
_entity.id
_entity.type
_entity.pdbx_description
1 polymer 'Fusion glycoprotein F0'
2 polymer 'MPE8 light chain'
3 polymer 'ADI-61026 heavy'
4 polymer 'ADI-61026 light'
5 polymer 'MPE8 heavy chain'
6 non-polymer 2-acetamido-2-deoxy-beta-D-glucopyranose
#
loop_
_entity_poly.entity_id
_entity_poly.type
_entity_poly.pdbx_seq_one_letter_code
_entity_poly.pdbx_strand_id
1 'polypeptide(L)'
;MSWKVVIIFSLLITPQHGLKESYLEESCSTITEGYLSVLRTGWYTNVFTLEVGDVENLTCADGPSLIKTELDLTKSALRE
LRTVSADQLAREEQIENPRRRRFVLGAIACGVATAAAVTAGVAIAKCIRLESEVTAIKNCLKKTNECVSTLGCGVRVLAT
AVRELKDFVSKNLTRAINKNKCDIPDLKMAVSFSQFNRRFLNVVRQFSDNAGITPAISKDLMTDAELARAISNMPTSAGQ
IKLMLENRAMVRRKGFGILIGVYGSSVIYMVQLPIFGVIDTPCWIVKAAPSCSEKKGNYACLLREDQGWYCQNAGSTVYY
PCEKDCETRGDHVFCDTAAGINVAEQSKECNINISTTNYPCKVSCGRHPISMVALSPLGALVACYKGVSCSIGSNRVGII
KQLNKGCSYITNQDADTVTIDNTVYQLSKVEGEQHVIKGRPVSSSFDPVKFPQDQFNVALDQCFESIENSQALVDQSNRI
LSSAEKGNTGGGGSGYIPEAPRDGQAYVRKDGEWVLLSTFLGRSLEVLFQGPGHHHHHHHHSAWSHPQFEK
;
A,E,F
2 'polypeptide(L)'
;QSVVTQPPSVSGAPGQRVTISCTGSSSNIGAGYDVHWYQQLPGTAPKLLIYDNNNRPSGVPDRFSASKSGTSASLAITGL
QAEDEADYYCQSYDRSLSGVFGTGTKVTVLGQPKAAPSVTLFPPSSEELQANKATLVCLISDFYPGAVTVAWKADSSPVK
AGVETTTPSKQSNNKYAASSYLSLTPEQWKSHKSYSCQVTHEGSTVEKTVAPTECS
;
B,M,O
3 'polypeptide(L)'
;QVQLVQSGPALVKSTQTLTLTCTFSGFALTTSGMCVSWVRQPPGKALEWLARIDWEDNTYYSTSLKTRVTISKDPSKNQV
VLTMTNMDPVDTATYYCARSYITDWKKDWFFDLWGRGTLVTVSSASTKGPSVFPLAPSSKSTSGGTAALGCLVKDYFPEP
VTVSWNSGALTSGVHTFPAVLQSSGLYSLSSVVTVPSSSLGTQTYICNVNHKPSNTKVDKKVEPKSCD
;
C,H,I
4 'polypeptide(L)'
;SYELIQLPSVSVSPGQTARIPCSGDGLPKKYAHWYQQKAGQAPILLMYKDSERPSGIPERFSAFSSGTTVTMTISGVQEE
DEADYYCQSGDSTDTSVIFGGGTKVTVLGQPKAAPSVTLFPPSSEELQANKATLVCLISDFYPGAVTVAWKADSSPVKAG
VETTTPSKQSNNKYAASSYLSLTPEQWKSHRSYSCQVTHEGSTVEKTVAPTECS
;
D,K,L
5 'polypeptide(L)'
;EVQLVESGGGLVKPGGSLRLSCAASGFTFSSYSMNWVRQAPGKGLEWVSSISASSSYSDYADSAKGRFTISRDNAKTSLF
LQMNSLRAEDTAIYFCARARATGYSSITPYFDIWGQGTLVTVSSASTKGPSVFPLAPSSKSTSGGTAALGCLVKDYFPEP
VTVSWNSGALTSGVHTFPAVLQSSGLYSLSSVVTVPSSSLGTQTYICNVNHKPSNTKVDKKVEPKSCDKTHTCPPCPAPE
LLGGPSVFLFPPKPKDTLMISRTPEVTCVVVDVSHEDPEVKFNWYVDGVEVHNAKTKPREEQYNSTYRVVSVLTVLHQDW
LNGKEYKCKVSNKALPAPIEKTISKAKGQPREPQVYTLPPSRDELTKNQVSLTCLVKGFYPSDIAVEWESNGQPENNYKT
TPPVLDSDGSFFLYSKLTVDKSRWQQGNVFSCSVMHEALHNHYTQKSLSLSPGK
;
G,J,N
#
loop_
_chem_comp.id
_chem_comp.type
_chem_comp.name
_chem_comp.formula
NAG D-saccharide, beta linking 2-acetamido-2-deoxy-beta-D-glucopyranose 'C8 H15 N O6'
#
# COMPACT_ATOMS: atom_id res chain seq x y z
N LEU A 19 19.32 0.83 -29.54
CA LEU A 19 18.01 1.45 -29.76
C LEU A 19 17.99 2.25 -31.06
N LYS A 20 17.08 1.89 -31.96
CA LYS A 20 16.99 2.50 -33.27
C LYS A 20 15.53 2.72 -33.61
N GLU A 21 15.23 3.84 -34.27
CA GLU A 21 13.87 4.29 -34.47
C GLU A 21 13.67 4.75 -35.90
N SER A 22 12.52 4.39 -36.47
CA SER A 22 12.18 4.74 -37.84
C SER A 22 10.88 5.53 -37.82
N TYR A 23 10.93 6.77 -38.29
CA TYR A 23 9.73 7.58 -38.45
C TYR A 23 9.05 7.22 -39.76
N LEU A 24 7.85 6.63 -39.67
CA LEU A 24 7.07 6.28 -40.87
C LEU A 24 6.23 7.50 -41.23
N GLU A 25 6.80 8.38 -42.07
CA GLU A 25 6.09 9.59 -42.48
C GLU A 25 4.75 9.26 -43.11
N GLU A 26 4.67 8.16 -43.83
CA GLU A 26 3.46 7.75 -44.54
C GLU A 26 2.27 7.50 -43.61
N SER A 27 2.48 7.39 -42.29
CA SER A 27 1.37 7.11 -41.40
C SER A 27 1.50 7.81 -40.05
N CYS A 28 2.28 8.89 -39.97
CA CYS A 28 2.56 9.60 -38.72
C CYS A 28 2.82 8.65 -37.56
N SER A 29 3.67 7.66 -37.81
CA SER A 29 3.93 6.60 -36.85
C SER A 29 5.42 6.32 -36.80
N THR A 30 5.87 5.80 -35.65
CA THR A 30 7.24 5.32 -35.52
C THR A 30 7.23 3.83 -35.21
N ILE A 31 8.29 3.15 -35.65
CA ILE A 31 8.74 1.90 -35.05
C ILE A 31 10.10 2.14 -34.40
N THR A 32 10.20 1.85 -33.11
CA THR A 32 11.49 1.76 -32.43
C THR A 32 11.93 0.31 -32.42
N GLU A 33 12.94 0.00 -33.24
CA GLU A 33 13.56 -1.31 -33.28
C GLU A 33 14.73 -1.40 -32.31
N GLY A 34 15.31 -2.59 -32.20
CA GLY A 34 16.57 -2.80 -31.52
C GLY A 34 16.44 -3.29 -30.09
N TYR A 35 15.26 -3.15 -29.48
CA TYR A 35 15.02 -3.78 -28.20
C TYR A 35 15.21 -5.29 -28.26
N LEU A 36 15.71 -5.85 -27.17
CA LEU A 36 15.80 -7.29 -26.98
C LEU A 36 14.68 -7.72 -26.04
N SER A 37 14.53 -9.04 -25.88
CA SER A 37 13.32 -9.58 -25.28
C SER A 37 13.65 -10.42 -24.06
N VAL A 38 12.79 -10.32 -23.06
CA VAL A 38 12.65 -11.32 -22.00
C VAL A 38 11.16 -11.62 -21.89
N LEU A 39 10.78 -12.88 -22.03
CA LEU A 39 9.37 -13.22 -22.13
C LEU A 39 9.02 -14.43 -21.27
N ARG A 40 8.02 -14.27 -20.42
CA ARG A 40 7.64 -15.29 -19.44
C ARG A 40 6.90 -16.44 -20.13
N THR A 41 7.58 -17.58 -20.28
CA THR A 41 6.96 -18.75 -20.88
C THR A 41 6.33 -19.69 -19.85
N GLY A 42 6.79 -19.63 -18.59
CA GLY A 42 6.36 -20.58 -17.59
C GLY A 42 6.36 -19.93 -16.21
N TRP A 43 5.84 -20.67 -15.24
CA TRP A 43 5.96 -20.32 -13.83
C TRP A 43 6.77 -21.39 -13.11
N TYR A 44 7.83 -20.95 -12.43
CA TYR A 44 8.56 -21.77 -11.47
C TYR A 44 8.02 -21.43 -10.08
N THR A 45 7.55 -22.45 -9.36
CA THR A 45 6.90 -22.24 -8.07
C THR A 45 7.86 -22.54 -6.91
N ASN A 46 7.90 -21.61 -5.96
CA ASN A 46 8.60 -21.78 -4.69
C ASN A 46 7.57 -21.77 -3.58
N VAL A 47 7.48 -22.87 -2.84
CA VAL A 47 6.47 -23.02 -1.79
C VAL A 47 7.13 -22.85 -0.42
N PHE A 48 6.62 -21.91 0.36
CA PHE A 48 7.23 -21.53 1.64
C PHE A 48 6.41 -22.15 2.76
N THR A 49 7.10 -22.90 3.63
CA THR A 49 6.53 -23.35 4.91
C THR A 49 7.05 -22.38 5.98
N LEU A 50 6.23 -21.39 6.31
CA LEU A 50 6.55 -20.47 7.40
C LEU A 50 5.99 -21.08 8.68
N GLU A 51 6.86 -21.65 9.50
CA GLU A 51 6.46 -22.25 10.76
C GLU A 51 6.09 -21.15 11.74
N VAL A 52 4.79 -20.92 11.92
CA VAL A 52 4.34 -20.01 12.97
C VAL A 52 4.44 -20.66 14.35
N GLY A 53 4.36 -21.98 14.42
CA GLY A 53 4.31 -22.67 15.69
C GLY A 53 2.92 -22.65 16.29
N ASP A 54 2.70 -23.57 17.24
CA ASP A 54 1.39 -23.72 17.86
C ASP A 54 1.16 -22.58 18.85
N VAL A 55 0.74 -21.44 18.30
CA VAL A 55 0.43 -20.27 19.11
C VAL A 55 -0.97 -20.34 19.69
N GLU A 56 -1.87 -21.10 19.04
CA GLU A 56 -3.30 -21.00 19.30
C GLU A 56 -3.69 -21.34 20.73
N ASN A 57 -2.82 -22.01 21.49
CA ASN A 57 -3.12 -22.32 22.88
C ASN A 57 -2.10 -21.72 23.85
N LEU A 58 -1.27 -20.78 23.40
CA LEU A 58 -0.38 -20.05 24.29
C LEU A 58 -1.20 -19.02 25.06
N THR A 59 -0.97 -18.93 26.37
CA THR A 59 -1.74 -18.03 27.21
C THR A 59 -0.81 -17.20 28.10
N CYS A 60 -1.15 -15.92 28.25
CA CYS A 60 -0.50 -15.03 29.20
C CYS A 60 -1.46 -14.76 30.34
N ALA A 61 -1.01 -15.02 31.57
CA ALA A 61 -1.83 -14.89 32.76
C ALA A 61 -1.46 -13.66 33.58
N ASP A 62 -1.24 -12.52 32.91
CA ASP A 62 -0.40 -11.48 33.48
C ASP A 62 -0.84 -10.08 33.03
N GLY A 63 -2.08 -9.90 32.59
CA GLY A 63 -2.58 -8.60 32.25
C GLY A 63 -1.96 -8.05 30.98
N PRO A 64 -2.44 -6.89 30.52
CA PRO A 64 -1.94 -6.31 29.26
C PRO A 64 -0.45 -6.08 29.31
N SER A 65 0.26 -6.66 28.35
CA SER A 65 1.72 -6.60 28.30
C SER A 65 2.18 -6.64 26.86
N LEU A 66 3.41 -6.16 26.65
CA LEU A 66 3.99 -6.14 25.30
C LEU A 66 3.97 -7.52 24.67
N ILE A 67 4.52 -8.52 25.38
CA ILE A 67 4.56 -9.87 24.85
C ILE A 67 3.14 -10.40 24.62
N LYS A 68 2.24 -10.15 25.57
CA LYS A 68 0.86 -10.61 25.44
C LYS A 68 0.19 -10.04 24.19
N THR A 69 0.36 -8.74 23.94
CA THR A 69 -0.32 -8.16 22.79
C THR A 69 0.35 -8.56 21.47
N GLU A 70 1.66 -8.84 21.51
CA GLU A 70 2.31 -9.43 20.34
C GLU A 70 1.82 -10.85 20.10
N LEU A 71 1.69 -11.64 21.17
CA LEU A 71 1.19 -12.99 21.08
C LEU A 71 -0.27 -13.01 20.61
N ASP A 72 -1.09 -12.12 21.15
CA ASP A 72 -2.49 -12.03 20.74
C ASP A 72 -2.63 -11.59 19.29
N LEU A 73 -1.80 -10.65 18.84
CA LEU A 73 -1.75 -10.35 17.42
C LEU A 73 -1.30 -11.56 16.61
N THR A 74 -0.33 -12.32 17.11
CA THR A 74 0.14 -13.51 16.40
C THR A 74 -0.95 -14.59 16.34
N LYS A 75 -1.66 -14.79 17.44
CA LYS A 75 -2.79 -15.72 17.46
C LYS A 75 -3.92 -15.25 16.54
N SER A 76 -4.26 -13.95 16.62
CA SER A 76 -5.35 -13.43 15.80
C SER A 76 -5.02 -13.47 14.32
N ALA A 77 -3.80 -13.09 13.94
CA ALA A 77 -3.35 -13.22 12.56
C ALA A 77 -3.52 -14.64 12.04
N LEU A 78 -3.24 -15.64 12.87
CA LEU A 78 -3.39 -17.02 12.43
C LEU A 78 -4.86 -17.39 12.23
N ARG A 79 -5.72 -17.06 13.21
CA ARG A 79 -7.14 -17.28 13.04
C ARG A 79 -7.70 -16.52 11.83
N GLU A 80 -7.25 -15.28 11.64
CA GLU A 80 -7.70 -14.51 10.48
C GLU A 80 -7.27 -15.15 9.16
N LEU A 81 -6.01 -15.61 9.08
CA LEU A 81 -5.55 -16.26 7.85
C LEU A 81 -6.28 -17.57 7.61
N ARG A 82 -6.62 -18.31 8.67
CA ARG A 82 -7.41 -19.52 8.49
C ARG A 82 -8.78 -19.25 7.88
N THR A 83 -9.29 -18.02 8.02
CA THR A 83 -10.60 -17.68 7.47
C THR A 83 -10.59 -17.44 5.97
N VAL A 84 -9.44 -17.10 5.39
CA VAL A 84 -9.36 -16.60 4.02
C VAL A 84 -8.80 -17.70 3.13
N SER A 85 -9.45 -17.92 1.99
CA SER A 85 -8.89 -18.73 0.93
C SER A 85 -9.37 -18.18 -0.42
N ALA A 86 -8.58 -18.47 -1.46
CA ALA A 86 -8.95 -18.08 -2.82
C ALA A 86 -10.20 -18.84 -3.29
N PHE A 103 -11.13 -5.89 -33.40
CA PHE A 103 -11.46 -6.10 -32.00
C PHE A 103 -10.49 -5.35 -31.08
N VAL A 104 -10.95 -5.00 -29.88
CA VAL A 104 -10.12 -4.29 -28.92
C VAL A 104 -9.20 -5.28 -28.18
N LEU A 105 -8.01 -5.49 -28.75
CA LEU A 105 -7.14 -6.56 -28.28
C LEU A 105 -6.70 -6.33 -26.83
N GLY A 106 -6.62 -5.08 -26.40
CA GLY A 106 -6.07 -4.78 -25.08
C GLY A 106 -6.84 -5.42 -23.95
N ALA A 107 -8.15 -5.18 -23.90
CA ALA A 107 -8.98 -5.72 -22.82
C ALA A 107 -8.92 -7.24 -22.73
N ILE A 108 -9.05 -7.92 -23.88
CA ILE A 108 -9.01 -9.38 -23.86
C ILE A 108 -7.61 -9.91 -23.53
N ALA A 109 -6.56 -9.22 -23.96
CA ALA A 109 -5.21 -9.65 -23.60
C ALA A 109 -4.94 -9.53 -22.11
N CYS A 110 -5.36 -8.42 -21.49
CA CYS A 110 -5.26 -8.31 -20.03
C CYS A 110 -6.08 -9.39 -19.34
N GLY A 111 -7.30 -9.65 -19.84
CA GLY A 111 -8.15 -10.67 -19.25
C GLY A 111 -7.53 -12.05 -19.23
N VAL A 112 -7.09 -12.53 -20.39
CA VAL A 112 -6.50 -13.87 -20.49
C VAL A 112 -5.20 -13.96 -19.69
N ALA A 113 -4.39 -12.91 -19.68
CA ALA A 113 -3.13 -12.95 -18.94
C ALA A 113 -3.33 -13.19 -17.45
N THR A 114 -4.26 -12.44 -16.84
CA THR A 114 -4.52 -12.64 -15.41
C THR A 114 -5.20 -13.98 -15.13
N ALA A 115 -6.17 -14.36 -15.96
CA ALA A 115 -6.85 -15.64 -15.78
C ALA A 115 -5.90 -16.82 -15.91
N ALA A 116 -5.01 -16.80 -16.89
CA ALA A 116 -4.03 -17.86 -17.06
C ALA A 116 -3.06 -17.95 -15.88
N ALA A 117 -2.61 -16.80 -15.36
CA ALA A 117 -1.69 -16.79 -14.24
C ALA A 117 -2.28 -17.45 -13.00
N VAL A 118 -3.43 -16.96 -12.53
CA VAL A 118 -4.05 -17.50 -11.32
C VAL A 118 -4.47 -18.95 -11.52
N THR A 119 -5.00 -19.30 -12.69
CA THR A 119 -5.38 -20.68 -12.96
C THR A 119 -4.17 -21.62 -12.99
N ALA A 120 -3.05 -21.17 -13.55
CA ALA A 120 -1.83 -21.96 -13.51
C ALA A 120 -1.34 -22.20 -12.08
N GLY A 121 -1.51 -21.21 -11.21
CA GLY A 121 -1.08 -21.35 -9.83
C GLY A 121 -2.00 -22.15 -8.94
N VAL A 122 -3.32 -21.91 -9.07
CA VAL A 122 -4.30 -22.71 -8.36
C VAL A 122 -4.13 -24.19 -8.67
N ALA A 123 -3.81 -24.52 -9.92
CA ALA A 123 -3.58 -25.92 -10.29
C ALA A 123 -2.47 -26.54 -9.46
N ILE A 124 -1.44 -25.77 -9.13
CA ILE A 124 -0.39 -26.26 -8.24
C ILE A 124 -0.91 -26.35 -6.81
N ALA A 125 -1.61 -25.30 -6.36
CA ALA A 125 -2.25 -25.32 -5.05
C ALA A 125 -3.13 -26.56 -4.85
N LYS A 126 -3.98 -26.85 -5.84
CA LYS A 126 -4.83 -28.03 -5.80
C LYS A 126 -4.06 -29.33 -5.58
N CYS A 127 -2.75 -29.36 -5.89
CA CYS A 127 -1.93 -30.51 -5.54
C CYS A 127 -1.38 -30.40 -4.12
N ILE A 128 -0.56 -29.37 -3.88
CA ILE A 128 0.19 -29.24 -2.63
C ILE A 128 -0.71 -29.04 -1.41
N ARG A 129 -1.99 -28.71 -1.60
CA ARG A 129 -2.89 -28.64 -0.46
C ARG A 129 -3.21 -30.01 0.13
N LEU A 130 -3.02 -31.09 -0.62
CA LEU A 130 -3.41 -32.41 -0.13
C LEU A 130 -2.46 -32.87 0.97
N GLU A 131 -3.01 -33.55 1.96
CA GLU A 131 -2.23 -33.98 3.12
C GLU A 131 -1.07 -34.89 2.71
N SER A 132 -1.25 -35.67 1.64
CA SER A 132 -0.15 -36.46 1.08
C SER A 132 1.02 -35.56 0.69
N GLU A 133 0.73 -34.42 0.07
CA GLU A 133 1.77 -33.49 -0.36
C GLU A 133 2.27 -32.63 0.79
N VAL A 134 1.37 -32.12 1.64
CA VAL A 134 1.79 -31.32 2.79
C VAL A 134 2.77 -32.09 3.66
N THR A 135 2.47 -33.36 3.93
CA THR A 135 3.38 -34.17 4.74
C THR A 135 4.70 -34.45 4.00
N ALA A 136 4.63 -34.71 2.69
CA ALA A 136 5.84 -34.90 1.91
C ALA A 136 6.72 -33.66 1.91
N ILE A 137 6.11 -32.48 1.70
CA ILE A 137 6.87 -31.23 1.69
C ILE A 137 7.48 -30.96 3.07
N LYS A 138 6.65 -31.02 4.12
CA LYS A 138 7.12 -30.83 5.48
C LYS A 138 8.18 -31.85 5.88
N ASN A 139 8.07 -33.09 5.41
CA ASN A 139 9.10 -34.09 5.74
C ASN A 139 10.44 -33.78 5.10
N CYS A 140 10.46 -33.46 3.80
CA CYS A 140 11.74 -33.09 3.20
C CYS A 140 12.31 -31.80 3.78
N LEU A 141 11.45 -30.90 4.25
CA LEU A 141 11.92 -29.69 4.93
C LEU A 141 12.37 -29.93 6.37
N LYS A 142 12.21 -31.15 6.89
CA LYS A 142 12.54 -31.43 8.29
C LYS A 142 13.97 -31.04 8.64
N LYS A 143 14.94 -31.58 7.89
CA LYS A 143 16.35 -31.35 8.20
C LYS A 143 16.95 -30.14 7.49
N THR A 144 16.49 -29.84 6.27
CA THR A 144 17.14 -28.83 5.44
C THR A 144 16.12 -27.80 5.00
N ASN A 145 16.47 -26.53 5.13
CA ASN A 145 15.53 -25.45 4.82
C ASN A 145 15.32 -25.27 3.32
N GLU A 146 15.89 -26.12 2.47
CA GLU A 146 15.46 -26.25 1.09
C GLU A 146 15.41 -27.72 0.73
N CYS A 147 14.33 -28.12 0.05
CA CYS A 147 14.22 -29.46 -0.51
C CYS A 147 13.41 -29.43 -1.79
N VAL A 148 13.99 -29.96 -2.86
CA VAL A 148 13.27 -30.18 -4.10
C VAL A 148 12.41 -31.42 -3.98
N SER A 149 11.21 -31.37 -4.56
CA SER A 149 10.30 -32.51 -4.51
C SER A 149 9.40 -32.48 -5.73
N THR A 150 8.89 -33.65 -6.08
CA THR A 150 7.96 -33.82 -7.21
C THR A 150 6.61 -34.22 -6.66
N LEU A 151 5.58 -33.41 -6.94
CA LEU A 151 4.26 -33.65 -6.39
C LEU A 151 3.68 -34.95 -6.94
N GLY A 152 2.68 -35.47 -6.24
CA GLY A 152 1.89 -36.56 -6.79
C GLY A 152 1.27 -36.24 -8.13
N CYS A 153 0.96 -34.96 -8.37
CA CYS A 153 0.48 -34.50 -9.66
C CYS A 153 1.63 -34.19 -10.64
N GLY A 154 2.84 -34.66 -10.33
CA GLY A 154 3.94 -34.67 -11.28
C GLY A 154 4.69 -33.36 -11.44
N VAL A 155 4.09 -32.22 -11.09
CA VAL A 155 4.80 -30.95 -11.19
C VAL A 155 5.89 -30.89 -10.14
N ARG A 156 7.08 -30.43 -10.56
CA ARG A 156 8.20 -30.27 -9.66
C ARG A 156 8.13 -28.92 -8.95
N VAL A 157 8.63 -28.88 -7.71
CA VAL A 157 8.58 -27.68 -6.89
C VAL A 157 9.83 -27.64 -6.01
N LEU A 158 10.27 -26.42 -5.69
CA LEU A 158 11.25 -26.18 -4.63
C LEU A 158 10.53 -25.74 -3.37
N ALA A 159 10.69 -26.49 -2.29
CA ALA A 159 10.17 -26.08 -1.00
C ALA A 159 11.25 -25.44 -0.15
N THR A 160 10.84 -24.53 0.73
CA THR A 160 11.73 -23.91 1.69
C THR A 160 10.96 -23.63 2.97
N ALA A 161 11.68 -23.59 4.10
CA ALA A 161 11.07 -23.45 5.42
C ALA A 161 11.55 -22.16 6.06
N VAL A 162 10.61 -21.27 6.39
CA VAL A 162 10.90 -20.07 7.17
C VAL A 162 10.60 -20.42 8.62
N ARG A 163 11.61 -20.94 9.32
CA ARG A 163 11.45 -21.45 10.68
C ARG A 163 11.59 -20.38 11.76
N GLU A 164 12.13 -19.21 11.41
CA GLU A 164 12.70 -18.30 12.40
C GLU A 164 11.69 -17.87 13.46
N LEU A 165 10.41 -17.78 13.11
CA LEU A 165 9.40 -17.46 14.11
C LEU A 165 9.15 -18.61 15.08
N LYS A 166 8.94 -19.82 14.55
CA LYS A 166 8.85 -20.99 15.41
C LYS A 166 10.12 -21.20 16.23
N ASP A 167 11.29 -20.96 15.63
CA ASP A 167 12.54 -21.07 16.38
C ASP A 167 12.57 -20.11 17.56
N PHE A 168 12.24 -18.83 17.32
CA PHE A 168 12.19 -17.86 18.41
C PHE A 168 11.16 -18.24 19.47
N VAL A 169 9.94 -18.55 19.03
CA VAL A 169 8.87 -18.90 19.98
C VAL A 169 9.25 -20.12 20.79
N SER A 170 9.70 -21.19 20.13
CA SER A 170 9.85 -22.46 20.83
C SER A 170 11.10 -22.51 21.69
N LYS A 171 12.17 -21.80 21.31
CA LYS A 171 13.37 -21.77 22.13
C LYS A 171 13.48 -20.48 22.93
N ASN A 172 13.88 -19.39 22.26
CA ASN A 172 14.15 -18.12 22.93
C ASN A 172 13.00 -17.68 23.83
N LEU A 173 11.82 -17.53 23.25
CA LEU A 173 10.67 -16.96 23.95
C LEU A 173 10.20 -17.88 25.08
N THR A 174 9.94 -19.14 24.77
CA THR A 174 9.48 -20.10 25.78
C THR A 174 10.44 -20.20 26.97
N ARG A 175 11.75 -20.12 26.71
CA ARG A 175 12.70 -20.08 27.82
C ARG A 175 12.43 -18.92 28.77
N ALA A 176 11.92 -17.81 28.27
CA ALA A 176 11.66 -16.63 29.09
C ALA A 176 10.30 -16.63 29.78
N ILE A 177 9.27 -17.24 29.19
CA ILE A 177 7.91 -17.15 29.71
C ILE A 177 7.75 -18.09 30.90
N ASN A 178 8.33 -17.73 32.04
CA ASN A 178 8.18 -18.50 33.26
C ASN A 178 6.78 -18.37 33.85
N LYS A 179 6.22 -19.51 34.25
CA LYS A 179 4.90 -19.60 34.88
C LYS A 179 3.82 -18.77 34.19
N ASN A 180 3.78 -18.81 32.86
CA ASN A 180 2.85 -18.08 32.01
C ASN A 180 2.89 -16.57 32.22
N LYS A 181 3.89 -16.04 32.92
CA LYS A 181 4.01 -14.61 33.09
C LYS A 181 4.57 -13.98 31.83
N CYS A 182 4.08 -12.79 31.49
CA CYS A 182 4.45 -12.15 30.23
C CYS A 182 4.85 -10.69 30.35
N ASP A 183 4.61 -10.03 31.50
CA ASP A 183 5.24 -8.75 31.79
C ASP A 183 6.64 -8.94 32.35
N ILE A 184 7.44 -9.81 31.74
CA ILE A 184 8.83 -10.02 32.13
C ILE A 184 9.64 -8.75 31.86
N PRO A 185 10.65 -8.44 32.68
CA PRO A 185 11.35 -7.16 32.55
C PRO A 185 12.36 -7.12 31.41
N ASP A 186 12.78 -8.27 30.89
CA ASP A 186 13.78 -8.34 29.83
C ASP A 186 13.14 -7.95 28.49
N LEU A 187 12.80 -6.66 28.40
CA LEU A 187 12.04 -6.13 27.28
C LEU A 187 12.71 -6.38 25.93
N LYS A 188 14.02 -6.64 25.92
CA LYS A 188 14.70 -7.06 24.70
C LYS A 188 13.98 -8.23 24.02
N MET A 189 13.50 -9.20 24.81
CA MET A 189 12.70 -10.29 24.27
C MET A 189 11.45 -9.77 23.57
N ALA A 190 10.70 -8.91 24.25
CA ALA A 190 9.42 -8.42 23.72
C ALA A 190 9.61 -7.64 22.43
N VAL A 191 10.56 -6.72 22.40
CA VAL A 191 10.78 -5.92 21.19
C VAL A 191 11.40 -6.75 20.07
N SER A 192 12.25 -7.72 20.40
CA SER A 192 12.75 -8.62 19.37
C SER A 192 11.67 -9.57 18.86
N PHE A 193 10.72 -9.95 19.73
CA PHE A 193 9.54 -10.66 19.26
C PHE A 193 8.79 -9.82 18.23
N SER A 194 8.62 -8.53 18.51
CA SER A 194 8.01 -7.59 17.57
C SER A 194 8.85 -7.35 16.31
N GLN A 195 10.06 -7.88 16.25
CA GLN A 195 10.83 -7.91 15.01
C GLN A 195 10.61 -9.19 14.19
N PHE A 196 10.67 -10.35 14.84
CA PHE A 196 10.50 -11.62 14.14
C PHE A 196 9.12 -11.72 13.49
N ASN A 197 8.06 -11.40 14.24
CA ASN A 197 6.71 -11.56 13.74
C ASN A 197 6.33 -10.59 12.62
N ARG A 198 7.18 -9.60 12.33
CA ARG A 198 6.87 -8.63 11.27
C ARG A 198 6.58 -9.33 9.95
N ARG A 199 7.40 -10.32 9.60
CA ARG A 199 7.22 -11.04 8.34
C ARG A 199 5.88 -11.77 8.31
N PHE A 200 5.60 -12.56 9.33
CA PHE A 200 4.35 -13.32 9.41
C PHE A 200 3.13 -12.40 9.29
N LEU A 201 3.09 -11.33 10.09
CA LEU A 201 1.93 -10.44 10.11
C LEU A 201 1.71 -9.74 8.77
N ASN A 202 2.79 -9.40 8.07
CA ASN A 202 2.66 -8.81 6.75
C ASN A 202 2.16 -9.80 5.70
N VAL A 203 2.50 -11.09 5.86
CA VAL A 203 1.95 -12.12 4.98
C VAL A 203 0.45 -12.30 5.19
N VAL A 204 -0.01 -12.31 6.44
CA VAL A 204 -1.45 -12.40 6.69
C VAL A 204 -2.17 -11.16 6.14
N ARG A 205 -1.59 -9.98 6.30
CA ARG A 205 -2.12 -8.77 5.68
C ARG A 205 -2.30 -8.94 4.17
N GLN A 206 -1.22 -9.31 3.48
CA GLN A 206 -1.21 -9.25 2.02
C GLN A 206 -2.15 -10.29 1.41
N PHE A 207 -2.20 -11.50 1.97
CA PHE A 207 -3.17 -12.47 1.48
C PHE A 207 -4.60 -12.11 1.85
N SER A 208 -4.82 -11.49 3.01
CA SER A 208 -6.17 -11.05 3.37
C SER A 208 -6.68 -9.98 2.41
N ASP A 209 -5.87 -8.94 2.18
CA ASP A 209 -6.28 -7.86 1.29
C ASP A 209 -6.44 -8.31 -0.15
N ASN A 210 -5.89 -9.48 -0.51
CA ASN A 210 -5.91 -9.95 -1.89
C ASN A 210 -6.52 -11.34 -2.02
N ALA A 211 -7.34 -11.74 -1.04
CA ALA A 211 -8.10 -13.00 -1.09
C ALA A 211 -7.20 -14.18 -1.42
N GLY A 212 -6.01 -14.22 -0.80
CA GLY A 212 -5.06 -15.29 -1.03
C GLY A 212 -4.27 -15.23 -2.31
N ILE A 213 -4.49 -14.22 -3.15
CA ILE A 213 -3.79 -14.11 -4.44
C ILE A 213 -3.20 -12.71 -4.51
N THR A 214 -1.97 -12.55 -4.01
CA THR A 214 -1.36 -11.24 -3.94
C THR A 214 -0.99 -10.74 -5.34
N PRO A 215 -0.93 -9.41 -5.54
CA PRO A 215 -0.63 -8.88 -6.88
C PRO A 215 0.85 -8.94 -7.23
N ALA A 216 1.74 -8.95 -6.24
CA ALA A 216 3.17 -8.99 -6.48
C ALA A 216 3.85 -9.58 -5.25
N ILE A 217 5.04 -10.14 -5.46
CA ILE A 217 5.76 -10.86 -4.41
C ILE A 217 6.39 -9.82 -3.49
N SER A 218 5.71 -9.50 -2.40
CA SER A 218 6.29 -8.58 -1.43
C SER A 218 7.60 -9.12 -0.89
N LYS A 219 8.42 -8.22 -0.33
CA LYS A 219 9.61 -8.63 0.41
C LYS A 219 9.27 -9.53 1.59
N ASP A 220 8.04 -9.45 2.08
CA ASP A 220 7.58 -10.27 3.20
C ASP A 220 7.27 -11.70 2.77
N LEU A 221 6.74 -11.87 1.56
CA LEU A 221 6.51 -13.21 1.04
C LEU A 221 7.82 -13.92 0.67
N MET A 222 8.75 -13.21 0.03
CA MET A 222 9.99 -13.84 -0.42
C MET A 222 11.11 -12.82 -0.38
N THR A 223 12.05 -13.01 0.55
CA THR A 223 13.17 -12.08 0.70
C THR A 223 14.03 -12.08 -0.57
N ASP A 224 14.82 -11.01 -0.72
CA ASP A 224 15.77 -10.92 -1.83
C ASP A 224 16.75 -12.10 -1.83
N ALA A 225 17.21 -12.52 -0.65
CA ALA A 225 18.00 -13.74 -0.55
C ALA A 225 17.23 -14.95 -1.06
N GLU A 226 15.96 -15.09 -0.66
CA GLU A 226 15.16 -16.24 -1.06
C GLU A 226 14.79 -16.19 -2.54
N LEU A 227 14.61 -14.98 -3.08
CA LEU A 227 14.40 -14.83 -4.51
C LEU A 227 15.66 -15.14 -5.32
N ALA A 228 16.83 -14.73 -4.82
CA ALA A 228 18.08 -15.10 -5.46
C ALA A 228 18.34 -16.60 -5.38
N ARG A 229 18.09 -17.21 -4.21
CA ARG A 229 18.14 -18.67 -4.09
C ARG A 229 17.19 -19.36 -5.05
N ALA A 230 15.94 -18.92 -5.11
CA ALA A 230 14.97 -19.49 -6.03
C ALA A 230 15.42 -19.40 -7.48
N ILE A 231 16.04 -18.28 -7.87
CA ILE A 231 16.61 -18.18 -9.22
C ILE A 231 17.75 -19.16 -9.40
N SER A 232 18.69 -19.20 -8.44
CA SER A 232 19.81 -20.12 -8.56
C SER A 232 19.38 -21.58 -8.56
N ASN A 233 18.30 -21.90 -7.87
CA ASN A 233 17.81 -23.28 -7.86
C ASN A 233 16.97 -23.64 -9.08
N MET A 234 16.37 -22.66 -9.76
CA MET A 234 15.43 -22.98 -10.82
C MET A 234 16.16 -23.52 -12.05
N PRO A 235 15.54 -24.43 -12.80
CA PRO A 235 16.21 -25.03 -13.96
C PRO A 235 16.22 -24.11 -15.18
N THR A 236 17.24 -23.25 -15.26
CA THR A 236 17.41 -22.35 -16.39
C THR A 236 18.90 -22.15 -16.62
N SER A 237 19.22 -21.49 -17.73
CA SER A 237 20.62 -21.21 -18.05
C SER A 237 21.24 -20.25 -17.04
N ALA A 238 22.54 -20.47 -16.78
CA ALA A 238 23.29 -19.59 -15.88
C ALA A 238 23.31 -18.15 -16.37
N GLY A 239 23.30 -17.94 -17.69
CA GLY A 239 23.14 -16.60 -18.22
C GLY A 239 21.84 -15.94 -17.81
N GLN A 240 20.74 -16.70 -17.83
CA GLN A 240 19.46 -16.16 -17.37
C GLN A 240 19.41 -16.02 -15.86
N ILE A 241 20.06 -16.93 -15.13
CA ILE A 241 20.26 -16.75 -13.69
C ILE A 241 20.94 -15.42 -13.39
N LYS A 242 21.95 -15.08 -14.18
CA LYS A 242 22.60 -13.76 -14.04
C LYS A 242 21.68 -12.63 -14.45
N LEU A 243 20.98 -12.78 -15.59
CA LEU A 243 19.99 -11.78 -15.98
C LEU A 243 18.93 -11.56 -14.90
N MET A 244 18.42 -12.64 -14.33
CA MET A 244 17.41 -12.50 -13.29
C MET A 244 18.00 -11.92 -12.01
N LEU A 245 19.22 -12.32 -11.65
CA LEU A 245 19.93 -11.65 -10.56
C LEU A 245 20.18 -10.19 -10.87
N GLU A 246 20.29 -9.82 -12.15
CA GLU A 246 20.50 -8.42 -12.52
C GLU A 246 19.19 -7.63 -12.58
N ASN A 247 18.06 -8.28 -12.83
CA ASN A 247 16.79 -7.57 -12.98
C ASN A 247 15.74 -8.13 -12.03
N ARG A 248 16.13 -8.24 -10.75
CA ARG A 248 15.30 -8.93 -9.75
C ARG A 248 13.93 -8.27 -9.61
N ALA A 249 13.85 -6.95 -9.87
CA ALA A 249 12.57 -6.25 -9.82
C ALA A 249 11.55 -6.79 -10.83
N MET A 250 12.01 -7.30 -11.98
CA MET A 250 11.08 -7.93 -12.90
C MET A 250 10.61 -9.27 -12.36
N VAL A 251 11.55 -10.12 -11.97
CA VAL A 251 11.23 -11.42 -11.38
C VAL A 251 10.24 -11.26 -10.24
N ARG A 252 10.47 -10.26 -9.38
CA ARG A 252 9.61 -10.04 -8.23
C ARG A 252 8.24 -9.52 -8.62
N ARG A 253 8.16 -8.61 -9.59
CA ARG A 253 6.89 -7.95 -9.89
C ARG A 253 6.04 -8.70 -10.91
N LYS A 254 6.65 -9.50 -11.78
CA LYS A 254 5.85 -10.38 -12.65
C LYS A 254 5.32 -11.58 -11.88
N GLY A 255 6.13 -12.14 -10.99
CA GLY A 255 5.67 -13.19 -10.10
C GLY A 255 4.63 -12.73 -9.09
N PHE A 256 4.00 -13.71 -8.46
CA PHE A 256 2.91 -13.48 -7.52
C PHE A 256 2.80 -14.66 -6.57
N GLY A 257 2.11 -14.44 -5.45
CA GLY A 257 1.92 -15.45 -4.42
C GLY A 257 0.51 -16.00 -4.37
N ILE A 258 0.40 -17.26 -3.95
CA ILE A 258 -0.88 -17.88 -3.63
C ILE A 258 -0.80 -18.51 -2.25
N LEU A 259 -1.83 -18.30 -1.44
CA LEU A 259 -1.97 -18.95 -0.14
C LEU A 259 -2.54 -20.35 -0.29
N ILE A 260 -1.88 -21.33 0.32
CA ILE A 260 -2.41 -22.69 0.42
C ILE A 260 -3.28 -22.85 1.66
N GLY A 261 -2.75 -22.51 2.82
CA GLY A 261 -3.53 -22.47 4.05
C GLY A 261 -2.66 -22.78 5.24
N VAL A 262 -3.25 -22.60 6.42
CA VAL A 262 -2.65 -23.09 7.65
C VAL A 262 -2.81 -24.60 7.74
N TYR A 263 -1.71 -25.30 8.01
CA TYR A 263 -1.71 -26.72 8.38
C TYR A 263 -1.02 -26.86 9.72
N GLY A 264 -1.76 -27.28 10.75
CA GLY A 264 -1.20 -27.56 12.05
C GLY A 264 -0.35 -26.45 12.62
N SER A 265 -0.86 -25.21 12.54
CA SER A 265 -0.19 -23.99 12.96
C SER A 265 1.05 -23.68 12.12
N SER A 266 1.12 -24.24 10.92
CA SER A 266 2.10 -23.85 9.91
C SER A 266 1.34 -23.28 8.73
N VAL A 267 1.80 -22.13 8.22
CA VAL A 267 1.12 -21.47 7.12
C VAL A 267 1.89 -21.74 5.83
N ILE A 268 1.19 -22.32 4.86
CA ILE A 268 1.77 -22.80 3.62
C ILE A 268 1.34 -21.87 2.48
N TYR A 269 2.30 -21.32 1.75
CA TYR A 269 1.98 -20.48 0.61
C TYR A 269 3.01 -20.71 -0.47
N MET A 270 2.58 -20.56 -1.72
CA MET A 270 3.41 -20.80 -2.89
C MET A 270 3.71 -19.50 -3.62
N VAL A 271 4.98 -19.33 -4.00
CA VAL A 271 5.44 -18.19 -4.78
C VAL A 271 5.80 -18.69 -6.17
N GLN A 272 5.22 -18.06 -7.19
CA GLN A 272 5.51 -18.39 -8.58
C GLN A 272 6.47 -17.37 -9.16
N LEU A 273 7.67 -17.82 -9.52
CA LEU A 273 8.63 -17.01 -10.24
C LEU A 273 8.45 -17.19 -11.74
N PRO A 274 8.73 -16.16 -12.54
CA PRO A 274 8.63 -16.31 -14.00
C PRO A 274 9.74 -17.21 -14.55
N ILE A 275 9.40 -17.92 -15.62
CA ILE A 275 10.37 -18.63 -16.46
C ILE A 275 10.44 -17.94 -17.82
N PHE A 276 11.63 -17.46 -18.18
CA PHE A 276 11.81 -16.63 -19.36
C PHE A 276 12.36 -17.44 -20.53
N GLY A 277 11.52 -18.35 -21.03
CA GLY A 277 11.99 -19.29 -22.04
C GLY A 277 12.26 -18.70 -23.41
N VAL A 278 11.69 -17.53 -23.72
CA VAL A 278 12.09 -16.74 -24.87
C VAL A 278 12.87 -15.53 -24.36
N ILE A 279 14.12 -15.39 -24.80
CA ILE A 279 14.97 -14.31 -24.34
C ILE A 279 15.86 -13.77 -25.47
N ASP A 280 16.18 -12.48 -25.36
CA ASP A 280 16.91 -11.66 -26.35
C ASP A 280 16.44 -11.80 -27.80
N THR A 281 15.19 -12.19 -28.05
CA THR A 281 14.68 -12.05 -29.42
C THR A 281 14.42 -10.58 -29.75
N PRO A 282 14.29 -10.25 -31.03
CA PRO A 282 13.86 -8.89 -31.40
C PRO A 282 12.52 -8.50 -30.80
N CYS A 283 12.45 -7.24 -30.35
CA CYS A 283 11.20 -6.59 -30.00
C CYS A 283 11.19 -5.17 -30.53
N TRP A 284 10.00 -4.66 -30.83
CA TRP A 284 9.84 -3.28 -31.25
C TRP A 284 8.53 -2.75 -30.68
N ILE A 285 8.51 -1.44 -30.41
CA ILE A 285 7.31 -0.73 -30.00
C ILE A 285 6.86 0.18 -31.14
N VAL A 286 5.59 0.05 -31.52
CA VAL A 286 4.99 0.84 -32.59
C VAL A 286 4.09 1.89 -31.97
N LYS A 287 4.26 3.15 -32.40
CA LYS A 287 3.57 4.28 -31.80
C LYS A 287 3.12 5.20 -32.92
N ALA A 288 2.03 5.93 -32.67
CA ALA A 288 1.43 6.75 -33.72
C ALA A 288 0.73 7.96 -33.11
N ALA A 289 0.55 8.98 -33.94
CA ALA A 289 -0.28 10.14 -33.63
C ALA A 289 -1.16 10.43 -34.83
N PRO A 290 -2.23 11.24 -34.66
CA PRO A 290 -3.13 11.49 -35.79
C PRO A 290 -2.47 12.14 -36.99
N SER A 291 -2.38 11.39 -38.09
CA SER A 291 -2.15 11.95 -39.42
C SER A 291 -3.44 12.58 -39.94
N CYS A 292 -3.61 13.87 -39.71
CA CYS A 292 -4.67 14.63 -40.36
C CYS A 292 -4.11 15.40 -41.55
N SER A 293 -5.01 15.70 -42.50
CA SER A 293 -4.67 16.59 -43.60
C SER A 293 -5.90 17.39 -44.01
N GLU A 294 -5.66 18.63 -44.47
CA GLU A 294 -6.75 19.52 -44.84
C GLU A 294 -7.25 19.23 -46.25
N LYS A 295 -7.52 17.96 -46.55
CA LYS A 295 -7.67 17.52 -47.93
C LYS A 295 -8.80 18.23 -48.67
N LYS A 296 -9.81 18.74 -47.94
CA LYS A 296 -10.90 19.48 -48.54
C LYS A 296 -11.23 20.76 -47.78
N GLY A 297 -10.27 21.29 -47.03
CA GLY A 297 -10.56 22.33 -46.05
C GLY A 297 -11.23 21.82 -44.80
N ASN A 298 -12.22 20.95 -44.95
CA ASN A 298 -12.52 19.97 -43.92
C ASN A 298 -11.41 18.94 -43.81
N TYR A 299 -11.23 18.40 -42.62
CA TYR A 299 -10.14 17.48 -42.37
C TYR A 299 -10.54 16.03 -42.65
N ALA A 300 -9.52 15.19 -42.81
CA ALA A 300 -9.60 13.77 -42.54
C ALA A 300 -8.39 13.39 -41.70
N CYS A 301 -8.59 12.44 -40.79
CA CYS A 301 -7.52 12.02 -39.89
C CYS A 301 -7.39 10.51 -39.91
N LEU A 302 -6.23 10.03 -39.44
CA LEU A 302 -5.98 8.60 -39.28
C LEU A 302 -5.12 8.40 -38.04
N LEU A 303 -5.38 7.30 -37.33
CA LEU A 303 -4.48 6.82 -36.29
C LEU A 303 -4.35 5.32 -36.42
N ARG A 304 -3.13 4.81 -36.35
CA ARG A 304 -2.93 3.37 -36.26
C ARG A 304 -3.41 2.85 -34.91
N GLU A 305 -4.20 1.79 -34.95
CA GLU A 305 -4.73 1.16 -33.74
C GLU A 305 -3.84 0.04 -33.22
N ASP A 306 -2.88 -0.43 -34.02
CA ASP A 306 -2.02 -1.54 -33.68
C ASP A 306 -0.85 -1.14 -32.79
N GLN A 307 -0.95 -0.02 -32.09
CA GLN A 307 0.19 0.52 -31.36
C GLN A 307 0.57 -0.41 -30.21
N GLY A 308 1.78 -0.22 -29.71
CA GLY A 308 2.31 -0.98 -28.60
C GLY A 308 3.44 -1.90 -29.00
N TRP A 309 3.71 -2.87 -28.13
CA TRP A 309 4.88 -3.72 -28.26
C TRP A 309 4.62 -4.91 -29.17
N TYR A 310 5.61 -5.23 -29.99
CA TYR A 310 5.65 -6.43 -30.81
C TYR A 310 6.98 -7.13 -30.56
N CYS A 311 6.94 -8.44 -30.39
CA CYS A 311 8.15 -9.24 -30.23
C CYS A 311 8.12 -10.47 -31.11
N GLN A 312 9.31 -10.86 -31.57
CA GLN A 312 9.44 -11.99 -32.49
C GLN A 312 9.70 -13.28 -31.70
N ASN A 313 8.63 -13.74 -31.03
CA ASN A 313 8.64 -15.07 -30.45
C ASN A 313 9.04 -16.10 -31.50
N ALA A 314 9.68 -17.18 -31.05
CA ALA A 314 10.31 -18.12 -31.96
C ALA A 314 9.32 -18.65 -33.00
N GLY A 315 9.53 -18.27 -34.26
CA GLY A 315 8.70 -18.71 -35.36
C GLY A 315 7.42 -17.96 -35.60
N SER A 316 7.10 -16.94 -34.80
CA SER A 316 5.98 -16.07 -35.14
C SER A 316 6.07 -14.76 -34.35
N THR A 317 5.80 -13.65 -35.04
CA THR A 317 5.60 -12.38 -34.37
C THR A 317 4.43 -12.47 -33.40
N VAL A 318 4.57 -11.83 -32.24
CA VAL A 318 3.50 -11.77 -31.25
C VAL A 318 3.28 -10.31 -30.86
N TYR A 319 2.01 -9.92 -30.78
CA TYR A 319 1.61 -8.56 -30.40
C TYR A 319 1.11 -8.57 -28.96
N TYR A 320 1.58 -7.61 -28.16
CA TYR A 320 1.33 -7.58 -26.73
C TYR A 320 0.58 -6.28 -26.41
N PRO A 321 -0.75 -6.28 -26.58
CA PRO A 321 -1.48 -5.01 -26.54
C PRO A 321 -1.82 -4.51 -25.14
N CYS A 322 -1.81 -5.39 -24.13
CA CYS A 322 -2.18 -4.97 -22.78
C CYS A 322 -1.12 -4.04 -22.19
N GLU A 323 -1.53 -2.82 -21.85
CA GLU A 323 -0.61 -1.80 -21.36
C GLU A 323 0.06 -2.18 -20.05
N LYS A 324 -0.57 -3.05 -19.26
CA LYS A 324 0.02 -3.49 -18.00
C LYS A 324 1.19 -4.44 -18.18
N ASP A 325 1.21 -5.24 -19.24
CA ASP A 325 2.10 -6.39 -19.28
C ASP A 325 3.54 -6.02 -19.65
N CYS A 326 3.76 -5.48 -20.84
CA CYS A 326 5.11 -5.12 -21.23
C CYS A 326 5.62 -3.91 -20.46
N GLU A 327 6.91 -3.97 -20.11
CA GLU A 327 7.65 -2.84 -19.56
C GLU A 327 9.13 -3.08 -19.83
N THR A 328 9.93 -2.03 -19.67
CA THR A 328 11.30 -2.03 -20.19
C THR A 328 12.30 -1.64 -19.10
N ARG A 329 13.42 -2.36 -19.07
CA ARG A 329 14.62 -1.96 -18.33
C ARG A 329 15.82 -2.05 -19.25
N GLY A 330 16.56 -0.95 -19.38
CA GLY A 330 17.60 -0.87 -20.38
C GLY A 330 17.11 -1.20 -21.77
N ASP A 331 17.92 -1.99 -22.49
CA ASP A 331 17.57 -2.43 -23.83
C ASP A 331 16.53 -3.54 -23.86
N HIS A 332 16.20 -4.12 -22.71
CA HIS A 332 15.24 -5.21 -22.65
C HIS A 332 13.81 -4.68 -22.56
N VAL A 333 12.86 -5.53 -22.96
CA VAL A 333 11.45 -5.40 -22.62
C VAL A 333 10.97 -6.73 -22.05
N PHE A 334 10.06 -6.67 -21.08
CA PHE A 334 9.62 -7.83 -20.32
C PHE A 334 8.11 -7.96 -20.48
N CYS A 335 7.65 -9.11 -20.95
CA CYS A 335 6.25 -9.28 -21.32
C CYS A 335 5.83 -10.72 -21.05
N ASP A 336 4.56 -10.87 -20.63
CA ASP A 336 4.02 -12.20 -20.35
C ASP A 336 3.52 -12.82 -21.66
N THR A 337 4.03 -14.00 -22.00
CA THR A 337 3.62 -14.65 -23.25
C THR A 337 2.16 -15.10 -23.23
N ALA A 338 1.56 -15.27 -22.06
CA ALA A 338 0.14 -15.57 -21.98
C ALA A 338 -0.72 -14.41 -22.49
N ALA A 339 -0.23 -13.19 -22.35
CA ALA A 339 -0.95 -12.02 -22.84
C ALA A 339 -0.86 -11.86 -24.34
N GLY A 340 0.12 -12.48 -24.99
CA GLY A 340 0.45 -12.12 -26.35
C GLY A 340 -0.54 -12.68 -27.34
N ILE A 341 -1.02 -11.83 -28.23
CA ILE A 341 -1.80 -12.24 -29.39
C ILE A 341 -0.86 -12.56 -30.53
N ASN A 342 -0.84 -13.82 -30.95
CA ASN A 342 0.05 -14.25 -32.03
C ASN A 342 -0.48 -13.71 -33.35
N VAL A 343 0.26 -12.77 -33.94
CA VAL A 343 -0.16 -12.04 -35.13
C VAL A 343 0.74 -12.41 -36.30
N ALA A 344 0.14 -12.58 -37.47
CA ALA A 344 0.85 -13.05 -38.66
C ALA A 344 2.07 -12.19 -38.94
N GLU A 345 3.14 -12.84 -39.43
CA GLU A 345 4.38 -12.13 -39.71
C GLU A 345 4.17 -11.02 -40.74
N GLN A 346 3.20 -11.20 -41.64
CA GLN A 346 2.80 -10.16 -42.58
C GLN A 346 2.37 -8.86 -41.91
N SER A 347 2.01 -8.89 -40.62
CA SER A 347 1.59 -7.67 -39.93
C SER A 347 2.68 -6.60 -39.91
N LYS A 348 3.95 -6.97 -40.02
CA LYS A 348 5.00 -5.96 -40.14
C LYS A 348 4.89 -5.14 -41.42
N GLU A 349 4.12 -5.58 -42.41
CA GLU A 349 3.94 -4.80 -43.63
C GLU A 349 3.25 -3.47 -43.39
N CYS A 350 2.52 -3.32 -42.28
CA CYS A 350 2.01 -2.00 -41.91
C CYS A 350 3.14 -1.01 -41.64
N ASN A 351 4.28 -1.49 -41.15
CA ASN A 351 5.45 -0.63 -41.03
C ASN A 351 6.14 -0.40 -42.37
N ILE A 352 6.28 -1.44 -43.19
CA ILE A 352 7.01 -1.29 -44.45
C ILE A 352 6.25 -0.38 -45.40
N ASN A 353 4.99 -0.72 -45.71
CA ASN A 353 4.12 0.15 -46.49
C ASN A 353 2.64 -0.15 -46.26
N ILE A 354 2.05 0.44 -45.22
CA ILE A 354 0.60 0.50 -45.10
C ILE A 354 -0.02 1.16 -46.32
N SER A 355 0.72 2.04 -46.99
CA SER A 355 0.30 2.61 -48.27
C SER A 355 0.10 1.58 -49.38
N THR A 356 0.65 0.38 -49.25
CA THR A 356 0.48 -0.63 -50.30
C THR A 356 0.11 -2.02 -49.78
N THR A 357 0.27 -2.30 -48.49
CA THR A 357 0.09 -3.66 -47.99
C THR A 357 -1.35 -4.12 -48.17
N ASN A 358 -1.51 -5.42 -48.42
CA ASN A 358 -2.81 -6.06 -48.43
C ASN A 358 -3.26 -6.54 -47.05
N TYR A 359 -2.38 -6.48 -46.06
CA TYR A 359 -2.76 -6.79 -44.70
C TYR A 359 -3.80 -5.78 -44.20
N PRO A 360 -4.80 -6.22 -43.43
CA PRO A 360 -5.82 -5.33 -42.84
C PRO A 360 -5.29 -4.54 -41.64
N CYS A 361 -4.44 -3.57 -41.92
CA CYS A 361 -3.82 -2.77 -40.87
C CYS A 361 -4.90 -1.98 -40.13
N LYS A 362 -5.06 -2.27 -38.83
CA LYS A 362 -6.14 -1.69 -38.05
C LYS A 362 -5.86 -0.21 -37.74
N VAL A 363 -6.81 0.65 -38.12
CA VAL A 363 -6.70 2.10 -37.97
C VAL A 363 -8.02 2.63 -37.43
N SER A 364 -7.98 3.87 -36.92
CA SER A 364 -9.19 4.66 -36.75
C SER A 364 -9.07 5.93 -37.58
N CYS A 365 -10.20 6.41 -38.09
CA CYS A 365 -10.20 7.57 -38.96
C CYS A 365 -11.48 8.37 -38.77
N GLY A 366 -11.46 9.61 -39.25
CA GLY A 366 -12.59 10.51 -39.11
C GLY A 366 -12.15 11.96 -39.01
N ARG A 367 -13.17 12.82 -38.95
CA ARG A 367 -12.98 14.29 -38.92
C ARG A 367 -12.78 14.80 -37.50
N HIS A 368 -11.65 14.42 -36.91
CA HIS A 368 -11.38 14.66 -35.50
C HIS A 368 -9.91 15.03 -35.31
N PRO A 369 -9.50 16.20 -35.81
CA PRO A 369 -8.12 16.65 -35.61
C PRO A 369 -7.78 16.74 -34.13
N ILE A 370 -6.64 16.16 -33.77
CA ILE A 370 -6.10 16.26 -32.42
C ILE A 370 -4.68 16.79 -32.51
N SER A 371 -4.36 17.79 -31.69
CA SER A 371 -3.00 18.31 -31.59
C SER A 371 -2.38 17.72 -30.33
N MET A 372 -1.33 16.91 -30.51
CA MET A 372 -0.78 16.11 -29.42
C MET A 372 0.66 15.78 -29.75
N VAL A 373 1.38 15.31 -28.74
CA VAL A 373 2.67 14.66 -28.94
C VAL A 373 2.60 13.23 -28.40
N ALA A 374 3.30 12.32 -29.07
CA ALA A 374 3.49 10.96 -28.59
C ALA A 374 5.00 10.74 -28.48
N LEU A 375 5.50 10.70 -27.24
CA LEU A 375 6.94 10.65 -26.99
C LEU A 375 7.46 9.24 -27.28
N SER A 376 7.95 9.04 -28.50
CA SER A 376 8.66 7.81 -28.79
C SER A 376 10.06 7.86 -28.18
N PRO A 377 10.63 6.71 -27.84
CA PRO A 377 11.91 6.69 -27.10
C PRO A 377 13.03 7.52 -27.73
N LEU A 378 13.10 7.61 -29.06
CA LEU A 378 14.13 8.40 -29.72
C LEU A 378 13.61 9.64 -30.43
N GLY A 379 12.32 9.93 -30.33
CA GLY A 379 11.82 11.23 -30.78
C GLY A 379 10.36 11.46 -30.46
N ALA A 380 9.98 12.72 -30.27
CA ALA A 380 8.57 13.08 -30.22
C ALA A 380 7.97 13.03 -31.62
N LEU A 381 6.90 12.26 -31.79
CA LEU A 381 5.92 12.56 -32.81
C LEU A 381 5.13 13.80 -32.40
N VAL A 382 4.91 14.70 -33.35
CA VAL A 382 4.25 15.97 -33.07
C VAL A 382 3.17 16.22 -34.12
N ALA A 383 1.92 16.25 -33.68
CA ALA A 383 0.79 16.56 -34.54
C ALA A 383 0.34 17.99 -34.23
N CYS A 384 0.27 18.82 -35.26
CA CYS A 384 0.07 20.26 -35.07
C CYS A 384 -0.92 20.74 -36.11
N TYR A 385 -2.15 21.01 -35.69
CA TYR A 385 -3.20 21.34 -36.65
C TYR A 385 -3.78 22.73 -36.39
N LYS A 386 -5.00 22.97 -36.86
CA LYS A 386 -5.61 24.29 -36.84
C LYS A 386 -5.59 24.90 -35.44
N GLY A 387 -5.49 26.22 -35.40
CA GLY A 387 -5.67 27.00 -34.18
C GLY A 387 -4.56 26.87 -33.14
N VAL A 388 -3.72 25.85 -33.26
CA VAL A 388 -2.73 25.53 -32.24
C VAL A 388 -1.34 25.83 -32.80
N SER A 389 -0.63 26.75 -32.14
CA SER A 389 0.74 27.05 -32.53
C SER A 389 1.70 26.10 -31.82
N CYS A 390 2.69 25.62 -32.56
CA CYS A 390 3.64 24.62 -32.06
C CYS A 390 5.07 25.10 -32.26
N SER A 391 5.92 24.81 -31.27
CA SER A 391 7.31 25.25 -31.33
C SER A 391 8.19 24.19 -30.69
N ILE A 392 9.49 24.25 -31.00
CA ILE A 392 10.50 23.44 -30.35
C ILE A 392 11.56 24.36 -29.76
N GLY A 393 12.13 23.95 -28.63
CA GLY A 393 13.03 24.81 -27.89
C GLY A 393 14.25 24.03 -27.42
N SER A 394 15.26 24.79 -26.99
CA SER A 394 16.37 24.24 -26.23
C SER A 394 16.66 25.13 -25.02
N ASN A 395 17.29 24.51 -24.01
CA ASN A 395 17.54 25.19 -22.74
C ASN A 395 18.37 26.45 -22.93
N ARG A 396 19.31 26.45 -23.88
CA ARG A 396 20.18 27.59 -24.13
C ARG A 396 19.65 28.55 -25.18
N VAL A 397 18.63 28.16 -25.94
CA VAL A 397 18.37 28.77 -27.24
C VAL A 397 16.95 29.32 -27.38
N GLY A 398 16.03 28.94 -26.51
CA GLY A 398 14.64 29.32 -26.72
C GLY A 398 14.04 28.59 -27.91
N ILE A 399 12.97 29.18 -28.45
CA ILE A 399 12.31 28.59 -29.60
C ILE A 399 13.30 28.40 -30.73
N ILE A 400 13.57 27.14 -31.09
CA ILE A 400 14.38 26.87 -32.28
C ILE A 400 13.60 27.19 -33.55
N LYS A 401 12.36 26.71 -33.62
CA LYS A 401 11.58 26.77 -34.85
C LYS A 401 10.10 26.68 -34.48
N GLN A 402 9.26 27.38 -35.25
CA GLN A 402 7.83 27.13 -35.23
C GLN A 402 7.52 25.99 -36.20
N LEU A 403 6.97 24.90 -35.66
CA LEU A 403 6.71 23.72 -36.47
C LEU A 403 5.58 23.97 -37.47
N ASN A 404 5.64 23.26 -38.59
CA ASN A 404 4.63 23.38 -39.62
C ASN A 404 3.32 22.71 -39.18
N LYS A 405 2.27 22.96 -39.93
CA LYS A 405 1.08 22.14 -39.86
C LYS A 405 1.36 20.74 -40.38
N GLY A 406 0.71 19.76 -39.78
CA GLY A 406 0.93 18.36 -40.12
C GLY A 406 1.58 17.57 -39.01
N CYS A 407 2.20 16.47 -39.40
CA CYS A 407 2.90 15.58 -38.48
C CYS A 407 4.40 15.77 -38.60
N SER A 408 5.06 15.98 -37.46
CA SER A 408 6.49 16.27 -37.41
C SER A 408 7.16 15.34 -36.41
N TYR A 409 8.38 14.90 -36.73
CA TYR A 409 9.13 13.96 -35.92
C TYR A 409 10.38 14.65 -35.37
N ILE A 410 10.25 15.21 -34.17
CA ILE A 410 11.33 15.97 -33.54
C ILE A 410 12.21 14.98 -32.79
N THR A 411 13.43 14.76 -33.30
CA THR A 411 14.32 13.80 -32.69
C THR A 411 14.84 14.32 -31.35
N ASN A 412 15.33 13.39 -30.53
CA ASN A 412 16.00 13.75 -29.28
C ASN A 412 17.14 14.74 -29.47
N GLN A 413 17.72 14.81 -30.66
CA GLN A 413 18.84 15.71 -30.96
C GLN A 413 18.42 16.97 -31.68
N ASP A 414 17.20 17.03 -32.23
CA ASP A 414 16.68 18.27 -32.78
C ASP A 414 16.36 19.28 -31.68
N ALA A 415 15.82 18.82 -30.55
CA ALA A 415 15.33 19.76 -29.55
C ALA A 415 15.31 19.09 -28.18
N ASP A 416 15.23 19.91 -27.15
CA ASP A 416 14.96 19.46 -25.78
C ASP A 416 13.49 19.54 -25.41
N THR A 417 12.77 20.57 -25.86
CA THR A 417 11.35 20.70 -25.58
C THR A 417 10.58 20.86 -26.87
N VAL A 418 9.33 20.41 -26.84
CA VAL A 418 8.33 20.72 -27.86
C VAL A 418 7.11 21.30 -27.17
N THR A 419 6.45 22.26 -27.82
CA THR A 419 5.31 22.94 -27.24
C THR A 419 4.10 22.79 -28.17
N ILE A 420 2.93 22.61 -27.56
CA ILE A 420 1.66 22.50 -28.28
C ILE A 420 0.67 23.43 -27.59
N ASP A 421 0.30 24.52 -28.28
CA ASP A 421 -0.27 25.72 -27.65
C ASP A 421 0.67 26.12 -26.52
N ASN A 422 0.16 26.45 -25.33
CA ASN A 422 1.01 26.83 -24.21
C ASN A 422 1.70 25.65 -23.55
N THR A 423 1.28 24.42 -23.83
CA THR A 423 1.79 23.27 -23.12
C THR A 423 3.24 22.99 -23.50
N VAL A 424 4.03 22.58 -22.52
CA VAL A 424 5.43 22.20 -22.73
C VAL A 424 5.56 20.70 -22.52
N TYR A 425 6.12 20.01 -23.51
CA TYR A 425 6.44 18.59 -23.40
C TYR A 425 7.96 18.40 -23.46
N GLN A 426 8.52 17.81 -22.41
CA GLN A 426 9.93 17.44 -22.43
C GLN A 426 10.13 16.23 -23.33
N LEU A 427 11.14 16.31 -24.20
CA LEU A 427 11.55 15.16 -24.99
C LEU A 427 12.54 14.29 -24.24
N SER A 428 12.57 13.01 -24.60
CA SER A 428 13.60 12.09 -24.16
C SER A 428 14.98 12.52 -24.66
N LYS A 429 16.01 12.18 -23.90
CA LYS A 429 17.39 12.51 -24.25
C LYS A 429 18.22 11.27 -24.54
N VAL A 430 17.56 10.14 -24.79
CA VAL A 430 18.27 8.91 -25.13
C VAL A 430 18.98 9.07 -26.47
N GLU A 431 20.27 8.74 -26.49
CA GLU A 431 21.01 8.68 -27.74
C GLU A 431 20.67 7.41 -28.51
N GLY A 432 20.45 7.56 -29.82
CA GLY A 432 20.19 6.43 -30.67
C GLY A 432 20.14 6.86 -32.12
N GLU A 433 20.03 5.87 -33.00
CA GLU A 433 19.90 6.11 -34.43
C GLU A 433 18.43 6.33 -34.79
N GLN A 434 18.18 7.34 -35.62
CA GLN A 434 16.85 7.60 -36.16
C GLN A 434 16.91 7.70 -37.67
N HIS A 435 15.81 7.30 -38.32
CA HIS A 435 15.64 7.42 -39.75
C HIS A 435 14.28 8.03 -40.04
N VAL A 436 14.15 8.60 -41.24
CA VAL A 436 12.86 8.96 -41.81
C VAL A 436 12.61 8.06 -43.02
N ILE A 437 11.47 7.38 -43.02
CA ILE A 437 10.96 6.72 -44.22
C ILE A 437 9.99 7.69 -44.89
N LYS A 438 10.41 8.28 -46.00
CA LYS A 438 9.60 9.30 -46.66
C LYS A 438 8.39 8.69 -47.36
N GLY A 439 7.30 9.44 -47.35
CA GLY A 439 6.11 9.08 -48.10
C GLY A 439 4.92 9.93 -47.70
N ARG A 440 4.19 10.44 -48.69
CA ARG A 440 3.10 11.38 -48.43
C ARG A 440 2.02 10.71 -47.58
N PRO A 441 1.70 11.26 -46.40
CA PRO A 441 0.89 10.52 -45.42
C PRO A 441 -0.43 10.02 -46.01
N VAL A 442 -0.88 8.86 -45.51
CA VAL A 442 -2.05 8.20 -46.09
C VAL A 442 -3.26 9.12 -46.12
N SER A 443 -3.40 9.96 -45.09
CA SER A 443 -4.49 10.92 -45.02
C SER A 443 -4.39 11.99 -46.10
N SER A 444 -3.21 12.18 -46.70
CA SER A 444 -3.03 13.08 -47.81
C SER A 444 -3.04 12.38 -49.17
N SER A 445 -2.77 11.07 -49.20
CA SER A 445 -2.62 10.34 -50.45
C SER A 445 -3.80 9.46 -50.78
N PHE A 446 -4.73 9.23 -49.86
CA PHE A 446 -5.99 8.57 -50.15
C PHE A 446 -7.15 9.51 -49.85
N ASP A 447 -8.21 9.38 -50.64
CA ASP A 447 -9.45 10.09 -50.35
C ASP A 447 -10.24 9.36 -49.26
N PRO A 448 -10.76 10.07 -48.27
CA PRO A 448 -11.59 9.43 -47.25
C PRO A 448 -12.91 8.94 -47.83
N VAL A 449 -13.39 7.81 -47.31
CA VAL A 449 -14.70 7.31 -47.70
C VAL A 449 -15.77 8.27 -47.21
N LYS A 450 -16.70 8.62 -48.11
CA LYS A 450 -17.67 9.67 -47.78
C LYS A 450 -18.58 9.28 -46.63
N PHE A 451 -18.94 7.99 -46.53
CA PHE A 451 -19.75 7.50 -45.43
C PHE A 451 -19.47 6.02 -45.22
N PRO A 452 -19.47 5.54 -43.97
CA PRO A 452 -19.29 6.31 -42.74
C PRO A 452 -17.87 6.86 -42.61
N GLN A 453 -17.75 8.17 -42.44
CA GLN A 453 -16.43 8.80 -42.48
C GLN A 453 -15.69 8.69 -41.15
N ASP A 454 -16.40 8.77 -40.04
CA ASP A 454 -15.90 8.25 -38.77
C ASP A 454 -16.01 6.73 -38.72
N GLN A 455 -14.94 6.07 -38.30
CA GLN A 455 -14.95 4.66 -37.94
C GLN A 455 -13.92 4.45 -36.83
N PHE A 456 -14.18 3.45 -35.98
CA PHE A 456 -13.26 3.11 -34.89
C PHE A 456 -12.70 1.70 -35.11
N ASN A 457 -11.37 1.61 -35.14
CA ASN A 457 -10.65 0.33 -35.17
C ASN A 457 -11.06 -0.52 -36.38
N VAL A 458 -10.87 0.04 -37.56
CA VAL A 458 -11.20 -0.65 -38.80
C VAL A 458 -9.92 -0.80 -39.63
N ALA A 459 -9.93 -1.82 -40.49
CA ALA A 459 -8.89 -1.93 -41.50
C ALA A 459 -8.91 -0.73 -42.45
N LEU A 460 -7.73 -0.36 -42.94
CA LEU A 460 -7.64 0.79 -43.83
C LEU A 460 -8.47 0.59 -45.08
N ASP A 461 -8.57 -0.66 -45.56
CA ASP A 461 -9.40 -1.00 -46.70
C ASP A 461 -10.83 -0.48 -46.56
N GLN A 462 -11.32 -0.36 -45.32
CA GLN A 462 -12.68 0.07 -45.08
C GLN A 462 -12.83 1.58 -45.04
N CYS A 463 -11.75 2.34 -45.00
CA CYS A 463 -11.76 3.68 -44.44
C CYS A 463 -11.19 4.68 -45.45
N PHE A 464 -10.30 4.21 -46.30
CA PHE A 464 -9.81 5.02 -47.41
C PHE A 464 -9.92 4.25 -48.72
N VAL B 3 15.42 46.31 -6.23
CA VAL B 3 15.19 47.11 -7.43
C VAL B 3 16.03 46.59 -8.59
N VAL B 4 15.36 46.06 -9.61
CA VAL B 4 16.05 45.64 -10.83
C VAL B 4 16.55 46.87 -11.57
N THR B 5 17.85 46.87 -11.91
CA THR B 5 18.55 48.09 -12.26
C THR B 5 19.49 47.79 -13.42
N GLN B 6 19.82 48.83 -14.19
CA GLN B 6 20.45 48.70 -15.49
C GLN B 6 21.45 49.84 -15.67
N PRO B 7 22.37 49.72 -16.62
CA PRO B 7 23.09 50.90 -17.11
C PRO B 7 22.12 51.91 -17.69
N PRO B 8 22.16 53.16 -17.21
CA PRO B 8 21.16 54.14 -17.66
C PRO B 8 21.19 54.45 -19.15
N SER B 9 22.33 54.32 -19.81
CA SER B 9 22.37 54.52 -21.25
C SER B 9 23.46 53.66 -21.89
N VAL B 10 23.25 53.32 -23.17
CA VAL B 10 24.20 52.59 -23.98
C VAL B 10 24.13 53.17 -25.40
N SER B 11 25.19 52.92 -26.17
CA SER B 11 25.24 53.42 -27.53
C SER B 11 26.08 52.47 -28.39
N GLY B 12 25.85 52.54 -29.70
CA GLY B 12 26.66 51.82 -30.65
C GLY B 12 26.50 52.39 -32.04
N ALA B 13 27.43 52.02 -32.92
CA ALA B 13 27.30 52.40 -34.32
C ALA B 13 26.36 51.44 -35.05
N PRO B 14 25.67 51.92 -36.08
CA PRO B 14 24.81 51.04 -36.89
C PRO B 14 25.50 49.75 -37.32
N GLY B 15 24.87 48.62 -36.99
CA GLY B 15 25.42 47.31 -37.24
C GLY B 15 26.37 46.76 -36.19
N GLN B 16 26.73 47.56 -35.19
CA GLN B 16 27.42 47.00 -34.04
C GLN B 16 26.47 46.15 -33.21
N ARG B 17 27.05 45.27 -32.39
CA ARG B 17 26.34 44.77 -31.23
C ARG B 17 26.26 45.85 -30.16
N VAL B 18 25.13 45.93 -29.47
CA VAL B 18 25.07 46.52 -28.14
C VAL B 18 24.47 45.51 -27.18
N THR B 19 24.93 45.57 -25.92
CA THR B 19 24.51 44.65 -24.89
C THR B 19 23.90 45.42 -23.73
N ILE B 20 22.68 45.06 -23.33
CA ILE B 20 22.01 45.67 -22.20
C ILE B 20 21.94 44.65 -21.07
N SER B 21 22.44 45.02 -19.91
CA SER B 21 22.50 44.10 -18.77
C SER B 21 21.47 44.53 -17.73
N CYS B 22 20.54 43.64 -17.42
CA CYS B 22 19.62 43.82 -16.30
C CYS B 22 20.27 43.22 -15.05
N THR B 23 21.06 44.03 -14.36
CA THR B 23 21.58 43.60 -13.06
C THR B 23 20.41 43.29 -12.12
N GLY B 24 20.65 42.33 -11.23
CA GLY B 24 19.55 41.54 -10.69
C GLY B 24 19.78 41.13 -9.25
N SER B 25 18.67 40.92 -8.55
CA SER B 25 18.63 40.69 -7.12
C SER B 25 17.83 39.42 -6.86
N SER B 26 18.00 38.86 -5.66
CA SER B 26 17.71 37.46 -5.42
C SER B 26 16.40 37.25 -4.68
N SER B 27 15.56 38.28 -4.60
CA SER B 27 14.12 38.09 -4.49
C SER B 27 13.42 38.07 -5.84
N ASN B 28 14.12 38.43 -6.93
CA ASN B 28 13.45 38.83 -8.16
C ASN B 28 14.11 38.28 -9.43
N ILE B 29 15.43 38.09 -9.47
CA ILE B 29 16.08 37.33 -10.52
C ILE B 29 16.71 36.06 -9.98
N GLY B 30 17.34 36.11 -8.81
CA GLY B 30 17.91 34.92 -8.23
C GLY B 30 16.90 33.95 -7.64
N ALA B 31 15.68 34.42 -7.36
CA ALA B 31 14.65 33.55 -6.81
C ALA B 31 14.06 32.59 -7.84
N GLY B 32 14.41 32.73 -9.12
CA GLY B 32 13.95 31.82 -10.14
C GLY B 32 13.06 32.44 -11.20
N TYR B 33 12.54 33.65 -10.97
CA TYR B 33 11.58 34.26 -11.88
C TYR B 33 12.28 34.71 -13.16
N ASP B 34 11.85 34.16 -14.29
CA ASP B 34 12.52 34.39 -15.56
C ASP B 34 12.28 35.80 -16.07
N VAL B 35 13.24 36.31 -16.83
CA VAL B 35 13.41 37.74 -17.06
C VAL B 35 12.91 38.10 -18.46
N HIS B 36 12.04 39.10 -18.51
CA HIS B 36 11.31 39.49 -19.71
C HIS B 36 11.77 40.88 -20.14
N TRP B 37 11.68 41.15 -21.44
CA TRP B 37 12.19 42.40 -21.99
C TRP B 37 11.15 43.03 -22.90
N TYR B 38 10.95 44.34 -22.73
CA TYR B 38 10.00 45.11 -23.52
C TYR B 38 10.71 46.26 -24.24
N GLN B 39 10.32 46.51 -25.47
CA GLN B 39 10.80 47.63 -26.26
C GLN B 39 9.71 48.70 -26.33
N GLN B 40 10.06 49.94 -26.01
CA GLN B 40 9.11 51.04 -26.07
C GLN B 40 9.70 52.20 -26.87
N LEU B 41 9.15 52.45 -28.04
CA LEU B 41 9.49 53.64 -28.80
C LEU B 41 8.88 54.87 -28.12
N PRO B 42 9.51 56.03 -28.26
CA PRO B 42 8.98 57.24 -27.58
C PRO B 42 7.54 57.51 -28.00
N GLY B 43 6.69 57.70 -27.00
CA GLY B 43 5.28 57.97 -27.23
C GLY B 43 4.55 56.78 -27.85
N THR B 44 4.93 55.57 -27.45
CA THR B 44 4.23 54.35 -27.83
C THR B 44 4.11 53.45 -26.61
N ALA B 45 3.18 52.51 -26.67
CA ALA B 45 3.12 51.47 -25.66
C ALA B 45 4.28 50.48 -25.87
N PRO B 46 4.70 49.79 -24.81
CA PRO B 46 5.81 48.83 -24.97
C PRO B 46 5.47 47.72 -25.95
N LYS B 47 6.51 47.17 -26.56
CA LYS B 47 6.43 45.93 -27.32
C LYS B 47 7.25 44.84 -26.64
N LEU B 48 6.64 43.70 -26.38
CA LEU B 48 7.38 42.53 -25.92
C LEU B 48 8.39 42.09 -26.97
N LEU B 49 9.66 42.07 -26.61
CA LEU B 49 10.69 41.46 -27.45
C LEU B 49 11.14 40.08 -26.96
N ILE B 50 11.26 39.87 -25.65
CA ILE B 50 11.73 38.59 -25.11
C ILE B 50 10.92 38.24 -23.87
N TYR B 51 10.50 36.98 -23.78
CA TYR B 51 9.87 36.44 -22.58
C TYR B 51 10.58 35.16 -22.17
N ASP B 52 10.02 34.44 -21.20
CA ASP B 52 10.74 33.40 -20.44
C ASP B 52 12.04 34.02 -19.92
N ASN B 53 13.19 33.37 -20.10
CA ASN B 53 14.48 34.07 -20.18
C ASN B 53 14.92 34.34 -21.61
N ASN B 54 14.84 33.33 -22.48
CA ASN B 54 14.97 33.55 -23.91
C ASN B 54 13.80 32.84 -24.59
N ASN B 55 12.91 33.63 -25.17
CA ASN B 55 11.93 33.20 -26.17
C ASN B 55 11.57 34.43 -26.98
N ARG B 56 11.28 34.23 -28.26
CA ARG B 56 11.05 35.39 -29.12
C ARG B 56 9.71 35.27 -29.86
N PRO B 57 8.84 36.27 -29.72
CA PRO B 57 7.50 36.15 -30.31
C PRO B 57 7.53 36.29 -31.82
N SER B 58 6.45 35.85 -32.45
CA SER B 58 6.25 36.10 -33.87
C SER B 58 6.22 37.59 -34.17
N GLY B 59 6.91 37.98 -35.25
CA GLY B 59 6.99 39.37 -35.65
C GLY B 59 8.17 40.15 -35.11
N VAL B 60 9.06 39.53 -34.35
CA VAL B 60 10.36 40.14 -34.03
C VAL B 60 11.26 39.96 -35.24
N PRO B 61 12.12 40.95 -35.55
CA PRO B 61 13.04 40.81 -36.69
C PRO B 61 14.05 39.69 -36.55
N ASP B 62 13.98 38.90 -35.48
CA ASP B 62 14.74 37.66 -35.34
C ASP B 62 16.23 37.92 -35.19
N ARG B 63 16.59 39.04 -34.58
CA ARG B 63 17.98 39.41 -34.35
C ARG B 63 18.19 39.95 -32.95
N PHE B 64 17.35 39.53 -32.01
CA PHE B 64 17.46 39.85 -30.59
C PHE B 64 17.60 38.55 -29.82
N SER B 65 18.44 38.56 -28.79
CA SER B 65 18.60 37.37 -27.96
C SER B 65 18.87 37.77 -26.52
N ALA B 66 18.52 36.87 -25.60
CA ALA B 66 18.66 37.12 -24.18
C ALA B 66 19.25 35.89 -23.49
N SER B 67 19.77 36.12 -22.29
CA SER B 67 20.30 35.06 -21.44
C SER B 67 20.08 35.47 -20.00
N LYS B 68 19.80 34.50 -19.13
CA LYS B 68 19.85 34.68 -17.69
C LYS B 68 21.01 33.90 -17.09
N SER B 69 21.90 34.60 -16.41
CA SER B 69 22.80 33.99 -15.45
C SER B 69 22.19 33.98 -14.05
N GLY B 70 22.82 33.24 -13.15
CA GLY B 70 22.21 32.85 -11.89
C GLY B 70 21.62 33.96 -11.05
N THR B 71 22.05 35.20 -11.30
CA THR B 71 21.50 36.36 -10.60
C THR B 71 21.34 37.59 -11.49
N SER B 72 21.47 37.44 -12.80
CA SER B 72 21.43 38.58 -13.71
C SER B 72 21.04 38.10 -15.09
N ALA B 73 20.68 39.05 -15.95
CA ALA B 73 20.34 38.74 -17.33
C ALA B 73 20.93 39.80 -18.25
N SER B 74 20.93 39.51 -19.54
CA SER B 74 21.41 40.43 -20.55
C SER B 74 20.58 40.31 -21.82
N LEU B 75 20.43 41.43 -22.52
CA LEU B 75 19.82 41.47 -23.85
C LEU B 75 20.89 41.92 -24.83
N ALA B 76 21.22 41.05 -25.79
CA ALA B 76 22.13 41.38 -26.87
C ALA B 76 21.34 41.82 -28.11
N ILE B 77 21.61 43.04 -28.57
CA ILE B 77 21.01 43.59 -29.78
C ILE B 77 22.05 43.58 -30.88
N THR B 78 21.68 43.02 -32.04
CA THR B 78 22.61 42.83 -33.14
C THR B 78 21.95 43.30 -34.44
N GLY B 79 22.81 43.64 -35.41
CA GLY B 79 22.34 44.31 -36.61
C GLY B 79 21.72 45.67 -36.35
N LEU B 80 22.17 46.36 -35.30
CA LEU B 80 21.45 47.50 -34.73
C LEU B 80 21.15 48.56 -35.77
N GLN B 81 19.87 48.84 -35.99
CA GLN B 81 19.43 49.93 -36.82
C GLN B 81 18.97 51.12 -35.98
N ALA B 82 18.87 52.28 -36.63
CA ALA B 82 18.21 53.42 -36.00
C ALA B 82 16.76 53.12 -35.66
N GLU B 83 16.12 52.23 -36.41
CA GLU B 83 14.78 51.75 -36.08
C GLU B 83 14.72 50.97 -34.77
N ASP B 84 15.85 50.61 -34.18
CA ASP B 84 15.86 49.98 -32.87
C ASP B 84 16.15 50.95 -31.74
N GLU B 85 16.46 52.21 -32.04
CA GLU B 85 16.83 53.17 -31.00
C GLU B 85 15.61 53.45 -30.12
N ALA B 86 15.62 52.90 -28.92
CA ALA B 86 14.40 52.87 -28.11
C ALA B 86 14.79 52.70 -26.64
N ASP B 87 13.80 52.91 -25.78
CA ASP B 87 13.90 52.51 -24.38
C ASP B 87 13.68 51.00 -24.28
N TYR B 88 14.55 50.32 -23.54
CA TYR B 88 14.41 48.89 -23.28
C TYR B 88 14.43 48.62 -21.79
N TYR B 89 13.30 48.18 -21.25
CA TYR B 89 13.17 47.80 -19.85
C TYR B 89 13.05 46.29 -19.78
N CYS B 90 13.90 45.64 -19.00
CA CYS B 90 13.55 44.27 -18.65
C CYS B 90 12.49 44.26 -17.55
N GLN B 91 11.94 43.06 -17.30
CA GLN B 91 10.91 42.89 -16.28
C GLN B 91 11.06 41.51 -15.65
N SER B 92 10.69 41.40 -14.38
CA SER B 92 10.57 40.10 -13.74
C SER B 92 9.50 40.18 -12.65
N TYR B 93 9.44 39.14 -11.82
CA TYR B 93 8.58 39.10 -10.65
C TYR B 93 9.43 39.08 -9.39
N ASP B 94 9.15 40.00 -8.46
CA ASP B 94 9.82 40.02 -7.18
C ASP B 94 8.93 39.37 -6.13
N ARG B 95 9.46 38.36 -5.44
CA ARG B 95 8.68 37.60 -4.47
C ARG B 95 8.01 38.49 -3.44
N SER B 96 8.63 39.62 -3.08
CA SER B 96 7.99 40.60 -2.21
C SER B 96 7.20 41.65 -2.98
N LEU B 97 7.85 42.31 -3.95
CA LEU B 97 7.30 43.49 -4.60
C LEU B 97 6.43 43.18 -5.81
N SER B 98 6.10 41.90 -6.05
CA SER B 98 5.44 41.50 -7.29
C SER B 98 6.20 42.04 -8.49
N GLY B 99 5.48 42.48 -9.52
CA GLY B 99 6.11 42.88 -10.76
C GLY B 99 7.09 44.02 -10.56
N VAL B 100 8.32 43.84 -11.08
CA VAL B 100 9.36 44.84 -11.00
C VAL B 100 9.88 45.12 -12.40
N PHE B 101 9.86 46.38 -12.81
CA PHE B 101 10.37 46.80 -14.11
C PHE B 101 11.68 47.54 -13.93
N GLY B 102 12.63 47.29 -14.83
CA GLY B 102 13.95 47.88 -14.72
C GLY B 102 13.95 49.38 -14.93
N THR B 103 15.10 49.98 -14.61
CA THR B 103 15.30 51.41 -14.80
C THR B 103 15.44 51.81 -16.26
N GLY B 104 15.44 50.86 -17.18
CA GLY B 104 15.21 51.14 -18.58
C GLY B 104 16.34 51.80 -19.33
N THR B 105 17.34 51.01 -19.71
CA THR B 105 18.40 51.50 -20.59
C THR B 105 17.81 52.00 -21.89
N LYS B 106 18.25 53.19 -22.32
CA LYS B 106 17.96 53.68 -23.66
C LYS B 106 19.14 53.40 -24.58
N VAL B 107 18.86 52.76 -25.71
CA VAL B 107 19.85 52.55 -26.76
C VAL B 107 19.93 53.82 -27.59
N THR B 108 21.14 54.15 -28.07
CA THR B 108 21.37 55.35 -28.86
C THR B 108 22.18 54.98 -30.10
N VAL B 109 21.81 55.57 -31.23
CA VAL B 109 22.46 55.26 -32.50
C VAL B 109 22.97 56.54 -33.16
N VAL C 2 -9.09 -43.65 25.61
CA VAL C 2 -7.63 -43.53 25.69
C VAL C 2 -7.09 -44.38 26.85
N GLN C 3 -6.05 -45.18 26.56
CA GLN C 3 -5.52 -46.10 27.54
C GLN C 3 -4.05 -46.39 27.22
N LEU C 4 -3.31 -46.78 28.24
CA LEU C 4 -1.94 -47.26 28.11
C LEU C 4 -1.87 -48.69 28.64
N VAL C 5 -1.16 -49.56 27.91
CA VAL C 5 -1.04 -50.96 28.31
C VAL C 5 0.41 -51.41 28.13
N GLN C 6 0.90 -52.19 29.09
CA GLN C 6 2.28 -52.67 29.14
C GLN C 6 2.25 -54.15 29.46
N SER C 7 3.30 -54.87 29.04
CA SER C 7 3.48 -56.24 29.51
C SER C 7 4.88 -56.80 29.24
N GLY C 8 5.48 -57.39 30.27
CA GLY C 8 6.70 -58.17 30.16
C GLY C 8 7.91 -57.42 29.65
N PRO C 9 9.09 -58.04 29.73
CA PRO C 9 9.33 -59.30 30.45
C PRO C 9 9.50 -59.10 31.96
N ALA C 10 8.86 -59.98 32.74
CA ALA C 10 8.77 -59.78 34.19
C ALA C 10 10.08 -60.07 34.93
N LEU C 11 11.01 -60.81 34.32
CA LEU C 11 12.23 -61.22 35.01
C LEU C 11 13.46 -60.99 34.15
N VAL C 12 14.50 -60.43 34.75
CA VAL C 12 15.77 -60.15 34.10
C VAL C 12 16.89 -60.36 35.11
N LYS C 13 18.12 -60.44 34.60
CA LYS C 13 19.27 -60.89 35.38
C LYS C 13 20.45 -59.96 35.14
N SER C 14 21.49 -60.11 35.96
CA SER C 14 22.77 -59.48 35.68
C SER C 14 23.30 -59.87 34.31
N THR C 15 24.07 -58.96 33.70
CA THR C 15 24.56 -59.09 32.33
C THR C 15 23.41 -59.22 31.33
N GLN C 16 22.34 -58.48 31.56
CA GLN C 16 21.18 -58.48 30.69
C GLN C 16 20.74 -57.04 30.42
N THR C 17 20.04 -56.86 29.31
CA THR C 17 19.52 -55.57 28.90
C THR C 17 18.00 -55.69 28.75
N LEU C 18 17.29 -54.63 29.13
CA LEU C 18 15.89 -54.71 29.52
C LEU C 18 15.08 -53.73 28.70
N THR C 19 13.93 -54.18 28.20
CA THR C 19 13.10 -53.42 27.29
C THR C 19 11.64 -53.64 27.67
N LEU C 20 10.83 -52.59 27.52
CA LEU C 20 9.41 -52.65 27.80
C LEU C 20 8.66 -51.91 26.71
N THR C 21 7.54 -52.47 26.27
CA THR C 21 6.58 -51.70 25.47
C THR C 21 5.61 -50.96 26.38
N CYS C 22 5.20 -49.78 25.90
CA CYS C 22 3.91 -49.19 26.24
C CYS C 22 3.13 -48.98 24.96
N THR C 23 1.98 -49.63 24.85
CA THR C 23 1.03 -49.35 23.78
C THR C 23 0.05 -48.26 24.20
N PHE C 24 -0.46 -47.53 23.20
CA PHE C 24 -1.38 -46.43 23.45
C PHE C 24 -2.39 -46.37 22.32
N SER C 25 -3.58 -45.83 22.63
CA SER C 25 -4.63 -45.66 21.65
C SER C 25 -5.55 -44.55 22.11
N GLY C 26 -6.20 -43.90 21.14
CA GLY C 26 -7.04 -42.76 21.39
C GLY C 26 -6.33 -41.43 21.36
N PHE C 27 -5.01 -41.43 21.31
CA PHE C 27 -4.20 -40.27 20.99
C PHE C 27 -3.02 -40.74 20.15
N ALA C 28 -2.33 -39.79 19.52
CA ALA C 28 -1.12 -40.12 18.79
C ALA C 28 0.02 -39.23 19.24
N LEU C 29 1.22 -39.83 19.36
CA LEU C 29 2.41 -39.10 19.75
C LEU C 29 2.73 -37.94 18.80
N THR C 30 2.25 -38.00 17.56
CA THR C 30 2.61 -37.00 16.56
C THR C 30 1.85 -35.69 16.72
N THR C 31 0.72 -35.68 17.42
CA THR C 31 -0.05 -34.46 17.56
C THR C 31 0.56 -33.56 18.64
N SER C 32 0.56 -32.26 18.38
CA SER C 32 1.46 -31.34 19.06
C SER C 32 1.18 -31.27 20.57
N GLY C 33 2.25 -31.18 21.35
CA GLY C 33 2.19 -31.13 22.79
C GLY C 33 1.94 -32.44 23.51
N MET C 34 1.86 -33.56 22.79
CA MET C 34 1.94 -34.86 23.43
C MET C 34 3.39 -35.23 23.72
N CYS C 35 3.58 -36.00 24.79
CA CYS C 35 4.72 -36.88 24.92
C CYS C 35 4.25 -38.22 25.45
N VAL C 36 5.11 -39.23 25.32
CA VAL C 36 5.09 -40.37 26.23
C VAL C 36 6.42 -40.41 26.98
N SER C 37 6.38 -41.01 28.17
CA SER C 37 7.48 -40.93 29.11
C SER C 37 7.46 -42.18 29.98
N TRP C 38 8.57 -42.44 30.65
CA TRP C 38 8.65 -43.51 31.64
C TRP C 38 9.12 -42.95 32.98
N VAL C 39 8.60 -43.56 34.05
CA VAL C 39 8.91 -43.20 35.42
C VAL C 39 8.95 -44.48 36.24
N ARG C 40 9.79 -44.50 37.27
CA ARG C 40 10.12 -45.73 37.97
C ARG C 40 9.88 -45.54 39.46
N GLN C 41 9.56 -46.65 40.13
CA GLN C 41 9.36 -46.66 41.58
C GLN C 41 9.66 -48.03 42.16
N PRO C 42 10.77 -48.18 42.88
CA PRO C 42 10.99 -49.42 43.65
C PRO C 42 9.88 -49.61 44.68
N PRO C 43 9.67 -50.83 45.17
CA PRO C 43 8.48 -51.12 45.99
C PRO C 43 8.33 -50.20 47.18
N GLY C 44 7.31 -49.33 47.15
CA GLY C 44 7.07 -48.39 48.22
C GLY C 44 8.04 -47.23 48.30
N LYS C 45 8.99 -47.12 47.37
CA LYS C 45 9.97 -46.04 47.36
C LYS C 45 9.42 -44.83 46.60
N ALA C 46 10.26 -43.82 46.42
CA ALA C 46 9.87 -42.61 45.71
C ALA C 46 9.79 -42.84 44.20
N LEU C 47 9.07 -41.94 43.53
CA LEU C 47 9.01 -41.92 42.08
C LEU C 47 10.33 -41.41 41.48
N GLU C 48 10.63 -41.89 40.29
CA GLU C 48 11.89 -41.56 39.61
C GLU C 48 11.64 -41.54 38.11
N TRP C 49 11.72 -40.35 37.53
CA TRP C 49 11.52 -40.19 36.09
C TRP C 49 12.69 -40.78 35.31
N LEU C 50 12.38 -41.46 34.21
CA LEU C 50 13.38 -42.16 33.42
C LEU C 50 13.77 -41.40 32.15
N ALA C 51 12.80 -41.13 31.28
CA ALA C 51 13.05 -40.38 30.04
C ALA C 51 11.73 -39.93 29.47
N ARG C 52 11.81 -39.04 28.48
CA ARG C 52 10.63 -38.56 27.77
C ARG C 52 10.95 -38.40 26.30
N ILE C 53 9.97 -38.71 25.45
CA ILE C 53 10.06 -38.52 24.00
C ILE C 53 8.83 -37.77 23.53
N ASP C 54 9.03 -36.80 22.65
CA ASP C 54 8.05 -35.75 22.37
C ASP C 54 7.50 -35.86 20.95
N TRP C 55 6.62 -34.92 20.60
CA TRP C 55 5.91 -34.91 19.32
C TRP C 55 6.83 -34.65 18.13
N GLU C 56 8.08 -34.28 18.36
CA GLU C 56 9.10 -34.21 17.33
C GLU C 56 10.05 -35.40 17.36
N ASP C 57 9.74 -36.39 18.20
CA ASP C 57 10.60 -37.55 18.48
C ASP C 57 11.92 -37.15 19.12
N ASN C 58 12.02 -35.92 19.62
CA ASN C 58 13.19 -35.52 20.39
C ASN C 58 13.07 -36.09 21.79
N THR C 59 14.20 -36.18 22.49
CA THR C 59 14.29 -37.03 23.67
C THR C 59 15.14 -36.36 24.73
N TYR C 60 14.87 -36.73 25.98
CA TYR C 60 15.55 -36.21 27.15
C TYR C 60 15.77 -37.36 28.12
N TYR C 61 16.94 -37.40 28.76
CA TYR C 61 17.31 -38.53 29.57
C TYR C 61 17.70 -38.09 30.97
N SER C 62 17.19 -38.83 31.97
CA SER C 62 17.44 -38.50 33.36
C SER C 62 18.92 -38.62 33.67
N THR C 63 19.53 -37.51 34.12
CA THR C 63 20.97 -37.34 34.02
C THR C 63 21.72 -38.45 34.75
N SER C 64 21.24 -38.87 35.92
CA SER C 64 21.89 -39.95 36.64
C SER C 64 21.84 -41.25 35.86
N LEU C 65 20.74 -41.50 35.15
CA LEU C 65 20.58 -42.71 34.35
C LEU C 65 21.03 -42.53 32.90
N LYS C 66 21.41 -41.32 32.51
CA LYS C 66 21.68 -41.01 31.11
C LYS C 66 22.80 -41.85 30.52
N THR C 67 23.66 -42.43 31.37
CA THR C 67 24.70 -43.34 30.93
C THR C 67 24.21 -44.73 30.55
N ARG C 68 22.93 -45.06 30.79
CA ARG C 68 22.52 -46.45 30.67
C ARG C 68 21.12 -46.65 30.09
N VAL C 69 20.50 -45.62 29.53
CA VAL C 69 19.11 -45.70 29.09
C VAL C 69 19.00 -45.14 27.67
N THR C 70 18.03 -45.66 26.91
CA THR C 70 17.60 -45.02 25.67
C THR C 70 16.15 -45.42 25.39
N ILE C 71 15.35 -44.45 24.94
CA ILE C 71 13.95 -44.64 24.64
C ILE C 71 13.66 -44.07 23.26
N SER C 72 12.79 -44.75 22.51
CA SER C 72 12.42 -44.27 21.18
C SER C 72 11.02 -44.75 20.83
N LYS C 73 10.33 -43.94 20.02
CA LYS C 73 9.05 -44.32 19.42
C LYS C 73 9.28 -45.24 18.23
N ASP C 74 8.55 -46.34 18.17
CA ASP C 74 8.59 -47.18 16.98
C ASP C 74 7.90 -46.49 15.80
N PRO C 75 8.55 -46.43 14.64
CA PRO C 75 7.96 -45.69 13.50
C PRO C 75 6.66 -46.30 12.97
N SER C 76 6.51 -47.62 13.04
CA SER C 76 5.42 -48.29 12.34
C SER C 76 4.07 -48.20 13.05
N LYS C 77 4.04 -47.98 14.36
CA LYS C 77 2.85 -48.33 15.11
C LYS C 77 2.74 -47.47 16.36
N ASN C 78 1.56 -47.51 16.97
CA ASN C 78 1.27 -46.84 18.23
C ASN C 78 1.88 -47.55 19.44
N GLN C 79 3.21 -47.73 19.44
CA GLN C 79 3.88 -48.19 20.65
C GLN C 79 5.25 -47.53 20.77
N VAL C 80 5.73 -47.48 22.01
CA VAL C 80 7.08 -47.05 22.35
C VAL C 80 7.77 -48.22 23.05
N VAL C 81 9.08 -48.32 22.89
CA VAL C 81 9.88 -49.27 23.65
C VAL C 81 10.93 -48.53 24.47
N LEU C 82 10.98 -48.83 25.76
CA LEU C 82 12.07 -48.46 26.64
C LEU C 82 13.25 -49.40 26.42
N THR C 83 14.47 -48.87 26.52
CA THR C 83 15.67 -49.71 26.58
C THR C 83 16.63 -49.15 27.62
N MET C 84 17.22 -50.05 28.41
CA MET C 84 18.27 -49.69 29.34
C MET C 84 19.27 -50.85 29.44
N THR C 85 20.55 -50.51 29.45
CA THR C 85 21.60 -51.40 28.96
C THR C 85 22.31 -52.16 30.07
N ASN C 86 21.80 -52.11 31.30
CA ASN C 86 22.35 -52.91 32.38
C ASN C 86 21.29 -53.05 33.46
N MET C 87 21.49 -54.02 34.35
CA MET C 87 20.59 -54.27 35.46
C MET C 87 21.37 -54.41 36.76
N ASP C 88 20.89 -53.72 37.80
CA ASP C 88 21.28 -53.88 39.19
C ASP C 88 20.03 -54.18 40.02
N PRO C 89 20.18 -54.88 41.16
CA PRO C 89 18.99 -55.29 41.93
C PRO C 89 18.04 -54.14 42.25
N VAL C 90 18.57 -52.93 42.46
CA VAL C 90 17.74 -51.76 42.73
C VAL C 90 16.77 -51.46 41.59
N ASP C 91 17.07 -51.92 40.37
CA ASP C 91 16.16 -51.77 39.25
C ASP C 91 14.89 -52.61 39.38
N THR C 92 14.81 -53.51 40.37
CA THR C 92 13.54 -54.17 40.68
C THR C 92 12.50 -53.15 41.09
N ALA C 93 11.53 -52.88 40.22
CA ALA C 93 10.60 -51.77 40.42
C ALA C 93 9.40 -51.96 39.51
N THR C 94 8.34 -51.21 39.82
CA THR C 94 7.26 -50.95 38.89
C THR C 94 7.68 -49.88 37.89
N TYR C 95 7.47 -50.15 36.60
CA TYR C 95 7.72 -49.20 35.53
C TYR C 95 6.38 -48.78 34.93
N TYR C 96 6.08 -47.48 34.99
CA TYR C 96 4.89 -46.91 34.37
C TYR C 96 5.31 -46.06 33.17
N CYS C 97 4.66 -46.28 32.03
CA CYS C 97 4.59 -45.22 31.04
C CYS C 97 3.53 -44.20 31.46
N ALA C 98 3.78 -42.94 31.11
CA ALA C 98 2.82 -41.88 31.39
C ALA C 98 2.72 -40.92 30.23
N ARG C 99 1.53 -40.33 30.08
CA ARG C 99 1.20 -39.44 28.98
C ARG C 99 1.23 -38.01 29.53
N SER C 100 1.97 -37.13 28.86
CA SER C 100 1.92 -35.70 29.15
C SER C 100 1.44 -34.93 27.93
N TYR C 101 0.32 -34.23 28.07
CA TYR C 101 -0.28 -33.44 27.00
C TYR C 101 -0.37 -32.00 27.46
N ILE C 102 0.38 -31.12 26.81
CA ILE C 102 0.44 -29.71 27.15
C ILE C 102 0.52 -28.89 25.87
N THR C 103 -0.53 -28.15 25.56
CA THR C 103 -0.53 -27.23 24.43
C THR C 103 -0.20 -25.80 24.83
N ASP C 104 0.24 -25.57 26.06
CA ASP C 104 0.55 -24.22 26.51
C ASP C 104 1.99 -24.12 26.98
N TRP C 105 2.78 -23.32 26.28
CA TRP C 105 4.16 -22.96 26.60
C TRP C 105 5.15 -24.10 26.84
N LYS C 106 4.70 -25.35 26.86
CA LYS C 106 5.59 -26.49 26.66
C LYS C 106 6.70 -26.61 27.72
N LYS C 107 6.61 -25.90 28.84
CA LYS C 107 7.68 -25.98 29.84
C LYS C 107 7.44 -27.08 30.87
N ASP C 108 6.31 -27.05 31.57
CA ASP C 108 6.21 -27.63 32.90
C ASP C 108 5.32 -28.88 32.81
N TRP C 109 5.95 -30.00 32.47
CA TRP C 109 5.25 -31.19 32.01
C TRP C 109 4.65 -31.93 33.19
N PHE C 110 3.37 -31.68 33.48
CA PHE C 110 2.57 -32.66 34.19
C PHE C 110 2.27 -33.86 33.29
N PHE C 111 2.11 -35.02 33.91
CA PHE C 111 1.52 -36.18 33.25
C PHE C 111 0.09 -36.36 33.74
N ASP C 112 -0.85 -36.49 32.79
CA ASP C 112 -2.26 -36.59 33.14
C ASP C 112 -2.79 -38.02 33.13
N LEU C 113 -2.12 -38.93 32.43
CA LEU C 113 -2.52 -40.34 32.41
C LEU C 113 -1.31 -41.23 32.69
N TRP C 114 -1.54 -42.30 33.44
CA TRP C 114 -0.50 -43.26 33.78
C TRP C 114 -0.95 -44.65 33.36
N GLY C 115 0.01 -45.49 32.97
CA GLY C 115 -0.28 -46.87 32.67
C GLY C 115 -0.74 -47.68 33.85
N ARG C 116 -1.13 -48.95 33.61
CA ARG C 116 -1.29 -49.90 34.71
C ARG C 116 0.02 -50.09 35.48
N GLY C 117 1.16 -49.95 34.81
CA GLY C 117 2.45 -50.07 35.46
C GLY C 117 2.91 -51.52 35.54
N THR C 118 4.06 -51.83 34.96
CA THR C 118 4.54 -53.20 34.83
C THR C 118 5.70 -53.44 35.79
N LEU C 119 5.61 -54.52 36.57
CA LEU C 119 6.66 -54.89 37.50
C LEU C 119 7.82 -55.53 36.74
N VAL C 120 9.03 -55.04 36.98
CA VAL C 120 10.26 -55.73 36.59
C VAL C 120 10.95 -56.21 37.85
N THR C 121 11.40 -57.46 37.83
CA THR C 121 12.19 -58.04 38.92
C THR C 121 13.57 -58.43 38.41
N VAL C 122 14.59 -58.11 39.20
CA VAL C 122 15.97 -58.40 38.83
C VAL C 122 16.41 -59.74 39.42
N GLU D 3 16.49 -30.78 45.07
CA GLU D 3 15.48 -31.82 45.21
C GLU D 3 14.24 -31.27 45.91
N LEU D 4 13.06 -31.65 45.39
CA LEU D 4 11.79 -31.25 45.98
C LEU D 4 11.64 -31.91 47.35
N ILE D 5 11.70 -31.12 48.41
CA ILE D 5 11.49 -31.62 49.76
C ILE D 5 10.00 -31.78 50.02
N GLN D 6 9.62 -32.87 50.67
CA GLN D 6 8.33 -33.01 51.32
C GLN D 6 8.54 -33.61 52.71
N LEU D 7 7.54 -33.42 53.57
CA LEU D 7 7.43 -34.24 54.76
C LEU D 7 7.17 -35.69 54.35
N PRO D 8 7.96 -36.65 54.82
CA PRO D 8 7.80 -38.04 54.35
C PRO D 8 6.45 -38.65 54.69
N SER D 9 5.82 -38.21 55.77
CA SER D 9 4.45 -38.63 56.07
C SER D 9 3.73 -37.52 56.83
N VAL D 10 2.40 -37.59 56.78
CA VAL D 10 1.54 -36.88 57.72
C VAL D 10 0.47 -37.86 58.21
N SER D 11 0.03 -37.66 59.45
CA SER D 11 -1.06 -38.44 60.02
C SER D 11 -2.14 -37.54 60.57
N VAL D 12 -3.40 -37.90 60.29
CA VAL D 12 -4.54 -37.03 60.51
C VAL D 12 -5.74 -37.89 60.88
N SER D 13 -6.58 -37.38 61.79
CA SER D 13 -7.83 -38.05 62.07
C SER D 13 -8.89 -37.68 61.03
N PRO D 14 -9.77 -38.60 60.66
CA PRO D 14 -10.78 -38.31 59.64
C PRO D 14 -11.66 -37.14 60.02
N GLY D 15 -12.05 -36.36 59.00
CA GLY D 15 -12.73 -35.10 59.19
C GLY D 15 -11.84 -33.90 59.42
N GLN D 16 -10.56 -34.11 59.75
CA GLN D 16 -9.62 -33.01 59.79
C GLN D 16 -9.32 -32.49 58.38
N THR D 17 -8.63 -31.35 58.33
CA THR D 17 -8.06 -30.84 57.09
C THR D 17 -6.60 -31.26 56.98
N ALA D 18 -6.25 -31.90 55.88
CA ALA D 18 -4.88 -32.32 55.62
C ALA D 18 -4.13 -31.24 54.85
N ARG D 19 -2.85 -31.08 55.18
CA ARG D 19 -1.96 -30.13 54.51
C ARG D 19 -0.64 -30.81 54.21
N ILE D 20 -0.17 -30.67 52.98
CA ILE D 20 0.96 -31.44 52.47
C ILE D 20 1.94 -30.49 51.79
N PRO D 21 3.07 -30.17 52.43
CA PRO D 21 3.98 -29.18 51.84
C PRO D 21 4.94 -29.80 50.83
N CYS D 22 5.09 -29.11 49.71
CA CYS D 22 6.16 -29.36 48.74
C CYS D 22 7.02 -28.09 48.67
N SER D 23 8.34 -28.25 48.82
CA SER D 23 9.22 -27.10 48.93
C SER D 23 10.49 -27.35 48.13
N GLY D 24 11.00 -26.27 47.52
CA GLY D 24 12.25 -26.33 46.80
C GLY D 24 12.64 -25.02 46.13
N ASP D 25 13.95 -24.83 45.93
CA ASP D 25 14.47 -23.58 45.36
C ASP D 25 13.99 -23.33 43.94
N GLY D 26 13.46 -24.35 43.25
CA GLY D 26 12.87 -24.13 41.95
C GLY D 26 11.45 -23.61 41.97
N LEU D 27 10.70 -23.88 43.04
CA LEU D 27 9.27 -23.62 43.06
C LEU D 27 8.85 -22.15 42.93
N PRO D 28 9.70 -21.15 43.23
CA PRO D 28 9.32 -19.77 42.88
C PRO D 28 9.22 -19.52 41.38
N LYS D 29 9.74 -20.44 40.56
CA LYS D 29 10.01 -20.20 39.16
C LYS D 29 9.46 -21.29 38.25
N LYS D 30 9.10 -22.44 38.79
CA LYS D 30 8.49 -23.54 38.05
C LYS D 30 7.15 -23.89 38.69
N TYR D 31 6.21 -24.35 37.87
CA TYR D 31 4.99 -24.94 38.41
C TYR D 31 5.31 -26.19 39.23
N ALA D 32 4.49 -26.42 40.24
CA ALA D 32 4.54 -27.63 41.06
C ALA D 32 3.21 -28.37 40.94
N HIS D 33 3.19 -29.40 40.10
CA HIS D 33 2.01 -30.22 39.88
C HIS D 33 1.95 -31.33 40.94
N TRP D 34 0.73 -31.82 41.17
CA TRP D 34 0.47 -32.71 42.30
C TRP D 34 -0.17 -34.01 41.83
N TYR D 35 0.15 -35.08 42.57
CA TYR D 35 -0.31 -36.43 42.27
C TYR D 35 -0.67 -37.13 43.57
N GLN D 36 -1.48 -38.18 43.44
CA GLN D 36 -1.86 -39.02 44.56
C GLN D 36 -1.74 -40.47 44.13
N GLN D 37 -1.18 -41.31 45.02
CA GLN D 37 -1.07 -42.74 44.77
C GLN D 37 -1.73 -43.51 45.91
N LYS D 38 -2.84 -44.17 45.61
CA LYS D 38 -3.38 -45.18 46.50
C LYS D 38 -2.45 -46.39 46.53
N ALA D 39 -2.39 -47.05 47.69
CA ALA D 39 -1.32 -47.99 47.98
C ALA D 39 -1.28 -49.11 46.95
N GLY D 40 -0.14 -49.25 46.28
CA GLY D 40 0.04 -50.22 45.22
C GLY D 40 -0.63 -49.89 43.91
N GLN D 41 -1.38 -48.79 43.83
CA GLN D 41 -2.11 -48.43 42.63
C GLN D 41 -1.27 -47.51 41.75
N ALA D 42 -1.74 -47.30 40.53
CA ALA D 42 -1.13 -46.29 39.67
C ALA D 42 -1.44 -44.91 40.22
N PRO D 43 -0.44 -44.02 40.32
CA PRO D 43 -0.72 -42.63 40.73
C PRO D 43 -1.74 -41.95 39.82
N ILE D 44 -2.46 -41.01 40.40
CA ILE D 44 -3.35 -40.11 39.67
C ILE D 44 -2.92 -38.68 39.97
N LEU D 45 -3.08 -37.80 38.99
CA LEU D 45 -2.83 -36.39 39.20
C LEU D 45 -4.00 -35.73 39.94
N LEU D 46 -3.68 -34.98 40.99
CA LEU D 46 -4.66 -34.13 41.66
C LEU D 46 -4.65 -32.69 41.19
N MET D 47 -3.49 -32.14 40.85
CA MET D 47 -3.40 -30.80 40.28
C MET D 47 -2.47 -30.77 39.09
N TYR D 48 -2.84 -29.99 38.07
CA TYR D 48 -2.13 -29.94 36.81
C TYR D 48 -1.55 -28.57 36.55
N LYS D 49 -1.86 -27.60 37.39
CA LYS D 49 -1.08 -26.40 37.67
C LYS D 49 -1.33 -26.07 39.14
N ASP D 50 -0.43 -25.24 39.70
CA ASP D 50 -0.31 -25.13 41.16
C ASP D 50 -1.67 -25.11 41.87
N SER D 51 -2.59 -24.26 41.40
CA SER D 51 -3.92 -24.15 41.97
C SER D 51 -5.01 -24.67 41.04
N GLU D 52 -4.65 -25.31 39.94
CA GLU D 52 -5.61 -25.78 38.94
C GLU D 52 -5.87 -27.27 39.09
N ARG D 53 -7.16 -27.65 39.06
CA ARG D 53 -7.59 -29.00 39.40
C ARG D 53 -8.33 -29.63 38.23
N PRO D 54 -8.07 -30.90 37.94
CA PRO D 54 -8.78 -31.58 36.85
C PRO D 54 -10.27 -31.71 37.14
N SER D 55 -11.03 -31.99 36.09
CA SER D 55 -12.43 -32.39 36.24
C SER D 55 -12.54 -33.68 37.04
N GLY D 56 -13.62 -33.77 37.81
CA GLY D 56 -13.93 -34.94 38.62
C GLY D 56 -13.09 -35.10 39.88
N ILE D 57 -11.85 -34.63 39.86
CA ILE D 57 -11.09 -34.48 41.11
C ILE D 57 -11.83 -33.51 42.02
N PRO D 58 -12.06 -33.85 43.29
CA PRO D 58 -13.09 -33.15 44.05
C PRO D 58 -12.67 -31.76 44.49
N GLU D 59 -13.66 -30.87 44.52
CA GLU D 59 -13.43 -29.45 44.81
C GLU D 59 -12.74 -29.22 46.16
N ARG D 60 -12.85 -30.18 47.09
CA ARG D 60 -12.20 -30.08 48.39
C ARG D 60 -10.69 -30.20 48.33
N PHE D 61 -10.11 -30.44 47.15
CA PHE D 61 -8.66 -30.48 46.98
C PHE D 61 -8.19 -29.16 46.39
N SER D 62 -7.14 -28.58 46.97
CA SER D 62 -6.59 -27.32 46.48
C SER D 62 -5.21 -27.12 47.07
N ALA D 63 -4.53 -26.08 46.58
CA ALA D 63 -3.24 -25.67 47.11
C ALA D 63 -3.02 -24.20 46.76
N PHE D 64 -1.99 -23.60 47.36
CA PHE D 64 -1.67 -22.19 47.11
C PHE D 64 -0.18 -22.00 46.91
N SER D 65 0.16 -21.10 45.99
CA SER D 65 1.54 -20.72 45.71
C SER D 65 2.03 -19.76 46.78
N SER D 66 3.12 -20.12 47.47
CA SER D 66 3.69 -19.21 48.47
C SER D 66 5.21 -19.41 48.50
N GLY D 67 5.92 -18.48 47.88
CA GLY D 67 7.37 -18.52 47.83
C GLY D 67 7.93 -19.83 47.31
N THR D 68 8.88 -20.38 48.05
CA THR D 68 9.51 -21.67 47.73
C THR D 68 8.66 -22.86 48.12
N THR D 69 7.40 -22.66 48.51
CA THR D 69 6.57 -23.76 48.98
C THR D 69 5.19 -23.71 48.31
N VAL D 70 4.64 -24.89 48.06
CA VAL D 70 3.23 -25.08 47.74
C VAL D 70 2.71 -26.18 48.65
N THR D 71 1.54 -25.95 49.26
CA THR D 71 0.99 -26.90 50.22
C THR D 71 -0.35 -27.44 49.71
N MET D 72 -0.36 -28.71 49.33
CA MET D 72 -1.59 -29.38 48.93
C MET D 72 -2.51 -29.52 50.13
N THR D 73 -3.78 -29.21 49.95
CA THR D 73 -4.70 -29.03 51.07
C THR D 73 -6.00 -29.75 50.76
N ILE D 74 -6.52 -30.47 51.74
CA ILE D 74 -7.73 -31.25 51.62
C ILE D 74 -8.66 -30.93 52.78
N SER D 75 -9.92 -30.65 52.48
CA SER D 75 -10.98 -30.63 53.48
C SER D 75 -11.59 -32.01 53.64
N GLY D 76 -11.99 -32.33 54.88
CA GLY D 76 -12.73 -33.54 55.17
C GLY D 76 -11.98 -34.82 54.88
N VAL D 77 -10.74 -34.92 55.38
CA VAL D 77 -9.87 -36.04 55.03
C VAL D 77 -10.53 -37.36 55.42
N GLN D 78 -10.46 -38.33 54.52
CA GLN D 78 -11.21 -39.57 54.68
C GLN D 78 -10.43 -40.71 54.02
N GLU D 79 -10.96 -41.93 54.18
CA GLU D 79 -10.22 -43.15 53.82
C GLU D 79 -9.72 -43.13 52.38
N GLU D 80 -10.48 -42.55 51.45
CA GLU D 80 -10.00 -42.43 50.08
C GLU D 80 -8.79 -41.51 49.95
N ASP D 81 -8.57 -40.63 50.93
CA ASP D 81 -7.43 -39.72 50.93
C ASP D 81 -6.19 -40.31 51.60
N GLU D 82 -6.31 -41.47 52.25
CA GLU D 82 -5.16 -42.15 52.82
C GLU D 82 -4.30 -42.74 51.70
N ALA D 83 -3.27 -41.99 51.30
CA ALA D 83 -2.56 -42.22 50.06
C ALA D 83 -1.22 -41.51 50.14
N ASP D 84 -0.37 -41.78 49.14
CA ASP D 84 0.94 -41.11 49.04
C ASP D 84 0.87 -40.05 47.95
N TYR D 85 1.20 -38.81 48.32
CA TYR D 85 0.95 -37.63 47.50
C TYR D 85 2.28 -37.10 46.97
N TYR D 86 2.45 -37.09 45.66
CA TYR D 86 3.70 -36.72 45.01
C TYR D 86 3.55 -35.38 44.32
N CYS D 87 4.40 -34.41 44.67
CA CYS D 87 4.58 -33.22 43.85
C CYS D 87 5.68 -33.45 42.83
N GLN D 88 5.57 -32.77 41.68
CA GLN D 88 6.61 -32.83 40.67
C GLN D 88 6.67 -31.52 39.92
N SER D 89 7.86 -31.23 39.36
CA SER D 89 8.16 -29.94 38.77
C SER D 89 9.17 -30.16 37.66
N GLY D 90 9.37 -29.12 36.84
CA GLY D 90 10.57 -29.06 36.03
C GLY D 90 11.82 -28.85 36.85
N ASP D 91 12.96 -29.13 36.20
CA ASP D 91 14.23 -28.52 36.57
C ASP D 91 14.44 -27.23 35.79
N SER D 92 15.50 -26.49 36.17
CA SER D 92 15.72 -25.14 35.67
C SER D 92 15.63 -25.07 34.15
N THR D 93 16.17 -26.07 33.46
CA THR D 93 16.26 -26.04 32.00
C THR D 93 14.95 -26.37 31.30
N ASP D 94 13.94 -26.83 32.01
CA ASP D 94 12.74 -27.48 31.48
C ASP D 94 13.02 -28.82 30.80
N THR D 95 14.28 -29.27 30.77
CA THR D 95 14.65 -30.46 30.03
C THR D 95 14.65 -31.72 30.89
N SER D 96 13.91 -31.73 31.99
CA SER D 96 13.72 -32.94 32.80
C SER D 96 12.50 -32.74 33.68
N VAL D 97 11.97 -33.84 34.17
CA VAL D 97 10.91 -33.84 35.19
C VAL D 97 11.51 -34.33 36.51
N ILE D 98 11.25 -33.58 37.58
CA ILE D 98 11.77 -33.88 38.92
C ILE D 98 10.58 -34.23 39.79
N PHE D 99 10.68 -35.33 40.53
CA PHE D 99 9.61 -35.78 41.43
C PHE D 99 9.98 -35.51 42.87
N GLY D 100 9.04 -34.92 43.62
CA GLY D 100 9.13 -34.91 45.06
C GLY D 100 9.01 -36.29 45.67
N GLY D 101 9.49 -36.40 46.91
CA GLY D 101 9.62 -37.69 47.57
C GLY D 101 8.30 -38.36 47.93
N GLY D 102 7.18 -37.65 47.79
CA GLY D 102 5.90 -38.17 48.23
C GLY D 102 5.64 -38.02 49.71
N THR D 103 4.40 -37.67 50.08
CA THR D 103 3.97 -37.64 51.47
C THR D 103 2.87 -38.68 51.66
N LYS D 104 3.13 -39.66 52.51
CA LYS D 104 2.09 -40.60 52.96
C LYS D 104 1.13 -39.88 53.89
N VAL D 105 -0.10 -39.66 53.43
CA VAL D 105 -1.18 -39.25 54.32
C VAL D 105 -1.76 -40.48 55.01
N THR D 106 -1.68 -40.52 56.33
CA THR D 106 -2.24 -41.60 57.13
C THR D 106 -3.49 -41.09 57.84
N VAL D 107 -4.59 -41.83 57.71
CA VAL D 107 -5.89 -41.44 58.24
C VAL D 107 -6.26 -42.42 59.34
N LEU D 108 -6.47 -41.89 60.55
CA LEU D 108 -6.60 -42.73 61.74
C LEU D 108 -7.78 -42.32 62.63
N LEU E 19 -20.39 27.16 -7.97
CA LEU E 19 -21.08 26.02 -8.55
C LEU E 19 -22.40 26.42 -9.20
N LYS E 20 -22.53 26.10 -10.48
CA LYS E 20 -23.75 26.34 -11.23
C LYS E 20 -23.88 25.26 -12.29
N GLU E 21 -25.11 24.97 -12.69
CA GLU E 21 -25.37 23.85 -13.58
C GLU E 21 -26.52 24.17 -14.52
N SER E 22 -26.49 23.56 -15.69
CA SER E 22 -27.54 23.68 -16.69
C SER E 22 -27.83 22.29 -17.24
N TYR E 23 -29.12 21.98 -17.37
CA TYR E 23 -29.55 20.73 -17.98
C TYR E 23 -29.95 21.00 -19.42
N LEU E 24 -29.29 20.31 -20.35
CA LEU E 24 -29.57 20.47 -21.78
C LEU E 24 -30.57 19.39 -22.19
N GLU E 25 -31.85 19.76 -22.16
CA GLU E 25 -32.90 18.81 -22.56
C GLU E 25 -32.67 18.28 -23.96
N GLU E 26 -32.13 19.11 -24.85
CA GLU E 26 -31.94 18.76 -26.25
C GLU E 26 -30.97 17.60 -26.46
N SER E 27 -30.20 17.21 -25.43
CA SER E 27 -29.32 16.04 -25.58
C SER E 27 -29.09 15.31 -24.26
N CYS E 28 -30.10 15.29 -23.38
CA CYS E 28 -30.06 14.59 -22.09
C CYS E 28 -28.70 14.73 -21.41
N SER E 29 -28.23 15.96 -21.34
CA SER E 29 -26.87 16.24 -20.87
C SER E 29 -26.89 17.44 -19.95
N THR E 30 -25.92 17.51 -19.06
CA THR E 30 -25.73 18.66 -18.19
C THR E 30 -24.35 19.25 -18.41
N ILE E 31 -24.26 20.58 -18.33
CA ILE E 31 -23.01 21.29 -18.11
C ILE E 31 -23.05 21.89 -16.71
N THR E 32 -22.05 21.55 -15.90
CA THR E 32 -21.84 22.21 -14.61
C THR E 32 -20.70 23.21 -14.77
N GLU E 33 -21.02 24.50 -14.61
CA GLU E 33 -20.08 25.59 -14.82
C GLU E 33 -19.64 26.17 -13.48
N GLY E 34 -18.86 27.26 -13.56
CA GLY E 34 -18.55 28.08 -12.41
C GLY E 34 -17.44 27.56 -11.52
N TYR E 35 -16.82 26.44 -11.88
CA TYR E 35 -15.59 26.02 -11.20
C TYR E 35 -14.44 26.97 -11.50
N LEU E 36 -13.63 27.24 -10.48
CA LEU E 36 -12.30 27.78 -10.70
C LEU E 36 -11.37 26.67 -11.16
N SER E 37 -10.13 27.04 -11.49
CA SER E 37 -9.20 26.08 -12.06
C SER E 37 -7.89 26.12 -11.29
N VAL E 38 -7.28 24.95 -11.13
CA VAL E 38 -5.86 24.81 -10.84
C VAL E 38 -5.31 23.75 -11.78
N LEU E 39 -4.37 24.12 -12.64
CA LEU E 39 -3.90 23.23 -13.69
C LEU E 39 -2.38 23.26 -13.78
N ARG E 40 -1.77 22.07 -13.76
CA ARG E 40 -0.32 21.92 -13.64
C ARG E 40 0.37 22.26 -14.96
N THR E 41 1.08 23.38 -14.98
CA THR E 41 1.79 23.80 -16.18
C THR E 41 3.25 23.34 -16.19
N GLY E 42 3.84 23.08 -15.04
CA GLY E 42 5.26 22.81 -14.93
C GLY E 42 5.57 21.92 -13.75
N TRP E 43 6.86 21.67 -13.55
CA TRP E 43 7.35 20.95 -12.38
C TRP E 43 8.46 21.74 -11.70
N TYR E 44 8.42 21.75 -10.37
CA TYR E 44 9.52 22.24 -9.56
C TYR E 44 10.23 21.02 -8.95
N THR E 45 11.49 20.82 -9.30
CA THR E 45 12.26 19.73 -8.75
C THR E 45 12.80 20.07 -7.36
N ASN E 46 12.59 19.17 -6.41
CA ASN E 46 13.20 19.22 -5.09
C ASN E 46 14.02 17.95 -4.91
N VAL E 47 15.33 18.11 -4.76
CA VAL E 47 16.25 16.98 -4.70
C VAL E 47 16.74 16.79 -3.27
N PHE E 48 16.58 15.58 -2.75
CA PHE E 48 16.86 15.27 -1.35
C PHE E 48 18.17 14.50 -1.27
N THR E 49 19.11 15.00 -0.48
CA THR E 49 20.27 14.22 -0.07
C THR E 49 19.99 13.66 1.32
N LEU E 50 19.51 12.43 1.37
CA LEU E 50 19.34 11.72 2.63
C LEU E 50 20.67 11.03 2.95
N GLU E 51 21.36 11.54 3.98
CA GLU E 51 22.66 10.98 4.36
C GLU E 51 22.43 9.71 5.16
N VAL E 52 22.58 8.56 4.51
CA VAL E 52 22.55 7.29 5.24
C VAL E 52 23.82 7.07 6.04
N GLY E 53 24.92 7.68 5.63
CA GLY E 53 26.21 7.39 6.22
C GLY E 53 26.79 6.09 5.69
N ASP E 54 28.10 5.93 5.88
CA ASP E 54 28.80 4.74 5.40
C ASP E 54 28.51 3.58 6.36
N VAL E 55 27.35 2.95 6.14
CA VAL E 55 26.93 1.79 6.90
C VAL E 55 27.61 0.52 6.41
N GLU E 56 28.05 0.50 5.14
CA GLU E 56 28.40 -0.75 4.47
C GLU E 56 29.50 -1.53 5.16
N ASN E 57 30.34 -0.88 5.98
CA ASN E 57 31.38 -1.58 6.70
C ASN E 57 31.22 -1.50 8.21
N LEU E 58 30.07 -1.03 8.70
CA LEU E 58 29.77 -1.11 10.12
C LEU E 58 29.49 -2.56 10.49
N THR E 59 30.16 -3.06 11.52
CA THR E 59 30.04 -4.46 11.92
C THR E 59 29.73 -4.59 13.40
N CYS E 60 28.90 -5.57 13.72
CA CYS E 60 28.59 -5.96 15.10
C CYS E 60 29.21 -7.32 15.36
N ALA E 61 30.04 -7.42 16.41
CA ALA E 61 30.79 -8.63 16.68
C ALA E 61 30.21 -9.37 17.88
N ASP E 62 28.88 -9.52 17.91
CA ASP E 62 28.18 -9.65 19.19
C ASP E 62 26.91 -10.50 19.06
N GLY E 63 26.76 -11.28 17.99
CA GLY E 63 25.61 -12.14 17.83
C GLY E 63 24.31 -11.36 17.65
N PRO E 64 23.23 -12.09 17.40
CA PRO E 64 21.98 -11.45 16.99
C PRO E 64 21.47 -10.48 18.06
N SER E 65 21.18 -9.26 17.64
CA SER E 65 20.87 -8.17 18.55
C SER E 65 20.02 -7.14 17.84
N LEU E 66 19.35 -6.30 18.63
CA LEU E 66 18.48 -5.26 18.08
C LEU E 66 19.28 -4.29 17.21
N ILE E 67 20.34 -3.71 17.77
CA ILE E 67 21.16 -2.77 17.01
C ILE E 67 21.77 -3.44 15.79
N LYS E 68 22.18 -4.71 15.93
CA LYS E 68 22.70 -5.46 14.78
C LYS E 68 21.64 -5.59 13.69
N THR E 69 20.43 -6.01 14.05
CA THR E 69 19.43 -6.29 13.02
C THR E 69 18.91 -5.01 12.37
N GLU E 70 18.86 -3.91 13.12
CA GLU E 70 18.61 -2.60 12.50
C GLU E 70 19.74 -2.23 11.55
N LEU E 71 20.99 -2.38 12.00
CA LEU E 71 22.14 -2.07 11.16
C LEU E 71 22.19 -2.96 9.93
N ASP E 72 21.85 -4.24 10.08
CA ASP E 72 21.84 -5.17 8.96
C ASP E 72 20.71 -4.86 7.99
N LEU E 73 19.52 -4.53 8.51
CA LEU E 73 18.47 -4.01 7.65
C LEU E 73 18.91 -2.73 6.94
N THR E 74 19.62 -1.84 7.65
CA THR E 74 20.08 -0.61 7.04
C THR E 74 21.12 -0.88 5.95
N LYS E 75 22.08 -1.76 6.22
CA LYS E 75 23.04 -2.17 5.20
C LYS E 75 22.36 -2.84 4.01
N SER E 76 21.41 -3.75 4.29
CA SER E 76 20.72 -4.46 3.20
C SER E 76 19.91 -3.49 2.35
N ALA E 77 19.15 -2.60 2.99
CA ALA E 77 18.38 -1.59 2.27
C ALA E 77 19.26 -0.77 1.32
N LEU E 78 20.45 -0.40 1.77
CA LEU E 78 21.35 0.37 0.91
C LEU E 78 21.81 -0.45 -0.30
N ARG E 79 22.29 -1.67 -0.06
CA ARG E 79 22.66 -2.54 -1.18
C ARG E 79 21.51 -2.77 -2.13
N GLU E 80 20.30 -2.94 -1.59
CA GLU E 80 19.12 -3.11 -2.44
C GLU E 80 18.87 -1.87 -3.29
N LEU E 81 18.93 -0.69 -2.69
CA LEU E 81 18.69 0.54 -3.43
C LEU E 81 19.74 0.79 -4.49
N ARG E 82 21.00 0.37 -4.26
CA ARG E 82 22.00 0.47 -5.31
C ARG E 82 21.61 -0.32 -6.55
N THR E 83 20.82 -1.39 -6.39
CA THR E 83 20.45 -2.22 -7.52
C THR E 83 19.38 -1.59 -8.40
N VAL E 84 18.44 -0.86 -7.81
CA VAL E 84 17.27 -0.39 -8.54
C VAL E 84 17.61 0.91 -9.26
N SER E 85 17.08 1.06 -10.47
CA SER E 85 17.22 2.31 -11.21
C SER E 85 16.03 2.46 -12.14
N ALA E 86 15.83 3.69 -12.62
CA ALA E 86 14.67 4.05 -13.43
C ALA E 86 14.53 3.15 -14.66
N PHE E 103 -11.89 9.69 -32.31
CA PHE E 103 -10.92 8.86 -31.60
C PHE E 103 -11.25 8.79 -30.11
N VAL E 104 -10.74 7.75 -29.44
CA VAL E 104 -10.87 7.61 -28.00
C VAL E 104 -9.82 8.47 -27.30
N LEU E 105 -10.21 9.69 -26.94
CA LEU E 105 -9.26 10.66 -26.40
C LEU E 105 -8.71 10.25 -25.04
N GLY E 106 -9.41 9.39 -24.31
CA GLY E 106 -9.03 9.10 -22.94
C GLY E 106 -7.72 8.34 -22.83
N ALA E 107 -7.60 7.21 -23.55
CA ALA E 107 -6.39 6.40 -23.50
C ALA E 107 -5.15 7.19 -23.93
N ILE E 108 -5.25 7.92 -25.04
CA ILE E 108 -4.11 8.70 -25.50
C ILE E 108 -3.75 9.80 -24.50
N ALA E 109 -4.75 10.46 -23.90
CA ALA E 109 -4.47 11.47 -22.89
C ALA E 109 -3.80 10.89 -21.66
N CYS E 110 -4.26 9.73 -21.20
CA CYS E 110 -3.58 9.05 -20.09
C CYS E 110 -2.14 8.73 -20.44
N GLY E 111 -1.92 8.18 -21.65
CA GLY E 111 -0.58 7.79 -22.05
C GLY E 111 0.41 8.94 -22.09
N VAL E 112 0.02 10.05 -22.73
CA VAL E 112 0.90 11.21 -22.82
C VAL E 112 1.13 11.86 -21.46
N ALA E 113 0.11 11.91 -20.61
CA ALA E 113 0.25 12.56 -19.31
C ALA E 113 1.32 11.89 -18.45
N THR E 114 1.36 10.56 -18.43
CA THR E 114 2.40 9.87 -17.67
C THR E 114 3.77 9.96 -18.36
N ALA E 115 3.81 9.69 -19.67
CA ALA E 115 5.08 9.70 -20.40
C ALA E 115 5.77 11.05 -20.33
N ALA E 116 5.02 12.14 -20.50
CA ALA E 116 5.61 13.48 -20.41
C ALA E 116 6.09 13.79 -18.99
N ALA E 117 5.31 13.42 -17.98
CA ALA E 117 5.69 13.71 -16.59
C ALA E 117 6.99 13.03 -16.21
N VAL E 118 7.08 11.71 -16.43
CA VAL E 118 8.30 10.98 -16.10
C VAL E 118 9.49 11.45 -16.93
N THR E 119 9.28 11.71 -18.22
CA THR E 119 10.37 12.19 -19.06
C THR E 119 10.85 13.58 -18.64
N ALA E 120 9.96 14.43 -18.15
CA ALA E 120 10.38 15.69 -17.54
C ALA E 120 11.33 15.44 -16.38
N GLY E 121 10.98 14.51 -15.49
CA GLY E 121 11.80 14.27 -14.32
C GLY E 121 13.11 13.56 -14.63
N VAL E 122 13.07 12.58 -15.53
CA VAL E 122 14.28 11.88 -15.95
C VAL E 122 15.29 12.85 -16.57
N ALA E 123 14.79 13.78 -17.40
CA ALA E 123 15.67 14.79 -17.99
C ALA E 123 16.40 15.59 -16.91
N ILE E 124 15.74 15.85 -15.78
CA ILE E 124 16.42 16.49 -14.66
C ILE E 124 17.37 15.51 -13.99
N ALA E 125 16.92 14.27 -13.78
CA ALA E 125 17.77 13.23 -13.20
C ALA E 125 19.07 13.07 -13.98
N LYS E 126 18.99 13.03 -15.31
CA LYS E 126 20.17 12.94 -16.15
C LYS E 126 21.21 14.02 -15.84
N CYS E 127 20.77 15.23 -15.47
CA CYS E 127 21.74 16.27 -15.14
C CYS E 127 22.36 16.05 -13.76
N ILE E 128 21.51 15.90 -12.74
CA ILE E 128 21.97 15.87 -11.36
C ILE E 128 22.72 14.59 -11.01
N ARG E 129 22.56 13.52 -11.80
CA ARG E 129 23.36 12.32 -11.57
C ARG E 129 24.84 12.51 -11.88
N LEU E 130 25.22 13.57 -12.58
CA LEU E 130 26.62 13.76 -12.93
C LEU E 130 27.43 14.15 -11.69
N GLU E 131 28.66 13.63 -11.62
CA GLU E 131 29.52 13.86 -10.46
C GLU E 131 29.75 15.36 -10.23
N SER E 132 29.85 16.13 -11.31
CA SER E 132 29.95 17.59 -11.18
C SER E 132 28.75 18.16 -10.44
N GLU E 133 27.55 17.64 -10.72
CA GLU E 133 26.34 18.13 -10.07
C GLU E 133 26.14 17.55 -8.67
N VAL E 134 26.40 16.24 -8.49
CA VAL E 134 26.31 15.65 -7.16
C VAL E 134 27.24 16.36 -6.19
N THR E 135 28.48 16.62 -6.61
CA THR E 135 29.40 17.35 -5.73
C THR E 135 28.95 18.79 -5.51
N ALA E 136 28.40 19.44 -6.53
CA ALA E 136 27.85 20.79 -6.35
C ALA E 136 26.68 20.81 -5.38
N ILE E 137 25.77 19.84 -5.49
CA ILE E 137 24.61 19.79 -4.60
C ILE E 137 25.05 19.49 -3.17
N LYS E 138 25.88 18.46 -3.00
CA LYS E 138 26.42 18.12 -1.70
C LYS E 138 27.25 19.25 -1.08
N ASN E 139 27.99 19.99 -1.91
CA ASN E 139 28.78 21.10 -1.37
C ASN E 139 27.92 22.24 -0.83
N CYS E 140 26.90 22.67 -1.58
CA CYS E 140 26.04 23.70 -1.03
C CYS E 140 25.26 23.21 0.20
N LEU E 141 24.94 21.92 0.26
CA LEU E 141 24.33 21.32 1.44
C LEU E 141 25.31 21.08 2.59
N LYS E 142 26.60 21.40 2.41
CA LYS E 142 27.60 21.12 3.45
C LYS E 142 27.23 21.75 4.80
N LYS E 143 26.70 22.97 4.79
CA LYS E 143 26.42 23.68 6.04
C LYS E 143 24.99 24.17 6.20
N THR E 144 24.19 24.21 5.14
CA THR E 144 22.81 24.64 5.22
C THR E 144 21.92 23.55 4.63
N ASN E 145 20.94 23.10 5.41
CA ASN E 145 20.10 21.99 4.98
C ASN E 145 19.11 22.37 3.90
N GLU E 146 19.14 23.60 3.40
CA GLU E 146 18.51 23.97 2.14
C GLU E 146 19.49 24.83 1.35
N CYS E 147 19.69 24.49 0.08
CA CYS E 147 20.50 25.33 -0.80
C CYS E 147 19.95 25.28 -2.22
N VAL E 148 19.59 26.45 -2.74
CA VAL E 148 19.22 26.58 -4.14
C VAL E 148 20.48 26.51 -5.01
N SER E 149 20.33 25.92 -6.20
CA SER E 149 21.45 25.80 -7.11
C SER E 149 20.93 25.72 -8.54
N THR E 150 21.81 26.01 -9.49
CA THR E 150 21.52 25.92 -10.91
C THR E 150 22.38 24.81 -11.51
N LEU E 151 21.73 23.81 -12.09
CA LEU E 151 22.45 22.69 -12.68
C LEU E 151 23.27 23.16 -13.88
N GLY E 152 24.28 22.36 -14.23
CA GLY E 152 25.01 22.61 -15.47
C GLY E 152 24.12 22.62 -16.69
N CYS E 153 23.02 21.86 -16.68
CA CYS E 153 22.06 21.90 -17.77
C CYS E 153 21.06 23.04 -17.63
N GLY E 154 21.28 23.97 -16.70
CA GLY E 154 20.56 25.21 -16.65
C GLY E 154 19.27 25.21 -15.86
N VAL E 155 18.71 24.04 -15.54
CA VAL E 155 17.51 24.00 -14.70
C VAL E 155 17.88 24.31 -13.26
N ARG E 156 17.01 25.05 -12.58
CA ARG E 156 17.21 25.46 -11.19
C ARG E 156 16.50 24.50 -10.25
N VAL E 157 17.17 24.16 -9.15
CA VAL E 157 16.69 23.14 -8.23
C VAL E 157 16.96 23.59 -6.80
N LEU E 158 16.01 23.30 -5.91
CA LEU E 158 16.23 23.39 -4.47
C LEU E 158 16.75 22.06 -3.97
N ALA E 159 17.94 22.06 -3.39
CA ALA E 159 18.43 20.90 -2.65
C ALA E 159 18.11 21.01 -1.16
N THR E 160 17.94 19.86 -0.52
CA THR E 160 17.79 19.78 0.92
C THR E 160 18.45 18.49 1.42
N ALA E 161 18.88 18.51 2.68
CA ALA E 161 19.69 17.43 3.25
C ALA E 161 18.93 16.79 4.41
N VAL E 162 18.65 15.49 4.28
CA VAL E 162 18.03 14.73 5.39
C VAL E 162 19.18 14.09 6.16
N ARG E 163 19.81 14.90 7.01
CA ARG E 163 21.03 14.49 7.71
C ARG E 163 20.76 13.61 8.92
N GLU E 164 19.52 13.58 9.41
CA GLU E 164 19.23 13.09 10.75
C GLU E 164 19.65 11.63 10.96
N LEU E 165 19.67 10.83 9.90
CA LEU E 165 20.14 9.46 10.02
C LEU E 165 21.65 9.38 10.19
N LYS E 166 22.40 10.04 9.30
CA LYS E 166 23.85 10.13 9.48
C LYS E 166 24.23 10.80 10.80
N ASP E 167 23.48 11.83 11.20
CA ASP E 167 23.75 12.47 12.48
C ASP E 167 23.58 11.50 13.65
N PHE E 168 22.50 10.72 13.65
CA PHE E 168 22.30 9.74 14.71
C PHE E 168 23.36 8.65 14.67
N VAL E 169 23.64 8.11 13.48
CA VAL E 169 24.68 7.09 13.33
C VAL E 169 26.03 7.62 13.81
N SER E 170 26.45 8.78 13.30
CA SER E 170 27.78 9.29 13.60
C SER E 170 27.90 9.81 15.02
N LYS E 171 27.01 10.71 15.43
CA LYS E 171 27.10 11.23 16.79
C LYS E 171 26.53 10.26 17.82
N ASN E 172 25.25 9.91 17.69
CA ASN E 172 24.55 9.24 18.79
C ASN E 172 24.99 7.78 18.90
N LEU E 173 24.94 7.05 17.79
CA LEU E 173 25.07 5.59 17.81
C LEU E 173 26.52 5.15 17.97
N THR E 174 27.42 5.80 17.23
CA THR E 174 28.84 5.47 17.32
C THR E 174 29.40 5.68 18.72
N ARG E 175 28.94 6.72 19.42
CA ARG E 175 29.36 6.90 20.81
C ARG E 175 28.88 5.75 21.70
N ALA E 176 27.66 5.27 21.47
CA ALA E 176 27.09 4.27 22.39
C ALA E 176 27.69 2.88 22.17
N ILE E 177 27.94 2.51 20.92
CA ILE E 177 28.63 1.25 20.64
C ILE E 177 30.07 1.33 21.13
N ASN E 178 30.54 0.24 21.75
CA ASN E 178 31.93 0.12 22.16
C ASN E 178 32.47 -1.26 21.83
N LYS E 179 33.73 -1.29 21.38
CA LYS E 179 34.42 -2.50 20.95
C LYS E 179 33.56 -3.40 20.05
N ASN E 180 32.89 -2.77 19.08
CA ASN E 180 31.98 -3.41 18.14
C ASN E 180 30.84 -4.18 18.81
N LYS E 181 30.61 -3.97 20.10
CA LYS E 181 29.49 -4.63 20.76
C LYS E 181 28.19 -3.91 20.41
N CYS E 182 27.13 -4.69 20.20
CA CYS E 182 25.85 -4.13 19.80
C CYS E 182 24.67 -4.59 20.62
N ASP E 183 24.79 -5.69 21.38
CA ASP E 183 23.83 -6.02 22.42
C ASP E 183 24.05 -5.16 23.66
N ILE E 184 24.24 -3.86 23.49
CA ILE E 184 24.42 -2.94 24.60
C ILE E 184 23.10 -2.80 25.38
N PRO E 185 23.17 -2.63 26.70
CA PRO E 185 21.95 -2.71 27.52
C PRO E 185 21.08 -1.46 27.46
N ASP E 186 21.62 -0.33 27.01
CA ASP E 186 20.86 0.92 26.91
C ASP E 186 19.93 0.86 25.69
N LEU E 187 18.92 0.00 25.81
CA LEU E 187 18.05 -0.35 24.69
C LEU E 187 17.35 0.86 24.07
N LYS E 188 17.27 1.97 24.80
CA LYS E 188 16.77 3.22 24.21
C LYS E 188 17.47 3.56 22.90
N MET E 189 18.79 3.34 22.85
CA MET E 189 19.53 3.53 21.59
C MET E 189 18.95 2.68 20.47
N ALA E 190 18.69 1.40 20.75
CA ALA E 190 18.24 0.48 19.71
C ALA E 190 16.85 0.86 19.19
N VAL E 191 15.90 1.08 20.10
CA VAL E 191 14.53 1.40 19.68
C VAL E 191 14.45 2.79 19.05
N SER E 192 15.28 3.74 19.50
CA SER E 192 15.35 5.02 18.80
C SER E 192 16.01 4.89 17.43
N PHE E 193 16.99 3.99 17.30
CA PHE E 193 17.54 3.69 15.98
C PHE E 193 16.46 3.18 15.05
N SER E 194 15.62 2.27 15.54
CA SER E 194 14.46 1.75 14.81
C SER E 194 13.40 2.80 14.51
N GLN E 195 13.58 4.02 15.01
CA GLN E 195 12.81 5.18 14.57
C GLN E 195 13.51 5.99 13.49
N PHE E 196 14.75 6.42 13.74
CA PHE E 196 15.44 7.31 12.82
C PHE E 196 15.67 6.69 11.45
N ASN E 197 15.77 5.36 11.37
CA ASN E 197 15.90 4.69 10.08
C ASN E 197 14.58 4.40 9.38
N ARG E 198 13.43 4.70 9.99
CA ARG E 198 12.15 4.39 9.36
C ARG E 198 12.00 5.11 8.02
N ARG E 199 12.38 6.39 7.98
CA ARG E 199 12.23 7.19 6.76
C ARG E 199 13.06 6.62 5.62
N PHE E 200 14.31 6.28 5.90
CA PHE E 200 15.18 5.67 4.89
C PHE E 200 14.59 4.37 4.35
N LEU E 201 14.20 3.45 5.25
CA LEU E 201 13.70 2.15 4.83
C LEU E 201 12.42 2.24 4.02
N ASN E 202 11.50 3.12 4.43
CA ASN E 202 10.28 3.33 3.65
C ASN E 202 10.56 3.87 2.25
N VAL E 203 11.62 4.68 2.10
CA VAL E 203 12.00 5.16 0.77
C VAL E 203 12.60 4.04 -0.09
N VAL E 204 13.41 3.15 0.49
CA VAL E 204 13.91 2.02 -0.29
C VAL E 204 12.77 1.11 -0.75
N ARG E 205 11.77 0.90 0.10
CA ARG E 205 10.54 0.24 -0.33
C ARG E 205 9.91 0.95 -1.52
N GLN E 206 9.60 2.24 -1.37
CA GLN E 206 8.77 2.93 -2.35
C GLN E 206 9.47 3.08 -3.71
N PHE E 207 10.81 3.18 -3.72
CA PHE E 207 11.51 3.12 -5.00
C PHE E 207 11.61 1.70 -5.56
N SER E 208 11.85 0.71 -4.70
CA SER E 208 11.98 -0.66 -5.19
C SER E 208 10.68 -1.16 -5.80
N ASP E 209 9.56 -0.95 -5.10
CA ASP E 209 8.26 -1.40 -5.59
C ASP E 209 7.80 -0.63 -6.82
N ASN E 210 8.44 0.49 -7.15
CA ASN E 210 8.06 1.29 -8.31
C ASN E 210 9.24 1.55 -9.25
N ALA E 211 10.25 0.69 -9.22
CA ALA E 211 11.37 0.73 -10.16
C ALA E 211 11.98 2.12 -10.27
N GLY E 212 12.16 2.78 -9.12
CA GLY E 212 12.78 4.08 -9.07
C GLY E 212 11.90 5.26 -9.42
N ILE E 213 10.62 5.06 -9.74
CA ILE E 213 9.71 6.15 -10.08
C ILE E 213 8.44 5.94 -9.27
N THR E 214 8.33 6.61 -8.12
CA THR E 214 7.19 6.42 -7.25
C THR E 214 5.94 7.08 -7.84
N PRO E 215 4.75 6.54 -7.55
CA PRO E 215 3.53 7.11 -8.14
C PRO E 215 3.02 8.34 -7.39
N ALA E 216 3.44 8.55 -6.15
CA ALA E 216 3.07 9.72 -5.38
C ALA E 216 4.18 10.04 -4.40
N ILE E 217 4.14 11.26 -3.85
CA ILE E 217 5.14 11.72 -2.90
C ILE E 217 4.69 11.25 -1.52
N SER E 218 5.19 10.09 -1.10
CA SER E 218 4.92 9.62 0.26
C SER E 218 5.40 10.63 1.28
N LYS E 219 4.89 10.50 2.51
CA LYS E 219 5.42 11.27 3.62
C LYS E 219 6.89 10.97 3.87
N ASP E 220 7.38 9.83 3.37
CA ASP E 220 8.76 9.41 3.58
C ASP E 220 9.71 10.04 2.57
N LEU E 221 9.24 10.27 1.34
CA LEU E 221 10.04 11.06 0.39
C LEU E 221 10.12 12.52 0.79
N MET E 222 9.02 13.13 1.22
CA MET E 222 9.00 14.56 1.51
C MET E 222 7.97 14.84 2.58
N THR E 223 8.43 15.25 3.76
CA THR E 223 7.54 15.51 4.88
C THR E 223 6.61 16.68 4.55
N ASP E 224 5.48 16.73 5.24
CA ASP E 224 4.58 17.88 5.13
C ASP E 224 5.29 19.18 5.50
N ALA E 225 6.18 19.13 6.50
CA ALA E 225 7.04 20.28 6.78
C ALA E 225 7.90 20.66 5.58
N GLU E 226 8.45 19.67 4.88
CA GLU E 226 9.33 19.94 3.75
C GLU E 226 8.55 20.29 2.49
N LEU E 227 7.34 19.74 2.33
CA LEU E 227 6.46 20.17 1.26
C LEU E 227 6.01 21.62 1.43
N ALA E 228 5.76 22.04 2.67
CA ALA E 228 5.47 23.44 2.94
C ALA E 228 6.67 24.33 2.63
N ARG E 229 7.85 23.93 3.10
CA ARG E 229 9.09 24.60 2.71
C ARG E 229 9.28 24.65 1.20
N ALA E 230 9.07 23.53 0.52
CA ALA E 230 9.24 23.48 -0.94
C ALA E 230 8.30 24.45 -1.66
N ILE E 231 7.05 24.56 -1.20
CA ILE E 231 6.14 25.55 -1.77
C ILE E 231 6.59 26.96 -1.44
N SER E 232 6.92 27.21 -0.17
CA SER E 232 7.37 28.54 0.21
C SER E 232 8.65 28.96 -0.52
N ASN E 233 9.50 28.00 -0.89
CA ASN E 233 10.72 28.32 -1.63
C ASN E 233 10.54 28.31 -3.14
N MET E 234 9.47 27.74 -3.67
CA MET E 234 9.34 27.64 -5.12
C MET E 234 8.99 29.00 -5.72
N PRO E 235 9.39 29.23 -6.98
CA PRO E 235 9.14 30.54 -7.62
C PRO E 235 7.73 30.69 -8.18
N THR E 236 6.78 30.95 -7.28
CA THR E 236 5.39 31.16 -7.63
C THR E 236 4.82 32.28 -6.78
N SER E 237 3.60 32.69 -7.09
CA SER E 237 2.97 33.79 -6.38
C SER E 237 2.57 33.36 -4.97
N ALA E 238 2.58 34.34 -4.06
CA ALA E 238 2.11 34.11 -2.69
C ALA E 238 0.65 33.66 -2.66
N GLY E 239 -0.15 34.07 -3.64
CA GLY E 239 -1.49 33.52 -3.76
C GLY E 239 -1.50 32.03 -4.02
N GLN E 240 -0.79 31.59 -5.07
CA GLN E 240 -0.67 30.16 -5.32
C GLN E 240 -0.03 29.42 -4.16
N ILE E 241 0.92 30.06 -3.46
CA ILE E 241 1.47 29.48 -2.24
C ILE E 241 0.38 29.22 -1.21
N LYS E 242 -0.47 30.22 -0.97
CA LYS E 242 -1.56 30.06 -0.02
C LYS E 242 -2.56 28.99 -0.47
N LEU E 243 -2.88 28.96 -1.76
CA LEU E 243 -3.67 27.85 -2.31
C LEU E 243 -3.00 26.50 -2.06
N MET E 244 -1.72 26.40 -2.41
CA MET E 244 -1.00 25.13 -2.24
C MET E 244 -0.82 24.78 -0.77
N LEU E 245 -0.61 25.79 0.09
CA LEU E 245 -0.60 25.54 1.54
C LEU E 245 -1.98 25.09 2.04
N GLU E 246 -3.04 25.51 1.36
CA GLU E 246 -4.39 25.04 1.71
C GLU E 246 -4.73 23.71 1.07
N ASN E 247 -4.10 23.35 -0.05
CA ASN E 247 -4.41 22.10 -0.71
C ASN E 247 -3.19 21.19 -0.83
N ARG E 248 -2.45 21.05 0.27
CA ARG E 248 -1.16 20.36 0.25
C ARG E 248 -1.29 18.93 -0.26
N ALA E 249 -2.41 18.27 0.02
CA ALA E 249 -2.65 16.93 -0.49
C ALA E 249 -2.70 16.88 -2.01
N MET E 250 -3.21 17.93 -2.66
CA MET E 250 -3.18 17.97 -4.13
C MET E 250 -1.75 18.06 -4.64
N VAL E 251 -0.96 18.98 -4.07
CA VAL E 251 0.45 19.10 -4.43
C VAL E 251 1.14 17.76 -4.28
N ARG E 252 0.87 17.06 -3.18
CA ARG E 252 1.44 15.75 -2.92
C ARG E 252 0.93 14.69 -3.90
N ARG E 253 -0.36 14.74 -4.25
CA ARG E 253 -0.93 13.70 -5.10
C ARG E 253 -0.43 13.80 -6.55
N LYS E 254 -0.36 15.01 -7.09
CA LYS E 254 0.05 15.17 -8.48
C LYS E 254 1.56 15.02 -8.65
N GLY E 255 2.34 15.47 -7.69
CA GLY E 255 3.79 15.26 -7.72
C GLY E 255 4.19 13.82 -7.50
N PHE E 256 5.47 13.55 -7.77
CA PHE E 256 6.02 12.21 -7.72
C PHE E 256 7.52 12.29 -7.54
N GLY E 257 8.10 11.15 -7.14
CA GLY E 257 9.52 11.06 -6.82
C GLY E 257 10.31 10.22 -7.80
N ILE E 258 11.59 10.59 -7.98
CA ILE E 258 12.53 9.85 -8.81
C ILE E 258 13.80 9.60 -8.01
N LEU E 259 14.36 8.39 -8.13
CA LEU E 259 15.65 8.04 -7.55
C LEU E 259 16.78 8.41 -8.49
N ILE E 260 17.75 9.16 -7.98
CA ILE E 260 18.99 9.44 -8.71
C ILE E 260 20.02 8.33 -8.50
N GLY E 261 20.31 8.00 -7.25
CA GLY E 261 21.16 6.86 -6.96
C GLY E 261 21.82 7.02 -5.60
N VAL E 262 22.50 5.95 -5.19
CA VAL E 262 23.46 6.04 -4.09
C VAL E 262 24.76 6.66 -4.59
N TYR E 263 25.17 7.76 -3.96
CA TYR E 263 26.47 8.36 -4.17
C TYR E 263 27.22 8.38 -2.85
N GLY E 264 28.33 7.64 -2.78
CA GLY E 264 29.21 7.66 -1.62
C GLY E 264 28.52 7.43 -0.29
N SER E 265 27.67 6.40 -0.22
CA SER E 265 26.85 6.08 0.95
C SER E 265 25.80 7.14 1.26
N SER E 266 25.45 7.95 0.27
CA SER E 266 24.36 8.92 0.36
C SER E 266 23.39 8.65 -0.76
N VAL E 267 22.10 8.68 -0.46
CA VAL E 267 21.06 8.33 -1.43
C VAL E 267 20.40 9.60 -1.92
N ILE E 268 20.52 9.82 -3.23
CA ILE E 268 20.08 11.05 -3.89
C ILE E 268 18.77 10.77 -4.60
N TYR E 269 17.74 11.54 -4.29
CA TYR E 269 16.45 11.35 -4.95
C TYR E 269 15.78 12.71 -5.07
N MET E 270 15.00 12.86 -6.14
CA MET E 270 14.41 14.15 -6.50
C MET E 270 12.88 14.06 -6.50
N VAL E 271 12.26 15.09 -5.92
CA VAL E 271 10.81 15.22 -5.85
C VAL E 271 10.41 16.35 -6.79
N GLN E 272 9.46 16.07 -7.69
CA GLN E 272 8.86 17.09 -8.54
C GLN E 272 7.53 17.51 -7.93
N LEU E 273 7.46 18.76 -7.46
CA LEU E 273 6.19 19.36 -7.11
C LEU E 273 5.54 19.98 -8.34
N PRO E 274 4.21 19.99 -8.40
CA PRO E 274 3.54 20.66 -9.53
C PRO E 274 3.67 22.17 -9.44
N ILE E 275 3.76 22.80 -10.62
CA ILE E 275 3.65 24.24 -10.77
C ILE E 275 2.34 24.57 -11.50
N PHE E 276 1.46 25.32 -10.85
CA PHE E 276 0.11 25.55 -11.36
C PHE E 276 0.01 26.95 -11.99
N GLY E 277 0.63 27.09 -13.16
CA GLY E 277 0.75 28.40 -13.78
C GLY E 277 -0.49 28.96 -14.45
N VAL E 278 -1.56 28.17 -14.59
CA VAL E 278 -2.89 28.66 -14.93
C VAL E 278 -3.83 28.33 -13.77
N ILE E 279 -4.49 29.35 -13.24
CA ILE E 279 -5.24 29.21 -11.99
C ILE E 279 -6.49 30.11 -12.02
N ASP E 280 -7.56 29.62 -11.39
CA ASP E 280 -8.90 30.21 -11.34
C ASP E 280 -9.46 30.62 -12.71
N THR E 281 -9.02 30.00 -13.79
CA THR E 281 -9.75 30.22 -15.04
C THR E 281 -11.04 29.40 -15.04
N PRO E 282 -11.98 29.72 -15.93
CA PRO E 282 -13.21 28.92 -16.02
C PRO E 282 -12.92 27.46 -16.38
N CYS E 283 -13.56 26.56 -15.63
CA CYS E 283 -13.64 25.15 -15.97
C CYS E 283 -15.06 24.65 -15.83
N TRP E 284 -15.41 23.64 -16.63
CA TRP E 284 -16.73 23.03 -16.53
C TRP E 284 -16.60 21.54 -16.82
N ILE E 285 -17.52 20.76 -16.24
CA ILE E 285 -17.66 19.34 -16.53
C ILE E 285 -18.94 19.12 -17.32
N VAL E 286 -18.81 18.49 -18.48
CA VAL E 286 -19.94 18.05 -19.29
C VAL E 286 -20.23 16.59 -18.98
N LYS E 287 -21.50 16.27 -18.75
CA LYS E 287 -21.95 14.93 -18.42
C LYS E 287 -23.26 14.67 -19.14
N ALA E 288 -23.55 13.39 -19.40
CA ALA E 288 -24.71 13.05 -20.21
C ALA E 288 -25.18 11.65 -19.87
N ALA E 289 -26.40 11.35 -20.31
CA ALA E 289 -26.99 10.02 -20.20
C ALA E 289 -27.74 9.75 -21.50
N PRO E 290 -28.06 8.47 -21.78
CA PRO E 290 -28.69 8.15 -23.07
C PRO E 290 -30.02 8.86 -23.31
N SER E 291 -30.01 9.80 -24.25
CA SER E 291 -31.24 10.32 -24.86
C SER E 291 -31.82 9.28 -25.81
N CYS E 292 -33.00 8.76 -25.49
CA CYS E 292 -33.69 7.84 -26.38
C CYS E 292 -35.14 8.28 -26.56
N SER E 293 -35.75 7.82 -27.65
CA SER E 293 -37.19 7.89 -27.79
C SER E 293 -37.68 6.71 -28.62
N GLU E 294 -38.95 6.36 -28.41
CA GLU E 294 -39.60 5.28 -29.15
C GLU E 294 -40.04 5.74 -30.54
N LYS E 295 -39.15 6.39 -31.28
CA LYS E 295 -39.55 7.15 -32.46
C LYS E 295 -40.27 6.30 -33.50
N LYS E 296 -40.00 4.99 -33.53
CA LYS E 296 -40.71 4.09 -34.43
C LYS E 296 -41.26 2.87 -33.70
N GLY E 297 -41.55 3.01 -32.41
CA GLY E 297 -41.82 1.84 -31.58
C GLY E 297 -40.60 1.05 -31.18
N ASN E 298 -39.72 0.75 -32.13
CA ASN E 298 -38.32 0.50 -31.80
C ASN E 298 -37.65 1.78 -31.35
N TYR E 299 -36.60 1.64 -30.55
CA TYR E 299 -35.91 2.79 -30.01
C TYR E 299 -34.89 3.35 -31.00
N ALA E 300 -34.48 4.59 -30.74
CA ALA E 300 -33.18 5.12 -31.13
C ALA E 300 -32.59 5.83 -29.92
N CYS E 301 -31.27 5.80 -29.80
CA CYS E 301 -30.61 6.40 -28.66
C CYS E 301 -29.41 7.22 -29.09
N LEU E 302 -28.99 8.12 -28.21
CA LEU E 302 -27.81 8.94 -28.40
C LEU E 302 -27.13 9.15 -27.05
N LEU E 303 -25.79 9.15 -27.06
CA LEU E 303 -25.02 9.55 -25.90
C LEU E 303 -23.90 10.47 -26.37
N ARG E 304 -23.74 11.60 -25.70
CA ARG E 304 -22.58 12.46 -25.95
C ARG E 304 -21.31 11.77 -25.47
N GLU E 305 -20.29 11.73 -26.33
CA GLU E 305 -19.02 11.10 -26.01
C GLU E 305 -18.00 12.09 -25.45
N ASP E 306 -18.26 13.39 -25.57
CA ASP E 306 -17.34 14.44 -25.16
C ASP E 306 -17.38 14.72 -23.66
N GLN E 307 -17.82 13.76 -22.86
CA GLN E 307 -18.05 13.99 -21.44
C GLN E 307 -16.73 14.26 -20.72
N GLY E 308 -16.84 14.93 -19.58
CA GLY E 308 -15.70 15.24 -18.75
C GLY E 308 -15.39 16.72 -18.67
N TRP E 309 -14.16 17.01 -18.24
CA TRP E 309 -13.76 18.36 -17.86
C TRP E 309 -13.21 19.15 -19.04
N TYR E 310 -13.70 20.36 -19.21
CA TYR E 310 -13.18 21.34 -20.15
C TYR E 310 -12.72 22.57 -19.38
N CYS E 311 -11.62 23.17 -19.81
CA CYS E 311 -11.10 24.37 -19.17
C CYS E 311 -10.59 25.36 -20.21
N GLN E 312 -10.74 26.64 -19.88
CA GLN E 312 -10.13 27.73 -20.62
C GLN E 312 -8.67 27.87 -20.18
N ASN E 313 -7.74 27.61 -21.10
CA ASN E 313 -6.34 27.44 -20.72
C ASN E 313 -5.50 28.60 -21.24
N ALA E 314 -5.94 29.83 -20.97
CA ALA E 314 -5.33 31.05 -21.48
C ALA E 314 -5.30 31.07 -23.01
N GLY E 315 -6.51 31.21 -23.58
CA GLY E 315 -6.67 31.52 -24.98
C GLY E 315 -7.11 30.37 -25.85
N SER E 316 -7.27 29.17 -25.29
CA SER E 316 -8.01 28.11 -25.95
C SER E 316 -8.65 27.22 -24.90
N THR E 317 -9.75 26.58 -25.28
CA THR E 317 -10.34 25.55 -24.45
C THR E 317 -9.48 24.29 -24.51
N VAL E 318 -9.31 23.65 -23.36
CA VAL E 318 -8.64 22.36 -23.28
C VAL E 318 -9.59 21.35 -22.65
N TYR E 319 -9.58 20.13 -23.21
CA TYR E 319 -10.43 19.05 -22.77
C TYR E 319 -9.58 17.99 -22.07
N TYR E 320 -10.03 17.53 -20.91
CA TYR E 320 -9.27 16.58 -20.09
C TYR E 320 -9.99 15.25 -20.04
N PRO E 321 -9.83 14.39 -21.06
CA PRO E 321 -10.67 13.19 -21.14
C PRO E 321 -10.23 12.05 -20.24
N CYS E 322 -8.97 11.99 -19.83
CA CYS E 322 -8.48 10.86 -19.04
C CYS E 322 -9.01 10.96 -17.61
N GLU E 323 -9.57 9.86 -17.11
CA GLU E 323 -10.24 9.85 -15.81
C GLU E 323 -9.30 10.17 -14.65
N LYS E 324 -7.99 9.92 -14.81
CA LYS E 324 -7.04 10.26 -13.77
C LYS E 324 -6.65 11.74 -13.76
N ASP E 325 -6.98 12.49 -14.81
CA ASP E 325 -6.54 13.87 -14.92
C ASP E 325 -7.08 14.75 -13.81
N CYS E 326 -8.38 14.96 -13.80
CA CYS E 326 -9.01 16.02 -13.02
C CYS E 326 -9.65 15.47 -11.74
N GLU E 327 -9.56 16.24 -10.67
CA GLU E 327 -10.37 16.04 -9.48
C GLU E 327 -10.66 17.39 -8.84
N THR E 328 -11.73 17.45 -8.06
CA THR E 328 -12.19 18.69 -7.45
C THR E 328 -12.00 18.64 -5.94
N ARG E 329 -11.27 19.61 -5.40
CA ARG E 329 -11.37 19.99 -3.99
C ARG E 329 -11.99 21.37 -3.90
N GLY E 330 -13.17 21.45 -3.26
CA GLY E 330 -13.93 22.68 -3.28
C GLY E 330 -14.38 23.05 -4.68
N ASP E 331 -14.42 24.36 -4.95
CA ASP E 331 -14.82 24.89 -6.24
C ASP E 331 -13.71 24.81 -7.28
N HIS E 332 -12.51 24.40 -6.90
CA HIS E 332 -11.43 24.18 -7.84
C HIS E 332 -11.55 22.79 -8.46
N VAL E 333 -11.18 22.68 -9.74
CA VAL E 333 -10.78 21.41 -10.33
C VAL E 333 -9.27 21.45 -10.57
N PHE E 334 -8.60 20.37 -10.18
CA PHE E 334 -7.15 20.23 -10.32
C PHE E 334 -6.85 19.25 -11.45
N CYS E 335 -6.17 19.74 -12.48
CA CYS E 335 -5.93 18.95 -13.68
C CYS E 335 -4.48 19.14 -14.12
N ASP E 336 -4.05 18.31 -15.08
CA ASP E 336 -2.67 18.33 -15.54
C ASP E 336 -2.64 18.70 -17.01
N THR E 337 -2.02 19.83 -17.33
CA THR E 337 -2.10 20.38 -18.69
C THR E 337 -1.38 19.55 -19.73
N ALA E 338 -0.51 18.61 -19.32
CA ALA E 338 0.08 17.68 -20.28
C ALA E 338 -0.94 16.73 -20.86
N ALA E 339 -1.97 16.37 -20.09
CA ALA E 339 -2.98 15.44 -20.57
C ALA E 339 -3.93 16.10 -21.57
N GLY E 340 -4.14 17.41 -21.44
CA GLY E 340 -5.31 18.03 -22.04
C GLY E 340 -5.21 18.10 -23.55
N ILE E 341 -6.15 17.46 -24.25
CA ILE E 341 -6.31 17.63 -25.68
C ILE E 341 -6.88 19.03 -25.93
N ASN E 342 -6.09 19.89 -26.58
CA ASN E 342 -6.57 21.22 -26.91
C ASN E 342 -7.65 21.14 -27.98
N VAL E 343 -8.81 21.74 -27.68
CA VAL E 343 -10.01 21.60 -28.49
C VAL E 343 -10.58 22.98 -28.77
N ALA E 344 -11.01 23.20 -30.01
CA ALA E 344 -11.37 24.54 -30.47
C ALA E 344 -12.45 25.16 -29.59
N GLU E 345 -12.39 26.48 -29.46
CA GLU E 345 -13.38 27.20 -28.65
C GLU E 345 -14.80 27.00 -29.17
N GLN E 346 -14.94 26.75 -30.48
CA GLN E 346 -16.23 26.39 -31.07
C GLN E 346 -16.85 25.15 -30.44
N SER E 347 -16.05 24.28 -29.81
CA SER E 347 -16.56 23.02 -29.28
C SER E 347 -17.61 23.22 -28.18
N LYS E 348 -17.60 24.35 -27.48
CA LYS E 348 -18.68 24.62 -26.53
C LYS E 348 -20.04 24.75 -27.21
N GLU E 349 -20.08 24.98 -28.52
CA GLU E 349 -21.36 25.10 -29.21
C GLU E 349 -22.14 23.79 -29.21
N CYS E 350 -21.49 22.66 -28.92
CA CYS E 350 -22.22 21.42 -28.64
C CYS E 350 -23.10 21.56 -27.41
N ASN E 351 -22.70 22.37 -26.44
CA ASN E 351 -23.58 22.63 -25.31
C ASN E 351 -24.71 23.60 -25.66
N ILE E 352 -24.41 24.66 -26.40
CA ILE E 352 -25.44 25.66 -26.69
C ILE E 352 -26.42 25.15 -27.73
N ASN E 353 -25.95 24.57 -28.83
CA ASN E 353 -26.83 24.13 -29.91
C ASN E 353 -26.24 22.96 -30.69
N ILE E 354 -25.93 21.84 -30.02
CA ILE E 354 -25.72 20.58 -30.74
C ILE E 354 -26.88 20.27 -31.67
N SER E 355 -28.08 20.76 -31.33
CA SER E 355 -29.23 20.71 -32.23
C SER E 355 -28.98 21.37 -33.58
N THR E 356 -28.05 22.32 -33.68
CA THR E 356 -27.81 23.00 -34.95
C THR E 356 -26.34 23.21 -35.31
N THR E 357 -25.40 22.96 -34.40
CA THR E 357 -24.03 23.39 -34.59
C THR E 357 -23.39 22.68 -35.78
N ASN E 358 -22.51 23.40 -36.48
CA ASN E 358 -21.68 22.83 -37.53
C ASN E 358 -20.44 22.13 -36.98
N TYR E 359 -20.12 22.29 -35.70
CA TYR E 359 -19.06 21.52 -35.10
C TYR E 359 -19.45 20.05 -35.02
N PRO E 360 -18.53 19.13 -35.32
CA PRO E 360 -18.78 17.68 -35.26
C PRO E 360 -18.78 17.09 -33.85
N CYS E 361 -19.88 17.32 -33.14
CA CYS E 361 -20.01 16.87 -31.75
C CYS E 361 -19.92 15.34 -31.70
N LYS E 362 -18.91 14.84 -30.97
CA LYS E 362 -18.69 13.40 -30.90
C LYS E 362 -19.73 12.71 -30.03
N VAL E 363 -20.44 11.74 -30.62
CA VAL E 363 -21.59 11.09 -30.00
C VAL E 363 -21.50 9.59 -30.28
N SER E 364 -22.27 8.81 -29.52
CA SER E 364 -22.60 7.44 -29.90
C SER E 364 -24.10 7.30 -30.03
N CYS E 365 -24.53 6.39 -30.92
CA CYS E 365 -25.95 6.17 -31.11
C CYS E 365 -26.21 4.71 -31.48
N GLY E 366 -27.47 4.31 -31.34
CA GLY E 366 -27.89 2.97 -31.72
C GLY E 366 -29.14 2.54 -30.98
N ARG E 367 -29.64 1.37 -31.38
CA ARG E 367 -30.73 0.69 -30.70
C ARG E 367 -30.20 -0.02 -29.45
N HIS E 368 -30.13 0.73 -28.35
CA HIS E 368 -29.58 0.25 -27.10
C HIS E 368 -30.11 1.10 -25.95
N PRO E 369 -31.42 1.14 -25.71
CA PRO E 369 -31.93 1.89 -24.55
C PRO E 369 -31.40 1.35 -23.24
N ILE E 370 -30.63 2.19 -22.54
CA ILE E 370 -30.10 1.90 -21.22
C ILE E 370 -30.79 2.79 -20.20
N SER E 371 -31.16 2.21 -19.07
CA SER E 371 -31.74 2.97 -17.96
C SER E 371 -30.70 3.12 -16.86
N MET E 372 -30.45 4.35 -16.45
CA MET E 372 -29.31 4.66 -15.59
C MET E 372 -29.53 6.02 -14.97
N VAL E 373 -28.64 6.38 -14.04
CA VAL E 373 -28.55 7.74 -13.53
C VAL E 373 -27.10 8.22 -13.64
N ALA E 374 -26.94 9.52 -13.90
CA ALA E 374 -25.65 10.17 -13.85
C ALA E 374 -25.72 11.30 -12.82
N LEU E 375 -24.92 11.18 -11.76
CA LEU E 375 -25.03 12.03 -10.58
C LEU E 375 -24.25 13.34 -10.78
N SER E 376 -24.68 14.13 -11.74
CA SER E 376 -24.09 15.46 -11.90
C SER E 376 -24.29 16.28 -10.63
N PRO E 377 -23.32 17.11 -10.25
CA PRO E 377 -23.21 17.52 -8.84
C PRO E 377 -24.37 18.35 -8.33
N LEU E 378 -25.09 19.05 -9.19
CA LEU E 378 -26.28 19.79 -8.78
C LEU E 378 -27.58 19.11 -9.20
N GLY E 379 -27.52 18.00 -9.93
CA GLY E 379 -28.70 17.19 -10.13
C GLY E 379 -28.41 15.88 -10.85
N ALA E 380 -29.07 14.82 -10.43
CA ALA E 380 -28.98 13.55 -11.14
C ALA E 380 -29.69 13.63 -12.49
N LEU E 381 -28.99 13.27 -13.55
CA LEU E 381 -29.65 12.89 -14.78
C LEU E 381 -30.28 11.51 -14.59
N VAL E 382 -31.42 11.29 -15.25
CA VAL E 382 -32.08 9.99 -15.26
C VAL E 382 -32.43 9.61 -16.69
N ALA E 383 -32.22 8.34 -17.02
CA ALA E 383 -32.73 7.72 -18.24
C ALA E 383 -33.65 6.58 -17.82
N CYS E 384 -34.88 6.58 -18.35
CA CYS E 384 -35.93 5.72 -17.83
C CYS E 384 -36.76 5.19 -18.99
N TYR E 385 -36.51 3.94 -19.38
CA TYR E 385 -37.09 3.43 -20.62
C TYR E 385 -37.87 2.14 -20.37
N LYS E 386 -38.18 1.42 -21.45
CA LYS E 386 -39.11 0.29 -21.40
C LYS E 386 -38.75 -0.69 -20.30
N GLY E 387 -39.78 -1.23 -19.65
CA GLY E 387 -39.65 -2.30 -18.68
C GLY E 387 -39.12 -1.92 -17.32
N VAL E 388 -38.62 -0.70 -17.15
CA VAL E 388 -37.94 -0.30 -15.91
C VAL E 388 -38.79 0.77 -15.23
N SER E 389 -39.27 0.46 -14.03
CA SER E 389 -39.99 1.44 -13.22
C SER E 389 -39.03 2.41 -12.56
N CYS E 390 -39.41 3.68 -12.52
CA CYS E 390 -38.55 4.74 -12.03
C CYS E 390 -39.30 5.63 -11.04
N SER E 391 -38.62 6.03 -9.97
CA SER E 391 -39.24 6.87 -8.96
C SER E 391 -38.20 7.76 -8.30
N ILE E 392 -38.68 8.79 -7.62
CA ILE E 392 -37.87 9.67 -6.79
C ILE E 392 -38.51 9.75 -5.42
N GLY E 393 -37.69 9.94 -4.39
CA GLY E 393 -38.21 9.95 -3.04
C GLY E 393 -37.48 10.92 -2.14
N SER E 394 -37.99 11.04 -0.91
CA SER E 394 -37.32 11.76 0.16
C SER E 394 -37.25 10.89 1.40
N ASN E 395 -36.33 11.27 2.30
CA ASN E 395 -36.21 10.59 3.60
C ASN E 395 -37.49 10.67 4.42
N ARG E 396 -38.30 11.71 4.24
CA ARG E 396 -39.58 11.83 4.93
C ARG E 396 -40.76 11.39 4.07
N VAL E 397 -40.93 11.98 2.89
CA VAL E 397 -42.21 11.94 2.20
C VAL E 397 -42.45 10.64 1.45
N GLY E 398 -41.44 9.76 1.37
CA GLY E 398 -41.55 8.58 0.53
C GLY E 398 -41.39 8.93 -0.94
N ILE E 399 -42.13 8.20 -1.78
CA ILE E 399 -42.09 8.47 -3.22
C ILE E 399 -42.68 9.84 -3.48
N ILE E 400 -41.88 10.75 -4.06
CA ILE E 400 -42.39 12.02 -4.52
C ILE E 400 -43.21 11.85 -5.80
N LYS E 401 -42.66 11.12 -6.76
CA LYS E 401 -43.28 10.99 -8.07
C LYS E 401 -42.74 9.74 -8.75
N GLN E 402 -43.56 9.14 -9.60
CA GLN E 402 -43.07 8.18 -10.59
C GLN E 402 -42.58 8.92 -11.81
N LEU E 403 -41.30 8.76 -12.14
CA LEU E 403 -40.73 9.47 -13.28
C LEU E 403 -41.34 8.99 -14.59
N ASN E 404 -41.46 9.92 -15.53
CA ASN E 404 -41.98 9.58 -16.84
C ASN E 404 -40.96 8.78 -17.65
N LYS E 405 -41.45 8.16 -18.72
CA LYS E 405 -40.56 7.61 -19.74
C LYS E 405 -39.80 8.74 -20.45
N GLY E 406 -38.52 8.52 -20.69
CA GLY E 406 -37.68 9.54 -21.27
C GLY E 406 -36.48 9.87 -20.40
N CYS E 407 -35.79 10.93 -20.80
CA CYS E 407 -34.76 11.56 -19.97
C CYS E 407 -35.40 12.45 -18.91
N SER E 408 -34.71 12.58 -17.77
CA SER E 408 -35.17 13.44 -16.70
C SER E 408 -33.96 14.00 -15.95
N TYR E 409 -34.16 15.17 -15.34
CA TYR E 409 -33.13 15.86 -14.58
C TYR E 409 -33.68 16.23 -13.21
N ILE E 410 -33.26 15.47 -12.19
CA ILE E 410 -33.78 15.61 -10.83
C ILE E 410 -32.78 16.42 -10.03
N THR E 411 -33.14 17.66 -9.70
CA THR E 411 -32.22 18.54 -9.00
C THR E 411 -32.01 18.06 -7.56
N ASN E 412 -30.92 18.53 -6.95
CA ASN E 412 -30.64 18.25 -5.55
C ASN E 412 -31.77 18.69 -4.62
N GLN E 413 -32.65 19.59 -5.07
CA GLN E 413 -33.77 20.08 -4.27
C GLN E 413 -35.10 19.44 -4.63
N ASP E 414 -35.20 18.80 -5.79
CA ASP E 414 -36.40 18.03 -6.12
C ASP E 414 -36.52 16.78 -5.26
N ALA E 415 -35.39 16.13 -4.94
CA ALA E 415 -35.44 14.83 -4.28
C ALA E 415 -34.20 14.65 -3.43
N ASP E 416 -34.25 13.64 -2.56
CA ASP E 416 -33.05 13.07 -1.94
C ASP E 416 -32.60 11.77 -2.61
N THR E 417 -33.53 10.94 -3.07
CA THR E 417 -33.17 9.70 -3.73
C THR E 417 -33.88 9.62 -5.08
N VAL E 418 -33.26 8.88 -6.01
CA VAL E 418 -33.88 8.43 -7.24
C VAL E 418 -33.74 6.91 -7.31
N THR E 419 -34.76 6.25 -7.84
CA THR E 419 -34.76 4.80 -7.93
C THR E 419 -35.00 4.36 -9.37
N ILE E 420 -34.22 3.38 -9.81
CA ILE E 420 -34.35 2.79 -11.14
C ILE E 420 -34.41 1.28 -10.98
N ASP E 421 -35.41 0.66 -11.63
CA ASP E 421 -35.75 -0.74 -11.35
C ASP E 421 -36.06 -0.83 -9.86
N ASN E 422 -35.14 -1.42 -9.08
CA ASN E 422 -35.27 -1.49 -7.63
C ASN E 422 -34.02 -0.97 -6.94
N THR E 423 -33.08 -0.40 -7.70
CA THR E 423 -31.91 0.24 -7.12
C THR E 423 -32.31 1.56 -6.45
N VAL E 424 -31.55 1.94 -5.43
CA VAL E 424 -31.64 3.26 -4.84
C VAL E 424 -30.35 4.01 -5.11
N TYR E 425 -30.46 5.19 -5.71
CA TYR E 425 -29.34 6.11 -5.88
C TYR E 425 -29.57 7.35 -5.03
N GLN E 426 -28.65 7.61 -4.11
CA GLN E 426 -28.71 8.82 -3.29
C GLN E 426 -28.20 10.01 -4.11
N LEU E 427 -29.02 11.04 -4.24
CA LEU E 427 -28.59 12.26 -4.92
C LEU E 427 -27.63 13.07 -4.05
N SER E 428 -26.87 13.93 -4.72
CA SER E 428 -26.05 14.92 -4.05
C SER E 428 -26.93 15.96 -3.35
N LYS E 429 -26.42 16.50 -2.25
CA LYS E 429 -27.13 17.53 -1.49
C LYS E 429 -26.42 18.88 -1.58
N VAL E 430 -25.59 19.07 -2.60
CA VAL E 430 -24.91 20.35 -2.82
C VAL E 430 -25.93 21.40 -3.25
N GLU E 431 -25.89 22.56 -2.62
CA GLU E 431 -26.72 23.69 -3.03
C GLU E 431 -26.05 24.44 -4.18
N GLY E 432 -26.87 24.89 -5.12
CA GLY E 432 -26.38 25.66 -6.25
C GLY E 432 -27.44 25.94 -7.31
N GLU E 433 -27.20 26.95 -8.14
CA GLU E 433 -28.16 27.31 -9.17
C GLU E 433 -28.23 26.24 -10.26
N GLN E 434 -29.45 25.95 -10.70
CA GLN E 434 -29.69 25.05 -11.83
C GLN E 434 -30.62 25.71 -12.84
N HIS E 435 -30.42 25.38 -14.11
CA HIS E 435 -31.30 25.80 -15.19
C HIS E 435 -31.60 24.61 -16.09
N VAL E 436 -32.68 24.73 -16.84
CA VAL E 436 -32.96 23.83 -17.96
C VAL E 436 -32.95 24.63 -19.25
N ILE E 437 -32.09 24.22 -20.18
CA ILE E 437 -32.22 24.62 -21.58
C ILE E 437 -33.24 23.70 -22.24
N LYS E 438 -34.31 24.28 -22.78
CA LYS E 438 -35.35 23.48 -23.38
C LYS E 438 -35.03 23.12 -24.83
N GLY E 439 -35.52 21.95 -25.26
CA GLY E 439 -35.49 21.55 -26.65
C GLY E 439 -35.72 20.06 -26.82
N ARG E 440 -36.58 19.69 -27.77
CA ARG E 440 -36.93 18.30 -27.96
C ARG E 440 -35.70 17.45 -28.27
N PRO E 441 -35.38 16.45 -27.45
CA PRO E 441 -34.06 15.81 -27.51
C PRO E 441 -33.70 15.31 -28.91
N VAL E 442 -32.39 15.34 -29.21
CA VAL E 442 -31.92 15.03 -30.56
C VAL E 442 -32.43 13.68 -31.03
N SER E 443 -32.49 12.71 -30.12
CA SER E 443 -33.01 11.38 -30.43
C SER E 443 -34.47 11.42 -30.85
N SER E 444 -35.18 12.50 -30.57
CA SER E 444 -36.59 12.65 -30.89
C SER E 444 -36.84 13.61 -32.04
N SER E 445 -35.95 14.57 -32.27
CA SER E 445 -36.13 15.58 -33.31
C SER E 445 -35.43 15.25 -34.62
N PHE E 446 -34.59 14.21 -34.64
CA PHE E 446 -34.02 13.71 -35.90
C PHE E 446 -34.38 12.25 -36.09
N ASP E 447 -34.56 11.86 -37.34
CA ASP E 447 -34.64 10.45 -37.71
C ASP E 447 -33.25 9.82 -37.71
N PRO E 448 -33.09 8.63 -37.13
CA PRO E 448 -31.78 7.97 -37.16
C PRO E 448 -31.44 7.49 -38.56
N VAL E 449 -30.13 7.44 -38.85
CA VAL E 449 -29.68 6.89 -40.13
C VAL E 449 -29.98 5.40 -40.17
N LYS E 450 -30.62 4.95 -41.25
CA LYS E 450 -31.14 3.59 -41.31
C LYS E 450 -30.01 2.55 -41.26
N PHE E 451 -28.85 2.87 -41.83
CA PHE E 451 -27.69 1.99 -41.76
C PHE E 451 -26.42 2.83 -41.87
N PRO E 452 -25.34 2.43 -41.19
CA PRO E 452 -25.34 1.62 -39.97
C PRO E 452 -25.95 2.34 -38.78
N GLN E 453 -26.96 1.72 -38.16
CA GLN E 453 -27.71 2.41 -37.11
C GLN E 453 -26.96 2.44 -35.79
N ASP E 454 -26.15 1.43 -35.51
CA ASP E 454 -25.20 1.49 -34.40
C ASP E 454 -23.87 2.06 -34.87
N GLN E 455 -23.35 3.02 -34.12
CA GLN E 455 -22.03 3.59 -34.36
C GLN E 455 -21.42 3.99 -33.03
N PHE E 456 -20.11 3.86 -32.92
CA PHE E 456 -19.37 4.27 -31.72
C PHE E 456 -18.56 5.52 -31.99
N ASN E 457 -18.73 6.52 -31.13
CA ASN E 457 -17.87 7.71 -31.07
C ASN E 457 -17.80 8.43 -32.42
N VAL E 458 -18.94 8.61 -33.08
CA VAL E 458 -18.99 9.32 -34.34
C VAL E 458 -19.49 10.74 -34.09
N ALA E 459 -19.28 11.60 -35.07
CA ALA E 459 -19.96 12.88 -35.09
C ALA E 459 -21.44 12.71 -35.40
N LEU E 460 -22.26 13.60 -34.81
CA LEU E 460 -23.70 13.50 -34.97
C LEU E 460 -24.10 13.53 -36.44
N ASP E 461 -23.36 14.31 -37.26
CA ASP E 461 -23.63 14.43 -38.68
C ASP E 461 -23.65 13.07 -39.38
N GLN E 462 -22.94 12.09 -38.83
CA GLN E 462 -22.88 10.75 -39.41
C GLN E 462 -24.05 9.86 -39.00
N CYS E 463 -24.85 10.28 -38.02
CA CYS E 463 -25.61 9.32 -37.22
C CYS E 463 -27.09 9.68 -37.24
N PHE E 464 -27.40 10.97 -37.33
CA PHE E 464 -28.77 11.42 -37.57
C PHE E 464 -28.83 12.31 -38.81
N LEU F 19 -22.01 -25.98 -10.01
CA LEU F 19 -21.72 -25.19 -11.20
C LEU F 19 -22.01 -25.98 -12.47
N LYS F 20 -22.63 -25.31 -13.44
CA LYS F 20 -22.97 -25.92 -14.72
C LYS F 20 -22.67 -24.93 -15.83
N GLU F 21 -22.19 -25.44 -16.96
CA GLU F 21 -21.71 -24.59 -18.04
C GLU F 21 -22.23 -25.12 -19.37
N SER F 22 -22.73 -24.21 -20.20
CA SER F 22 -23.17 -24.53 -21.55
C SER F 22 -22.24 -23.87 -22.55
N TYR F 23 -21.76 -24.64 -23.52
CA TYR F 23 -20.95 -24.12 -24.62
C TYR F 23 -21.84 -23.94 -25.84
N LEU F 24 -21.94 -22.69 -26.31
CA LEU F 24 -22.80 -22.35 -27.44
C LEU F 24 -21.95 -22.35 -28.70
N GLU F 25 -22.07 -23.41 -29.51
CA GLU F 25 -21.42 -23.46 -30.80
C GLU F 25 -21.86 -22.29 -31.70
N GLU F 26 -23.11 -21.85 -31.53
CA GLU F 26 -23.65 -20.75 -32.33
C GLU F 26 -22.75 -19.52 -32.34
N SER F 27 -21.99 -19.27 -31.28
CA SER F 27 -21.30 -17.99 -31.17
C SER F 27 -19.97 -18.10 -30.44
N CYS F 28 -19.36 -19.28 -30.44
CA CYS F 28 -18.12 -19.58 -29.70
C CYS F 28 -18.12 -18.91 -28.33
N SER F 29 -19.18 -19.20 -27.56
CA SER F 29 -19.39 -18.55 -26.28
C SER F 29 -19.88 -19.59 -25.27
N THR F 30 -19.59 -19.34 -24.00
CA THR F 30 -20.14 -20.13 -22.91
C THR F 30 -21.06 -19.28 -22.04
N ILE F 31 -22.06 -19.95 -21.46
CA ILE F 31 -22.76 -19.47 -20.27
C ILE F 31 -22.51 -20.46 -19.14
N THR F 32 -21.92 -19.98 -18.04
CA THR F 32 -21.76 -20.76 -16.83
C THR F 32 -22.90 -20.41 -15.89
N GLU F 33 -23.88 -21.30 -15.79
CA GLU F 33 -25.00 -21.16 -14.87
C GLU F 33 -24.66 -21.75 -13.50
N GLY F 34 -25.61 -21.65 -12.58
CA GLY F 34 -25.52 -22.28 -11.28
C GLY F 34 -25.04 -21.39 -10.17
N TYR F 35 -24.38 -20.27 -10.49
CA TYR F 35 -23.95 -19.34 -9.46
C TYR F 35 -25.13 -18.77 -8.69
N LEU F 36 -24.97 -18.68 -7.38
CA LEU F 36 -25.91 -17.96 -6.54
C LEU F 36 -25.45 -16.52 -6.42
N SER F 37 -26.22 -15.69 -5.71
CA SER F 37 -25.99 -14.26 -5.74
C SER F 37 -25.86 -13.69 -4.34
N VAL F 38 -24.96 -12.72 -4.20
CA VAL F 38 -24.94 -11.77 -3.10
C VAL F 38 -24.80 -10.39 -3.73
N LEU F 39 -25.73 -9.49 -3.44
CA LEU F 39 -25.79 -8.24 -4.19
C LEU F 39 -26.05 -7.06 -3.26
N ARG F 40 -25.18 -6.06 -3.34
CA ARG F 40 -25.18 -4.93 -2.41
C ARG F 40 -26.33 -3.99 -2.78
N THR F 41 -27.39 -4.00 -1.98
CA THR F 41 -28.54 -3.13 -2.24
C THR F 41 -28.46 -1.82 -1.46
N GLY F 42 -27.81 -1.83 -0.30
CA GLY F 42 -27.78 -0.67 0.57
C GLY F 42 -26.46 -0.47 1.26
N TRP F 43 -26.40 0.50 2.17
CA TRP F 43 -25.22 0.75 2.99
C TRP F 43 -25.64 0.88 4.44
N TYR F 44 -24.95 0.15 5.31
CA TYR F 44 -25.10 0.29 6.76
C TYR F 44 -23.89 1.08 7.26
N THR F 45 -24.14 2.20 7.92
CA THR F 45 -23.07 3.11 8.33
C THR F 45 -22.70 2.88 9.79
N ASN F 46 -21.42 2.61 10.03
CA ASN F 46 -20.86 2.49 11.36
C ASN F 46 -19.93 3.68 11.57
N VAL F 47 -20.26 4.54 12.53
CA VAL F 47 -19.50 5.75 12.79
C VAL F 47 -18.62 5.54 14.02
N PHE F 48 -17.32 5.71 13.83
CA PHE F 48 -16.34 5.47 14.88
C PHE F 48 -15.96 6.81 15.50
N THR F 49 -16.03 6.89 16.83
CA THR F 49 -15.40 7.97 17.57
C THR F 49 -14.10 7.41 18.15
N LEU F 50 -13.00 7.65 17.46
CA LEU F 50 -11.67 7.34 17.98
C LEU F 50 -11.24 8.52 18.84
N GLU F 51 -11.31 8.35 20.16
CA GLU F 51 -10.91 9.40 21.08
C GLU F 51 -9.40 9.52 21.05
N VAL F 52 -8.89 10.55 20.37
CA VAL F 52 -7.47 10.85 20.42
C VAL F 52 -7.09 11.55 21.72
N GLY F 53 -8.03 12.24 22.36
CA GLY F 53 -7.73 13.06 23.50
C GLY F 53 -7.09 14.39 23.09
N ASP F 54 -7.05 15.32 24.03
CA ASP F 54 -6.49 16.65 23.79
C ASP F 54 -4.96 16.56 23.82
N VAL F 55 -4.40 16.08 22.71
CA VAL F 55 -2.96 16.05 22.52
C VAL F 55 -2.40 17.41 22.13
N GLU F 56 -3.23 18.28 21.54
CA GLU F 56 -2.77 19.49 20.86
C GLU F 56 -2.02 20.46 21.76
N ASN F 57 -1.92 20.18 23.07
CA ASN F 57 -1.25 21.08 24.00
C ASN F 57 -0.29 20.35 24.94
N LEU F 58 -0.12 19.05 24.78
CA LEU F 58 0.80 18.30 25.63
C LEU F 58 2.23 18.65 25.24
N THR F 59 3.06 18.99 26.23
CA THR F 59 4.42 19.43 25.98
C THR F 59 5.40 18.56 26.77
N CYS F 60 6.57 18.32 26.16
CA CYS F 60 7.69 17.67 26.81
C CYS F 60 8.82 18.67 26.96
N ALA F 61 9.32 18.81 28.20
CA ALA F 61 10.30 19.82 28.55
C ALA F 61 11.67 19.20 28.79
N ASP F 62 12.01 18.18 28.00
CA ASP F 62 12.96 17.16 28.44
C ASP F 62 13.83 16.68 27.29
N GLY F 63 13.88 17.40 26.18
CA GLY F 63 14.72 17.04 25.07
C GLY F 63 14.23 15.81 24.33
N PRO F 64 14.94 15.41 23.27
CA PRO F 64 14.43 14.34 22.40
C PRO F 64 14.30 13.02 23.15
N SER F 65 13.15 12.39 22.98
CA SER F 65 12.78 11.23 23.78
C SER F 65 11.80 10.37 22.99
N LEU F 66 11.77 9.08 23.36
CA LEU F 66 10.87 8.14 22.70
C LEU F 66 9.42 8.57 22.83
N ILE F 67 9.01 8.91 24.06
CA ILE F 67 7.65 9.40 24.28
C ILE F 67 7.41 10.68 23.49
N LYS F 68 8.37 11.60 23.53
CA LYS F 68 8.21 12.89 22.85
C LYS F 68 7.99 12.72 21.35
N THR F 69 8.76 11.84 20.71
CA THR F 69 8.57 11.67 19.27
C THR F 69 7.28 10.94 18.94
N GLU F 70 6.84 10.03 19.82
CA GLU F 70 5.50 9.47 19.68
C GLU F 70 4.44 10.53 19.89
N LEU F 71 4.64 11.38 20.91
CA LEU F 71 3.71 12.48 21.18
C LEU F 71 3.67 13.47 20.03
N ASP F 72 4.83 13.81 19.49
CA ASP F 72 4.90 14.79 18.39
C ASP F 72 4.39 14.21 17.09
N LEU F 73 4.59 12.91 16.84
CA LEU F 73 3.87 12.24 15.77
C LEU F 73 2.36 12.29 15.99
N THR F 74 1.92 12.10 17.24
CA THR F 74 0.49 12.09 17.52
C THR F 74 -0.13 13.47 17.34
N LYS F 75 0.51 14.51 17.87
CA LYS F 75 0.08 15.89 17.62
C LYS F 75 0.08 16.21 16.14
N SER F 76 1.16 15.89 15.43
CA SER F 76 1.27 16.22 14.02
C SER F 76 0.21 15.51 13.19
N ALA F 77 0.01 14.21 13.44
CA ALA F 77 -1.03 13.46 12.76
C ALA F 77 -2.40 14.12 12.92
N LEU F 78 -2.70 14.63 14.12
CA LEU F 78 -3.99 15.27 14.34
C LEU F 78 -4.10 16.58 13.54
N ARG F 79 -3.09 17.43 13.63
CA ARG F 79 -3.09 18.65 12.82
C ARG F 79 -3.16 18.34 11.33
N GLU F 80 -2.48 17.28 10.89
CA GLU F 80 -2.56 16.86 9.49
C GLU F 80 -3.97 16.43 9.12
N LEU F 81 -4.59 15.60 9.96
CA LEU F 81 -5.95 15.14 9.68
C LEU F 81 -6.96 16.28 9.70
N ARG F 82 -6.77 17.28 10.57
CA ARG F 82 -7.65 18.44 10.53
C ARG F 82 -7.59 19.18 9.21
N THR F 83 -6.48 19.07 8.48
CA THR F 83 -6.35 19.76 7.19
C THR F 83 -7.12 19.06 6.08
N VAL F 84 -7.21 17.73 6.11
CA VAL F 84 -7.80 16.98 5.01
C VAL F 84 -9.31 16.89 5.21
N SER F 85 -10.05 16.96 4.10
CA SER F 85 -11.49 16.75 4.12
C SER F 85 -11.93 16.25 2.75
N ALA F 86 -13.13 15.68 2.72
CA ALA F 86 -13.65 14.98 1.54
C ALA F 86 -13.59 15.85 0.28
N PHE F 103 -23.58 0.91 -26.88
CA PHE F 103 -22.78 1.73 -25.97
C PHE F 103 -21.85 0.85 -25.14
N VAL F 104 -20.69 1.39 -24.78
CA VAL F 104 -19.70 0.65 -23.98
C VAL F 104 -20.13 0.76 -22.51
N LEU F 105 -20.78 -0.29 -22.02
CA LEU F 105 -21.44 -0.22 -20.71
C LEU F 105 -20.44 -0.20 -19.55
N GLY F 106 -19.19 -0.62 -19.79
CA GLY F 106 -18.25 -0.78 -18.69
C GLY F 106 -17.90 0.51 -18.00
N ALA F 107 -17.46 1.51 -18.77
CA ALA F 107 -17.07 2.80 -18.21
C ALA F 107 -18.20 3.49 -17.46
N ILE F 108 -19.42 3.46 -18.01
CA ILE F 108 -20.55 4.08 -17.32
C ILE F 108 -20.94 3.28 -16.07
N ALA F 109 -20.85 1.95 -16.13
CA ALA F 109 -21.14 1.15 -14.94
C ALA F 109 -20.12 1.40 -13.84
N CYS F 110 -18.84 1.47 -14.17
CA CYS F 110 -17.83 1.83 -13.17
C CYS F 110 -18.10 3.22 -12.62
N GLY F 111 -18.42 4.18 -13.50
CA GLY F 111 -18.62 5.56 -13.07
C GLY F 111 -19.76 5.73 -12.08
N VAL F 112 -20.93 5.17 -12.41
CA VAL F 112 -22.09 5.28 -11.53
C VAL F 112 -21.90 4.53 -10.22
N ALA F 113 -21.19 3.40 -10.23
CA ALA F 113 -21.00 2.64 -8.99
C ALA F 113 -20.19 3.42 -7.97
N THR F 114 -19.09 4.04 -8.41
CA THR F 114 -18.28 4.84 -7.49
C THR F 114 -18.98 6.14 -7.09
N ALA F 115 -19.58 6.83 -8.05
CA ALA F 115 -20.28 8.08 -7.76
C ALA F 115 -21.45 7.87 -6.79
N ALA F 116 -22.22 6.80 -6.98
CA ALA F 116 -23.34 6.52 -6.07
C ALA F 116 -22.85 6.14 -4.67
N ALA F 117 -21.79 5.32 -4.59
CA ALA F 117 -21.26 4.92 -3.30
C ALA F 117 -20.80 6.13 -2.47
N VAL F 118 -19.92 6.96 -3.05
CA VAL F 118 -19.39 8.10 -2.31
C VAL F 118 -20.49 9.12 -1.99
N THR F 119 -21.41 9.36 -2.93
CA THR F 119 -22.50 10.29 -2.67
C THR F 119 -23.43 9.78 -1.57
N ALA F 120 -23.71 8.48 -1.54
CA ALA F 120 -24.44 7.89 -0.42
C ALA F 120 -23.74 8.15 0.91
N GLY F 121 -22.42 7.99 0.95
CA GLY F 121 -21.69 8.23 2.18
C GLY F 121 -21.62 9.70 2.57
N VAL F 122 -21.30 10.56 1.60
CA VAL F 122 -21.24 12.00 1.86
C VAL F 122 -22.58 12.52 2.38
N ALA F 123 -23.69 12.03 1.82
CA ALA F 123 -25.00 12.44 2.30
C ALA F 123 -25.18 12.11 3.78
N ILE F 124 -24.63 10.99 4.24
CA ILE F 124 -24.69 10.65 5.66
C ILE F 124 -23.70 11.49 6.45
N ALA F 125 -22.53 11.74 5.89
CA ALA F 125 -21.57 12.65 6.51
C ALA F 125 -22.18 14.03 6.76
N LYS F 126 -22.85 14.58 5.74
CA LYS F 126 -23.54 15.86 5.89
C LYS F 126 -24.49 15.91 7.08
N CYS F 127 -25.09 14.77 7.45
CA CYS F 127 -25.91 14.76 8.66
C CYS F 127 -25.06 14.72 9.92
N ILE F 128 -24.22 13.70 10.05
CA ILE F 128 -23.50 13.43 11.29
C ILE F 128 -22.40 14.44 11.58
N ARG F 129 -22.05 15.29 10.63
CA ARG F 129 -21.08 16.35 10.90
C ARG F 129 -21.64 17.51 11.71
N LEU F 130 -22.97 17.64 11.80
CA LEU F 130 -23.55 18.77 12.51
C LEU F 130 -23.32 18.62 14.01
N GLU F 131 -23.11 19.78 14.66
CA GLU F 131 -22.87 19.80 16.11
C GLU F 131 -23.99 19.12 16.89
N SER F 132 -25.23 19.27 16.42
CA SER F 132 -26.35 18.57 17.04
C SER F 132 -26.16 17.06 17.01
N GLU F 133 -25.67 16.54 15.89
CA GLU F 133 -25.48 15.10 15.74
C GLU F 133 -24.19 14.61 16.41
N VAL F 134 -23.09 15.35 16.24
CA VAL F 134 -21.84 14.98 16.92
C VAL F 134 -22.04 14.92 18.43
N THR F 135 -22.70 15.91 19.00
CA THR F 135 -22.95 15.89 20.45
C THR F 135 -23.90 14.77 20.84
N ALA F 136 -24.91 14.48 20.02
CA ALA F 136 -25.80 13.35 20.29
C ALA F 136 -25.04 12.03 20.24
N ILE F 137 -24.26 11.82 19.20
CA ILE F 137 -23.49 10.58 19.04
C ILE F 137 -22.52 10.40 20.20
N LYS F 138 -21.75 11.45 20.49
CA LYS F 138 -20.82 11.43 21.63
C LYS F 138 -21.53 11.23 22.96
N ASN F 139 -22.73 11.81 23.13
CA ASN F 139 -23.45 11.61 24.39
C ASN F 139 -23.85 10.15 24.61
N CYS F 140 -24.47 9.51 23.61
CA CYS F 140 -24.84 8.12 23.82
C CYS F 140 -23.61 7.22 23.95
N LEU F 141 -22.50 7.58 23.31
CA LEU F 141 -21.26 6.83 23.49
C LEU F 141 -20.60 7.05 24.85
N LYS F 142 -21.08 8.01 25.65
CA LYS F 142 -20.53 8.19 26.99
C LYS F 142 -20.70 6.96 27.85
N LYS F 143 -21.85 6.28 27.73
CA LYS F 143 -22.14 5.14 28.60
C LYS F 143 -21.52 3.85 28.06
N THR F 144 -21.85 3.50 26.82
CA THR F 144 -21.50 2.21 26.24
C THR F 144 -20.85 2.43 24.89
N ASN F 145 -19.77 1.69 24.63
CA ASN F 145 -18.98 1.89 23.40
C ASN F 145 -19.70 1.42 22.15
N GLU F 146 -20.97 1.03 22.28
CA GLU F 146 -21.87 0.94 21.13
C GLU F 146 -23.20 1.57 21.56
N CYS F 147 -23.73 2.45 20.72
CA CYS F 147 -25.04 3.05 20.97
C CYS F 147 -25.74 3.32 19.65
N VAL F 148 -26.73 2.48 19.35
CA VAL F 148 -27.58 2.68 18.19
C VAL F 148 -28.38 3.98 18.33
N SER F 149 -28.45 4.74 17.25
CA SER F 149 -28.99 6.09 17.31
C SER F 149 -29.47 6.48 15.92
N THR F 150 -30.34 7.49 15.89
CA THR F 150 -30.96 7.96 14.65
C THR F 150 -30.60 9.42 14.44
N LEU F 151 -30.01 9.71 13.29
CA LEU F 151 -29.68 11.09 12.95
C LEU F 151 -30.95 11.93 12.81
N GLY F 152 -30.79 13.24 13.01
CA GLY F 152 -31.88 14.15 12.70
C GLY F 152 -32.40 14.04 11.28
N CYS F 153 -31.53 13.67 10.34
CA CYS F 153 -31.95 13.44 8.96
C CYS F 153 -32.58 12.06 8.77
N GLY F 154 -32.84 11.33 9.85
CA GLY F 154 -33.66 10.14 9.81
C GLY F 154 -32.95 8.84 9.55
N VAL F 155 -31.74 8.87 8.99
CA VAL F 155 -30.99 7.64 8.78
C VAL F 155 -30.48 7.10 10.11
N ARG F 156 -30.66 5.80 10.33
CA ARG F 156 -30.18 5.12 11.52
C ARG F 156 -28.71 4.73 11.37
N VAL F 157 -27.99 4.76 12.50
CA VAL F 157 -26.55 4.58 12.51
C VAL F 157 -26.16 3.80 13.76
N LEU F 158 -25.13 2.95 13.63
CA LEU F 158 -24.45 2.35 14.77
C LEU F 158 -23.25 3.21 15.15
N ALA F 159 -23.39 3.98 16.23
CA ALA F 159 -22.23 4.63 16.81
C ALA F 159 -21.36 3.63 17.55
N THR F 160 -20.04 3.83 17.47
CA THR F 160 -19.08 3.12 18.32
C THR F 160 -17.94 4.06 18.69
N ALA F 161 -17.29 3.77 19.81
CA ALA F 161 -16.21 4.58 20.33
C ALA F 161 -14.93 3.75 20.44
N VAL F 162 -13.83 4.30 19.93
CA VAL F 162 -12.50 3.71 20.13
C VAL F 162 -11.74 4.56 21.14
N ARG F 163 -11.86 4.21 22.42
CA ARG F 163 -11.32 5.01 23.52
C ARG F 163 -9.85 4.70 23.83
N GLU F 164 -9.30 3.60 23.30
CA GLU F 164 -8.09 3.01 23.86
C GLU F 164 -6.89 3.96 23.82
N LEU F 165 -6.86 4.89 22.87
CA LEU F 165 -5.80 5.90 22.84
C LEU F 165 -5.98 6.96 23.92
N LYS F 166 -7.18 7.55 23.99
CA LYS F 166 -7.49 8.49 25.06
C LYS F 166 -7.35 7.85 26.44
N ASP F 167 -7.79 6.60 26.59
CA ASP F 167 -7.62 5.90 27.85
C ASP F 167 -6.14 5.80 28.24
N PHE F 168 -5.29 5.41 27.30
CA PHE F 168 -3.85 5.35 27.58
C PHE F 168 -3.28 6.72 27.91
N VAL F 169 -3.54 7.71 27.06
CA VAL F 169 -2.99 9.05 27.27
C VAL F 169 -3.48 9.66 28.59
N SER F 170 -4.77 9.53 28.88
CA SER F 170 -5.34 10.22 30.03
C SER F 170 -5.06 9.50 31.34
N LYS F 171 -5.04 8.17 31.34
CA LYS F 171 -4.91 7.40 32.57
C LYS F 171 -3.54 6.76 32.77
N ASN F 172 -2.94 6.20 31.72
CA ASN F 172 -1.63 5.58 31.82
C ASN F 172 -0.51 6.61 31.62
N LEU F 173 -0.47 7.23 30.44
CA LEU F 173 0.63 8.11 30.07
C LEU F 173 0.71 9.33 30.99
N THR F 174 -0.42 10.00 31.21
CA THR F 174 -0.47 11.14 32.12
C THR F 174 0.04 10.81 33.52
N ARG F 175 -0.10 9.56 33.97
CA ARG F 175 0.48 9.18 35.24
C ARG F 175 2.01 9.12 35.16
N ALA F 176 2.54 8.71 34.01
CA ALA F 176 3.99 8.58 33.85
C ALA F 176 4.69 9.93 33.72
N ILE F 177 4.07 10.88 33.02
CA ILE F 177 4.77 12.08 32.58
C ILE F 177 4.87 13.09 33.73
N ASN F 178 5.70 12.78 34.72
CA ASN F 178 5.89 13.68 35.85
C ASN F 178 6.63 14.95 35.44
N LYS F 179 6.10 16.09 35.88
CA LYS F 179 6.70 17.42 35.66
C LYS F 179 7.04 17.69 34.19
N ASN F 180 6.23 17.15 33.27
CA ASN F 180 6.45 17.22 31.83
C ASN F 180 7.74 16.54 31.38
N LYS F 181 8.38 15.74 32.23
CA LYS F 181 9.51 14.92 31.80
C LYS F 181 9.00 13.75 30.98
N CYS F 182 9.61 13.54 29.80
CA CYS F 182 9.16 12.49 28.91
C CYS F 182 10.23 11.44 28.59
N ASP F 183 11.51 11.72 28.84
CA ASP F 183 12.54 10.69 28.78
C ASP F 183 12.55 9.83 30.04
N ILE F 184 11.37 9.36 30.45
CA ILE F 184 11.26 8.49 31.63
C ILE F 184 11.96 7.16 31.38
N PRO F 185 12.56 6.54 32.40
CA PRO F 185 13.33 5.32 32.18
C PRO F 185 12.47 4.07 32.00
N ASP F 186 11.19 4.12 32.39
CA ASP F 186 10.29 2.98 32.27
C ASP F 186 9.83 2.82 30.82
N LEU F 187 10.81 2.44 29.97
CA LEU F 187 10.65 2.50 28.52
C LEU F 187 9.45 1.70 28.02
N LYS F 188 8.98 0.71 28.80
CA LYS F 188 7.73 0.01 28.49
C LYS F 188 6.61 0.96 28.12
N MET F 189 6.51 2.10 28.81
CA MET F 189 5.48 3.09 28.48
C MET F 189 5.64 3.61 27.05
N ALA F 190 6.85 3.93 26.64
CA ALA F 190 7.09 4.52 25.33
C ALA F 190 6.86 3.51 24.21
N VAL F 191 7.38 2.29 24.36
CA VAL F 191 7.18 1.26 23.35
C VAL F 191 5.73 0.80 23.29
N SER F 192 5.01 0.80 24.42
CA SER F 192 3.59 0.50 24.37
C SER F 192 2.76 1.66 23.81
N PHE F 193 3.17 2.90 24.08
CA PHE F 193 2.56 4.04 23.39
C PHE F 193 2.68 3.88 21.87
N SER F 194 3.86 3.46 21.40
CA SER F 194 4.08 3.17 19.99
C SER F 194 3.26 1.99 19.48
N GLN F 195 2.58 1.25 20.36
CA GLN F 195 1.61 0.24 19.93
C GLN F 195 0.18 0.82 19.85
N PHE F 196 -0.25 1.52 20.89
CA PHE F 196 -1.62 2.03 20.92
C PHE F 196 -1.89 3.02 19.78
N ASN F 197 -0.95 3.91 19.51
CA ASN F 197 -1.15 4.91 18.46
C ASN F 197 -1.08 4.35 17.04
N ARG F 198 -0.78 3.06 16.86
CA ARG F 198 -0.67 2.51 15.51
C ARG F 198 -1.99 2.63 14.76
N ARG F 199 -3.10 2.34 15.42
CA ARG F 199 -4.41 2.44 14.80
C ARG F 199 -4.72 3.87 14.38
N PHE F 200 -4.49 4.83 15.27
CA PHE F 200 -4.72 6.24 14.96
C PHE F 200 -3.89 6.69 13.77
N LEU F 201 -2.57 6.48 13.83
CA LEU F 201 -1.67 6.96 12.78
C LEU F 201 -1.97 6.34 11.42
N ASN F 202 -2.40 5.09 11.38
CA ASN F 202 -2.78 4.48 10.11
C ASN F 202 -4.07 5.08 9.55
N VAL F 203 -5.01 5.45 10.41
CA VAL F 203 -6.22 6.14 9.97
C VAL F 203 -5.91 7.52 9.40
N VAL F 204 -4.97 8.26 10.01
CA VAL F 204 -4.59 9.55 9.43
C VAL F 204 -3.92 9.37 8.07
N ARG F 205 -3.03 8.38 7.94
CA ARG F 205 -2.49 8.00 6.64
C ARG F 205 -3.59 7.76 5.61
N GLN F 206 -4.51 6.84 5.92
CA GLN F 206 -5.42 6.34 4.89
C GLN F 206 -6.43 7.38 4.44
N PHE F 207 -6.89 8.25 5.35
CA PHE F 207 -7.70 9.39 4.90
C PHE F 207 -6.88 10.45 4.18
N SER F 208 -5.61 10.65 4.56
CA SER F 208 -4.77 11.59 3.82
C SER F 208 -4.56 11.14 2.39
N ASP F 209 -4.10 9.90 2.19
CA ASP F 209 -3.74 9.43 0.85
C ASP F 209 -4.96 9.24 -0.03
N ASN F 210 -6.16 9.16 0.55
CA ASN F 210 -7.40 9.00 -0.19
C ASN F 210 -8.33 10.19 -0.02
N ALA F 211 -7.78 11.35 0.36
CA ALA F 211 -8.51 12.61 0.41
C ALA F 211 -9.81 12.50 1.22
N GLY F 212 -9.73 11.81 2.35
CA GLY F 212 -10.89 11.60 3.20
C GLY F 212 -11.84 10.48 2.80
N ILE F 213 -11.61 9.79 1.70
CA ILE F 213 -12.54 8.76 1.22
C ILE F 213 -11.70 7.53 0.85
N THR F 214 -11.52 6.62 1.81
CA THR F 214 -10.68 5.45 1.60
C THR F 214 -11.32 4.51 0.59
N PRO F 215 -10.51 3.68 -0.10
CA PRO F 215 -11.08 2.73 -1.06
C PRO F 215 -11.55 1.44 -0.42
N ALA F 216 -11.13 1.15 0.81
CA ALA F 216 -11.46 -0.08 1.50
C ALA F 216 -11.47 0.18 3.00
N ILE F 217 -12.08 -0.74 3.74
CA ILE F 217 -12.13 -0.65 5.20
C ILE F 217 -10.92 -1.41 5.72
N SER F 218 -9.78 -0.72 5.82
CA SER F 218 -8.57 -1.31 6.39
C SER F 218 -8.85 -1.90 7.77
N LYS F 219 -7.97 -2.81 8.22
CA LYS F 219 -8.04 -3.29 9.60
C LYS F 219 -7.93 -2.16 10.61
N ASP F 220 -7.36 -1.03 10.21
CA ASP F 220 -7.17 0.11 11.10
C ASP F 220 -8.45 0.91 11.29
N LEU F 221 -9.24 1.07 10.21
CA LEU F 221 -10.53 1.74 10.34
C LEU F 221 -11.52 0.92 11.14
N MET F 222 -11.56 -0.40 10.93
CA MET F 222 -12.54 -1.24 11.62
C MET F 222 -11.95 -2.63 11.84
N THR F 223 -11.73 -2.99 13.10
CA THR F 223 -11.13 -4.28 13.41
C THR F 223 -12.08 -5.41 13.00
N ASP F 224 -11.50 -6.60 12.82
CA ASP F 224 -12.32 -7.79 12.53
C ASP F 224 -13.36 -8.03 13.62
N ALA F 225 -13.00 -7.79 14.88
CA ALA F 225 -13.98 -7.84 15.97
C ALA F 225 -15.11 -6.83 15.74
N GLU F 226 -14.77 -5.61 15.32
CA GLU F 226 -15.78 -4.57 15.15
C GLU F 226 -16.61 -4.76 13.89
N LEU F 227 -16.03 -5.37 12.85
CA LEU F 227 -16.80 -5.77 11.68
C LEU F 227 -17.77 -6.89 12.00
N ALA F 228 -17.37 -7.83 12.86
CA ALA F 228 -18.29 -8.86 13.33
C ALA F 228 -19.40 -8.29 14.21
N ARG F 229 -19.05 -7.37 15.11
CA ARG F 229 -20.07 -6.63 15.86
C ARG F 229 -20.99 -5.83 14.94
N ALA F 230 -20.42 -5.17 13.91
CA ALA F 230 -21.23 -4.39 12.99
C ALA F 230 -22.22 -5.27 12.23
N ILE F 231 -21.81 -6.46 11.81
CA ILE F 231 -22.73 -7.37 11.14
C ILE F 231 -23.81 -7.86 12.11
N SER F 232 -23.40 -8.42 13.24
CA SER F 232 -24.37 -8.94 14.21
C SER F 232 -25.29 -7.87 14.77
N ASN F 233 -24.90 -6.59 14.71
CA ASN F 233 -25.83 -5.52 15.04
C ASN F 233 -26.63 -5.01 13.85
N MET F 234 -26.26 -5.34 12.61
CA MET F 234 -26.96 -4.69 11.51
C MET F 234 -28.34 -5.31 11.30
N PRO F 235 -29.33 -4.51 10.88
CA PRO F 235 -30.67 -5.03 10.63
C PRO F 235 -30.76 -5.91 9.38
N THR F 236 -30.38 -7.18 9.51
CA THR F 236 -30.51 -8.13 8.43
C THR F 236 -30.80 -9.50 9.03
N SER F 237 -31.07 -10.48 8.15
CA SER F 237 -31.36 -11.82 8.61
C SER F 237 -30.13 -12.46 9.26
N ALA F 238 -30.39 -13.30 10.28
CA ALA F 238 -29.34 -14.06 10.94
C ALA F 238 -28.59 -14.97 9.98
N GLY F 239 -29.29 -15.52 8.98
CA GLY F 239 -28.62 -16.30 7.95
C GLY F 239 -27.60 -15.50 7.17
N GLN F 240 -27.93 -14.25 6.82
CA GLN F 240 -26.96 -13.39 6.16
C GLN F 240 -25.87 -12.93 7.12
N ILE F 241 -26.21 -12.74 8.40
CA ILE F 241 -25.20 -12.47 9.42
C ILE F 241 -24.18 -13.60 9.47
N LYS F 242 -24.64 -14.85 9.38
CA LYS F 242 -23.72 -15.98 9.28
C LYS F 242 -22.96 -15.98 7.96
N LEU F 243 -23.66 -15.73 6.84
CA LEU F 243 -22.99 -15.61 5.55
C LEU F 243 -21.91 -14.53 5.58
N MET F 244 -22.25 -13.34 6.08
CA MET F 244 -21.27 -12.27 6.14
C MET F 244 -20.15 -12.57 7.13
N LEU F 245 -20.47 -13.20 8.26
CA LEU F 245 -19.42 -13.72 9.14
C LEU F 245 -18.56 -14.77 8.44
N GLU F 246 -19.13 -15.48 7.47
CA GLU F 246 -18.36 -16.46 6.70
C GLU F 246 -17.66 -15.88 5.48
N ASN F 247 -17.87 -14.60 5.17
CA ASN F 247 -17.20 -13.97 4.03
C ASN F 247 -16.76 -12.56 4.39
N ARG F 248 -16.19 -12.40 5.58
CA ARG F 248 -15.91 -11.07 6.12
C ARG F 248 -14.99 -10.26 5.20
N ALA F 249 -14.10 -10.94 4.48
CA ALA F 249 -13.26 -10.28 3.47
C ALA F 249 -14.10 -9.60 2.39
N MET F 250 -15.22 -10.19 2.01
CA MET F 250 -16.11 -9.54 1.04
C MET F 250 -16.74 -8.29 1.64
N VAL F 251 -17.28 -8.39 2.85
CA VAL F 251 -17.85 -7.25 3.54
C VAL F 251 -16.83 -6.13 3.63
N ARG F 252 -15.60 -6.48 3.97
CA ARG F 252 -14.52 -5.51 4.13
C ARG F 252 -14.11 -4.88 2.80
N ARG F 253 -14.08 -5.67 1.73
CA ARG F 253 -13.62 -5.15 0.45
C ARG F 253 -14.61 -4.17 -0.18
N LYS F 254 -15.89 -4.52 -0.19
CA LYS F 254 -16.88 -3.68 -0.87
C LYS F 254 -17.15 -2.38 -0.09
N GLY F 255 -17.22 -2.46 1.22
CA GLY F 255 -17.36 -1.28 2.04
C GLY F 255 -16.13 -0.37 2.03
N PHE F 256 -16.33 0.83 2.55
CA PHE F 256 -15.32 1.89 2.49
C PHE F 256 -15.57 2.88 3.62
N GLY F 257 -14.55 3.69 3.90
CA GLY F 257 -14.58 4.65 4.99
C GLY F 257 -14.64 6.09 4.52
N ILE F 258 -15.30 6.94 5.31
CA ILE F 258 -15.32 8.38 5.08
C ILE F 258 -14.92 9.09 6.37
N LEU F 259 -14.09 10.12 6.24
CA LEU F 259 -13.76 11.00 7.36
C LEU F 259 -14.81 12.07 7.55
N ILE F 260 -15.31 12.21 8.77
CA ILE F 260 -16.17 13.33 9.14
C ILE F 260 -15.34 14.53 9.59
N GLY F 261 -14.43 14.32 10.52
CA GLY F 261 -13.49 15.36 10.92
C GLY F 261 -13.08 15.17 12.37
N VAL F 262 -12.13 15.99 12.79
CA VAL F 262 -11.83 16.14 14.21
C VAL F 262 -12.87 17.03 14.86
N TYR F 263 -13.47 16.56 15.95
CA TYR F 263 -14.33 17.36 16.81
C TYR F 263 -13.74 17.33 18.22
N GLY F 264 -13.43 18.50 18.75
CA GLY F 264 -13.01 18.62 20.15
C GLY F 264 -11.87 17.70 20.54
N SER F 265 -10.88 17.56 19.65
CA SER F 265 -9.75 16.64 19.81
C SER F 265 -10.19 15.18 19.77
N SER F 266 -11.26 14.89 19.05
CA SER F 266 -11.70 13.54 18.77
C SER F 266 -12.00 13.42 17.28
N VAL F 267 -11.59 12.32 16.67
CA VAL F 267 -11.68 12.17 15.22
C VAL F 267 -12.86 11.27 14.89
N ILE F 268 -13.78 11.81 14.11
CA ILE F 268 -15.05 11.16 13.78
C ILE F 268 -14.99 10.65 12.35
N TYR F 269 -15.24 9.37 12.15
CA TYR F 269 -15.24 8.80 10.81
C TYR F 269 -16.31 7.71 10.75
N MET F 270 -16.86 7.53 9.56
CA MET F 270 -17.96 6.59 9.35
C MET F 270 -17.55 5.49 8.38
N VAL F 271 -18.00 4.27 8.67
CA VAL F 271 -17.67 3.07 7.90
C VAL F 271 -18.96 2.54 7.28
N GLN F 272 -18.98 2.47 5.95
CA GLN F 272 -20.16 2.02 5.22
C GLN F 272 -20.04 0.53 4.95
N LEU F 273 -20.65 -0.28 5.82
CA LEU F 273 -20.70 -1.70 5.50
C LEU F 273 -21.77 -1.95 4.44
N PRO F 274 -21.54 -2.90 3.53
CA PRO F 274 -22.56 -3.26 2.55
C PRO F 274 -23.74 -3.98 3.18
N ILE F 275 -24.92 -3.73 2.62
CA ILE F 275 -26.11 -4.53 2.89
C ILE F 275 -26.44 -5.32 1.64
N PHE F 276 -26.61 -6.64 1.79
CA PHE F 276 -26.83 -7.54 0.67
C PHE F 276 -28.30 -7.97 0.63
N GLY F 277 -29.16 -7.08 0.14
CA GLY F 277 -30.58 -7.36 0.09
C GLY F 277 -30.96 -8.52 -0.81
N VAL F 278 -30.58 -8.45 -2.08
CA VAL F 278 -30.75 -9.56 -3.02
C VAL F 278 -29.71 -10.62 -2.70
N ILE F 279 -30.15 -11.83 -2.39
CA ILE F 279 -29.24 -12.93 -2.07
C ILE F 279 -29.75 -14.27 -2.62
N ASP F 280 -28.78 -15.12 -3.00
CA ASP F 280 -28.98 -16.42 -3.65
C ASP F 280 -30.00 -16.41 -4.79
N THR F 281 -30.16 -15.29 -5.50
CA THR F 281 -30.83 -15.37 -6.78
C THR F 281 -29.89 -15.99 -7.82
N PRO F 282 -30.44 -16.45 -8.96
CA PRO F 282 -29.56 -16.93 -10.03
C PRO F 282 -28.62 -15.85 -10.55
N CYS F 283 -27.37 -16.25 -10.78
CA CYS F 283 -26.42 -15.48 -11.57
C CYS F 283 -25.71 -16.38 -12.57
N TRP F 284 -25.23 -15.78 -13.66
CA TRP F 284 -24.42 -16.50 -14.63
C TRP F 284 -23.39 -15.54 -15.20
N ILE F 285 -22.25 -16.10 -15.61
CA ILE F 285 -21.21 -15.37 -16.32
C ILE F 285 -21.20 -15.83 -17.78
N VAL F 286 -21.27 -14.86 -18.70
CA VAL F 286 -21.22 -15.12 -20.12
C VAL F 286 -19.85 -14.74 -20.66
N LYS F 287 -19.22 -15.66 -21.39
CA LYS F 287 -17.86 -15.49 -21.89
C LYS F 287 -17.84 -15.96 -23.34
N ALA F 288 -16.95 -15.37 -24.13
CA ALA F 288 -16.92 -15.66 -25.56
C ALA F 288 -15.49 -15.54 -26.09
N ALA F 289 -15.26 -16.19 -27.22
CA ALA F 289 -14.06 -16.04 -28.02
C ALA F 289 -14.47 -15.89 -29.48
N PRO F 290 -13.57 -15.38 -30.34
CA PRO F 290 -13.99 -15.09 -31.72
C PRO F 290 -14.43 -16.31 -32.52
N SER F 291 -15.72 -16.35 -32.84
CA SER F 291 -16.24 -17.22 -33.89
C SER F 291 -15.78 -16.72 -35.26
N CYS F 292 -15.00 -17.53 -35.98
CA CYS F 292 -14.64 -17.18 -37.35
C CYS F 292 -14.77 -18.41 -38.24
N SER F 293 -14.83 -18.14 -39.54
CA SER F 293 -14.61 -19.18 -40.55
C SER F 293 -14.06 -18.53 -41.82
N GLU F 294 -13.38 -19.34 -42.62
CA GLU F 294 -12.83 -18.89 -43.90
C GLU F 294 -13.89 -18.78 -44.98
N LYS F 295 -15.03 -18.13 -44.66
CA LYS F 295 -16.23 -18.28 -45.47
C LYS F 295 -16.05 -17.86 -46.92
N LYS F 296 -15.05 -17.02 -47.22
CA LYS F 296 -14.72 -16.67 -48.60
C LYS F 296 -13.23 -16.78 -48.87
N GLY F 297 -12.57 -17.71 -48.18
CA GLY F 297 -11.10 -17.74 -48.18
C GLY F 297 -10.44 -16.70 -47.31
N ASN F 298 -10.88 -15.45 -47.40
CA ASN F 298 -10.71 -14.51 -46.30
C ASN F 298 -11.59 -14.91 -45.12
N TYR F 299 -11.18 -14.47 -43.94
CA TYR F 299 -11.97 -14.73 -42.74
C TYR F 299 -13.13 -13.75 -42.63
N ALA F 300 -14.11 -14.14 -41.80
CA ALA F 300 -15.00 -13.22 -41.11
C ALA F 300 -15.13 -13.70 -39.68
N CYS F 301 -15.22 -12.76 -38.74
CA CYS F 301 -15.20 -13.10 -37.32
C CYS F 301 -16.31 -12.39 -36.58
N LEU F 302 -16.64 -12.95 -35.41
CA LEU F 302 -17.67 -12.43 -34.53
C LEU F 302 -17.24 -12.66 -33.09
N LEU F 303 -17.35 -11.63 -32.25
CA LEU F 303 -17.19 -11.76 -30.82
C LEU F 303 -18.36 -11.09 -30.14
N ARG F 304 -19.01 -11.80 -29.21
CA ARG F 304 -20.03 -11.19 -28.39
C ARG F 304 -19.44 -10.11 -27.50
N GLU F 305 -20.10 -8.95 -27.45
CA GLU F 305 -19.67 -7.84 -26.61
C GLU F 305 -20.40 -7.80 -25.27
N ASP F 306 -21.45 -8.59 -25.11
CA ASP F 306 -22.26 -8.64 -23.90
C ASP F 306 -21.64 -9.51 -22.81
N GLN F 307 -20.35 -9.77 -22.88
CA GLN F 307 -19.70 -10.70 -21.96
C GLN F 307 -19.74 -10.17 -20.53
N GLY F 308 -19.66 -11.11 -19.59
CA GLY F 308 -19.64 -10.77 -18.18
C GLY F 308 -20.76 -11.38 -17.35
N TRP F 309 -20.93 -10.84 -16.14
CA TRP F 309 -21.91 -11.37 -15.20
C TRP F 309 -23.31 -10.83 -15.46
N TYR F 310 -24.29 -11.72 -15.37
CA TYR F 310 -25.70 -11.38 -15.36
C TYR F 310 -26.34 -12.00 -14.13
N CYS F 311 -27.35 -11.32 -13.58
CA CYS F 311 -28.10 -11.86 -12.45
C CYS F 311 -29.57 -11.49 -12.57
N GLN F 312 -30.40 -12.28 -11.90
CA GLN F 312 -31.80 -11.94 -11.65
C GLN F 312 -31.89 -11.11 -10.38
N ASN F 313 -32.52 -9.94 -10.47
CA ASN F 313 -32.68 -9.04 -9.34
C ASN F 313 -34.15 -8.67 -9.26
N ALA F 314 -34.83 -9.13 -8.21
CA ALA F 314 -36.22 -8.78 -7.91
C ALA F 314 -37.15 -9.02 -9.10
N GLY F 315 -36.76 -9.94 -9.99
CA GLY F 315 -37.57 -10.26 -11.15
C GLY F 315 -37.29 -9.39 -12.35
N SER F 316 -36.11 -8.79 -12.42
CA SER F 316 -35.54 -8.27 -13.66
C SER F 316 -34.09 -8.73 -13.77
N THR F 317 -33.66 -9.05 -14.97
CA THR F 317 -32.27 -9.39 -15.21
C THR F 317 -31.41 -8.12 -15.16
N VAL F 318 -30.22 -8.24 -14.58
CA VAL F 318 -29.29 -7.13 -14.44
C VAL F 318 -27.92 -7.57 -14.96
N TYR F 319 -27.29 -6.71 -15.74
CA TYR F 319 -25.99 -6.99 -16.35
C TYR F 319 -24.93 -6.14 -15.66
N TYR F 320 -23.84 -6.79 -15.24
CA TYR F 320 -22.78 -6.13 -14.49
C TYR F 320 -21.52 -6.03 -15.35
N PRO F 321 -21.40 -5.01 -16.21
CA PRO F 321 -20.32 -5.01 -17.20
C PRO F 321 -18.97 -4.56 -16.65
N CYS F 322 -18.96 -3.76 -15.59
CA CYS F 322 -17.70 -3.18 -15.11
C CYS F 322 -16.88 -4.24 -14.41
N GLU F 323 -15.60 -4.35 -14.81
CA GLU F 323 -14.74 -5.43 -14.33
C GLU F 323 -14.49 -5.40 -12.83
N LYS F 324 -14.65 -4.25 -12.19
CA LYS F 324 -14.50 -4.17 -10.73
C LYS F 324 -15.75 -4.63 -9.98
N ASP F 325 -16.89 -4.76 -10.66
CA ASP F 325 -18.15 -5.02 -9.99
C ASP F 325 -18.12 -6.37 -9.26
N CYS F 326 -17.98 -7.45 -10.01
CA CYS F 326 -18.24 -8.79 -9.52
C CYS F 326 -16.95 -9.54 -9.19
N GLU F 327 -16.98 -10.31 -8.11
CA GLU F 327 -16.00 -11.35 -7.85
C GLU F 327 -16.72 -12.52 -7.17
N THR F 328 -16.13 -13.71 -7.27
CA THR F 328 -16.75 -14.93 -6.78
C THR F 328 -15.92 -15.53 -5.65
N ARG F 329 -16.57 -15.72 -4.49
CA ARG F 329 -16.07 -16.59 -3.44
C ARG F 329 -16.96 -17.82 -3.37
N GLY F 330 -16.41 -18.98 -3.71
CA GLY F 330 -17.23 -20.16 -3.88
C GLY F 330 -18.30 -19.96 -4.95
N ASP F 331 -19.52 -20.38 -4.62
CA ASP F 331 -20.62 -20.40 -5.58
C ASP F 331 -21.31 -19.04 -5.73
N HIS F 332 -21.03 -18.09 -4.84
CA HIS F 332 -21.63 -16.77 -4.89
C HIS F 332 -20.82 -15.87 -5.83
N VAL F 333 -21.51 -14.91 -6.44
CA VAL F 333 -20.86 -13.72 -7.00
C VAL F 333 -21.34 -12.50 -6.23
N PHE F 334 -20.38 -11.67 -5.79
CA PHE F 334 -20.65 -10.49 -4.98
C PHE F 334 -20.61 -9.23 -5.86
N CYS F 335 -21.64 -9.06 -6.68
CA CYS F 335 -21.70 -7.85 -7.49
C CYS F 335 -22.37 -6.72 -6.70
N ASP F 336 -22.24 -5.49 -7.21
CA ASP F 336 -22.81 -4.30 -6.59
C ASP F 336 -23.96 -3.77 -7.45
N THR F 337 -25.14 -3.66 -6.85
CA THR F 337 -26.34 -3.31 -7.61
C THR F 337 -26.37 -1.86 -8.09
N ALA F 338 -25.50 -1.00 -7.58
CA ALA F 338 -25.38 0.35 -8.14
C ALA F 338 -24.85 0.32 -9.57
N ALA F 339 -23.90 -0.58 -9.85
CA ALA F 339 -23.28 -0.61 -11.16
C ALA F 339 -24.18 -1.24 -12.22
N GLY F 340 -25.05 -2.17 -11.81
CA GLY F 340 -25.69 -3.06 -12.75
C GLY F 340 -26.67 -2.34 -13.65
N ILE F 341 -26.45 -2.40 -14.96
CA ILE F 341 -27.42 -1.90 -15.92
C ILE F 341 -28.52 -2.95 -16.06
N ASN F 342 -29.76 -2.54 -15.81
CA ASN F 342 -30.89 -3.43 -16.06
C ASN F 342 -30.99 -3.74 -17.55
N VAL F 343 -31.20 -5.02 -17.86
CA VAL F 343 -31.34 -5.49 -19.23
C VAL F 343 -32.52 -6.43 -19.31
N ALA F 344 -33.29 -6.31 -20.40
CA ALA F 344 -34.56 -7.03 -20.52
C ALA F 344 -34.35 -8.53 -20.34
N GLU F 345 -35.37 -9.19 -19.78
CA GLU F 345 -35.31 -10.63 -19.60
C GLU F 345 -35.16 -11.36 -20.93
N GLN F 346 -35.69 -10.78 -22.01
CA GLN F 346 -35.49 -11.26 -23.37
C GLN F 346 -34.01 -11.38 -23.74
N SER F 347 -33.12 -10.63 -23.09
CA SER F 347 -31.71 -10.66 -23.46
C SER F 347 -31.07 -12.03 -23.29
N LYS F 348 -31.60 -12.88 -22.41
CA LYS F 348 -31.10 -14.24 -22.31
C LYS F 348 -31.30 -15.03 -23.61
N GLU F 349 -32.18 -14.57 -24.50
CA GLU F 349 -32.38 -15.25 -25.78
C GLU F 349 -31.14 -15.22 -26.67
N CYS F 350 -30.19 -14.31 -26.39
CA CYS F 350 -28.89 -14.39 -27.05
C CYS F 350 -28.16 -15.68 -26.70
N ASN F 351 -28.39 -16.20 -25.49
CA ASN F 351 -27.83 -17.51 -25.14
C ASN F 351 -28.61 -18.65 -25.77
N ILE F 352 -29.94 -18.58 -25.75
CA ILE F 352 -30.74 -19.68 -26.26
C ILE F 352 -30.58 -19.81 -27.78
N ASN F 353 -30.84 -18.72 -28.52
CA ASN F 353 -30.71 -18.75 -29.98
C ASN F 353 -30.45 -17.35 -30.53
N ILE F 354 -29.21 -16.87 -30.43
CA ILE F 354 -28.77 -15.74 -31.24
C ILE F 354 -28.92 -16.01 -32.73
N SER F 355 -28.91 -17.28 -33.14
CA SER F 355 -29.25 -17.66 -34.51
C SER F 355 -30.63 -17.19 -34.96
N THR F 356 -31.56 -16.95 -34.04
CA THR F 356 -32.91 -16.55 -34.42
C THR F 356 -33.45 -15.32 -33.70
N THR F 357 -32.87 -14.90 -32.59
CA THR F 357 -33.54 -13.97 -31.69
C THR F 357 -33.75 -12.62 -32.35
N ASN F 358 -34.87 -11.98 -32.02
CA ASN F 358 -35.14 -10.61 -32.43
C ASN F 358 -34.52 -9.58 -31.48
N TYR F 359 -33.99 -10.02 -30.34
CA TYR F 359 -33.20 -9.12 -29.51
C TYR F 359 -31.91 -8.73 -30.21
N PRO F 360 -31.52 -7.45 -30.13
CA PRO F 360 -30.26 -6.95 -30.73
C PRO F 360 -29.01 -7.32 -29.94
N CYS F 361 -28.60 -8.58 -30.07
CA CYS F 361 -27.42 -9.09 -29.37
C CYS F 361 -26.19 -8.30 -29.81
N LYS F 362 -25.54 -7.62 -28.87
CA LYS F 362 -24.44 -6.73 -29.20
C LYS F 362 -23.15 -7.52 -29.43
N VAL F 363 -22.55 -7.32 -30.61
CA VAL F 363 -21.42 -8.10 -31.10
C VAL F 363 -20.40 -7.14 -31.69
N SER F 364 -19.18 -7.64 -31.90
CA SER F 364 -18.26 -7.03 -32.84
C SER F 364 -17.91 -8.04 -33.93
N CYS F 365 -17.63 -7.53 -35.13
CA CYS F 365 -17.29 -8.40 -36.25
C CYS F 365 -16.26 -7.74 -37.15
N GLY F 366 -15.63 -8.55 -38.00
CA GLY F 366 -14.57 -8.03 -38.89
C GLY F 366 -13.64 -9.07 -39.45
N ARG F 367 -12.56 -8.66 -40.09
CA ARG F 367 -11.62 -9.58 -40.72
C ARG F 367 -10.43 -9.59 -39.81
N HIS F 368 -10.60 -10.10 -38.62
CA HIS F 368 -9.57 -9.98 -37.58
C HIS F 368 -9.49 -11.27 -36.78
N PRO F 369 -9.12 -12.38 -37.42
CA PRO F 369 -9.00 -13.66 -36.70
C PRO F 369 -7.95 -13.58 -35.61
N ILE F 370 -8.39 -13.73 -34.36
CA ILE F 370 -7.51 -13.77 -33.20
C ILE F 370 -7.48 -15.20 -32.68
N SER F 371 -6.27 -15.69 -32.38
CA SER F 371 -6.09 -17.02 -31.83
C SER F 371 -5.79 -16.90 -30.34
N MET F 372 -6.64 -17.49 -29.51
CA MET F 372 -6.67 -17.17 -28.09
C MET F 372 -7.40 -18.28 -27.36
N VAL F 373 -7.30 -18.24 -26.03
CA VAL F 373 -8.17 -19.02 -25.15
C VAL F 373 -8.87 -18.08 -24.18
N ALA F 374 -10.09 -18.45 -23.80
CA ALA F 374 -10.82 -17.80 -22.72
C ALA F 374 -11.18 -18.86 -21.69
N LEU F 375 -10.66 -18.70 -20.47
CA LEU F 375 -10.75 -19.75 -19.44
C LEU F 375 -12.07 -19.63 -18.69
N SER F 376 -13.13 -20.15 -19.29
CA SER F 376 -14.38 -20.29 -18.56
C SER F 376 -14.18 -21.21 -17.36
N PRO F 377 -14.97 -21.03 -16.30
CA PRO F 377 -14.77 -21.84 -15.08
C PRO F 377 -14.75 -23.35 -15.30
N LEU F 378 -15.58 -23.88 -16.20
CA LEU F 378 -15.65 -25.31 -16.43
C LEU F 378 -15.06 -25.77 -17.76
N GLY F 379 -14.60 -24.85 -18.60
CA GLY F 379 -13.84 -25.25 -19.77
C GLY F 379 -13.23 -24.09 -20.52
N ALA F 380 -12.02 -24.26 -21.04
CA ALA F 380 -11.43 -23.28 -21.92
C ALA F 380 -12.15 -23.24 -23.27
N LEU F 381 -12.57 -22.06 -23.69
CA LEU F 381 -12.82 -21.79 -25.09
C LEU F 381 -11.50 -21.64 -25.82
N VAL F 382 -11.41 -22.21 -27.01
CA VAL F 382 -10.17 -22.17 -27.79
C VAL F 382 -10.49 -21.80 -29.22
N ALA F 383 -9.82 -20.75 -29.72
CA ALA F 383 -9.98 -20.26 -31.08
C ALA F 383 -8.66 -20.41 -31.80
N CYS F 384 -8.68 -21.05 -32.97
CA CYS F 384 -7.45 -21.53 -33.61
C CYS F 384 -7.59 -21.31 -35.11
N TYR F 385 -6.91 -20.29 -35.63
CA TYR F 385 -7.02 -19.92 -37.03
C TYR F 385 -5.70 -20.15 -37.77
N LYS F 386 -5.49 -19.41 -38.86
CA LYS F 386 -4.34 -19.62 -39.74
C LYS F 386 -3.01 -19.53 -39.00
N GLY F 387 -2.05 -20.31 -39.48
CA GLY F 387 -0.66 -20.24 -39.07
C GLY F 387 -0.34 -20.69 -37.65
N VAL F 388 -1.33 -20.75 -36.78
CA VAL F 388 -1.12 -21.05 -35.37
C VAL F 388 -1.53 -22.48 -35.10
N SER F 389 -0.58 -23.32 -34.69
CA SER F 389 -0.92 -24.67 -34.27
C SER F 389 -1.47 -24.63 -32.84
N CYS F 390 -2.51 -25.43 -32.60
CA CYS F 390 -3.12 -25.51 -31.29
C CYS F 390 -3.18 -26.97 -30.83
N SER F 391 -2.90 -27.19 -29.54
CA SER F 391 -2.88 -28.53 -29.00
C SER F 391 -3.40 -28.50 -27.57
N ILE F 392 -3.82 -29.67 -27.09
CA ILE F 392 -4.22 -29.86 -25.70
C ILE F 392 -3.37 -30.99 -25.14
N GLY F 393 -3.11 -30.95 -23.83
CA GLY F 393 -2.27 -31.95 -23.24
C GLY F 393 -2.64 -32.28 -21.81
N SER F 394 -1.95 -33.28 -21.28
CA SER F 394 -2.02 -33.62 -19.87
C SER F 394 -0.62 -33.93 -19.36
N ASN F 395 -0.47 -33.86 -18.03
CA ASN F 395 0.83 -34.07 -17.41
C ASN F 395 1.39 -35.46 -17.70
N ARG F 396 0.55 -36.49 -17.61
CA ARG F 396 0.99 -37.86 -17.80
C ARG F 396 1.23 -38.25 -19.26
N VAL F 397 0.60 -37.58 -20.22
CA VAL F 397 0.46 -38.16 -21.56
C VAL F 397 0.75 -37.14 -22.64
N GLY F 398 1.23 -35.96 -22.25
CA GLY F 398 1.62 -34.97 -23.24
C GLY F 398 0.46 -34.52 -24.09
N ILE F 399 0.76 -34.19 -25.34
CA ILE F 399 -0.28 -33.76 -26.26
C ILE F 399 -1.30 -34.88 -26.43
N ILE F 400 -2.55 -34.57 -26.11
CA ILE F 400 -3.65 -35.49 -26.33
C ILE F 400 -4.08 -35.45 -27.80
N LYS F 401 -4.21 -34.25 -28.36
CA LYS F 401 -4.77 -34.05 -29.69
C LYS F 401 -4.27 -32.72 -30.22
N GLN F 402 -4.20 -32.62 -31.54
CA GLN F 402 -4.04 -31.34 -32.22
C GLN F 402 -5.41 -30.82 -32.60
N LEU F 403 -5.76 -29.64 -32.08
CA LEU F 403 -7.11 -29.12 -32.24
C LEU F 403 -7.36 -28.72 -33.70
N ASN F 404 -8.63 -28.77 -34.08
CA ASN F 404 -9.02 -28.36 -35.42
C ASN F 404 -8.96 -26.84 -35.56
N LYS F 405 -9.05 -26.38 -36.80
CA LYS F 405 -9.30 -24.98 -37.09
C LYS F 405 -10.72 -24.59 -36.68
N GLY F 406 -10.87 -23.35 -36.22
CA GLY F 406 -12.14 -22.90 -35.69
C GLY F 406 -12.22 -23.00 -34.17
N CYS F 407 -13.39 -22.63 -33.66
CA CYS F 407 -13.66 -22.64 -32.23
C CYS F 407 -13.69 -24.06 -31.68
N SER F 408 -13.02 -24.25 -30.55
CA SER F 408 -12.98 -25.52 -29.84
C SER F 408 -13.21 -25.26 -28.36
N TYR F 409 -14.00 -26.14 -27.73
CA TYR F 409 -14.30 -26.03 -26.31
C TYR F 409 -13.75 -27.24 -25.57
N ILE F 410 -12.78 -27.01 -24.69
CA ILE F 410 -12.03 -28.07 -24.04
C ILE F 410 -12.43 -28.06 -22.57
N THR F 411 -13.10 -29.12 -22.13
CA THR F 411 -13.59 -29.18 -20.75
C THR F 411 -12.42 -29.36 -19.78
N ASN F 412 -12.67 -29.00 -18.53
CA ASN F 412 -11.73 -29.29 -17.44
C ASN F 412 -11.32 -30.75 -17.37
N GLN F 413 -12.14 -31.66 -17.91
CA GLN F 413 -11.85 -33.09 -17.89
C GLN F 413 -11.27 -33.61 -19.21
N ASP F 414 -11.33 -32.83 -20.28
CA ASP F 414 -10.66 -33.22 -21.52
C ASP F 414 -9.15 -33.04 -21.46
N ALA F 415 -8.67 -32.02 -20.76
CA ALA F 415 -7.24 -31.73 -20.76
C ALA F 415 -6.85 -31.06 -19.45
N ASP F 416 -5.55 -31.05 -19.19
CA ASP F 416 -4.94 -30.17 -18.21
C ASP F 416 -4.37 -28.88 -18.82
N THR F 417 -3.75 -28.96 -19.99
CA THR F 417 -3.24 -27.79 -20.66
C THR F 417 -3.85 -27.65 -22.04
N VAL F 418 -3.90 -26.42 -22.53
CA VAL F 418 -4.12 -26.10 -23.93
C VAL F 418 -3.01 -25.16 -24.38
N THR F 419 -2.55 -25.33 -25.62
CA THR F 419 -1.42 -24.57 -26.13
C THR F 419 -1.82 -23.86 -27.41
N ILE F 420 -1.46 -22.58 -27.51
CA ILE F 420 -1.71 -21.78 -28.71
C ILE F 420 -0.37 -21.24 -29.18
N ASP F 421 0.03 -21.63 -30.40
CA ASP F 421 1.42 -21.60 -30.84
C ASP F 421 2.27 -22.23 -29.73
N ASN F 422 3.33 -21.57 -29.27
CA ASN F 422 4.18 -22.11 -28.20
C ASN F 422 3.67 -21.76 -26.80
N THR F 423 2.59 -20.98 -26.69
CA THR F 423 2.06 -20.60 -25.39
C THR F 423 1.44 -21.82 -24.70
N VAL F 424 1.50 -21.82 -23.37
CA VAL F 424 0.85 -22.85 -22.57
C VAL F 424 -0.16 -22.17 -21.66
N TYR F 425 -1.43 -22.58 -21.78
CA TYR F 425 -2.50 -22.13 -20.89
C TYR F 425 -2.97 -23.32 -20.05
N GLN F 426 -2.81 -23.22 -18.73
CA GLN F 426 -3.31 -24.24 -17.82
C GLN F 426 -4.82 -24.05 -17.61
N LEU F 427 -5.58 -25.10 -17.89
CA LEU F 427 -7.02 -25.05 -17.69
C LEU F 427 -7.37 -25.17 -16.20
N SER F 428 -8.58 -24.69 -15.88
CA SER F 428 -9.16 -24.91 -14.56
C SER F 428 -9.39 -26.39 -14.32
N LYS F 429 -9.26 -26.81 -13.06
CA LYS F 429 -9.51 -28.19 -12.67
C LYS F 429 -10.80 -28.34 -11.85
N VAL F 430 -11.71 -27.38 -11.97
CA VAL F 430 -12.99 -27.44 -11.27
C VAL F 430 -13.84 -28.55 -11.88
N GLU F 431 -14.41 -29.39 -11.02
CA GLU F 431 -15.41 -30.35 -11.46
C GLU F 431 -16.77 -29.67 -11.62
N GLY F 432 -17.45 -29.98 -12.72
CA GLY F 432 -18.81 -29.53 -12.90
C GLY F 432 -19.39 -30.13 -14.17
N GLU F 433 -20.68 -29.83 -14.39
CA GLU F 433 -21.40 -30.32 -15.55
C GLU F 433 -21.20 -29.37 -16.72
N GLN F 434 -20.87 -29.92 -17.88
CA GLN F 434 -20.71 -29.14 -19.11
C GLN F 434 -21.59 -29.72 -20.22
N HIS F 435 -22.13 -28.83 -21.06
CA HIS F 435 -22.94 -29.22 -22.21
C HIS F 435 -22.44 -28.49 -23.44
N VAL F 436 -22.47 -29.19 -24.58
CA VAL F 436 -22.51 -28.52 -25.89
C VAL F 436 -23.94 -28.17 -26.23
N ILE F 437 -24.13 -27.01 -26.85
CA ILE F 437 -25.34 -26.69 -27.61
C ILE F 437 -24.94 -26.54 -29.07
N LYS F 438 -25.50 -27.39 -29.93
CA LYS F 438 -25.06 -27.48 -31.31
C LYS F 438 -25.63 -26.34 -32.15
N GLY F 439 -24.87 -25.97 -33.17
CA GLY F 439 -25.35 -25.09 -34.22
C GLY F 439 -24.21 -24.38 -34.94
N ARG F 440 -24.19 -24.47 -36.26
CA ARG F 440 -23.09 -23.96 -37.07
C ARG F 440 -22.83 -22.48 -36.78
N PRO F 441 -21.63 -22.12 -36.33
CA PRO F 441 -21.42 -20.79 -35.73
C PRO F 441 -21.83 -19.66 -36.67
N VAL F 442 -22.28 -18.55 -36.07
CA VAL F 442 -22.92 -17.48 -36.85
C VAL F 442 -21.98 -16.97 -37.95
N SER F 443 -20.68 -16.95 -37.67
CA SER F 443 -19.70 -16.53 -38.67
C SER F 443 -19.66 -17.46 -39.87
N SER F 444 -20.19 -18.68 -39.73
CA SER F 444 -20.25 -19.65 -40.80
C SER F 444 -21.63 -19.78 -41.42
N SER F 445 -22.69 -19.41 -40.69
CA SER F 445 -24.05 -19.62 -41.15
C SER F 445 -24.73 -18.34 -41.65
N PHE F 446 -24.09 -17.18 -41.52
CA PHE F 446 -24.55 -15.96 -42.15
C PHE F 446 -23.46 -15.39 -43.04
N ASP F 447 -23.88 -14.79 -44.15
CA ASP F 447 -22.96 -14.02 -44.98
C ASP F 447 -22.66 -12.67 -44.34
N PRO F 448 -21.38 -12.34 -44.12
CA PRO F 448 -21.05 -11.04 -43.53
C PRO F 448 -21.43 -9.89 -44.46
N VAL F 449 -21.86 -8.78 -43.85
CA VAL F 449 -22.19 -7.60 -44.63
C VAL F 449 -20.94 -7.08 -45.33
N LYS F 450 -21.07 -6.79 -46.63
CA LYS F 450 -19.90 -6.45 -47.43
C LYS F 450 -19.28 -5.13 -46.99
N PHE F 451 -20.11 -4.16 -46.57
CA PHE F 451 -19.62 -2.88 -46.06
C PHE F 451 -20.62 -2.33 -45.07
N PRO F 452 -20.16 -1.64 -44.01
CA PRO F 452 -18.81 -1.72 -43.45
C PRO F 452 -18.56 -3.05 -42.74
N GLN F 453 -17.52 -3.78 -43.18
CA GLN F 453 -17.32 -5.15 -42.73
C GLN F 453 -16.69 -5.21 -41.33
N ASP F 454 -15.95 -4.17 -40.95
CA ASP F 454 -15.55 -3.99 -39.55
C ASP F 454 -16.53 -3.07 -38.84
N GLN F 455 -16.98 -3.48 -37.65
CA GLN F 455 -17.78 -2.66 -36.77
C GLN F 455 -17.43 -3.02 -35.33
N PHE F 456 -17.50 -2.02 -34.46
CA PHE F 456 -17.30 -2.20 -33.03
C PHE F 456 -18.60 -2.06 -32.27
N ASN F 457 -18.94 -3.08 -31.48
CA ASN F 457 -20.04 -3.03 -30.52
C ASN F 457 -21.38 -2.68 -31.19
N VAL F 458 -21.83 -3.57 -32.07
CA VAL F 458 -23.07 -3.36 -32.82
C VAL F 458 -23.93 -4.60 -32.66
N ALA F 459 -25.23 -4.43 -32.89
CA ALA F 459 -26.14 -5.56 -32.94
C ALA F 459 -25.85 -6.44 -34.15
N LEU F 460 -26.11 -7.75 -33.99
CA LEU F 460 -25.83 -8.69 -35.07
C LEU F 460 -26.60 -8.32 -36.33
N ASP F 461 -27.83 -7.82 -36.15
CA ASP F 461 -28.68 -7.35 -37.25
C ASP F 461 -27.97 -6.36 -38.15
N GLN F 462 -26.95 -5.66 -37.67
CA GLN F 462 -26.24 -4.67 -38.46
C GLN F 462 -25.07 -5.25 -39.25
N CYS F 463 -24.74 -6.51 -39.05
CA CYS F 463 -23.38 -6.99 -39.25
C CYS F 463 -23.30 -8.33 -40.00
N PHE F 464 -24.31 -9.19 -39.88
CA PHE F 464 -24.40 -10.38 -40.72
C PHE F 464 -25.76 -10.44 -41.41
N GLU G 1 9.46 -25.43 -46.15
CA GLU G 1 10.62 -26.30 -45.96
C GLU G 1 11.76 -25.53 -45.29
N VAL G 2 12.50 -26.22 -44.43
CA VAL G 2 13.60 -25.64 -43.67
C VAL G 2 14.83 -26.51 -43.88
N GLN G 3 15.96 -25.89 -44.16
CA GLN G 3 17.21 -26.62 -44.33
C GLN G 3 18.36 -25.87 -43.67
N LEU G 4 19.30 -26.63 -43.11
CA LEU G 4 20.53 -26.12 -42.56
C LEU G 4 21.68 -26.88 -43.18
N VAL G 5 22.67 -26.16 -43.71
CA VAL G 5 23.67 -26.75 -44.61
C VAL G 5 25.01 -26.09 -44.33
N GLU G 6 26.05 -26.92 -44.21
CA GLU G 6 27.31 -26.59 -43.56
C GLU G 6 28.45 -26.95 -44.49
N SER G 7 29.45 -26.08 -44.58
CA SER G 7 30.71 -26.43 -45.21
C SER G 7 31.87 -26.04 -44.29
N GLY G 8 32.63 -27.05 -43.87
CA GLY G 8 34.03 -26.95 -43.51
C GLY G 8 34.62 -28.34 -43.63
N GLY G 9 35.69 -28.51 -44.40
CA GLY G 9 35.94 -29.84 -44.92
C GLY G 9 37.38 -30.25 -45.13
N GLY G 10 37.63 -31.53 -44.89
CA GLY G 10 38.90 -32.17 -45.21
C GLY G 10 39.98 -31.86 -44.19
N LEU G 11 41.13 -32.48 -44.41
CA LEU G 11 42.21 -32.48 -43.42
C LEU G 11 42.59 -31.08 -42.99
N VAL G 12 42.42 -30.80 -41.70
CA VAL G 12 43.16 -29.74 -41.02
C VAL G 12 44.28 -30.39 -40.23
N LYS G 13 45.52 -29.99 -40.51
CA LYS G 13 46.63 -30.52 -39.73
C LYS G 13 46.55 -30.02 -38.28
N PRO G 14 46.93 -30.83 -37.31
CA PRO G 14 46.82 -30.42 -35.90
C PRO G 14 47.41 -29.04 -35.65
N GLY G 15 46.74 -28.27 -34.80
CA GLY G 15 47.10 -26.88 -34.60
C GLY G 15 46.66 -25.94 -35.70
N GLY G 16 46.21 -26.44 -36.83
CA GLY G 16 45.60 -25.61 -37.85
C GLY G 16 44.21 -25.14 -37.48
N SER G 17 43.59 -24.45 -38.43
CA SER G 17 42.34 -23.73 -38.18
C SER G 17 41.43 -23.85 -39.39
N LEU G 18 40.12 -23.76 -39.13
CA LEU G 18 39.10 -23.90 -40.16
C LEU G 18 37.86 -23.15 -39.69
N ARG G 19 37.05 -22.73 -40.66
CA ARG G 19 35.77 -22.10 -40.38
C ARG G 19 34.64 -22.99 -40.89
N LEU G 20 33.76 -23.40 -39.99
CA LEU G 20 32.47 -23.96 -40.37
C LEU G 20 31.47 -22.84 -40.63
N SER G 21 30.59 -23.05 -41.60
CA SER G 21 29.52 -22.09 -41.88
C SER G 21 28.23 -22.87 -42.15
N CYS G 22 27.36 -22.92 -41.14
CA CYS G 22 26.00 -23.43 -41.27
C CYS G 22 25.11 -22.33 -41.83
N ALA G 23 24.95 -22.32 -43.15
CA ALA G 23 23.95 -21.45 -43.76
C ALA G 23 22.54 -21.87 -43.36
N ALA G 24 21.69 -20.88 -43.11
CA ALA G 24 20.31 -21.12 -42.74
C ALA G 24 19.37 -20.60 -43.82
N SER G 25 18.24 -21.28 -43.99
CA SER G 25 17.26 -20.91 -45.00
C SER G 25 15.89 -21.39 -44.58
N GLY G 26 14.86 -20.67 -45.03
CA GLY G 26 13.48 -21.08 -44.85
C GLY G 26 12.87 -20.84 -43.49
N PHE G 27 13.58 -20.22 -42.55
CA PHE G 27 13.01 -19.97 -41.24
C PHE G 27 13.47 -18.61 -40.72
N THR G 28 12.81 -18.16 -39.66
CA THR G 28 13.03 -16.84 -39.05
C THR G 28 14.30 -16.82 -38.20
N PHE G 29 15.43 -16.91 -38.90
CA PHE G 29 16.72 -17.18 -38.26
C PHE G 29 16.96 -16.29 -37.05
N SER G 30 16.63 -15.00 -37.17
CA SER G 30 16.85 -14.03 -36.11
C SER G 30 16.17 -14.41 -34.79
N SER G 31 15.17 -15.29 -34.81
CA SER G 31 14.37 -15.56 -33.63
C SER G 31 14.74 -16.87 -32.92
N TYR G 32 15.64 -17.66 -33.48
CA TYR G 32 16.01 -18.94 -32.90
C TYR G 32 17.45 -18.92 -32.40
N SER G 33 17.66 -19.51 -31.22
CA SER G 33 19.00 -19.88 -30.80
C SER G 33 19.55 -21.00 -31.68
N MET G 34 20.87 -21.00 -31.84
CA MET G 34 21.54 -21.93 -32.76
C MET G 34 22.69 -22.61 -32.04
N ASN G 35 22.83 -23.92 -32.29
CA ASN G 35 23.80 -24.76 -31.60
C ASN G 35 24.63 -25.52 -32.63
N TRP G 36 25.86 -25.85 -32.24
CA TRP G 36 26.65 -26.86 -32.94
C TRP G 36 26.74 -28.13 -32.12
N VAL G 37 26.52 -29.27 -32.78
CA VAL G 37 26.61 -30.59 -32.19
C VAL G 37 27.50 -31.45 -33.08
N ARG G 38 28.43 -32.18 -32.48
CA ARG G 38 29.39 -32.96 -33.25
C ARG G 38 29.30 -34.43 -32.87
N GLN G 39 29.73 -35.28 -33.80
CA GLN G 39 29.67 -36.73 -33.65
C GLN G 39 31.01 -37.33 -34.10
N ALA G 40 31.82 -37.74 -33.14
CA ALA G 40 33.01 -38.52 -33.48
C ALA G 40 32.58 -39.83 -34.12
N PRO G 41 33.30 -40.31 -35.15
CA PRO G 41 32.74 -41.36 -36.01
C PRO G 41 32.26 -42.60 -35.26
N GLY G 42 30.99 -42.95 -35.46
CA GLY G 42 30.37 -44.04 -34.73
C GLY G 42 30.06 -43.75 -33.27
N LYS G 43 30.69 -42.74 -32.70
CA LYS G 43 30.51 -42.43 -31.29
C LYS G 43 29.23 -41.62 -31.06
N GLY G 44 29.02 -41.23 -29.80
CA GLY G 44 27.84 -40.48 -29.41
C GLY G 44 27.90 -39.03 -29.85
N LEU G 45 26.75 -38.36 -29.72
CA LEU G 45 26.66 -36.95 -30.02
C LEU G 45 27.27 -36.12 -28.90
N GLU G 46 27.90 -35.01 -29.27
CA GLU G 46 28.44 -34.05 -28.32
C GLU G 46 27.95 -32.66 -28.72
N TRP G 47 27.23 -32.00 -27.82
CA TRP G 47 26.98 -30.57 -27.98
C TRP G 47 28.29 -29.79 -27.94
N VAL G 48 28.53 -28.98 -28.97
CA VAL G 48 29.74 -28.18 -29.08
C VAL G 48 29.55 -26.82 -28.43
N SER G 49 28.58 -26.05 -28.94
CA SER G 49 28.43 -24.66 -28.53
C SER G 49 27.04 -24.18 -28.84
N SER G 50 26.65 -23.09 -28.18
CA SER G 50 25.33 -22.49 -28.32
C SER G 50 25.50 -20.99 -28.44
N ILE G 51 24.72 -20.37 -29.32
CA ILE G 51 24.59 -18.92 -29.40
C ILE G 51 23.12 -18.54 -29.28
N SER G 52 22.85 -17.49 -28.52
CA SER G 52 21.50 -16.96 -28.36
C SER G 52 21.03 -16.32 -29.67
N ALA G 53 19.84 -15.73 -29.60
CA ALA G 53 19.18 -15.22 -30.81
C ALA G 53 19.87 -13.97 -31.34
N SER G 54 20.07 -12.97 -30.47
CA SER G 54 20.79 -11.75 -30.84
C SER G 54 22.23 -11.74 -30.34
N SER G 55 22.88 -12.90 -30.29
CA SER G 55 24.27 -13.07 -29.86
C SER G 55 24.56 -12.52 -28.47
N SER G 56 23.53 -12.20 -27.67
CA SER G 56 23.78 -11.59 -26.37
C SER G 56 24.52 -12.53 -25.44
N TYR G 57 24.28 -13.83 -25.55
CA TYR G 57 24.91 -14.84 -24.70
C TYR G 57 25.42 -15.97 -25.59
N SER G 58 26.42 -16.69 -25.07
CA SER G 58 26.90 -17.89 -25.73
C SER G 58 27.51 -18.81 -24.68
N ASP G 59 27.61 -20.10 -25.04
CA ASP G 59 28.17 -21.12 -24.17
C ASP G 59 28.93 -22.13 -25.02
N TYR G 60 29.91 -22.78 -24.39
CA TYR G 60 30.79 -23.70 -25.08
C TYR G 60 31.03 -24.92 -24.21
N ALA G 61 31.12 -26.09 -24.84
CA ALA G 61 31.66 -27.25 -24.15
C ALA G 61 33.14 -27.02 -23.83
N ASP G 62 33.62 -27.73 -22.80
CA ASP G 62 35.02 -27.59 -22.42
C ASP G 62 35.96 -27.98 -23.55
N SER G 63 35.55 -28.96 -24.38
CA SER G 63 36.31 -29.26 -25.59
C SER G 63 36.41 -28.06 -26.52
N ALA G 64 35.37 -27.23 -26.58
CA ALA G 64 35.37 -26.04 -27.41
C ALA G 64 35.77 -24.77 -26.68
N LYS G 65 35.63 -24.73 -25.36
CA LYS G 65 35.86 -23.51 -24.59
C LYS G 65 37.31 -23.03 -24.75
N GLY G 66 37.46 -21.75 -25.08
CA GLY G 66 38.73 -21.17 -25.44
C GLY G 66 39.23 -21.47 -26.83
N ARG G 67 38.81 -22.58 -27.43
CA ARG G 67 39.38 -23.01 -28.70
C ARG G 67 38.54 -22.60 -29.91
N PHE G 68 37.21 -22.72 -29.81
CA PHE G 68 36.32 -22.41 -30.91
C PHE G 68 35.43 -21.22 -30.55
N THR G 69 35.13 -20.40 -31.55
CA THR G 69 34.15 -19.33 -31.42
C THR G 69 32.94 -19.65 -32.30
N ILE G 70 31.80 -19.85 -31.67
CA ILE G 70 30.52 -19.77 -32.37
C ILE G 70 30.16 -18.32 -32.61
N SER G 71 29.75 -18.01 -33.84
CA SER G 71 29.20 -16.71 -34.16
C SER G 71 28.02 -16.87 -35.11
N ARG G 72 27.25 -15.79 -35.24
CA ARG G 72 26.11 -15.73 -36.15
C ARG G 72 26.06 -14.35 -36.78
N ASP G 73 25.38 -14.26 -37.92
CA ASP G 73 25.03 -12.98 -38.50
C ASP G 73 23.59 -13.02 -38.99
N ASN G 74 22.77 -12.10 -38.52
CA ASN G 74 21.36 -12.04 -38.86
C ASN G 74 21.09 -11.21 -40.11
N ALA G 75 22.08 -10.47 -40.59
CA ALA G 75 22.16 -10.14 -42.01
C ALA G 75 22.72 -11.33 -42.76
N LYS G 76 22.18 -11.57 -43.96
CA LYS G 76 22.12 -12.92 -44.54
C LYS G 76 21.43 -13.85 -43.55
N THR G 77 21.70 -15.16 -43.65
CA THR G 77 21.29 -16.13 -42.63
C THR G 77 22.36 -17.21 -42.53
N SER G 78 23.35 -16.97 -41.66
CA SER G 78 24.51 -17.86 -41.58
C SER G 78 24.90 -18.06 -40.13
N LEU G 79 25.26 -19.29 -39.79
CA LEU G 79 25.90 -19.64 -38.53
C LEU G 79 27.34 -20.06 -38.78
N PHE G 80 28.26 -19.56 -37.96
CA PHE G 80 29.68 -19.83 -38.15
C PHE G 80 30.26 -20.47 -36.90
N LEU G 81 31.30 -21.28 -37.09
CA LEU G 81 32.18 -21.74 -36.01
C LEU G 81 33.63 -21.61 -36.47
N GLN G 82 34.30 -20.56 -36.02
CA GLN G 82 35.74 -20.42 -36.20
C GLN G 82 36.45 -21.34 -35.21
N MET G 83 37.16 -22.35 -35.73
CA MET G 83 37.83 -23.34 -34.91
C MET G 83 39.35 -23.12 -35.00
N ASN G 84 39.96 -22.84 -33.86
CA ASN G 84 41.40 -22.70 -33.75
C ASN G 84 41.97 -23.80 -32.87
N SER G 85 43.19 -24.23 -33.20
CA SER G 85 43.89 -25.30 -32.46
C SER G 85 43.07 -26.59 -32.43
N LEU G 86 42.59 -26.99 -33.60
CA LEU G 86 41.92 -28.28 -33.73
C LEU G 86 42.86 -29.42 -33.36
N ARG G 87 42.28 -30.50 -32.85
CA ARG G 87 43.04 -31.65 -32.37
C ARG G 87 42.51 -32.92 -33.02
N ALA G 88 43.33 -33.97 -32.98
CA ALA G 88 42.92 -35.24 -33.57
C ALA G 88 41.60 -35.73 -33.00
N GLU G 89 41.44 -35.63 -31.67
CA GLU G 89 40.20 -36.00 -31.00
C GLU G 89 39.02 -35.12 -31.38
N ASP G 90 39.24 -34.03 -32.12
CA ASP G 90 38.13 -33.28 -32.69
C ASP G 90 37.60 -33.85 -34.00
N THR G 91 38.25 -34.88 -34.56
CA THR G 91 37.82 -35.42 -35.84
C THR G 91 36.39 -35.92 -35.75
N ALA G 92 35.46 -35.26 -36.43
CA ALA G 92 34.03 -35.50 -36.25
C ALA G 92 33.27 -34.84 -37.37
N ILE G 93 32.09 -35.37 -37.66
CA ILE G 93 31.05 -34.58 -38.31
C ILE G 93 30.54 -33.55 -37.30
N TYR G 94 30.53 -32.28 -37.71
CA TYR G 94 29.83 -31.23 -36.98
C TYR G 94 28.48 -30.93 -37.60
N PHE G 95 27.43 -30.98 -36.79
CA PHE G 95 26.08 -30.56 -37.17
C PHE G 95 25.75 -29.24 -36.48
N CYS G 96 25.09 -28.35 -37.22
CA CYS G 96 24.29 -27.32 -36.55
C CYS G 96 22.89 -27.85 -36.30
N ALA G 97 22.20 -27.22 -35.34
CA ALA G 97 20.77 -27.45 -35.19
C ALA G 97 20.06 -26.20 -34.69
N ARG G 98 18.80 -26.06 -35.11
CA ARG G 98 17.93 -24.99 -34.65
C ARG G 98 17.43 -25.33 -33.25
N ALA G 99 17.89 -24.60 -32.24
CA ALA G 99 17.48 -24.89 -30.88
C ALA G 99 16.14 -24.24 -30.56
N ARG G 100 15.36 -24.93 -29.72
CA ARG G 100 14.05 -24.48 -29.30
C ARG G 100 13.78 -25.02 -27.90
N ALA G 101 13.07 -24.24 -27.08
CA ALA G 101 12.85 -24.64 -25.69
C ALA G 101 11.48 -24.19 -25.23
N THR G 102 10.56 -25.15 -25.07
CA THR G 102 9.19 -24.88 -24.59
C THR G 102 9.25 -24.66 -23.09
N GLY G 103 9.59 -23.43 -22.71
CA GLY G 103 10.00 -23.12 -21.35
C GLY G 103 8.92 -23.06 -20.29
N TYR G 104 8.17 -24.15 -20.08
CA TYR G 104 7.02 -24.13 -19.18
C TYR G 104 7.35 -24.75 -17.83
N SER G 105 7.82 -26.00 -17.83
CA SER G 105 8.35 -26.63 -16.63
C SER G 105 9.77 -26.18 -16.36
N SER G 106 10.61 -26.26 -17.39
CA SER G 106 12.05 -26.06 -17.33
C SER G 106 12.47 -25.49 -18.67
N ILE G 107 13.66 -24.90 -18.75
CA ILE G 107 14.24 -24.59 -20.04
C ILE G 107 15.43 -25.51 -20.27
N THR G 108 15.33 -26.29 -21.35
CA THR G 108 16.35 -27.15 -21.91
C THR G 108 16.11 -27.22 -23.41
N PRO G 109 17.08 -26.88 -24.25
CA PRO G 109 16.74 -26.67 -25.66
C PRO G 109 16.74 -27.96 -26.45
N TYR G 110 15.59 -28.36 -26.98
CA TYR G 110 15.55 -29.44 -27.95
C TYR G 110 15.88 -28.91 -29.34
N PHE G 111 16.46 -29.77 -30.17
CA PHE G 111 16.96 -29.39 -31.48
C PHE G 111 16.06 -29.99 -32.56
N ASP G 112 15.33 -29.13 -33.27
CA ASP G 112 14.17 -29.57 -34.03
C ASP G 112 14.45 -29.78 -35.52
N ILE G 113 15.28 -28.94 -36.14
CA ILE G 113 15.91 -29.21 -37.41
C ILE G 113 17.42 -29.37 -37.21
N TRP G 114 17.96 -30.50 -37.67
CA TRP G 114 19.40 -30.73 -37.68
C TRP G 114 19.92 -30.57 -39.10
N GLY G 115 21.08 -29.92 -39.22
CA GLY G 115 21.75 -29.88 -40.51
C GLY G 115 22.39 -31.21 -40.88
N GLN G 116 22.71 -31.35 -42.17
CA GLN G 116 23.28 -32.60 -42.66
C GLN G 116 24.71 -32.80 -42.19
N GLY G 117 25.40 -31.74 -41.79
CA GLY G 117 26.73 -31.84 -41.24
C GLY G 117 27.81 -32.03 -42.29
N THR G 118 29.05 -31.84 -41.84
CA THR G 118 30.24 -31.92 -42.67
C THR G 118 31.40 -32.36 -41.80
N LEU G 119 32.38 -33.03 -42.42
CA LEU G 119 33.31 -33.88 -41.69
C LEU G 119 34.63 -33.13 -41.48
N VAL G 120 34.84 -32.67 -40.24
CA VAL G 120 36.16 -32.22 -39.80
C VAL G 120 37.04 -33.44 -39.58
N THR G 121 38.25 -33.41 -40.13
CA THR G 121 39.23 -34.46 -39.89
C THR G 121 40.60 -33.86 -39.69
N VAL G 122 41.34 -34.41 -38.72
CA VAL G 122 42.51 -33.74 -38.15
C VAL G 122 43.65 -34.73 -38.02
N VAL H 2 -14.19 37.20 31.97
CA VAL H 2 -14.37 36.05 32.85
C VAL H 2 -14.58 36.51 34.30
N GLN H 3 -15.54 35.89 34.97
CA GLN H 3 -15.98 36.37 36.28
C GLN H 3 -16.45 35.19 37.12
N LEU H 4 -16.31 35.33 38.43
CA LEU H 4 -16.87 34.40 39.41
C LEU H 4 -17.60 35.21 40.46
N VAL H 5 -18.85 34.83 40.76
CA VAL H 5 -19.67 35.52 41.74
C VAL H 5 -20.37 34.50 42.63
N GLN H 6 -20.46 34.82 43.92
CA GLN H 6 -21.03 33.93 44.93
C GLN H 6 -22.13 34.67 45.65
N SER H 7 -23.10 33.92 46.21
CA SER H 7 -24.24 34.56 46.85
C SER H 7 -24.66 33.90 48.16
N GLY H 8 -23.76 33.18 48.84
CA GLY H 8 -24.04 32.68 50.15
C GLY H 8 -25.00 31.50 50.14
N PRO H 9 -25.79 31.32 51.22
CA PRO H 9 -26.07 32.29 52.30
C PRO H 9 -24.94 32.44 53.32
N ALA H 10 -24.88 33.62 53.94
CA ALA H 10 -23.83 33.96 54.88
C ALA H 10 -24.01 33.34 56.26
N LEU H 11 -25.19 32.81 56.58
CA LEU H 11 -25.42 32.22 57.90
C LEU H 11 -26.15 30.90 57.77
N VAL H 12 -25.65 29.88 58.47
CA VAL H 12 -26.25 28.55 58.51
C VAL H 12 -26.23 28.08 59.96
N LYS H 13 -27.33 27.50 60.41
CA LYS H 13 -27.42 27.03 61.78
C LYS H 13 -26.57 25.78 61.98
N SER H 14 -26.14 25.57 63.22
CA SER H 14 -25.30 24.44 63.57
C SER H 14 -25.97 23.11 63.23
N THR H 15 -25.13 22.14 62.84
CA THR H 15 -25.53 20.80 62.38
C THR H 15 -26.36 20.79 61.10
N GLN H 16 -26.74 21.95 60.57
CA GLN H 16 -27.47 21.97 59.31
C GLN H 16 -26.54 21.57 58.15
N THR H 17 -27.09 21.61 56.94
CA THR H 17 -26.32 21.42 55.72
C THR H 17 -26.08 22.76 55.04
N LEU H 18 -24.81 23.09 54.83
CA LEU H 18 -24.45 24.27 54.04
C LEU H 18 -24.63 23.98 52.54
N THR H 19 -25.10 24.99 51.81
CA THR H 19 -25.00 24.96 50.36
C THR H 19 -24.55 26.34 49.88
N LEU H 20 -23.66 26.34 48.88
CA LEU H 20 -23.16 27.58 48.29
C LEU H 20 -23.14 27.44 46.77
N THR H 21 -23.74 28.41 46.07
CA THR H 21 -23.57 28.52 44.63
C THR H 21 -22.34 29.36 44.31
N CYS H 22 -21.65 28.99 43.24
CA CYS H 22 -20.72 29.88 42.55
C CYS H 22 -21.07 29.93 41.07
N THR H 23 -21.13 31.14 40.53
CA THR H 23 -21.59 31.39 39.17
C THR H 23 -20.47 32.02 38.34
N PHE H 24 -20.45 31.69 37.06
CA PHE H 24 -19.29 31.94 36.21
C PHE H 24 -19.75 32.36 34.83
N SER H 25 -18.87 33.08 34.13
CA SER H 25 -19.18 33.64 32.81
C SER H 25 -17.90 33.83 32.03
N GLY H 26 -18.04 33.82 30.70
CA GLY H 26 -16.91 33.93 29.79
C GLY H 26 -16.22 32.62 29.47
N PHE H 27 -16.70 31.52 30.05
CA PHE H 27 -16.19 30.19 29.74
C PHE H 27 -17.27 29.19 30.14
N ALA H 28 -17.05 27.93 29.80
CA ALA H 28 -17.91 26.87 30.30
C ALA H 28 -17.09 25.78 30.96
N LEU H 29 -17.66 25.20 32.01
CA LEU H 29 -17.05 24.05 32.68
C LEU H 29 -16.86 22.86 31.75
N THR H 30 -17.60 22.80 30.64
CA THR H 30 -17.54 21.65 29.75
C THR H 30 -16.34 21.64 28.80
N THR H 31 -15.67 22.77 28.61
CA THR H 31 -14.54 22.80 27.70
C THR H 31 -13.29 22.28 28.41
N SER H 32 -12.47 21.54 27.64
CA SER H 32 -11.52 20.62 28.24
C SER H 32 -10.44 21.35 29.04
N GLY H 33 -9.98 20.69 30.10
CA GLY H 33 -8.99 21.23 31.01
C GLY H 33 -9.47 22.29 31.97
N MET H 34 -10.73 22.72 31.87
CA MET H 34 -11.33 23.53 32.92
C MET H 34 -11.70 22.67 34.12
N CYS H 35 -11.67 23.29 35.29
CA CYS H 35 -12.43 22.84 36.45
C CYS H 35 -12.86 24.06 37.24
N VAL H 36 -13.81 23.86 38.15
CA VAL H 36 -13.93 24.71 39.32
C VAL H 36 -13.64 23.88 40.56
N SER H 37 -13.17 24.55 41.60
CA SER H 37 -12.99 23.94 42.92
C SER H 37 -13.61 24.84 43.97
N TRP H 38 -13.86 24.27 45.15
CA TRP H 38 -14.09 25.04 46.36
C TRP H 38 -12.90 24.87 47.28
N VAL H 39 -12.40 25.98 47.82
CA VAL H 39 -11.31 25.98 48.78
C VAL H 39 -11.73 26.79 50.01
N ARG H 40 -11.59 26.18 51.18
CA ARG H 40 -12.00 26.80 52.43
C ARG H 40 -10.82 27.54 53.05
N GLN H 41 -11.15 28.58 53.83
CA GLN H 41 -10.14 29.25 54.66
C GLN H 41 -10.76 29.83 55.92
N PRO H 42 -10.46 29.28 57.09
CA PRO H 42 -10.93 29.89 58.33
C PRO H 42 -10.28 31.24 58.55
N PRO H 43 -10.90 32.12 59.34
CA PRO H 43 -10.32 33.45 59.57
C PRO H 43 -8.93 33.36 60.18
N GLY H 44 -7.95 33.90 59.46
CA GLY H 44 -6.58 33.86 59.93
C GLY H 44 -5.93 32.49 59.90
N LYS H 45 -6.40 31.59 59.03
CA LYS H 45 -5.90 30.23 58.98
C LYS H 45 -5.59 29.86 57.54
N ALA H 46 -4.92 28.71 57.38
CA ALA H 46 -4.49 28.24 56.08
C ALA H 46 -5.67 27.87 55.19
N LEU H 47 -5.38 27.74 53.89
CA LEU H 47 -6.36 27.31 52.91
C LEU H 47 -6.58 25.81 52.96
N GLU H 48 -7.74 25.38 52.49
CA GLU H 48 -8.15 23.98 52.61
C GLU H 48 -9.07 23.65 51.44
N TRP H 49 -8.56 22.86 50.50
CA TRP H 49 -9.33 22.49 49.31
C TRP H 49 -10.43 21.51 49.69
N LEU H 50 -11.65 21.80 49.25
CA LEU H 50 -12.83 20.99 49.57
C LEU H 50 -13.16 19.95 48.51
N ALA H 51 -13.33 20.37 47.26
CA ALA H 51 -13.60 19.44 46.18
C ALA H 51 -13.33 20.12 44.85
N ARG H 52 -13.31 19.32 43.78
CA ARG H 52 -13.17 19.82 42.43
C ARG H 52 -14.08 19.04 41.50
N ILE H 53 -14.70 19.74 40.55
CA ILE H 53 -15.47 19.12 39.48
C ILE H 53 -14.91 19.59 38.14
N ASP H 54 -14.71 18.65 37.23
CA ASP H 54 -13.94 18.84 36.01
C ASP H 54 -14.84 18.77 34.78
N TRP H 55 -14.21 18.86 33.60
CA TRP H 55 -14.92 18.93 32.33
C TRP H 55 -15.61 17.62 31.97
N GLU H 56 -15.35 16.54 32.71
CA GLU H 56 -16.05 15.28 32.58
C GLU H 56 -17.03 15.05 33.71
N ASP H 57 -17.21 16.05 34.58
CA ASP H 57 -18.01 15.98 35.80
C ASP H 57 -17.55 14.88 36.74
N ASN H 58 -16.30 14.44 36.62
CA ASN H 58 -15.70 13.62 37.65
C ASN H 58 -15.43 14.49 38.87
N THR H 59 -15.79 14.00 40.05
CA THR H 59 -15.69 14.80 41.27
C THR H 59 -14.69 14.18 42.23
N TYR H 60 -13.78 15.00 42.74
CA TYR H 60 -12.71 14.56 43.64
C TYR H 60 -12.95 15.25 44.98
N TYR H 61 -13.15 14.45 46.01
CA TYR H 61 -13.54 14.97 47.32
C TYR H 61 -12.39 14.82 48.32
N SER H 62 -12.16 15.89 49.08
CA SER H 62 -11.04 15.94 50.01
C SER H 62 -11.17 14.84 51.06
N THR H 63 -10.14 14.01 51.17
CA THR H 63 -10.25 12.76 51.94
C THR H 63 -10.65 13.01 53.39
N SER H 64 -10.35 14.20 53.93
CA SER H 64 -10.80 14.53 55.27
C SER H 64 -12.30 14.78 55.35
N LEU H 65 -12.93 15.14 54.24
CA LEU H 65 -14.29 15.64 54.23
C LEU H 65 -15.19 14.92 53.23
N LYS H 66 -14.66 13.94 52.49
CA LYS H 66 -15.41 13.25 51.46
C LYS H 66 -16.71 12.64 51.98
N THR H 67 -16.73 12.24 53.26
CA THR H 67 -17.96 11.74 53.86
C THR H 67 -19.08 12.76 53.86
N ARG H 68 -18.75 14.04 54.02
CA ARG H 68 -19.77 15.07 54.22
C ARG H 68 -19.86 16.07 53.07
N VAL H 69 -18.74 16.47 52.47
CA VAL H 69 -18.79 17.36 51.32
C VAL H 69 -19.32 16.61 50.11
N THR H 70 -20.10 17.32 49.28
CA THR H 70 -20.49 16.82 47.97
C THR H 70 -20.78 18.01 47.08
N ILE H 71 -20.06 18.11 45.96
CA ILE H 71 -20.09 19.27 45.08
C ILE H 71 -20.37 18.78 43.66
N SER H 72 -21.32 19.44 43.00
CA SER H 72 -21.75 18.99 41.68
C SER H 72 -22.17 20.19 40.83
N LYS H 73 -22.03 20.02 39.52
CA LYS H 73 -22.61 20.94 38.56
C LYS H 73 -24.13 20.80 38.54
N ASP H 74 -24.82 21.94 38.49
CA ASP H 74 -26.21 21.93 38.04
C ASP H 74 -26.29 21.88 36.52
N PRO H 75 -26.92 20.86 35.95
CA PRO H 75 -26.72 20.58 34.51
C PRO H 75 -27.24 21.66 33.58
N SER H 76 -28.39 22.27 33.91
CA SER H 76 -29.00 23.25 33.02
C SER H 76 -28.33 24.61 33.01
N LYS H 77 -27.56 24.96 34.04
CA LYS H 77 -27.20 26.36 34.25
C LYS H 77 -25.73 26.49 34.61
N ASN H 78 -25.21 27.68 34.40
CA ASN H 78 -23.79 27.98 34.62
C ASN H 78 -23.50 28.25 36.09
N GLN H 79 -23.86 27.33 36.98
CA GLN H 79 -23.47 27.42 38.37
C GLN H 79 -23.09 26.05 38.90
N VAL H 80 -22.11 26.04 39.79
CA VAL H 80 -21.82 24.90 40.67
C VAL H 80 -22.46 25.19 42.02
N VAL H 81 -22.94 24.13 42.68
CA VAL H 81 -23.33 24.20 44.09
C VAL H 81 -22.41 23.31 44.90
N LEU H 82 -21.80 23.90 45.93
CA LEU H 82 -21.28 23.13 47.06
C LEU H 82 -22.43 22.66 47.95
N THR H 83 -22.32 21.44 48.45
CA THR H 83 -23.16 20.96 49.54
C THR H 83 -22.28 20.19 50.52
N MET H 84 -22.49 20.43 51.81
CA MET H 84 -21.78 19.65 52.83
C MET H 84 -22.58 19.62 54.13
N THR H 85 -22.78 18.41 54.65
CA THR H 85 -23.63 18.13 55.80
C THR H 85 -22.96 18.53 57.11
N ASN H 86 -23.78 18.57 58.16
CA ASN H 86 -23.35 18.71 59.55
C ASN H 86 -22.37 19.88 59.77
N MET H 87 -22.82 21.07 59.37
CA MET H 87 -22.09 22.30 59.71
C MET H 87 -21.80 22.37 61.20
N ASP H 88 -20.51 22.38 61.54
CA ASP H 88 -20.05 22.71 62.87
C ASP H 88 -19.65 24.18 62.95
N PRO H 89 -19.53 24.74 64.16
CA PRO H 89 -18.90 26.06 64.30
C PRO H 89 -17.49 26.13 63.73
N VAL H 90 -16.73 25.03 63.78
CA VAL H 90 -15.38 25.03 63.24
C VAL H 90 -15.36 25.20 61.72
N ASP H 91 -16.47 24.90 61.05
CA ASP H 91 -16.59 25.20 59.62
C ASP H 91 -16.73 26.70 59.33
N THR H 92 -16.81 27.56 60.33
CA THR H 92 -16.95 28.99 60.09
C THR H 92 -15.72 29.52 59.35
N ALA H 93 -15.92 30.01 58.14
CA ALA H 93 -14.81 30.33 57.25
C ALA H 93 -15.34 31.14 56.08
N THR H 94 -14.42 31.76 55.35
CA THR H 94 -14.69 32.18 53.99
C THR H 94 -14.58 30.98 53.07
N TYR H 95 -15.50 30.90 52.10
CA TYR H 95 -15.48 29.87 51.06
C TYR H 95 -15.29 30.51 49.70
N TYR H 96 -14.24 30.09 49.00
CA TYR H 96 -13.94 30.57 47.66
C TYR H 96 -14.15 29.44 46.66
N CYS H 97 -14.87 29.71 45.59
CA CYS H 97 -14.66 28.95 44.36
C CYS H 97 -13.42 29.49 43.66
N ALA H 98 -12.67 28.59 43.02
CA ALA H 98 -11.53 28.98 42.21
C ALA H 98 -11.43 28.10 40.98
N ARG H 99 -10.96 28.69 39.88
CA ARG H 99 -11.04 28.10 38.56
C ARG H 99 -9.65 27.63 38.17
N SER H 100 -9.54 26.36 37.77
CA SER H 100 -8.32 25.83 37.18
C SER H 100 -8.50 25.63 35.68
N TYR H 101 -7.50 26.04 34.90
CA TYR H 101 -7.49 25.82 33.46
C TYR H 101 -6.10 25.34 33.09
N ILE H 102 -5.97 24.03 32.88
CA ILE H 102 -4.70 23.41 32.49
C ILE H 102 -4.93 22.59 31.23
N THR H 103 -4.32 23.00 30.13
CA THR H 103 -4.38 22.23 28.89
C THR H 103 -3.20 21.30 28.71
N ASP H 104 -2.33 21.17 29.71
CA ASP H 104 -1.10 20.39 29.57
C ASP H 104 -1.04 19.31 30.66
N TRP H 105 -1.14 18.05 30.24
CA TRP H 105 -1.03 16.86 31.08
C TRP H 105 -2.01 16.74 32.25
N LYS H 106 -2.74 17.79 32.59
CA LYS H 106 -3.84 17.70 33.55
C LYS H 106 -3.40 17.24 34.95
N LYS H 107 -2.10 17.24 35.26
CA LYS H 107 -1.66 16.67 36.53
C LYS H 107 -1.79 17.68 37.67
N ASP H 108 -1.18 18.85 37.54
CA ASP H 108 -0.73 19.62 38.70
C ASP H 108 -1.54 20.92 38.75
N TRP H 109 -2.70 20.84 39.39
CA TRP H 109 -3.74 21.86 39.25
C TRP H 109 -3.38 23.10 40.06
N PHE H 110 -3.06 24.18 39.36
CA PHE H 110 -3.15 25.52 39.92
C PHE H 110 -4.52 26.11 39.66
N PHE H 111 -4.96 26.98 40.57
CA PHE H 111 -6.16 27.78 40.38
C PHE H 111 -5.76 29.20 40.02
N ASP H 112 -6.26 29.70 38.88
CA ASP H 112 -5.79 30.95 38.31
C ASP H 112 -6.81 32.08 38.35
N LEU H 113 -8.06 31.79 38.68
CA LEU H 113 -9.05 32.82 39.00
C LEU H 113 -9.76 32.44 40.30
N TRP H 114 -10.02 33.43 41.15
CA TRP H 114 -10.59 33.18 42.46
C TRP H 114 -11.77 34.11 42.70
N GLY H 115 -12.81 33.59 43.32
CA GLY H 115 -13.96 34.40 43.68
C GLY H 115 -13.63 35.46 44.72
N ARG H 116 -14.57 36.40 44.87
CA ARG H 116 -14.52 37.30 46.02
C ARG H 116 -14.63 36.54 47.34
N GLY H 117 -15.26 35.37 47.32
CA GLY H 117 -15.37 34.52 48.48
C GLY H 117 -16.53 34.88 49.39
N THR H 118 -17.28 33.86 49.83
CA THR H 118 -18.48 34.07 50.64
C THR H 118 -18.20 33.66 52.08
N LEU H 119 -18.48 34.57 53.01
CA LEU H 119 -18.25 34.29 54.43
C LEU H 119 -19.41 33.48 54.98
N VAL H 120 -19.12 32.27 55.44
CA VAL H 120 -20.10 31.42 56.11
C VAL H 120 -19.86 31.47 57.60
N THR H 121 -20.92 31.76 58.36
CA THR H 121 -20.86 31.79 59.81
C THR H 121 -21.75 30.68 60.37
N VAL H 122 -21.30 30.06 61.46
CA VAL H 122 -22.06 29.00 62.11
C VAL H 122 -22.02 29.18 63.62
N VAL I 2 51.43 3.68 -2.04
CA VAL I 2 51.26 4.76 -1.08
C VAL I 2 52.51 4.90 -0.21
N GLN I 3 53.00 6.13 -0.09
CA GLN I 3 53.97 6.47 0.94
C GLN I 3 53.86 7.95 1.25
N LEU I 4 54.23 8.32 2.49
CA LEU I 4 54.18 9.69 2.96
C LEU I 4 55.60 10.24 3.04
N VAL I 5 55.82 11.42 2.46
CA VAL I 5 57.15 11.99 2.30
C VAL I 5 57.17 13.41 2.86
N GLN I 6 58.27 13.76 3.52
CA GLN I 6 58.41 15.01 4.25
C GLN I 6 59.73 15.65 3.86
N SER I 7 59.87 16.96 4.16
CA SER I 7 60.97 17.73 3.58
C SER I 7 61.50 18.81 4.51
N GLY I 8 61.34 18.65 5.83
CA GLY I 8 61.84 19.63 6.76
C GLY I 8 60.99 20.89 6.79
N PRO I 9 61.58 22.02 7.24
CA PRO I 9 63.01 22.23 7.55
C PRO I 9 63.51 21.54 8.82
N ALA I 10 64.76 21.07 8.75
CA ALA I 10 65.34 20.26 9.82
C ALA I 10 65.79 21.09 11.02
N LEU I 11 65.96 22.40 10.87
CA LEU I 11 66.36 23.27 11.96
C LEU I 11 65.44 24.47 12.04
N VAL I 12 64.91 24.73 13.23
CA VAL I 12 64.07 25.90 13.50
C VAL I 12 64.45 26.43 14.89
N LYS I 13 64.64 27.74 14.98
CA LYS I 13 65.04 28.35 16.24
C LYS I 13 63.84 28.55 17.16
N SER I 14 64.12 28.71 18.45
CA SER I 14 63.08 29.11 19.40
C SER I 14 62.57 30.51 19.07
N THR I 15 61.32 30.75 19.46
CA THR I 15 60.56 31.93 19.02
C THR I 15 60.45 31.97 17.49
N GLN I 16 60.23 30.80 16.89
CA GLN I 16 59.83 30.70 15.50
C GLN I 16 58.69 29.68 15.39
N THR I 17 57.79 29.92 14.45
CA THR I 17 56.74 28.95 14.14
C THR I 17 57.32 27.83 13.28
N LEU I 18 57.24 26.60 13.80
CA LEU I 18 57.58 25.43 13.00
C LEU I 18 56.45 25.12 12.02
N THR I 19 56.82 24.77 10.79
CA THR I 19 55.89 24.14 9.88
C THR I 19 56.57 22.97 9.19
N LEU I 20 55.78 21.94 8.90
CA LEU I 20 56.23 20.78 8.14
C LEU I 20 55.15 20.39 7.16
N THR I 21 55.53 20.12 5.91
CA THR I 21 54.64 19.40 5.01
C THR I 21 54.77 17.89 5.25
N CYS I 22 53.65 17.19 5.08
CA CYS I 22 53.66 15.78 4.67
C CYS I 22 52.88 15.66 3.37
N THR I 23 53.53 15.10 2.35
CA THR I 23 52.87 14.75 1.09
C THR I 23 52.51 13.27 1.08
N PHE I 24 51.46 12.95 0.33
CA PHE I 24 50.94 11.58 0.27
C PHE I 24 50.34 11.35 -1.11
N SER I 25 50.22 10.07 -1.46
CA SER I 25 49.68 9.70 -2.76
C SER I 25 49.15 8.27 -2.71
N GLY I 26 48.26 7.96 -3.64
CA GLY I 26 47.64 6.65 -3.73
C GLY I 26 46.44 6.43 -2.86
N PHE I 27 46.14 7.35 -1.94
CA PHE I 27 44.86 7.41 -1.24
C PHE I 27 44.39 8.85 -1.21
N ALA I 28 43.10 9.06 -1.49
CA ALA I 28 42.51 10.35 -1.20
C ALA I 28 42.41 10.57 0.31
N LEU I 29 42.64 11.80 0.74
CA LEU I 29 42.22 12.20 2.08
C LEU I 29 40.70 12.23 2.19
N THR I 30 40.01 12.59 1.11
CA THR I 30 38.55 12.75 1.12
C THR I 30 37.83 11.49 0.67
N THR I 31 38.27 10.32 1.10
CA THR I 31 37.48 9.10 1.07
C THR I 31 37.32 8.59 2.50
N SER I 32 36.14 8.04 2.79
CA SER I 32 35.62 8.05 4.15
C SER I 32 36.47 7.18 5.08
N GLY I 33 36.63 7.65 6.31
CA GLY I 33 37.42 6.98 7.32
C GLY I 33 38.93 7.10 7.18
N MET I 34 39.42 7.79 6.15
CA MET I 34 40.81 8.20 6.13
C MET I 34 41.05 9.38 7.08
N CYS I 35 42.21 9.36 7.73
CA CYS I 35 42.76 10.56 8.34
C CYS I 35 44.25 10.65 8.01
N VAL I 36 44.81 11.84 8.22
CA VAL I 36 46.23 11.99 8.47
C VAL I 36 46.42 12.61 9.84
N SER I 37 47.52 12.23 10.49
CA SER I 37 47.82 12.65 11.85
C SER I 37 49.31 12.96 11.96
N TRP I 38 49.68 13.68 13.01
CA TRP I 38 51.09 13.86 13.35
C TRP I 38 51.36 13.37 14.76
N VAL I 39 52.57 12.83 14.93
CA VAL I 39 53.02 12.23 16.17
C VAL I 39 54.52 12.49 16.30
N ARG I 40 55.01 12.56 17.53
CA ARG I 40 56.31 13.15 17.81
C ARG I 40 57.06 12.29 18.81
N GLN I 41 58.39 12.22 18.64
CA GLN I 41 59.24 11.45 19.53
C GLN I 41 60.68 11.95 19.55
N PRO I 42 61.17 12.47 20.66
CA PRO I 42 62.61 12.70 20.82
C PRO I 42 63.36 11.38 20.87
N PRO I 43 64.70 11.41 20.80
CA PRO I 43 65.47 10.19 21.09
C PRO I 43 65.34 9.77 22.55
N GLY I 44 65.30 8.47 22.78
CA GLY I 44 65.18 7.95 24.13
C GLY I 44 63.86 8.24 24.80
N LYS I 45 62.81 8.45 24.00
CA LYS I 45 61.60 9.13 24.43
C LYS I 45 60.39 8.50 23.74
N ALA I 46 59.21 8.80 24.27
CA ALA I 46 57.99 8.06 24.07
C ALA I 46 57.00 9.00 23.39
N LEU I 47 55.98 8.44 22.74
CA LEU I 47 55.38 9.11 21.59
C LEU I 47 54.13 9.88 22.00
N GLU I 48 53.97 11.04 21.37
CA GLU I 48 52.92 12.00 21.67
C GLU I 48 52.18 12.31 20.38
N TRP I 49 50.89 11.98 20.33
CA TRP I 49 50.07 12.38 19.21
C TRP I 49 49.84 13.89 19.27
N LEU I 50 49.93 14.54 18.11
CA LEU I 50 49.90 15.99 18.02
C LEU I 50 48.53 16.51 17.61
N ALA I 51 48.03 16.06 16.45
CA ALA I 51 46.69 16.42 16.00
C ALA I 51 46.28 15.44 14.92
N ARG I 52 44.99 15.50 14.56
CA ARG I 52 44.47 14.69 13.47
C ARG I 52 43.45 15.50 12.69
N ILE I 53 43.40 15.25 11.38
CA ILE I 53 42.41 15.85 10.49
C ILE I 53 41.76 14.74 9.68
N ASP I 54 40.44 14.80 9.54
CA ASP I 54 39.65 13.70 9.02
C ASP I 54 39.08 14.04 7.64
N TRP I 55 38.34 13.09 7.08
CA TRP I 55 37.82 13.18 5.71
C TRP I 55 36.79 14.29 5.55
N GLU I 56 36.30 14.86 6.64
CA GLU I 56 35.44 16.04 6.61
C GLU I 56 36.21 17.30 6.98
N ASP I 57 37.52 17.21 7.12
CA ASP I 57 38.42 18.30 7.52
C ASP I 57 38.12 18.80 8.94
N ASN I 58 37.39 18.03 9.73
CA ASN I 58 37.31 18.32 11.15
C ASN I 58 38.63 17.96 11.81
N THR I 59 38.94 18.62 12.93
CA THR I 59 40.28 18.54 13.48
C THR I 59 40.22 18.42 15.00
N TYR I 60 41.23 17.74 15.54
CA TYR I 60 41.31 17.38 16.94
C TYR I 60 42.71 17.71 17.42
N TYR I 61 42.82 18.38 18.56
CA TYR I 61 44.10 18.87 19.03
C TYR I 61 44.47 18.27 20.39
N SER I 62 45.68 17.75 20.49
CA SER I 62 46.17 17.15 21.72
C SER I 62 46.17 18.20 22.84
N THR I 63 45.45 17.90 23.93
CA THR I 63 44.96 18.94 24.82
C THR I 63 46.11 19.76 25.42
N SER I 64 47.21 19.11 25.79
CA SER I 64 48.33 19.85 26.35
C SER I 64 48.99 20.75 25.32
N LEU I 65 48.95 20.37 24.04
CA LEU I 65 49.53 21.18 22.97
C LEU I 65 48.50 22.12 22.34
N LYS I 66 47.24 22.05 22.76
CA LYS I 66 46.16 22.79 22.10
C LYS I 66 46.38 24.30 22.14
N THR I 67 47.17 24.79 23.10
CA THR I 67 47.56 26.19 23.15
C THR I 67 48.54 26.62 22.06
N ARG I 68 49.11 25.69 21.29
CA ARG I 68 50.24 26.06 20.45
C ARG I 68 50.31 25.38 19.09
N VAL I 69 49.33 24.56 18.71
CA VAL I 69 49.42 23.79 17.48
C VAL I 69 48.18 24.06 16.63
N THR I 70 48.35 23.96 15.30
CA THR I 70 47.22 23.93 14.38
C THR I 70 47.65 23.20 13.11
N ILE I 71 46.77 22.32 12.61
CA ILE I 71 47.04 21.49 11.44
C ILE I 71 45.84 21.60 10.50
N SER I 72 46.11 21.63 9.20
CA SER I 72 45.05 21.66 8.20
C SER I 72 45.51 21.02 6.90
N LYS I 73 44.55 20.47 6.17
CA LYS I 73 44.76 19.99 4.81
C LYS I 73 44.71 21.16 3.83
N ASP I 74 45.69 21.24 2.95
CA ASP I 74 45.62 22.24 1.88
C ASP I 74 44.55 21.87 0.87
N PRO I 75 43.75 22.84 0.41
CA PRO I 75 42.73 22.54 -0.61
C PRO I 75 43.29 22.13 -1.95
N SER I 76 44.49 22.58 -2.31
CA SER I 76 44.95 22.48 -3.70
C SER I 76 45.41 21.07 -4.08
N LYS I 77 45.95 20.31 -3.15
CA LYS I 77 46.72 19.13 -3.53
C LYS I 77 46.72 18.14 -2.37
N ASN I 78 47.21 16.94 -2.66
CA ASN I 78 47.46 15.92 -1.65
C ASN I 78 48.66 16.27 -0.78
N GLN I 79 48.58 17.35 -0.02
CA GLN I 79 49.55 17.62 1.02
C GLN I 79 48.88 18.24 2.24
N VAL I 80 49.46 17.98 3.40
CA VAL I 80 49.06 18.59 4.67
C VAL I 80 50.26 19.38 5.19
N VAL I 81 49.99 20.47 5.89
CA VAL I 81 51.03 21.19 6.61
C VAL I 81 50.68 21.23 8.10
N LEU I 82 51.65 20.80 8.92
CA LEU I 82 51.65 21.07 10.35
C LEU I 82 52.10 22.49 10.62
N THR I 83 51.47 23.13 11.61
CA THR I 83 51.95 24.40 12.13
C THR I 83 51.86 24.37 13.65
N MET I 84 52.89 24.89 14.30
CA MET I 84 52.86 25.06 15.75
C MET I 84 53.66 26.29 16.17
N THR I 85 53.07 27.08 17.07
CA THR I 85 53.33 28.51 17.14
C THR I 85 54.78 28.84 17.49
N ASN I 86 55.36 28.15 18.48
CA ASN I 86 56.68 28.54 18.98
C ASN I 86 57.45 27.30 19.45
N MET I 87 58.55 27.01 18.77
CA MET I 87 59.42 25.91 19.17
C MET I 87 60.06 26.18 20.52
N ASP I 88 60.19 25.12 21.32
CA ASP I 88 61.04 25.05 22.49
C ASP I 88 62.04 23.91 22.34
N PRO I 89 63.19 23.97 23.02
CA PRO I 89 64.20 22.91 22.86
C PRO I 89 63.66 21.49 22.99
N VAL I 90 62.69 21.29 23.89
CA VAL I 90 62.07 19.97 24.07
C VAL I 90 61.43 19.48 22.78
N ASP I 91 61.02 20.39 21.90
CA ASP I 91 60.43 20.00 20.62
C ASP I 91 61.43 19.44 19.63
N THR I 92 62.73 19.43 19.95
CA THR I 92 63.70 18.69 19.14
C THR I 92 63.35 17.21 19.10
N ALA I 93 62.86 16.74 17.96
CA ALA I 93 62.32 15.40 17.85
C ALA I 93 62.22 15.02 16.38
N THR I 94 62.04 13.72 16.14
CA THR I 94 61.52 13.24 14.86
C THR I 94 60.01 13.43 14.82
N TYR I 95 59.53 13.99 13.71
CA TYR I 95 58.11 14.11 13.42
C TYR I 95 57.72 13.15 12.33
N TYR I 96 56.64 12.39 12.56
CA TYR I 96 56.02 11.56 11.54
C TYR I 96 54.59 12.02 11.32
N CYS I 97 54.20 12.19 10.06
CA CYS I 97 52.80 12.03 9.69
C CYS I 97 52.47 10.54 9.62
N ALA I 98 51.24 10.20 10.03
CA ALA I 98 50.78 8.83 9.97
C ALA I 98 49.37 8.75 9.42
N ARG I 99 49.12 7.76 8.57
CA ARG I 99 47.80 7.51 8.00
C ARG I 99 47.01 6.62 8.95
N SER I 100 45.73 6.93 9.11
CA SER I 100 44.77 5.99 9.68
C SER I 100 43.56 5.86 8.77
N TYR I 101 43.09 4.63 8.58
CA TYR I 101 41.99 4.33 7.67
C TYR I 101 41.11 3.29 8.33
N ILE I 102 39.93 3.71 8.80
CA ILE I 102 39.01 2.82 9.51
C ILE I 102 37.59 3.03 9.01
N THR I 103 37.10 2.10 8.19
CA THR I 103 35.73 2.17 7.72
C THR I 103 34.72 1.62 8.72
N ASP I 104 35.16 0.97 9.79
CA ASP I 104 34.24 0.42 10.77
C ASP I 104 34.20 1.28 12.03
N TRP I 105 33.03 1.85 12.32
CA TRP I 105 32.65 2.59 13.53
C TRP I 105 33.57 3.73 13.96
N LYS I 106 34.71 3.93 13.30
CA LYS I 106 35.40 5.23 13.32
C LYS I 106 35.87 5.67 14.70
N LYS I 107 35.75 4.83 15.73
CA LYS I 107 36.15 5.26 17.07
C LYS I 107 37.65 5.14 17.30
N ASP I 108 38.22 3.95 17.11
CA ASP I 108 39.45 3.57 17.80
C ASP I 108 40.57 3.58 16.77
N TRP I 109 41.15 4.77 16.59
CA TRP I 109 42.01 5.06 15.44
C TRP I 109 43.39 4.42 15.58
N PHE I 110 43.52 3.17 15.15
CA PHE I 110 44.84 2.67 14.77
C PHE I 110 45.34 3.40 13.53
N PHE I 111 46.59 3.84 13.57
CA PHE I 111 47.34 4.12 12.36
C PHE I 111 47.82 2.82 11.71
N ASP I 112 48.05 2.88 10.40
CA ASP I 112 48.57 1.76 9.65
C ASP I 112 49.77 2.07 8.77
N LEU I 113 50.01 3.33 8.42
CA LEU I 113 51.21 3.72 7.68
C LEU I 113 51.80 4.97 8.30
N TRP I 114 53.13 5.02 8.35
CA TRP I 114 53.86 6.12 8.97
C TRP I 114 54.83 6.71 7.95
N GLY I 115 55.03 8.02 8.04
CA GLY I 115 55.86 8.71 7.06
C GLY I 115 57.30 8.24 7.06
N ARG I 116 58.02 8.67 6.02
CA ARG I 116 59.47 8.51 5.99
C ARG I 116 60.16 9.19 7.15
N GLY I 117 59.51 10.17 7.79
CA GLY I 117 59.97 10.73 9.04
C GLY I 117 60.90 11.91 8.82
N THR I 118 60.67 13.01 9.54
CA THR I 118 61.45 14.23 9.41
C THR I 118 62.01 14.62 10.77
N LEU I 119 63.34 14.76 10.85
CA LEU I 119 63.96 15.30 12.04
C LEU I 119 63.68 16.80 12.15
N VAL I 120 63.46 17.26 13.39
CA VAL I 120 63.48 18.68 13.72
C VAL I 120 64.43 18.88 14.89
N THR I 121 65.21 19.96 14.83
CA THR I 121 66.16 20.30 15.87
C THR I 121 65.92 21.73 16.33
N VAL I 122 66.07 21.97 17.63
CA VAL I 122 65.82 23.27 18.23
C VAL I 122 66.93 23.63 19.20
N GLU J 1 -8.45 41.15 -33.99
CA GLU J 1 -7.34 41.89 -33.42
C GLU J 1 -7.61 42.26 -31.97
N VAL J 2 -6.68 41.91 -31.08
CA VAL J 2 -6.75 42.35 -29.70
C VAL J 2 -6.43 43.84 -29.62
N GLN J 3 -7.26 44.58 -28.89
CA GLN J 3 -6.90 45.92 -28.44
C GLN J 3 -7.39 46.14 -27.02
N LEU J 4 -6.53 46.70 -26.19
CA LEU J 4 -6.90 47.27 -24.90
C LEU J 4 -6.92 48.79 -25.02
N VAL J 5 -8.03 49.40 -24.61
CA VAL J 5 -8.35 50.77 -25.03
C VAL J 5 -8.89 51.56 -23.84
N GLU J 6 -7.97 52.13 -23.06
CA GLU J 6 -8.32 52.76 -21.80
C GLU J 6 -9.04 54.09 -22.03
N SER J 7 -10.05 54.35 -21.20
CA SER J 7 -10.69 55.66 -21.15
C SER J 7 -11.06 55.98 -19.71
N GLY J 8 -11.28 57.27 -19.45
CA GLY J 8 -11.48 57.74 -18.09
C GLY J 8 -10.19 58.23 -17.46
N GLY J 9 -9.47 59.08 -18.19
CA GLY J 9 -8.30 59.76 -17.66
C GLY J 9 -8.46 61.27 -17.53
N GLY J 10 -7.36 61.99 -17.73
CA GLY J 10 -7.36 63.44 -17.58
C GLY J 10 -6.92 63.91 -16.21
N LEU J 11 -7.20 65.19 -15.95
CA LEU J 11 -6.81 65.82 -14.70
C LEU J 11 -7.67 65.38 -13.53
N VAL J 12 -7.05 65.21 -12.37
CA VAL J 12 -7.71 65.08 -11.09
C VAL J 12 -6.95 65.93 -10.08
N LYS J 13 -7.69 66.64 -9.22
CA LYS J 13 -7.02 67.39 -8.16
C LYS J 13 -6.54 66.47 -7.05
N PRO J 14 -5.50 66.88 -6.31
CA PRO J 14 -5.00 66.04 -5.21
C PRO J 14 -6.10 65.67 -4.23
N GLY J 15 -6.06 64.42 -3.75
CA GLY J 15 -7.13 63.86 -2.96
C GLY J 15 -8.41 63.56 -3.72
N GLY J 16 -8.52 63.97 -4.97
CA GLY J 16 -9.63 63.57 -5.82
C GLY J 16 -9.51 62.12 -6.25
N SER J 17 -10.52 61.68 -7.00
CA SER J 17 -10.64 60.28 -7.38
C SER J 17 -11.20 60.18 -8.78
N LEU J 18 -10.83 59.10 -9.47
CA LEU J 18 -11.23 58.87 -10.85
C LEU J 18 -11.27 57.37 -11.08
N ARG J 19 -12.06 56.96 -12.07
CA ARG J 19 -12.13 55.57 -12.50
C ARG J 19 -11.54 55.43 -13.90
N LEU J 20 -10.42 54.71 -13.99
CA LEU J 20 -9.92 54.23 -15.27
C LEU J 20 -10.74 53.02 -15.72
N SER J 21 -10.87 52.87 -17.05
CA SER J 21 -11.58 51.72 -17.61
C SER J 21 -10.80 51.24 -18.83
N CYS J 22 -9.99 50.20 -18.63
CA CYS J 22 -9.37 49.42 -19.71
C CYS J 22 -10.44 48.49 -20.30
N ALA J 23 -11.27 49.04 -21.17
CA ALA J 23 -12.16 48.20 -21.97
C ALA J 23 -11.35 47.26 -22.85
N ALA J 24 -11.79 46.01 -22.93
CA ALA J 24 -11.07 44.97 -23.65
C ALA J 24 -11.89 44.48 -24.84
N SER J 25 -11.18 44.02 -25.87
CA SER J 25 -11.84 43.56 -27.08
C SER J 25 -10.94 42.56 -27.79
N GLY J 26 -11.55 41.72 -28.61
CA GLY J 26 -10.83 40.83 -29.51
C GLY J 26 -10.10 39.69 -28.85
N PHE J 27 -10.31 39.45 -27.56
CA PHE J 27 -9.75 38.26 -26.91
C PHE J 27 -10.73 37.78 -25.85
N THR J 28 -10.52 36.53 -25.42
CA THR J 28 -11.43 35.85 -24.49
C THR J 28 -11.11 36.27 -23.05
N PHE J 29 -11.65 37.43 -22.68
CA PHE J 29 -11.16 38.20 -21.54
C PHE J 29 -11.12 37.38 -20.25
N SER J 30 -12.14 36.55 -20.03
CA SER J 30 -12.17 35.66 -18.86
C SER J 30 -10.91 34.80 -18.72
N SER J 31 -10.20 34.53 -19.81
CA SER J 31 -9.09 33.58 -19.76
C SER J 31 -7.81 34.16 -19.17
N TYR J 32 -7.67 35.48 -19.15
CA TYR J 32 -6.38 36.12 -18.91
C TYR J 32 -6.41 36.94 -17.63
N SER J 33 -5.37 36.79 -16.82
CA SER J 33 -5.08 37.78 -15.80
C SER J 33 -4.72 39.13 -16.44
N MET J 34 -5.03 40.20 -15.71
CA MET J 34 -4.85 41.55 -16.22
C MET J 34 -4.07 42.38 -15.21
N ASN J 35 -3.38 43.40 -15.72
CA ASN J 35 -2.55 44.27 -14.89
C ASN J 35 -2.69 45.71 -15.36
N TRP J 36 -2.43 46.63 -14.43
CA TRP J 36 -2.20 48.04 -14.73
C TRP J 36 -0.73 48.37 -14.57
N VAL J 37 -0.16 49.04 -15.56
CA VAL J 37 1.24 49.48 -15.55
C VAL J 37 1.27 50.96 -15.88
N ARG J 38 1.97 51.73 -15.06
CA ARG J 38 2.00 53.19 -15.20
C ARG J 38 3.41 53.68 -15.46
N GLN J 39 3.49 54.83 -16.13
CA GLN J 39 4.76 55.45 -16.53
C GLN J 39 4.71 56.93 -16.16
N ALA J 40 5.38 57.30 -15.08
CA ALA J 40 5.62 58.71 -14.83
C ALA J 40 6.38 59.32 -16.00
N PRO J 41 6.09 60.55 -16.40
CA PRO J 41 6.54 61.05 -17.70
C PRO J 41 8.05 60.94 -17.87
N GLY J 42 8.46 60.27 -18.95
CA GLY J 42 9.87 59.98 -19.19
C GLY J 42 10.48 58.92 -18.30
N LYS J 43 9.89 58.66 -17.15
CA LYS J 43 10.47 57.74 -16.18
C LYS J 43 10.23 56.29 -16.56
N GLY J 44 10.75 55.39 -15.73
CA GLY J 44 10.59 53.97 -15.96
C GLY J 44 9.19 53.47 -15.70
N LEU J 45 8.89 52.31 -16.29
CA LEU J 45 7.59 51.68 -16.10
C LEU J 45 7.45 51.19 -14.66
N GLU J 46 6.24 51.31 -14.12
CA GLU J 46 5.87 50.73 -12.84
C GLU J 46 4.62 49.89 -13.00
N TRP J 47 4.69 48.63 -12.59
CA TRP J 47 3.48 47.82 -12.44
C TRP J 47 2.65 48.34 -11.27
N VAL J 48 1.36 48.55 -11.55
CA VAL J 48 0.46 49.15 -10.57
C VAL J 48 -0.28 48.09 -9.75
N SER J 49 -1.08 47.26 -10.41
CA SER J 49 -1.91 46.30 -9.69
C SER J 49 -2.33 45.16 -10.60
N SER J 50 -2.75 44.07 -9.98
CA SER J 50 -2.96 42.77 -10.61
C SER J 50 -4.33 42.26 -10.20
N ILE J 51 -5.05 41.66 -11.16
CA ILE J 51 -6.27 40.91 -10.86
C ILE J 51 -6.20 39.57 -11.58
N SER J 52 -6.54 38.50 -10.86
CA SER J 52 -6.59 37.16 -11.42
C SER J 52 -7.73 37.04 -12.43
N ALA J 53 -7.87 35.84 -12.99
CA ALA J 53 -8.78 35.62 -14.11
C ALA J 53 -10.24 35.81 -13.72
N SER J 54 -10.62 35.37 -12.53
CA SER J 54 -12.00 35.51 -12.05
C SER J 54 -12.09 36.26 -10.74
N SER J 55 -11.28 37.32 -10.59
CA SER J 55 -11.27 38.16 -9.38
C SER J 55 -10.97 37.36 -8.12
N SER J 56 -10.42 36.16 -8.25
CA SER J 56 -10.19 35.31 -7.08
C SER J 56 -9.07 35.89 -6.21
N TYR J 57 -8.01 36.41 -6.83
CA TYR J 57 -6.89 37.00 -6.12
C TYR J 57 -6.54 38.33 -6.77
N SER J 58 -5.86 39.17 -6.00
CA SER J 58 -5.34 40.43 -6.54
C SER J 58 -4.11 40.84 -5.75
N ASP J 59 -3.33 41.75 -6.36
CA ASP J 59 -2.10 42.25 -5.78
C ASP J 59 -1.94 43.70 -6.18
N TYR J 60 -1.26 44.47 -5.32
CA TYR J 60 -1.09 45.90 -5.54
C TYR J 60 0.34 46.29 -5.17
N ALA J 61 0.91 47.21 -5.95
CA ALA J 61 2.10 47.91 -5.50
C ALA J 61 1.78 48.73 -4.25
N ASP J 62 2.81 48.94 -3.42
CA ASP J 62 2.60 49.71 -2.20
C ASP J 62 2.14 51.13 -2.51
N SER J 63 2.59 51.71 -3.61
CA SER J 63 2.06 52.98 -4.09
C SER J 63 0.55 52.93 -4.29
N ALA J 64 0.02 51.77 -4.67
CA ALA J 64 -1.40 51.59 -4.89
C ALA J 64 -2.13 50.90 -3.75
N LYS J 65 -1.40 50.18 -2.89
CA LYS J 65 -2.02 49.40 -1.84
C LYS J 65 -2.79 50.28 -0.87
N GLY J 66 -4.02 49.87 -0.55
CA GLY J 66 -4.93 50.67 0.23
C GLY J 66 -5.62 51.80 -0.50
N ARG J 67 -4.93 52.43 -1.46
CA ARG J 67 -5.48 53.61 -2.13
C ARG J 67 -6.34 53.24 -3.32
N PHE J 68 -5.76 52.56 -4.32
CA PHE J 68 -6.47 52.20 -5.52
C PHE J 68 -7.21 50.88 -5.32
N THR J 69 -8.00 50.51 -6.32
CA THR J 69 -8.60 49.18 -6.37
C THR J 69 -8.77 48.76 -7.82
N ILE J 70 -8.09 47.69 -8.22
CA ILE J 70 -8.34 47.05 -9.50
C ILE J 70 -9.58 46.17 -9.39
N SER J 71 -10.46 46.25 -10.38
CA SER J 71 -11.57 45.32 -10.52
C SER J 71 -11.76 44.96 -11.98
N ARG J 72 -12.53 43.90 -12.20
CA ARG J 72 -12.89 43.46 -13.55
C ARG J 72 -14.36 43.06 -13.56
N ASP J 73 -14.96 43.13 -14.74
CA ASP J 73 -16.25 42.50 -15.01
C ASP J 73 -16.14 41.59 -16.22
N ASN J 74 -16.48 40.33 -16.05
CA ASN J 74 -16.35 39.34 -17.11
C ASN J 74 -17.60 39.27 -17.99
N ALA J 75 -18.71 39.86 -17.54
CA ALA J 75 -19.74 40.33 -18.45
C ALA J 75 -19.36 41.70 -18.99
N LYS J 76 -19.80 41.99 -20.21
CA LYS J 76 -19.10 42.91 -21.11
C LYS J 76 -17.66 42.41 -21.25
N THR J 77 -16.71 43.32 -21.49
CA THR J 77 -15.28 43.04 -21.30
C THR J 77 -14.60 44.34 -20.90
N SER J 78 -14.44 44.56 -19.59
CA SER J 78 -13.90 45.82 -19.09
C SER J 78 -12.99 45.55 -17.90
N LEU J 79 -11.98 46.40 -17.75
CA LEU J 79 -11.07 46.40 -16.62
C LEU J 79 -11.03 47.78 -16.00
N PHE J 80 -11.21 47.87 -14.69
CA PHE J 80 -11.34 49.15 -14.01
C PHE J 80 -10.24 49.32 -12.97
N LEU J 81 -9.85 50.57 -12.74
CA LEU J 81 -9.04 50.97 -11.60
C LEU J 81 -9.71 52.17 -10.93
N GLN J 82 -10.31 51.95 -9.76
CA GLN J 82 -10.82 53.04 -8.93
C GLN J 82 -9.68 53.64 -8.12
N MET J 83 -9.23 54.83 -8.50
CA MET J 83 -8.07 55.46 -7.89
C MET J 83 -8.55 56.48 -6.87
N ASN J 84 -8.78 56.02 -5.65
CA ASN J 84 -9.05 56.94 -4.54
C ASN J 84 -7.78 57.64 -4.09
N SER J 85 -7.91 58.91 -3.73
CA SER J 85 -6.84 59.69 -3.11
C SER J 85 -5.57 59.70 -3.97
N LEU J 86 -5.74 60.09 -5.23
CA LEU J 86 -4.60 60.28 -6.12
C LEU J 86 -3.67 61.35 -5.58
N ARG J 87 -2.37 61.08 -5.66
CA ARG J 87 -1.35 62.04 -5.25
C ARG J 87 -0.68 62.65 -6.48
N ALA J 88 0.03 63.75 -6.26
CA ALA J 88 0.74 64.39 -7.35
C ALA J 88 1.77 63.45 -7.98
N GLU J 89 2.49 62.69 -7.15
CA GLU J 89 3.43 61.70 -7.63
C GLU J 89 2.77 60.53 -8.37
N ASP J 90 1.43 60.46 -8.37
CA ASP J 90 0.74 59.54 -9.26
C ASP J 90 0.59 60.05 -10.68
N THR J 91 0.97 61.29 -10.97
CA THR J 91 0.80 61.83 -12.31
C THR J 91 1.56 60.98 -13.32
N ALA J 92 0.83 60.26 -14.17
CA ALA J 92 1.44 59.27 -15.05
C ALA J 92 0.43 58.90 -16.13
N ILE J 93 0.96 58.39 -17.25
CA ILE J 93 0.16 57.52 -18.11
C ILE J 93 -0.02 56.19 -17.40
N TYR J 94 -1.26 55.71 -17.33
CA TYR J 94 -1.55 54.34 -16.91
C TYR J 94 -1.90 53.49 -18.12
N PHE J 95 -1.08 52.49 -18.40
CA PHE J 95 -1.45 51.41 -19.30
C PHE J 95 -2.13 50.28 -18.53
N CYS J 96 -3.00 49.54 -19.22
CA CYS J 96 -3.26 48.16 -18.86
C CYS J 96 -2.46 47.24 -19.77
N ALA J 97 -2.35 45.98 -19.36
CA ALA J 97 -1.79 44.96 -20.24
C ALA J 97 -2.43 43.60 -19.96
N ARG J 98 -2.56 42.82 -21.03
CA ARG J 98 -2.95 41.42 -20.92
C ARG J 98 -1.75 40.63 -20.43
N ALA J 99 -1.96 39.78 -19.43
CA ALA J 99 -0.86 39.06 -18.79
C ALA J 99 -0.97 37.57 -19.02
N ARG J 100 0.20 36.95 -19.16
CA ARG J 100 0.35 35.56 -19.56
C ARG J 100 1.55 35.00 -18.81
N ALA J 101 1.46 33.73 -18.38
CA ALA J 101 2.50 33.15 -17.53
C ALA J 101 2.73 31.69 -17.92
N THR J 102 3.76 31.45 -18.73
CA THR J 102 4.11 30.10 -19.16
C THR J 102 4.76 29.39 -17.97
N GLY J 103 3.95 28.75 -17.14
CA GLY J 103 4.39 28.29 -15.84
C GLY J 103 5.25 27.04 -15.82
N TYR J 104 6.27 26.99 -16.68
CA TYR J 104 7.13 25.80 -16.74
C TYR J 104 8.36 25.95 -15.85
N SER J 105 9.07 27.06 -15.97
CA SER J 105 10.22 27.37 -15.13
C SER J 105 9.85 28.17 -13.88
N SER J 106 8.95 29.15 -14.02
CA SER J 106 8.45 29.92 -12.89
C SER J 106 7.19 30.65 -13.32
N ILE J 107 6.45 31.15 -12.34
CA ILE J 107 5.32 32.02 -12.63
C ILE J 107 5.76 33.48 -12.71
N THR J 108 6.44 33.82 -13.81
CA THR J 108 6.98 35.16 -14.03
C THR J 108 6.13 35.87 -15.08
N PRO J 109 5.06 36.56 -14.68
CA PRO J 109 4.08 37.03 -15.68
C PRO J 109 4.69 38.00 -16.66
N TYR J 110 4.41 37.78 -17.94
CA TYR J 110 4.82 38.70 -19.00
C TYR J 110 3.59 39.25 -19.70
N PHE J 111 3.73 40.45 -20.26
CA PHE J 111 2.60 41.21 -20.77
C PHE J 111 2.68 41.28 -22.29
N ASP J 112 1.71 40.68 -22.96
CA ASP J 112 1.83 40.38 -24.38
C ASP J 112 1.03 41.31 -25.28
N ILE J 113 -0.03 41.93 -24.77
CA ILE J 113 -0.67 43.08 -25.40
C ILE J 113 -0.75 44.21 -24.37
N TRP J 114 -0.33 45.41 -24.77
CA TRP J 114 -0.40 46.58 -23.91
C TRP J 114 -1.39 47.57 -24.49
N GLY J 115 -2.14 48.24 -23.61
CA GLY J 115 -3.01 49.32 -24.05
C GLY J 115 -2.26 50.61 -24.35
N GLN J 116 -3.00 51.54 -24.97
CA GLN J 116 -2.41 52.83 -25.33
C GLN J 116 -2.30 53.78 -24.14
N GLY J 117 -3.10 53.56 -23.10
CA GLY J 117 -3.08 54.34 -21.89
C GLY J 117 -3.67 55.73 -22.01
N THR J 118 -3.80 56.41 -20.86
CA THR J 118 -4.28 57.78 -20.79
C THR J 118 -3.60 58.46 -19.62
N LEU J 119 -3.50 59.79 -19.69
CA LEU J 119 -2.54 60.54 -18.89
C LEU J 119 -3.24 61.09 -17.65
N VAL J 120 -3.36 60.21 -16.65
CA VAL J 120 -3.82 60.60 -15.31
C VAL J 120 -2.89 61.69 -14.77
N THR J 121 -3.39 62.91 -14.67
CA THR J 121 -2.59 64.06 -14.26
C THR J 121 -3.16 64.62 -12.97
N VAL J 122 -2.27 64.92 -12.02
CA VAL J 122 -2.67 65.25 -10.66
C VAL J 122 -1.92 66.49 -10.18
N GLU K 3 46.42 7.46 31.99
CA GLU K 3 47.44 7.26 30.97
C GLU K 3 47.87 5.80 30.91
N LEU K 4 48.11 5.31 29.69
CA LEU K 4 48.48 3.91 29.49
C LEU K 4 49.79 3.60 30.19
N ILE K 5 49.85 2.42 30.81
CA ILE K 5 51.05 1.93 31.47
C ILE K 5 51.63 0.78 30.66
N GLN K 6 52.96 0.77 30.52
CA GLN K 6 53.70 -0.39 30.06
C GLN K 6 54.94 -0.55 30.92
N LEU K 7 55.46 -1.77 30.95
CA LEU K 7 56.81 -1.98 31.48
C LEU K 7 57.83 -1.33 30.55
N PRO K 8 58.71 -0.47 31.07
CA PRO K 8 59.59 0.31 30.16
C PRO K 8 60.56 -0.54 29.38
N SER K 9 60.95 -1.71 29.88
CA SER K 9 61.80 -2.62 29.12
C SER K 9 61.57 -4.05 29.58
N VAL K 10 61.96 -4.98 28.71
CA VAL K 10 62.09 -6.40 29.05
C VAL K 10 63.34 -6.93 28.38
N SER K 11 63.85 -8.05 28.90
CA SER K 11 64.93 -8.78 28.26
C SER K 11 64.62 -10.27 28.22
N VAL K 12 64.93 -10.90 27.10
CA VAL K 12 64.57 -12.29 26.84
C VAL K 12 65.67 -12.91 25.98
N SER K 13 65.92 -14.21 26.18
CA SER K 13 66.78 -14.92 25.26
C SER K 13 65.99 -15.46 24.07
N PRO K 14 66.60 -15.53 22.89
CA PRO K 14 65.90 -16.05 21.71
C PRO K 14 65.39 -17.45 21.93
N GLY K 15 64.24 -17.75 21.30
CA GLY K 15 63.50 -18.97 21.56
C GLY K 15 62.54 -18.91 22.72
N GLN K 16 62.71 -17.98 23.65
CA GLN K 16 61.71 -17.74 24.66
C GLN K 16 60.46 -17.09 24.04
N THR K 17 59.41 -16.99 24.84
CA THR K 17 58.21 -16.24 24.46
C THR K 17 58.19 -14.90 25.18
N ALA K 18 58.11 -13.82 24.39
CA ALA K 18 58.02 -12.47 24.93
C ALA K 18 56.56 -12.12 25.23
N ARG K 19 56.35 -11.46 26.37
CA ARG K 19 55.03 -10.97 26.75
C ARG K 19 55.14 -9.53 27.21
N ILE K 20 54.29 -8.67 26.66
CA ILE K 20 54.37 -7.22 26.86
C ILE K 20 52.99 -6.71 27.29
N PRO K 21 52.82 -6.27 28.54
CA PRO K 21 51.53 -5.73 28.96
C PRO K 21 51.34 -4.29 28.52
N CYS K 22 50.16 -3.99 27.97
CA CYS K 22 49.61 -2.65 27.91
C CYS K 22 48.43 -2.58 28.88
N SER K 23 48.47 -1.63 29.81
CA SER K 23 47.48 -1.55 30.87
C SER K 23 46.96 -0.12 30.99
N GLY K 24 45.65 0.01 31.22
CA GLY K 24 45.04 1.31 31.44
C GLY K 24 43.57 1.24 31.74
N ASP K 25 43.07 2.25 32.48
CA ASP K 25 41.69 2.27 32.93
C ASP K 25 40.69 2.31 31.77
N GLY K 26 41.11 2.76 30.59
CA GLY K 26 40.25 2.73 29.43
C GLY K 26 40.14 1.39 28.73
N LEU K 27 41.16 0.54 28.87
CA LEU K 27 41.28 -0.66 28.04
C LEU K 27 40.17 -1.69 28.19
N PRO K 28 39.41 -1.74 29.29
CA PRO K 28 38.21 -2.60 29.29
C PRO K 28 37.17 -2.19 28.25
N LYS K 29 37.23 -0.95 27.77
CA LYS K 29 36.18 -0.37 26.95
C LYS K 29 36.71 0.16 25.62
N LYS K 30 38.02 0.25 25.44
CA LYS K 30 38.64 0.77 24.23
C LYS K 30 39.62 -0.27 23.69
N TYR K 31 39.72 -0.34 22.37
CA TYR K 31 40.74 -1.19 21.75
C TYR K 31 42.13 -0.68 22.08
N ALA K 32 43.05 -1.63 22.31
CA ALA K 32 44.47 -1.37 22.48
C ALA K 32 45.22 -1.90 21.25
N HIS K 33 45.50 -1.00 20.32
CA HIS K 33 46.26 -1.34 19.12
C HIS K 33 47.75 -1.35 19.42
N TRP K 34 48.50 -2.11 18.64
CA TRP K 34 49.92 -2.35 18.90
C TRP K 34 50.78 -1.91 17.73
N TYR K 35 51.97 -1.43 18.06
CA TYR K 35 52.98 -1.00 17.11
C TYR K 35 54.35 -1.46 17.57
N GLN K 36 55.29 -1.54 16.64
CA GLN K 36 56.67 -1.90 16.92
C GLN K 36 57.60 -0.91 16.25
N GLN K 37 58.65 -0.52 16.96
CA GLN K 37 59.66 0.39 16.43
C GLN K 37 61.04 -0.24 16.57
N LYS K 38 61.62 -0.64 15.44
CA LYS K 38 63.05 -0.97 15.41
C LYS K 38 63.89 0.29 15.62
N ALA K 39 65.03 0.11 16.28
CA ALA K 39 65.76 1.22 16.87
C ALA K 39 66.08 2.28 15.81
N GLY K 40 65.57 3.49 16.04
CA GLY K 40 65.74 4.61 15.12
C GLY K 40 64.94 4.54 13.85
N GLN K 41 64.14 3.49 13.65
CA GLN K 41 63.34 3.34 12.44
C GLN K 41 61.94 3.92 12.65
N ALA K 42 61.20 4.01 11.55
CA ALA K 42 59.78 4.35 11.66
C ALA K 42 59.02 3.19 12.31
N PRO K 43 58.10 3.47 13.22
CA PRO K 43 57.28 2.40 13.78
C PRO K 43 56.47 1.67 12.72
N ILE K 44 56.13 0.42 13.03
CA ILE K 44 55.22 -0.39 12.22
C ILE K 44 54.16 -0.96 13.14
N LEU K 45 52.93 -1.07 12.65
CA LEU K 45 51.87 -1.67 13.43
C LEU K 45 51.99 -3.19 13.46
N LEU K 46 51.81 -3.76 14.65
CA LEU K 46 51.72 -5.20 14.83
C LEU K 46 50.30 -5.71 15.01
N MET K 47 49.42 -4.91 15.62
CA MET K 47 48.00 -5.26 15.72
C MET K 47 47.14 -4.03 15.53
N TYR K 48 45.98 -4.23 14.92
CA TYR K 48 45.10 -3.14 14.53
C TYR K 48 43.72 -3.31 15.15
N LYS K 49 43.51 -4.40 15.88
CA LYS K 49 42.54 -4.56 16.95
C LYS K 49 43.16 -5.57 17.91
N ASP K 50 42.69 -5.55 19.17
CA ASP K 50 43.42 -6.18 20.27
C ASP K 50 44.09 -7.49 19.88
N SER K 51 43.33 -8.41 19.28
CA SER K 51 43.86 -9.67 18.80
C SER K 51 44.03 -9.72 17.28
N GLU K 52 43.54 -8.72 16.55
CA GLU K 52 43.59 -8.74 15.09
C GLU K 52 44.96 -8.33 14.57
N ARG K 53 45.54 -9.18 13.71
CA ARG K 53 46.88 -9.01 13.18
C ARG K 53 46.84 -8.65 11.69
N PRO K 54 47.62 -7.67 11.24
CA PRO K 54 47.68 -7.36 9.82
C PRO K 54 48.26 -8.52 9.01
N SER K 55 48.01 -8.47 7.70
CA SER K 55 48.71 -9.35 6.78
C SER K 55 50.22 -9.10 6.82
N GLY K 56 50.99 -10.15 6.54
CA GLY K 56 52.44 -10.07 6.53
C GLY K 56 53.11 -9.98 7.87
N ILE K 57 52.45 -9.35 8.85
CA ILE K 57 52.91 -9.46 10.24
C ILE K 57 52.83 -10.92 10.67
N PRO K 58 53.88 -11.49 11.27
CA PRO K 58 53.98 -12.95 11.33
C PRO K 58 53.03 -13.56 12.35
N GLU K 59 52.56 -14.76 12.03
CA GLU K 59 51.55 -15.45 12.83
C GLU K 59 51.98 -15.67 14.27
N ARG K 60 53.28 -15.67 14.55
CA ARG K 60 53.80 -15.83 15.90
C ARG K 60 53.51 -14.64 16.80
N PHE K 61 52.96 -13.55 16.27
CA PHE K 61 52.54 -12.41 17.08
C PHE K 61 51.05 -12.51 17.38
N SER K 62 50.70 -12.29 18.65
CA SER K 62 49.30 -12.31 19.07
C SER K 62 49.18 -11.60 20.41
N ALA K 63 47.94 -11.38 20.83
CA ALA K 63 47.65 -10.82 22.15
C ALA K 63 46.26 -11.27 22.58
N PHE K 64 45.97 -11.07 23.87
CA PHE K 64 44.67 -11.43 24.42
C PHE K 64 44.18 -10.34 25.36
N SER K 65 42.86 -10.24 25.48
CA SER K 65 42.19 -9.18 26.21
C SER K 65 41.72 -9.71 27.56
N SER K 66 42.11 -9.04 28.64
CA SER K 66 41.64 -9.43 29.97
C SER K 66 41.61 -8.21 30.87
N GLY K 67 40.41 -7.81 31.27
CA GLY K 67 40.20 -6.64 32.12
C GLY K 67 40.88 -5.39 31.59
N THR K 68 41.60 -4.71 32.49
CA THR K 68 42.31 -3.48 32.16
C THR K 68 43.62 -3.70 31.42
N THR K 69 43.93 -4.92 31.01
CA THR K 69 45.24 -5.20 30.42
C THR K 69 45.08 -6.03 29.15
N VAL K 70 45.92 -5.72 28.16
CA VAL K 70 46.14 -6.56 26.99
C VAL K 70 47.64 -6.84 26.92
N THR K 71 48.00 -8.10 26.72
CA THR K 71 49.41 -8.50 26.71
C THR K 71 49.79 -9.01 25.33
N MET K 72 50.61 -8.23 24.63
CA MET K 72 51.18 -8.64 23.36
C MET K 72 52.16 -9.79 23.58
N THR K 73 52.06 -10.82 22.73
CA THR K 73 52.75 -12.09 22.97
C THR K 73 53.42 -12.51 21.67
N ILE K 74 54.68 -12.92 21.78
CA ILE K 74 55.47 -13.41 20.65
C ILE K 74 55.94 -14.82 20.97
N SER K 75 55.59 -15.76 20.10
CA SER K 75 56.20 -17.09 20.13
C SER K 75 57.55 -17.05 19.43
N GLY K 76 58.52 -17.77 20.00
CA GLY K 76 59.84 -17.92 19.40
C GLY K 76 60.55 -16.61 19.10
N VAL K 77 60.75 -15.80 20.14
CA VAL K 77 61.37 -14.49 19.98
C VAL K 77 62.73 -14.62 19.31
N GLN K 78 63.05 -13.67 18.43
CA GLN K 78 64.25 -13.73 17.62
C GLN K 78 64.82 -12.33 17.46
N GLU K 79 66.08 -12.27 17.01
CA GLU K 79 66.88 -11.05 17.06
C GLU K 79 66.14 -9.84 16.47
N GLU K 80 65.40 -10.04 15.37
CA GLU K 80 64.66 -8.95 14.77
C GLU K 80 63.52 -8.43 15.65
N ASP K 81 63.14 -9.17 16.69
CA ASP K 81 62.11 -8.71 17.63
C ASP K 81 62.65 -7.77 18.69
N GLU K 82 63.97 -7.60 18.78
CA GLU K 82 64.55 -6.56 19.65
C GLU K 82 64.15 -5.19 19.12
N ALA K 83 63.18 -4.57 19.78
CA ALA K 83 62.50 -3.37 19.29
C ALA K 83 61.73 -2.77 20.45
N ASP K 84 61.23 -1.56 20.25
CA ASP K 84 60.38 -0.89 21.23
C ASP K 84 58.92 -0.98 20.78
N TYR K 85 58.07 -1.55 21.62
CA TYR K 85 56.71 -1.93 21.26
C TYR K 85 55.74 -0.96 21.92
N TYR K 86 55.03 -0.19 21.09
CA TYR K 86 54.11 0.85 21.57
C TYR K 86 52.67 0.40 21.39
N CYS K 87 51.89 0.41 22.47
CA CYS K 87 50.45 0.36 22.35
C CYS K 87 49.88 1.77 22.30
N GLN K 88 48.69 1.89 21.71
CA GLN K 88 47.95 3.14 21.74
C GLN K 88 46.46 2.87 21.69
N SER K 89 45.69 3.84 22.17
CA SER K 89 44.25 3.70 22.35
C SER K 89 43.64 5.10 22.29
N GLY K 90 42.31 5.15 22.21
CA GLY K 90 41.63 6.41 22.44
C GLY K 90 41.55 6.78 23.90
N ASP K 91 41.25 8.05 24.14
CA ASP K 91 40.60 8.47 25.37
C ASP K 91 39.10 8.26 25.28
N SER K 92 38.43 8.40 26.43
CA SER K 92 37.02 8.03 26.56
C SER K 92 36.16 8.66 25.47
N THR K 93 36.48 9.89 25.06
CA THR K 93 35.68 10.63 24.10
C THR K 93 35.88 10.19 22.66
N ASP K 94 36.90 9.37 22.38
CA ASP K 94 37.35 9.03 21.02
C ASP K 94 37.91 10.24 20.27
N THR K 95 38.16 11.35 20.96
CA THR K 95 38.61 12.59 20.33
C THR K 95 40.12 12.80 20.47
N SER K 96 40.88 11.72 20.65
CA SER K 96 42.33 11.80 20.78
C SER K 96 42.90 10.42 20.52
N VAL K 97 44.21 10.37 20.30
CA VAL K 97 44.99 9.13 20.39
C VAL K 97 45.95 9.24 21.57
N ILE K 98 46.00 8.20 22.39
CA ILE K 98 46.83 8.14 23.58
C ILE K 98 47.80 6.99 23.42
N PHE K 99 49.09 7.26 23.61
CA PHE K 99 50.12 6.24 23.43
C PHE K 99 50.62 5.72 24.77
N GLY K 100 50.76 4.39 24.86
CA GLY K 100 51.57 3.81 25.91
C GLY K 100 53.04 4.12 25.75
N GLY K 101 53.76 4.08 26.87
CA GLY K 101 55.14 4.53 26.90
C GLY K 101 56.13 3.67 26.14
N GLY K 102 55.64 2.64 25.46
CA GLY K 102 56.50 1.67 24.82
C GLY K 102 57.05 0.61 25.75
N THR K 103 57.69 -0.38 25.13
CA THR K 103 58.42 -1.42 25.87
C THR K 103 59.58 -1.87 25.00
N LYS K 104 60.80 -1.54 25.41
CA LYS K 104 61.99 -2.09 24.77
C LYS K 104 62.11 -3.58 25.06
N VAL K 105 61.85 -4.41 24.06
CA VAL K 105 62.25 -5.82 24.11
C VAL K 105 63.73 -5.93 23.78
N THR K 106 64.50 -6.57 24.66
CA THR K 106 65.89 -6.90 24.41
C THR K 106 66.02 -8.40 24.18
N VAL K 107 66.65 -8.76 23.07
CA VAL K 107 66.84 -10.17 22.69
C VAL K 107 68.32 -10.47 22.77
N LEU K 108 68.69 -11.41 23.63
CA LEU K 108 70.09 -11.62 23.98
C LEU K 108 70.50 -13.10 23.96
N GLU L 3 2.44 16.86 53.49
CA GLU L 3 2.13 18.22 53.94
C GLU L 3 3.24 19.19 53.53
N LEU L 4 2.86 20.23 52.79
CA LEU L 4 3.80 21.27 52.37
C LEU L 4 4.16 22.13 53.58
N ILE L 5 5.36 21.96 54.09
CA ILE L 5 5.87 22.77 55.19
C ILE L 5 6.30 24.13 54.65
N GLN L 6 5.93 25.19 55.36
CA GLN L 6 6.40 26.53 55.11
C GLN L 6 6.78 27.18 56.44
N LEU L 7 7.69 28.14 56.38
CA LEU L 7 7.97 28.95 57.56
C LEU L 7 6.74 29.77 57.93
N PRO L 8 6.39 29.84 59.22
CA PRO L 8 5.16 30.56 59.59
C PRO L 8 5.19 32.05 59.26
N SER L 9 6.33 32.70 59.46
CA SER L 9 6.47 34.10 59.09
C SER L 9 7.92 34.38 58.68
N VAL L 10 8.09 35.42 57.86
CA VAL L 10 9.38 35.99 57.54
C VAL L 10 9.30 37.49 57.69
N SER L 11 10.36 38.09 58.26
CA SER L 11 10.43 39.53 58.48
C SER L 11 11.55 40.13 57.67
N VAL L 12 11.24 41.21 56.95
CA VAL L 12 12.17 41.85 56.01
C VAL L 12 11.91 43.35 56.06
N SER L 13 12.97 44.12 55.80
CA SER L 13 12.83 45.55 55.57
C SER L 13 12.72 45.86 54.09
N PRO L 14 12.17 47.02 53.74
CA PRO L 14 12.04 47.39 52.32
C PRO L 14 13.37 47.33 51.58
N GLY L 15 13.32 46.88 50.33
CA GLY L 15 14.49 46.76 49.49
C GLY L 15 15.31 45.50 49.69
N GLN L 16 15.02 44.69 50.71
CA GLN L 16 15.67 43.41 50.88
C GLN L 16 15.18 42.44 49.81
N THR L 17 15.60 41.18 49.90
CA THR L 17 15.05 40.10 49.11
C THR L 17 14.44 39.06 50.04
N ALA L 18 13.15 38.79 49.85
CA ALA L 18 12.43 37.81 50.67
C ALA L 18 12.47 36.45 49.98
N ARG L 19 12.99 35.45 50.68
CA ARG L 19 12.97 34.07 50.22
C ARG L 19 12.02 33.27 51.13
N ILE L 20 10.99 32.69 50.54
CA ILE L 20 10.05 31.83 51.24
C ILE L 20 10.27 30.40 50.76
N PRO L 21 10.72 29.48 51.63
CA PRO L 21 10.87 28.08 51.21
C PRO L 21 9.55 27.34 51.32
N CYS L 22 9.31 26.47 50.34
CA CYS L 22 8.25 25.47 50.40
C CYS L 22 8.88 24.09 50.32
N SER L 23 8.68 23.27 51.34
CA SER L 23 9.26 21.94 51.43
C SER L 23 8.16 20.90 51.47
N GLY L 24 8.23 19.93 50.56
CA GLY L 24 7.24 18.87 50.51
C GLY L 24 7.68 17.65 49.73
N ASP L 25 7.35 16.47 50.26
CA ASP L 25 7.87 15.21 49.72
C ASP L 25 7.51 15.02 48.26
N GLY L 26 6.38 15.59 47.81
CA GLY L 26 5.99 15.48 46.43
C GLY L 26 6.75 16.35 45.45
N LEU L 27 7.46 17.36 45.95
CA LEU L 27 8.01 18.40 45.08
C LEU L 27 9.10 17.91 44.11
N PRO L 28 9.83 16.83 44.41
CA PRO L 28 10.64 16.20 43.34
C PRO L 28 9.81 15.67 42.18
N LYS L 29 8.48 15.63 42.31
CA LYS L 29 7.61 14.90 41.40
C LYS L 29 6.38 15.70 40.99
N LYS L 30 5.98 16.72 41.75
CA LYS L 30 4.87 17.59 41.45
C LYS L 30 5.36 19.03 41.36
N TYR L 31 4.69 19.83 40.54
CA TYR L 31 4.94 21.27 40.55
C TYR L 31 4.47 21.88 41.87
N ALA L 32 5.24 22.84 42.35
CA ALA L 32 4.83 23.73 43.44
C ALA L 32 4.41 25.08 42.87
N HIS L 33 3.10 25.27 42.76
CA HIS L 33 2.53 26.57 42.40
C HIS L 33 2.52 27.48 43.62
N TRP L 34 2.47 28.79 43.37
CA TRP L 34 2.56 29.78 44.43
C TRP L 34 1.40 30.77 44.35
N TYR L 35 0.99 31.26 45.52
CA TYR L 35 -0.11 32.18 45.66
C TYR L 35 0.26 33.29 46.63
N GLN L 36 -0.43 34.42 46.49
CA GLN L 36 -0.27 35.55 47.38
C GLN L 36 -1.64 36.04 47.79
N GLN L 37 -1.82 36.33 49.08
CA GLN L 37 -3.05 36.89 49.61
C GLN L 37 -2.75 38.16 50.39
N LYS L 38 -3.09 39.31 49.82
CA LYS L 38 -3.11 40.55 50.57
C LYS L 38 -4.30 40.55 51.52
N ALA L 39 -4.15 41.25 52.64
CA ALA L 39 -5.11 41.20 53.73
C ALA L 39 -6.53 41.51 53.25
N GLY L 40 -7.44 40.58 53.50
CA GLY L 40 -8.84 40.70 53.11
C GLY L 40 -9.10 40.66 51.62
N GLN L 41 -8.07 40.51 50.79
CA GLN L 41 -8.25 40.39 49.35
C GLN L 41 -8.48 38.93 48.96
N ALA L 42 -8.96 38.74 47.73
CA ALA L 42 -8.90 37.41 47.13
C ALA L 42 -7.46 37.04 46.82
N PRO L 43 -7.06 35.79 47.07
CA PRO L 43 -5.73 35.35 46.68
C PRO L 43 -5.49 35.48 45.18
N ILE L 44 -4.22 35.69 44.83
CA ILE L 44 -3.78 35.68 43.44
C ILE L 44 -2.60 34.72 43.32
N LEU L 45 -2.44 34.15 42.14
CA LEU L 45 -1.33 33.24 41.88
C LEU L 45 -0.12 34.01 41.38
N LEU L 46 1.04 33.74 41.98
CA LEU L 46 2.29 34.38 41.59
C LEU L 46 3.12 33.52 40.63
N MET L 47 3.36 32.26 40.98
CA MET L 47 3.97 31.30 40.07
C MET L 47 2.97 30.20 39.73
N TYR L 48 2.85 29.90 38.44
CA TYR L 48 1.86 28.92 37.96
C TYR L 48 2.54 27.67 37.41
N LYS L 49 3.85 27.60 37.50
CA LYS L 49 4.60 26.36 37.60
C LYS L 49 5.65 26.57 38.67
N ASP L 50 6.72 25.76 38.68
CA ASP L 50 7.77 25.97 39.66
C ASP L 50 8.33 27.39 39.58
N SER L 51 8.47 27.93 38.37
CA SER L 51 8.90 29.32 38.23
C SER L 51 8.32 30.03 37.02
N GLU L 52 7.36 29.44 36.31
CA GLU L 52 6.57 30.21 35.35
C GLU L 52 5.73 31.28 36.04
N ARG L 53 5.56 32.41 35.35
CA ARG L 53 4.92 33.57 35.95
C ARG L 53 3.82 34.09 35.04
N PRO L 54 2.64 34.41 35.61
CA PRO L 54 1.56 34.95 34.79
C PRO L 54 1.87 36.35 34.29
N SER L 55 1.06 36.79 33.33
CA SER L 55 1.11 38.17 32.87
C SER L 55 0.77 39.14 34.01
N GLY L 56 1.38 40.32 33.95
CA GLY L 56 1.12 41.36 34.93
C GLY L 56 1.76 41.17 36.29
N ILE L 57 2.03 39.92 36.67
CA ILE L 57 2.86 39.67 37.84
C ILE L 57 4.28 40.16 37.58
N PRO L 58 4.88 40.94 38.47
CA PRO L 58 6.11 41.64 38.12
C PRO L 58 7.30 40.69 37.98
N GLU L 59 8.23 41.09 37.11
CA GLU L 59 9.37 40.25 36.75
C GLU L 59 10.25 39.92 37.95
N ARG L 60 10.17 40.69 39.03
CA ARG L 60 10.94 40.42 40.24
C ARG L 60 10.42 39.24 41.05
N PHE L 61 9.37 38.56 40.59
CA PHE L 61 8.87 37.36 41.24
C PHE L 61 9.39 36.14 40.47
N SER L 62 10.13 35.27 41.17
CA SER L 62 10.66 34.05 40.59
C SER L 62 11.07 33.11 41.70
N ALA L 63 11.25 31.85 41.36
CA ALA L 63 11.55 30.81 42.33
C ALA L 63 12.68 29.92 41.83
N PHE L 64 13.47 29.42 42.78
CA PHE L 64 14.86 29.07 42.51
C PHE L 64 15.07 27.61 42.14
N SER L 65 14.30 26.69 42.70
CA SER L 65 14.78 25.32 42.89
C SER L 65 13.69 24.32 42.55
N SER L 66 14.13 23.19 41.99
CA SER L 66 13.29 22.02 41.73
C SER L 66 13.96 20.78 42.30
N GLY L 67 13.17 19.86 42.84
CA GLY L 67 13.66 18.82 43.72
C GLY L 67 12.98 18.88 45.09
N THR L 68 13.78 18.64 46.13
CA THR L 68 13.23 18.40 47.46
C THR L 68 12.70 19.67 48.13
N THR L 69 12.96 20.85 47.56
CA THR L 69 12.40 22.07 48.12
C THR L 69 12.37 23.13 47.03
N VAL L 70 11.27 23.87 46.96
CA VAL L 70 11.08 24.95 46.01
C VAL L 70 11.04 26.26 46.79
N THR L 71 11.97 27.16 46.50
CA THR L 71 12.12 28.40 47.24
C THR L 71 11.74 29.57 46.33
N MET L 72 10.80 30.38 46.79
CA MET L 72 10.23 31.47 46.01
C MET L 72 10.79 32.78 46.53
N THR L 73 11.27 33.62 45.62
CA THR L 73 12.10 34.76 45.99
C THR L 73 11.52 36.02 45.37
N ILE L 74 11.38 37.05 46.18
CA ILE L 74 10.95 38.39 45.76
C ILE L 74 12.09 39.35 46.08
N SER L 75 12.70 39.91 45.04
CA SER L 75 13.72 40.93 45.21
C SER L 75 13.09 42.32 45.16
N GLY L 76 13.79 43.29 45.76
CA GLY L 76 13.22 44.60 46.00
C GLY L 76 12.01 44.59 46.89
N VAL L 77 11.94 43.65 47.82
CA VAL L 77 10.71 43.39 48.57
C VAL L 77 10.30 44.63 49.34
N GLN L 78 9.02 45.01 49.22
CA GLN L 78 8.57 46.33 49.61
C GLN L 78 7.14 46.23 50.10
N GLU L 79 6.64 47.35 50.66
CA GLU L 79 5.40 47.33 51.44
C GLU L 79 4.22 46.76 50.66
N GLU L 80 4.20 46.92 49.34
CA GLU L 80 3.14 46.31 48.53
C GLU L 80 3.22 44.79 48.48
N ASP L 81 4.33 44.20 48.89
CA ASP L 81 4.50 42.76 48.94
C ASP L 81 4.15 42.16 50.30
N GLU L 82 3.78 42.98 51.28
CA GLU L 82 3.39 42.49 52.59
C GLU L 82 2.07 41.73 52.49
N ALA L 83 2.14 40.40 52.61
CA ALA L 83 1.04 39.51 52.26
C ALA L 83 1.35 38.14 52.84
N ASP L 84 0.35 37.25 52.77
CA ASP L 84 0.53 35.85 53.11
C ASP L 84 0.65 35.01 51.84
N TYR L 85 1.70 34.20 51.76
CA TYR L 85 2.08 33.52 50.53
C TYR L 85 1.87 32.02 50.71
N TYR L 86 1.09 31.42 49.81
CA TYR L 86 0.76 30.01 49.87
C TYR L 86 1.38 29.25 48.69
N CYS L 87 2.17 28.22 48.99
CA CYS L 87 2.53 27.24 47.97
C CYS L 87 1.51 26.10 48.00
N GLN L 88 1.28 25.50 46.84
CA GLN L 88 0.42 24.33 46.77
C GLN L 88 0.86 23.40 45.66
N SER L 89 0.57 22.10 45.86
CA SER L 89 0.92 21.06 44.91
C SER L 89 -0.17 20.01 44.95
N GLY L 90 -0.15 19.11 43.98
CA GLY L 90 -0.94 17.90 44.09
C GLY L 90 -0.41 16.96 45.16
N ASP L 91 -1.25 15.98 45.51
CA ASP L 91 -0.79 14.74 46.11
C ASP L 91 -0.41 13.73 45.03
N SER L 92 0.22 12.63 45.47
CA SER L 92 0.88 11.70 44.56
C SER L 92 -0.06 11.24 43.44
N THR L 93 -1.34 11.07 43.76
CA THR L 93 -2.32 10.53 42.81
C THR L 93 -2.84 11.56 41.83
N ASP L 94 -2.52 12.84 42.01
CA ASP L 94 -3.14 13.98 41.34
C ASP L 94 -4.62 14.14 41.68
N THR L 95 -5.14 13.35 42.60
CA THR L 95 -6.57 13.36 42.92
C THR L 95 -6.91 14.30 44.08
N SER L 96 -6.00 15.21 44.43
CA SER L 96 -6.30 16.24 45.42
C SER L 96 -5.35 17.41 45.20
N VAL L 97 -5.74 18.56 45.74
CA VAL L 97 -4.87 19.73 45.82
C VAL L 97 -4.50 19.97 47.28
N ILE L 98 -3.21 20.19 47.54
CA ILE L 98 -2.68 20.32 48.89
C ILE L 98 -2.03 21.70 48.97
N PHE L 99 -2.59 22.58 49.81
CA PHE L 99 -1.96 23.85 50.11
C PHE L 99 -0.99 23.73 51.28
N GLY L 100 0.05 24.56 51.25
CA GLY L 100 0.93 24.71 52.38
C GLY L 100 0.37 25.63 53.46
N GLY L 101 1.12 25.72 54.57
CA GLY L 101 0.66 26.46 55.72
C GLY L 101 0.59 27.96 55.54
N GLY L 102 1.07 28.49 54.42
CA GLY L 102 1.22 29.91 54.26
C GLY L 102 2.47 30.46 54.92
N THR L 103 2.82 31.69 54.54
CA THR L 103 3.94 32.41 55.14
C THR L 103 3.61 33.89 55.13
N LYS L 104 3.43 34.47 56.31
CA LYS L 104 3.29 35.92 56.44
C LYS L 104 4.63 36.59 56.15
N VAL L 105 4.69 37.35 55.05
CA VAL L 105 5.77 38.31 54.85
C VAL L 105 5.42 39.59 55.58
N THR L 106 6.23 39.96 56.57
CA THR L 106 6.10 41.24 57.27
C THR L 106 7.17 42.20 56.76
N VAL L 107 6.74 43.38 56.32
CA VAL L 107 7.63 44.39 55.78
C VAL L 107 7.64 45.57 56.73
N LEU L 108 8.82 45.91 57.25
CA LEU L 108 8.94 46.87 58.34
C LEU L 108 9.97 47.96 58.02
N VAL M 3 27.09 -37.35 -16.46
CA VAL M 3 27.02 -37.93 -17.80
C VAL M 3 25.79 -38.81 -17.93
N VAL M 4 24.87 -38.41 -18.79
CA VAL M 4 23.67 -39.20 -19.05
C VAL M 4 24.05 -40.47 -19.79
N THR M 5 23.57 -41.61 -19.31
CA THR M 5 24.14 -42.90 -19.64
C THR M 5 23.02 -43.93 -19.75
N GLN M 6 23.25 -44.95 -20.57
CA GLN M 6 22.21 -45.80 -21.11
C GLN M 6 22.72 -47.23 -21.18
N PRO M 7 21.83 -48.21 -21.30
CA PRO M 7 22.25 -49.53 -21.79
C PRO M 7 22.86 -49.41 -23.17
N PRO M 8 24.09 -49.90 -23.35
CA PRO M 8 24.75 -49.75 -24.66
C PRO M 8 24.00 -50.40 -25.82
N SER M 9 23.28 -51.48 -25.58
CA SER M 9 22.53 -52.11 -26.66
C SER M 9 21.26 -52.76 -26.13
N VAL M 10 20.24 -52.80 -26.99
CA VAL M 10 18.96 -53.45 -26.71
C VAL M 10 18.50 -54.14 -27.99
N SER M 11 17.61 -55.11 -27.84
CA SER M 11 17.16 -55.90 -28.97
C SER M 11 15.71 -56.31 -28.77
N GLY M 12 15.00 -56.50 -29.88
CA GLY M 12 13.66 -57.04 -29.85
C GLY M 12 13.40 -58.04 -30.95
N ALA M 13 12.13 -58.40 -31.13
CA ALA M 13 11.63 -59.03 -32.35
C ALA M 13 10.45 -58.24 -32.87
N PRO M 14 10.23 -58.21 -34.20
CA PRO M 14 9.16 -57.38 -34.76
C PRO M 14 7.82 -57.46 -34.05
N GLY M 15 7.36 -56.33 -33.51
CA GLY M 15 6.17 -56.27 -32.71
C GLY M 15 6.38 -56.38 -31.22
N GLN M 16 7.55 -56.82 -30.76
CA GLN M 16 7.87 -56.74 -29.34
C GLN M 16 8.04 -55.29 -28.92
N ARG M 17 7.77 -55.02 -27.64
CA ARG M 17 8.20 -53.79 -27.02
C ARG M 17 9.71 -53.83 -26.75
N VAL M 18 10.35 -52.66 -26.85
CA VAL M 18 11.64 -52.44 -26.21
C VAL M 18 11.54 -51.14 -25.40
N THR M 19 12.40 -51.04 -24.40
CA THR M 19 12.48 -49.83 -23.57
C THR M 19 13.92 -49.38 -23.47
N ILE M 20 14.16 -48.08 -23.69
CA ILE M 20 15.48 -47.49 -23.64
C ILE M 20 15.49 -46.51 -22.48
N SER M 21 16.37 -46.74 -21.50
CA SER M 21 16.34 -46.00 -20.25
C SER M 21 17.57 -45.11 -20.14
N CYS M 22 17.35 -43.80 -20.20
CA CYS M 22 18.36 -42.80 -19.83
C CYS M 22 18.35 -42.64 -18.30
N THR M 23 19.17 -43.44 -17.64
CA THR M 23 19.60 -43.08 -16.30
C THR M 23 20.27 -41.70 -16.33
N GLY M 24 19.92 -40.87 -15.35
CA GLY M 24 20.39 -39.50 -15.32
C GLY M 24 21.43 -39.19 -14.27
N SER M 25 21.37 -37.97 -13.73
CA SER M 25 22.07 -37.63 -12.51
C SER M 25 21.30 -36.54 -11.77
N SER M 26 21.73 -36.29 -10.53
CA SER M 26 21.08 -35.31 -9.67
C SER M 26 20.94 -33.94 -10.34
N SER M 27 21.91 -33.57 -11.17
CA SER M 27 21.82 -32.32 -11.91
C SER M 27 21.37 -32.49 -13.36
N ASN M 28 21.72 -33.58 -14.03
CA ASN M 28 21.55 -33.63 -15.48
C ASN M 28 20.08 -33.73 -15.88
N ILE M 29 19.42 -34.83 -15.51
CA ILE M 29 17.96 -34.83 -15.44
C ILE M 29 17.46 -34.24 -14.13
N GLY M 30 18.17 -34.50 -13.02
CA GLY M 30 17.56 -34.36 -11.71
C GLY M 30 17.22 -32.93 -11.33
N ALA M 31 17.99 -31.96 -11.80
CA ALA M 31 17.73 -30.56 -11.48
C ALA M 31 16.47 -30.01 -12.13
N GLY M 32 15.72 -30.83 -12.87
CA GLY M 32 14.44 -30.44 -13.42
C GLY M 32 14.44 -30.27 -14.92
N TYR M 33 15.61 -30.19 -15.54
CA TYR M 33 15.71 -30.09 -16.99
C TYR M 33 15.05 -31.30 -17.65
N ASP M 34 14.11 -31.03 -18.56
CA ASP M 34 13.36 -32.08 -19.22
C ASP M 34 14.26 -32.91 -20.14
N VAL M 35 13.68 -34.00 -20.63
CA VAL M 35 14.39 -35.00 -21.43
C VAL M 35 13.85 -34.99 -22.85
N HIS M 36 14.77 -35.07 -23.82
CA HIS M 36 14.45 -35.07 -25.24
C HIS M 36 15.11 -36.27 -25.88
N TRP M 37 14.47 -36.83 -26.91
CA TRP M 37 14.96 -38.04 -27.57
C TRP M 37 15.11 -37.78 -29.06
N TYR M 38 16.26 -38.21 -29.61
CA TYR M 38 16.54 -38.09 -31.04
C TYR M 38 16.84 -39.45 -31.64
N GLN M 39 16.10 -39.81 -32.70
CA GLN M 39 16.46 -40.95 -33.54
C GLN M 39 17.53 -40.55 -34.53
N GLN M 40 18.46 -41.46 -34.80
CA GLN M 40 19.41 -41.28 -35.89
C GLN M 40 19.74 -42.60 -36.54
N LEU M 41 19.61 -42.66 -37.87
CA LEU M 41 19.92 -43.82 -38.68
C LEU M 41 21.38 -43.76 -39.14
N PRO M 42 21.97 -44.90 -39.54
CA PRO M 42 23.35 -44.86 -40.05
C PRO M 42 23.46 -43.92 -41.25
N GLY M 43 24.43 -43.01 -41.19
CA GLY M 43 24.65 -42.09 -42.28
C GLY M 43 23.52 -41.11 -42.48
N THR M 44 22.85 -40.70 -41.41
CA THR M 44 21.82 -39.68 -41.44
C THR M 44 22.06 -38.69 -40.30
N ALA M 45 21.57 -37.47 -40.50
CA ALA M 45 21.46 -36.54 -39.38
C ALA M 45 20.37 -37.03 -38.43
N PRO M 46 20.41 -36.60 -37.17
CA PRO M 46 19.39 -37.04 -36.21
C PRO M 46 18.00 -36.60 -36.62
N LYS M 47 17.00 -37.25 -36.01
CA LYS M 47 15.61 -36.86 -36.12
C LYS M 47 15.01 -36.79 -34.73
N LEU M 48 14.31 -35.70 -34.43
CA LEU M 48 13.63 -35.56 -33.16
C LEU M 48 12.46 -36.53 -33.06
N LEU M 49 12.44 -37.34 -32.00
CA LEU M 49 11.27 -38.15 -31.68
C LEU M 49 10.51 -37.69 -30.45
N ILE M 50 11.19 -37.17 -29.43
CA ILE M 50 10.55 -36.65 -28.23
C ILE M 50 11.24 -35.37 -27.81
N TYR M 51 10.47 -34.33 -27.50
CA TYR M 51 11.00 -32.96 -27.47
C TYR M 51 10.77 -32.30 -26.12
N ASP M 52 9.89 -32.86 -25.29
CA ASP M 52 9.79 -32.61 -23.86
C ASP M 52 9.38 -33.95 -23.27
N ASN M 53 9.52 -34.12 -21.95
CA ASN M 53 9.14 -35.40 -21.37
C ASN M 53 7.73 -35.77 -21.81
N ASN M 54 7.57 -37.00 -22.29
CA ASN M 54 6.30 -37.62 -22.65
C ASN M 54 5.60 -36.93 -23.82
N ASN M 55 6.19 -35.87 -24.40
CA ASN M 55 5.53 -35.06 -25.43
C ASN M 55 6.11 -35.33 -26.81
N ARG M 56 5.22 -35.65 -27.77
CA ARG M 56 5.61 -36.17 -29.06
C ARG M 56 5.37 -35.14 -30.16
N PRO M 57 6.32 -34.92 -31.05
CA PRO M 57 6.14 -33.91 -32.11
C PRO M 57 5.25 -34.42 -33.23
N SER M 58 4.78 -33.47 -34.03
CA SER M 58 4.03 -33.80 -35.24
C SER M 58 4.88 -34.56 -36.26
N GLY M 59 4.25 -35.52 -36.93
CA GLY M 59 4.90 -36.30 -37.96
C GLY M 59 5.72 -37.49 -37.49
N VAL M 60 5.78 -37.73 -36.18
CA VAL M 60 6.34 -38.97 -35.64
C VAL M 60 5.34 -40.11 -35.91
N PRO M 61 5.81 -41.34 -36.18
CA PRO M 61 4.89 -42.44 -36.49
C PRO M 61 3.95 -42.81 -35.35
N ASP M 62 4.04 -42.11 -34.22
CA ASP M 62 2.96 -42.04 -33.23
C ASP M 62 2.77 -43.39 -32.53
N ARG M 63 3.83 -44.19 -32.47
CA ARG M 63 3.85 -45.46 -31.75
C ARG M 63 5.04 -45.51 -30.79
N PHE M 64 5.37 -44.35 -30.23
CA PHE M 64 6.51 -44.15 -29.33
C PHE M 64 6.01 -43.37 -28.12
N SER M 65 6.53 -43.68 -26.94
CA SER M 65 6.18 -42.93 -25.75
C SER M 65 7.39 -42.81 -24.83
N ALA M 66 7.36 -41.79 -23.99
CA ALA M 66 8.42 -41.53 -23.02
C ALA M 66 7.80 -41.10 -21.69
N SER M 67 8.60 -41.19 -20.64
CA SER M 67 8.24 -40.66 -19.33
C SER M 67 9.51 -40.27 -18.59
N LYS M 68 9.36 -39.38 -17.61
CA LYS M 68 10.47 -38.98 -16.74
C LYS M 68 10.11 -39.36 -15.31
N SER M 69 10.46 -40.59 -14.92
CA SER M 69 10.38 -41.01 -13.52
C SER M 69 11.50 -40.37 -12.70
N GLY M 70 11.44 -39.05 -12.51
CA GLY M 70 12.42 -38.37 -11.69
C GLY M 70 13.80 -38.34 -12.32
N THR M 71 14.79 -38.85 -11.58
CA THR M 71 16.19 -38.80 -12.02
C THR M 71 16.44 -39.79 -13.16
N SER M 72 15.38 -40.27 -13.79
CA SER M 72 15.49 -41.27 -14.84
C SER M 72 14.36 -41.05 -15.84
N ALA M 73 14.66 -41.30 -17.11
CA ALA M 73 13.65 -41.25 -18.16
C ALA M 73 13.85 -42.45 -19.09
N SER M 74 12.74 -42.97 -19.60
CA SER M 74 12.77 -44.10 -20.51
C SER M 74 11.91 -43.82 -21.74
N LEU M 75 12.37 -44.32 -22.89
CA LEU M 75 11.63 -44.29 -24.14
C LEU M 75 11.16 -45.70 -24.45
N ALA M 76 9.85 -45.87 -24.63
CA ALA M 76 9.28 -47.16 -25.00
C ALA M 76 8.92 -47.16 -26.47
N ILE M 77 9.37 -48.20 -27.18
CA ILE M 77 9.02 -48.46 -28.57
C ILE M 77 8.08 -49.66 -28.62
N THR M 78 6.95 -49.48 -29.30
CA THR M 78 5.90 -50.50 -29.38
C THR M 78 5.52 -50.69 -30.84
N GLY M 79 5.28 -51.93 -31.23
CA GLY M 79 5.14 -52.25 -32.64
C GLY M 79 6.44 -52.07 -33.40
N LEU M 80 7.55 -52.50 -32.81
CA LEU M 80 8.87 -52.25 -33.39
C LEU M 80 8.99 -52.86 -34.78
N GLN M 81 9.60 -52.11 -35.69
CA GLN M 81 9.90 -52.56 -37.03
C GLN M 81 11.38 -52.33 -37.34
N ALA M 82 11.87 -52.99 -38.38
CA ALA M 82 13.23 -52.76 -38.85
C ALA M 82 13.45 -51.30 -39.25
N GLU M 83 12.39 -50.62 -39.68
CA GLU M 83 12.44 -49.18 -39.95
C GLU M 83 12.80 -48.37 -38.73
N ASP M 84 12.74 -48.95 -37.53
CA ASP M 84 13.12 -48.24 -36.30
C ASP M 84 14.45 -48.72 -35.72
N GLU M 85 15.15 -49.62 -36.41
CA GLU M 85 16.40 -50.19 -35.89
C GLU M 85 17.48 -49.13 -36.01
N ALA M 86 17.66 -48.33 -34.96
CA ALA M 86 18.39 -47.09 -35.05
C ALA M 86 19.16 -46.84 -33.77
N ASP M 87 20.07 -45.87 -33.84
CA ASP M 87 20.64 -45.26 -32.65
C ASP M 87 19.63 -44.29 -32.05
N TYR M 88 19.49 -44.33 -30.72
CA TYR M 88 18.57 -43.44 -30.01
C TYR M 88 19.29 -42.78 -28.83
N TYR M 89 19.54 -41.48 -28.96
CA TYR M 89 20.16 -40.68 -27.91
C TYR M 89 19.08 -39.83 -27.26
N CYS M 90 19.03 -39.85 -25.93
CA CYS M 90 18.33 -38.77 -25.26
C CYS M 90 19.19 -37.51 -25.19
N GLN M 91 18.58 -36.43 -24.71
CA GLN M 91 19.28 -35.17 -24.43
C GLN M 91 18.68 -34.53 -23.19
N SER M 92 19.52 -33.81 -22.46
CA SER M 92 19.02 -32.85 -21.48
C SER M 92 20.01 -31.69 -21.41
N TYR M 93 19.95 -30.93 -20.31
CA TYR M 93 20.73 -29.69 -20.17
C TYR M 93 21.32 -29.62 -18.77
N ASP M 94 22.57 -30.02 -18.61
CA ASP M 94 23.20 -30.00 -17.29
C ASP M 94 23.45 -28.57 -16.85
N ARG M 95 23.19 -28.30 -15.57
CA ARG M 95 23.43 -26.97 -15.01
C ARG M 95 24.87 -26.53 -15.25
N SER M 96 25.81 -27.47 -15.31
CA SER M 96 27.21 -27.16 -15.56
C SER M 96 27.63 -27.50 -16.99
N LEU M 97 27.44 -28.75 -17.40
CA LEU M 97 27.88 -29.21 -18.72
C LEU M 97 27.00 -28.72 -19.86
N SER M 98 25.92 -27.99 -19.57
CA SER M 98 24.95 -27.53 -20.57
C SER M 98 24.44 -28.75 -21.31
N GLY M 99 24.47 -28.78 -22.64
CA GLY M 99 23.95 -29.91 -23.40
C GLY M 99 24.64 -31.22 -23.12
N VAL M 100 23.86 -32.22 -22.69
CA VAL M 100 24.38 -33.54 -22.35
C VAL M 100 23.58 -34.57 -23.14
N PHE M 101 24.15 -35.01 -24.26
CA PHE M 101 23.57 -36.12 -25.02
C PHE M 101 23.99 -37.45 -24.41
N GLY M 102 23.08 -38.42 -24.44
CA GLY M 102 23.32 -39.72 -23.85
C GLY M 102 24.35 -40.53 -24.60
N THR M 103 24.76 -41.63 -23.97
CA THR M 103 25.70 -42.56 -24.60
C THR M 103 25.10 -43.33 -25.77
N GLY M 104 23.79 -43.26 -25.95
CA GLY M 104 23.19 -43.66 -27.22
C GLY M 104 22.99 -45.15 -27.43
N THR M 105 21.89 -45.68 -26.92
CA THR M 105 21.54 -47.07 -27.16
C THR M 105 21.23 -47.27 -28.65
N LYS M 106 21.70 -48.39 -29.21
CA LYS M 106 21.24 -48.86 -30.50
C LYS M 106 20.22 -49.97 -30.31
N VAL M 107 19.09 -49.84 -31.02
CA VAL M 107 18.10 -50.91 -31.08
C VAL M 107 18.49 -51.90 -32.16
N THR M 108 18.17 -53.18 -31.93
CA THR M 108 18.46 -54.25 -32.88
C THR M 108 17.18 -55.02 -33.16
N VAL M 109 17.00 -55.41 -34.42
CA VAL M 109 15.82 -56.17 -34.84
C VAL M 109 16.24 -57.41 -35.60
N GLU N 1 -50.27 -11.08 -15.37
CA GLU N 1 -50.90 -11.08 -14.06
C GLU N 1 -50.34 -12.18 -13.17
N VAL N 2 -49.79 -11.78 -12.03
CA VAL N 2 -49.39 -12.74 -11.00
C VAL N 2 -50.64 -13.30 -10.33
N GLN N 3 -50.66 -14.62 -10.15
CA GLN N 3 -51.53 -15.25 -9.16
C GLN N 3 -50.76 -16.32 -8.42
N LEU N 4 -50.90 -16.31 -7.09
CA LEU N 4 -50.55 -17.45 -6.24
C LEU N 4 -51.82 -18.16 -5.82
N VAL N 5 -51.86 -19.48 -6.01
CA VAL N 5 -53.09 -20.26 -5.96
C VAL N 5 -52.80 -21.58 -5.26
N GLU N 6 -53.41 -21.77 -4.09
CA GLU N 6 -53.09 -22.87 -3.18
C GLU N 6 -54.12 -23.98 -3.34
N SER N 7 -53.65 -25.22 -3.40
CA SER N 7 -54.51 -26.39 -3.34
C SER N 7 -53.87 -27.44 -2.44
N GLY N 8 -54.71 -28.34 -1.94
CA GLY N 8 -54.31 -29.24 -0.86
C GLY N 8 -54.58 -28.66 0.51
N GLY N 9 -55.87 -28.55 0.85
CA GLY N 9 -56.35 -28.00 2.10
C GLY N 9 -57.43 -28.87 2.71
N GLY N 10 -58.35 -28.22 3.42
CA GLY N 10 -59.46 -28.90 4.07
C GLY N 10 -59.10 -29.54 5.39
N LEU N 11 -59.98 -30.47 5.81
CA LEU N 11 -59.85 -31.09 7.12
C LEU N 11 -58.68 -32.07 7.17
N VAL N 12 -58.01 -32.11 8.33
CA VAL N 12 -57.07 -33.15 8.71
C VAL N 12 -57.31 -33.47 10.18
N LYS N 13 -57.29 -34.75 10.53
CA LYS N 13 -57.42 -35.13 11.92
C LYS N 13 -56.13 -34.83 12.69
N PRO N 14 -56.24 -34.55 13.99
CA PRO N 14 -55.03 -34.23 14.77
C PRO N 14 -53.98 -35.33 14.68
N GLY N 15 -52.72 -34.92 14.67
CA GLY N 15 -51.62 -35.83 14.36
C GLY N 15 -51.53 -36.26 12.92
N GLY N 16 -52.53 -35.97 12.09
CA GLY N 16 -52.44 -36.22 10.67
C GLY N 16 -51.54 -35.22 9.98
N SER N 17 -51.45 -35.39 8.66
CA SER N 17 -50.51 -34.63 7.85
C SER N 17 -51.17 -34.26 6.52
N LEU N 18 -50.72 -33.15 5.95
CA LEU N 18 -51.23 -32.67 4.69
C LEU N 18 -50.14 -31.88 4.00
N ARG N 19 -50.20 -31.85 2.66
CA ARG N 19 -49.30 -31.02 1.85
C ARG N 19 -50.09 -29.86 1.26
N LEU N 20 -49.67 -28.64 1.62
CA LEU N 20 -50.09 -27.45 0.89
C LEU N 20 -49.25 -27.28 -0.36
N SER N 21 -49.85 -26.70 -1.40
CA SER N 21 -49.16 -26.48 -2.66
C SER N 21 -49.64 -25.16 -3.24
N CYS N 22 -48.80 -24.13 -3.07
CA CYS N 22 -49.00 -22.81 -3.67
C CYS N 22 -48.42 -22.84 -5.07
N ALA N 23 -49.27 -23.05 -6.08
CA ALA N 23 -48.82 -22.91 -7.45
C ALA N 23 -48.61 -21.43 -7.78
N ALA N 24 -47.44 -21.12 -8.33
CA ALA N 24 -47.14 -19.79 -8.83
C ALA N 24 -47.43 -19.68 -10.32
N SER N 25 -47.69 -18.44 -10.76
CA SER N 25 -47.88 -18.16 -12.17
C SER N 25 -47.68 -16.67 -12.43
N GLY N 26 -47.34 -16.35 -13.68
CA GLY N 26 -47.22 -14.99 -14.14
C GLY N 26 -46.07 -14.18 -13.58
N PHE N 27 -45.14 -14.80 -12.86
CA PHE N 27 -43.94 -14.11 -12.42
C PHE N 27 -42.74 -15.05 -12.46
N THR N 28 -41.55 -14.46 -12.40
CA THR N 28 -40.29 -15.18 -12.56
C THR N 28 -39.87 -15.83 -11.23
N PHE N 29 -40.57 -16.94 -10.93
CA PHE N 29 -40.62 -17.50 -9.57
C PHE N 29 -39.23 -17.66 -8.96
N SER N 30 -38.25 -18.11 -9.74
CA SER N 30 -36.89 -18.26 -9.23
C SER N 30 -36.33 -16.99 -8.60
N SER N 31 -36.81 -15.82 -9.03
CA SER N 31 -36.19 -14.58 -8.57
C SER N 31 -36.55 -14.22 -7.14
N TYR N 32 -37.66 -14.74 -6.62
CA TYR N 32 -38.29 -14.20 -5.42
C TYR N 32 -38.21 -15.19 -4.27
N SER N 33 -37.97 -14.67 -3.08
CA SER N 33 -38.23 -15.43 -1.85
C SER N 33 -39.72 -15.62 -1.65
N MET N 34 -40.08 -16.74 -1.03
CA MET N 34 -41.46 -17.12 -0.83
C MET N 34 -41.73 -17.40 0.65
N ASN N 35 -42.94 -17.06 1.08
CA ASN N 35 -43.34 -17.20 2.47
C ASN N 35 -44.73 -17.80 2.55
N TRP N 36 -45.00 -18.50 3.66
CA TRP N 36 -46.34 -18.89 4.05
C TRP N 36 -46.80 -18.02 5.22
N VAL N 37 -48.02 -17.49 5.12
CA VAL N 37 -48.66 -16.71 6.18
C VAL N 37 -50.01 -17.32 6.46
N ARG N 38 -50.32 -17.57 7.73
CA ARG N 38 -51.57 -18.19 8.12
C ARG N 38 -52.38 -17.25 9.00
N GLN N 39 -53.70 -17.42 8.97
CA GLN N 39 -54.64 -16.59 9.70
C GLN N 39 -55.67 -17.49 10.38
N ALA N 40 -55.56 -17.63 11.70
CA ALA N 40 -56.62 -18.29 12.44
C ALA N 40 -57.91 -17.48 12.31
N PRO N 41 -59.07 -18.14 12.31
CA PRO N 41 -60.30 -17.49 11.86
C PRO N 41 -60.59 -16.21 12.64
N GLY N 42 -60.62 -15.09 11.92
CA GLY N 42 -60.80 -13.79 12.51
C GLY N 42 -59.60 -13.23 13.25
N LYS N 43 -58.60 -14.05 13.54
CA LYS N 43 -57.45 -13.60 14.32
C LYS N 43 -56.45 -12.84 13.45
N GLY N 44 -55.38 -12.38 14.09
CA GLY N 44 -54.31 -11.71 13.37
C GLY N 44 -53.52 -12.64 12.48
N LEU N 45 -52.84 -12.04 11.50
CA LEU N 45 -51.97 -12.80 10.61
C LEU N 45 -50.76 -13.33 11.35
N GLU N 46 -50.32 -14.53 10.98
CA GLU N 46 -49.09 -15.12 11.47
C GLU N 46 -48.22 -15.54 10.29
N TRP N 47 -46.99 -15.07 10.25
CA TRP N 47 -45.99 -15.61 9.33
C TRP N 47 -45.62 -17.03 9.75
N VAL N 48 -45.70 -17.96 8.79
CA VAL N 48 -45.45 -19.37 9.04
C VAL N 48 -43.99 -19.74 8.76
N SER N 49 -43.54 -19.54 7.52
CA SER N 49 -42.23 -20.03 7.14
C SER N 49 -41.71 -19.27 5.92
N SER N 50 -40.40 -19.36 5.71
CA SER N 50 -39.65 -18.62 4.72
C SER N 50 -38.78 -19.61 3.95
N ILE N 51 -38.70 -19.44 2.63
CA ILE N 51 -37.67 -20.06 1.82
C ILE N 51 -37.01 -19.01 0.94
N SER N 52 -35.67 -19.05 0.88
CA SER N 52 -34.91 -18.14 0.03
C SER N 52 -35.15 -18.45 -1.45
N ALA N 53 -34.48 -17.67 -2.30
CA ALA N 53 -34.70 -17.75 -3.74
C ALA N 53 -34.35 -19.13 -4.30
N SER N 54 -33.14 -19.62 -4.00
CA SER N 54 -32.70 -20.92 -4.49
C SER N 54 -32.63 -21.98 -3.41
N SER N 55 -33.61 -22.02 -2.50
CA SER N 55 -33.69 -22.99 -1.41
C SER N 55 -32.48 -22.95 -0.50
N SER N 56 -31.65 -21.90 -0.57
CA SER N 56 -30.38 -21.90 0.15
C SER N 56 -30.61 -21.81 1.66
N TYR N 57 -31.51 -20.93 2.09
CA TYR N 57 -31.84 -20.75 3.49
C TYR N 57 -33.34 -20.85 3.68
N SER N 58 -33.75 -21.25 4.88
CA SER N 58 -35.15 -21.25 5.25
C SER N 58 -35.29 -20.98 6.73
N ASP N 59 -36.48 -20.50 7.11
CA ASP N 59 -36.79 -20.13 8.48
C ASP N 59 -38.23 -20.51 8.78
N TYR N 60 -38.50 -20.82 10.05
CA TYR N 60 -39.82 -21.27 10.47
C TYR N 60 -40.18 -20.57 11.77
N ALA N 61 -41.44 -20.16 11.89
CA ALA N 61 -41.98 -19.81 13.20
C ALA N 61 -41.90 -21.01 14.14
N ASP N 62 -41.81 -20.72 15.44
CA ASP N 62 -41.74 -21.79 16.43
C ASP N 62 -42.94 -22.72 16.33
N SER N 63 -44.12 -22.16 16.05
CA SER N 63 -45.30 -22.98 15.77
C SER N 63 -45.08 -23.96 14.64
N ALA N 64 -44.20 -23.63 13.68
CA ALA N 64 -43.88 -24.52 12.57
C ALA N 64 -42.51 -25.16 12.67
N LYS N 65 -41.63 -24.66 13.53
CA LYS N 65 -40.28 -25.19 13.61
C LYS N 65 -40.28 -26.64 14.07
N GLY N 66 -39.52 -27.47 13.36
CA GLY N 66 -39.56 -28.91 13.53
C GLY N 66 -40.76 -29.62 12.94
N ARG N 67 -41.89 -28.95 12.77
CA ARG N 67 -43.12 -29.62 12.36
C ARG N 67 -43.38 -29.51 10.86
N PHE N 68 -43.32 -28.29 10.32
CA PHE N 68 -43.67 -28.05 8.93
C PHE N 68 -42.41 -27.80 8.13
N THR N 69 -42.32 -28.42 6.95
CA THR N 69 -41.22 -28.20 6.03
C THR N 69 -41.71 -27.36 4.85
N ILE N 70 -41.12 -26.19 4.67
CA ILE N 70 -41.28 -25.42 3.44
C ILE N 70 -40.34 -25.98 2.37
N SER N 71 -40.83 -26.06 1.14
CA SER N 71 -39.96 -26.35 0.00
C SER N 71 -40.44 -25.57 -1.22
N ARG N 72 -39.54 -25.45 -2.20
CA ARG N 72 -39.86 -24.87 -3.49
C ARG N 72 -39.26 -25.76 -4.58
N ASP N 73 -39.87 -25.72 -5.76
CA ASP N 73 -39.31 -26.32 -6.96
C ASP N 73 -39.32 -25.30 -8.09
N ASN N 74 -38.14 -25.02 -8.65
CA ASN N 74 -38.00 -24.01 -9.68
C ASN N 74 -38.17 -24.59 -11.08
N ALA N 75 -38.16 -25.91 -11.21
CA ALA N 75 -38.86 -26.55 -12.31
C ALA N 75 -40.35 -26.63 -11.95
N LYS N 76 -41.20 -26.49 -12.97
CA LYS N 76 -42.54 -25.95 -12.79
C LYS N 76 -42.44 -24.57 -12.15
N THR N 77 -43.49 -24.12 -11.48
CA THR N 77 -43.41 -23.03 -10.51
C THR N 77 -44.36 -23.32 -9.35
N SER N 78 -43.84 -23.90 -8.28
CA SER N 78 -44.68 -24.42 -7.21
C SER N 78 -44.00 -24.21 -5.87
N LEU N 79 -44.82 -24.05 -4.83
CA LEU N 79 -44.37 -23.89 -3.45
C LEU N 79 -45.17 -24.83 -2.57
N PHE N 80 -44.50 -25.51 -1.64
CA PHE N 80 -45.13 -26.54 -0.85
C PHE N 80 -44.91 -26.28 0.64
N LEU N 81 -45.82 -26.81 1.45
CA LEU N 81 -45.63 -26.92 2.90
C LEU N 81 -46.10 -28.30 3.34
N GLN N 82 -45.15 -29.19 3.63
CA GLN N 82 -45.46 -30.50 4.22
C GLN N 82 -45.70 -30.32 5.72
N MET N 83 -46.96 -30.25 6.11
CA MET N 83 -47.34 -30.04 7.51
C MET N 83 -47.50 -31.40 8.19
N ASN N 84 -46.47 -31.85 8.89
CA ASN N 84 -46.59 -32.98 9.79
C ASN N 84 -47.06 -32.54 11.17
N SER N 85 -47.75 -33.44 11.86
CA SER N 85 -48.16 -33.25 13.25
C SER N 85 -48.99 -31.97 13.42
N LEU N 86 -49.98 -31.80 12.56
CA LEU N 86 -50.92 -30.69 12.69
C LEU N 86 -51.66 -30.76 14.02
N ARG N 87 -52.08 -29.60 14.50
CA ARG N 87 -52.74 -29.47 15.79
C ARG N 87 -54.00 -28.61 15.62
N ALA N 88 -54.90 -28.71 16.60
CA ALA N 88 -56.14 -27.95 16.53
C ALA N 88 -55.87 -26.45 16.44
N GLU N 89 -54.90 -25.96 17.21
CA GLU N 89 -54.48 -24.56 17.14
C GLU N 89 -53.88 -24.17 15.80
N ASP N 90 -53.59 -25.12 14.92
CA ASP N 90 -53.19 -24.81 13.55
C ASP N 90 -54.38 -24.56 12.63
N THR N 91 -55.62 -24.74 13.09
CA THR N 91 -56.76 -24.55 12.21
C THR N 91 -56.81 -23.11 11.71
N ALA N 92 -56.54 -22.92 10.42
CA ALA N 92 -56.36 -21.57 9.88
C ALA N 92 -56.44 -21.63 8.36
N ILE N 93 -56.74 -20.49 7.76
CA ILE N 93 -56.39 -20.28 6.36
C ILE N 93 -54.90 -20.06 6.26
N TYR N 94 -54.24 -20.83 5.39
CA TYR N 94 -52.85 -20.57 5.04
C TYR N 94 -52.74 -19.87 3.69
N PHE N 95 -52.07 -18.73 3.69
CA PHE N 95 -51.69 -18.02 2.46
C PHE N 95 -50.22 -18.27 2.17
N CYS N 96 -49.89 -18.41 0.89
CA CYS N 96 -48.55 -18.07 0.46
C CYS N 96 -48.50 -16.60 0.07
N ALA N 97 -47.28 -16.04 0.05
CA ALA N 97 -47.08 -14.71 -0.48
C ALA N 97 -45.72 -14.59 -1.16
N ARG N 98 -45.69 -13.80 -2.22
CA ARG N 98 -44.44 -13.46 -2.90
C ARG N 98 -43.73 -12.40 -2.07
N ALA N 99 -42.52 -12.70 -1.61
CA ALA N 99 -41.80 -11.77 -0.75
C ALA N 99 -40.76 -10.99 -1.54
N ARG N 100 -40.72 -9.69 -1.28
CA ARG N 100 -39.87 -8.74 -1.98
C ARG N 100 -39.19 -7.86 -0.93
N ALA N 101 -37.89 -7.66 -1.06
CA ALA N 101 -37.14 -6.88 -0.09
C ALA N 101 -36.29 -5.83 -0.76
N THR N 102 -36.32 -4.61 -0.23
CA THR N 102 -35.54 -3.47 -0.69
C THR N 102 -34.84 -2.91 0.51
N GLY N 103 -33.52 -2.78 0.44
CA GLY N 103 -32.80 -2.19 1.55
C GLY N 103 -31.79 -1.10 1.31
N TYR N 104 -31.99 0.03 1.97
CA TYR N 104 -31.02 1.12 2.01
C TYR N 104 -30.26 1.13 3.34
N SER N 105 -30.99 1.04 4.45
CA SER N 105 -30.42 0.95 5.78
C SER N 105 -30.94 -0.24 6.57
N SER N 106 -31.94 -0.96 6.04
CA SER N 106 -32.62 -2.05 6.73
C SER N 106 -33.08 -3.04 5.66
N ILE N 107 -33.12 -4.32 6.02
CA ILE N 107 -33.82 -5.31 5.21
C ILE N 107 -34.90 -5.99 6.06
N THR N 108 -36.14 -5.90 5.58
CA THR N 108 -37.31 -6.57 6.14
C THR N 108 -38.28 -6.85 4.99
N PRO N 109 -38.69 -8.10 4.79
CA PRO N 109 -39.39 -8.44 3.53
C PRO N 109 -40.88 -8.11 3.62
N TYR N 110 -41.32 -7.16 2.79
CA TYR N 110 -42.75 -6.98 2.60
C TYR N 110 -43.28 -7.98 1.58
N PHE N 111 -44.58 -8.28 1.67
CA PHE N 111 -45.22 -9.31 0.87
C PHE N 111 -46.16 -8.64 -0.13
N ASP N 112 -45.81 -8.71 -1.41
CA ASP N 112 -46.40 -7.83 -2.42
C ASP N 112 -47.50 -8.46 -3.24
N ILE N 113 -47.52 -9.80 -3.36
CA ILE N 113 -48.68 -10.54 -3.82
C ILE N 113 -49.01 -11.62 -2.81
N TRP N 114 -50.29 -11.75 -2.46
CA TRP N 114 -50.76 -12.73 -1.49
C TRP N 114 -51.70 -13.71 -2.18
N GLY N 115 -51.59 -14.99 -1.83
CA GLY N 115 -52.48 -16.00 -2.36
C GLY N 115 -53.85 -15.97 -1.71
N GLN N 116 -54.83 -16.55 -2.41
CA GLN N 116 -56.19 -16.59 -1.89
C GLN N 116 -56.31 -17.51 -0.69
N GLY N 117 -55.45 -18.53 -0.60
CA GLY N 117 -55.37 -19.39 0.56
C GLY N 117 -56.42 -20.48 0.56
N THR N 118 -56.23 -21.44 1.47
CA THR N 118 -57.15 -22.55 1.67
C THR N 118 -57.14 -22.91 3.14
N LEU N 119 -58.24 -23.52 3.60
CA LEU N 119 -58.61 -23.50 5.01
C LEU N 119 -58.24 -24.84 5.64
N VAL N 120 -56.96 -24.98 5.96
CA VAL N 120 -56.46 -26.08 6.77
C VAL N 120 -57.24 -26.14 8.08
N THR N 121 -57.97 -27.24 8.30
CA THR N 121 -58.80 -27.38 9.49
C THR N 121 -58.48 -28.69 10.19
N VAL N 122 -58.44 -28.63 11.52
CA VAL N 122 -57.87 -29.71 12.33
C VAL N 122 -58.74 -29.97 13.54
N VAL O 3 -43.73 -8.65 20.66
CA VAL O 3 -44.96 -8.79 19.88
C VAL O 3 -45.48 -7.42 19.47
N VAL O 4 -45.47 -7.14 18.17
CA VAL O 4 -45.94 -5.87 17.65
C VAL O 4 -47.44 -5.75 17.89
N THR O 5 -47.86 -4.66 18.52
CA THR O 5 -49.16 -4.57 19.16
C THR O 5 -49.77 -3.21 18.86
N GLN O 6 -51.09 -3.16 18.84
CA GLN O 6 -51.85 -2.03 18.32
C GLN O 6 -53.04 -1.78 19.23
N PRO O 7 -53.67 -0.61 19.11
CA PRO O 7 -55.04 -0.46 19.61
C PRO O 7 -55.96 -1.46 18.94
N PRO O 8 -56.70 -2.26 19.73
CA PRO O 8 -57.53 -3.31 19.13
C PRO O 8 -58.63 -2.81 18.21
N SER O 9 -59.18 -1.62 18.44
CA SER O 9 -60.14 -1.06 17.50
C SER O 9 -60.05 0.46 17.49
N VAL O 10 -60.39 1.03 16.33
CA VAL O 10 -60.46 2.48 16.14
C VAL O 10 -61.67 2.77 15.26
N SER O 11 -62.11 4.03 15.27
CA SER O 11 -63.30 4.41 14.53
C SER O 11 -63.24 5.90 14.19
N GLY O 12 -64.07 6.29 13.23
CA GLY O 12 -64.22 7.69 12.88
C GLY O 12 -65.47 7.89 12.05
N ALA O 13 -65.80 9.18 11.83
CA ALA O 13 -66.84 9.50 10.87
C ALA O 13 -66.25 9.68 9.47
N PRO O 14 -67.01 9.35 8.43
CA PRO O 14 -66.52 9.53 7.05
C PRO O 14 -65.92 10.89 6.77
N GLY O 15 -64.64 10.90 6.36
CA GLY O 15 -63.89 12.12 6.15
C GLY O 15 -63.10 12.62 7.34
N GLN O 16 -63.34 12.10 8.54
CA GLN O 16 -62.39 12.29 9.63
C GLN O 16 -61.10 11.53 9.37
N ARG O 17 -60.01 12.06 9.90
CA ARG O 17 -58.79 11.27 10.02
C ARG O 17 -58.97 10.17 11.05
N VAL O 18 -58.41 9.00 10.77
CA VAL O 18 -58.15 8.00 11.80
C VAL O 18 -56.67 7.62 11.74
N THR O 19 -56.12 7.21 12.87
CA THR O 19 -54.69 6.90 12.97
C THR O 19 -54.51 5.58 13.72
N ILE O 20 -53.68 4.71 13.16
CA ILE O 20 -53.43 3.38 13.70
C ILE O 20 -51.95 3.30 14.04
N SER O 21 -51.62 3.00 15.30
CA SER O 21 -50.24 3.03 15.76
C SER O 21 -49.77 1.61 16.04
N CYS O 22 -48.67 1.21 15.39
CA CYS O 22 -47.99 -0.05 15.65
C CYS O 22 -46.90 0.16 16.69
N THR O 23 -47.31 0.20 17.95
CA THR O 23 -46.36 0.10 19.06
C THR O 23 -45.46 -1.11 18.86
N GLY O 24 -44.17 -0.91 19.07
CA GLY O 24 -43.16 -1.87 18.67
C GLY O 24 -42.32 -2.42 19.80
N SER O 25 -41.07 -2.75 19.51
CA SER O 25 -40.11 -3.07 20.56
C SER O 25 -38.70 -2.79 20.07
N SER O 26 -37.75 -2.80 21.02
CA SER O 26 -36.34 -2.56 20.73
C SER O 26 -35.79 -3.47 19.65
N SER O 27 -36.28 -4.71 19.54
CA SER O 27 -35.86 -5.57 18.45
C SER O 27 -36.86 -5.64 17.30
N ASN O 28 -38.15 -5.43 17.56
CA ASN O 28 -39.15 -5.69 16.52
C ASN O 28 -39.13 -4.63 15.43
N ILE O 29 -39.35 -3.37 15.80
CA ILE O 29 -38.89 -2.24 14.99
C ILE O 29 -37.44 -1.89 15.30
N GLY O 30 -37.11 -1.76 16.59
CA GLY O 30 -36.02 -0.89 17.01
C GLY O 30 -34.67 -1.22 16.40
N ALA O 31 -34.43 -2.50 16.10
CA ALA O 31 -33.16 -2.89 15.47
C ALA O 31 -32.98 -2.28 14.09
N GLY O 32 -34.02 -1.70 13.49
CA GLY O 32 -33.88 -0.99 12.24
C GLY O 32 -34.95 -1.35 11.23
N TYR O 33 -35.54 -2.53 11.43
CA TYR O 33 -36.49 -3.10 10.48
C TYR O 33 -37.66 -2.14 10.24
N ASP O 34 -37.93 -1.88 8.95
CA ASP O 34 -38.98 -0.95 8.56
C ASP O 34 -40.36 -1.54 8.86
N VAL O 35 -41.38 -0.70 8.67
CA VAL O 35 -42.75 -1.05 9.00
C VAL O 35 -43.59 -1.05 7.72
N HIS O 36 -44.21 -2.19 7.43
CA HIS O 36 -45.05 -2.38 6.26
C HIS O 36 -46.49 -2.55 6.74
N TRP O 37 -47.44 -1.97 5.99
CA TRP O 37 -48.85 -2.03 6.35
C TRP O 37 -49.65 -2.75 5.28
N TYR O 38 -50.57 -3.60 5.73
CA TYR O 38 -51.45 -4.38 4.86
C TYR O 38 -52.91 -4.12 5.20
N GLN O 39 -53.75 -4.06 4.17
CA GLN O 39 -55.19 -3.92 4.31
C GLN O 39 -55.84 -5.23 3.89
N GLN O 40 -56.70 -5.76 4.76
CA GLN O 40 -57.47 -6.97 4.45
C GLN O 40 -58.95 -6.74 4.71
N LEU O 41 -59.77 -6.94 3.68
CA LEU O 41 -61.21 -6.90 3.81
C LEU O 41 -61.72 -8.26 4.27
N PRO O 42 -62.90 -8.30 4.90
CA PRO O 42 -63.46 -9.61 5.27
C PRO O 42 -63.59 -10.53 4.07
N GLY O 43 -63.10 -11.75 4.22
CA GLY O 43 -63.20 -12.73 3.16
C GLY O 43 -62.32 -12.43 1.96
N THR O 44 -61.21 -11.72 2.17
CA THR O 44 -60.25 -11.43 1.12
C THR O 44 -58.83 -11.66 1.66
N ALA O 45 -57.90 -11.84 0.73
CA ALA O 45 -56.50 -11.85 1.10
C ALA O 45 -56.04 -10.42 1.40
N PRO O 46 -54.96 -10.27 2.18
CA PRO O 46 -54.42 -8.93 2.43
C PRO O 46 -54.12 -8.17 1.15
N LYS O 47 -54.13 -6.84 1.26
CA LYS O 47 -53.63 -5.96 0.22
C LYS O 47 -52.57 -5.04 0.83
N LEU O 48 -51.43 -4.93 0.16
CA LEU O 48 -50.37 -4.05 0.60
C LEU O 48 -50.77 -2.59 0.40
N LEU O 49 -50.71 -1.81 1.47
CA LEU O 49 -50.90 -0.37 1.38
C LEU O 49 -49.64 0.44 1.61
N ILE O 50 -48.76 -0.01 2.50
CA ILE O 50 -47.46 0.63 2.72
C ILE O 50 -46.39 -0.44 2.81
N TYR O 51 -45.27 -0.24 2.13
CA TYR O 51 -44.32 -1.31 1.87
C TYR O 51 -42.92 -0.98 2.38
N ASP O 52 -42.66 0.30 2.66
CA ASP O 52 -41.54 0.76 3.46
C ASP O 52 -42.03 2.03 4.14
N ASN O 53 -41.37 2.40 5.25
CA ASN O 53 -42.01 3.24 6.27
C ASN O 53 -42.81 4.38 5.66
N ASN O 54 -42.20 5.10 4.71
CA ASN O 54 -42.79 6.29 4.12
C ASN O 54 -43.40 6.06 2.75
N ASN O 55 -43.45 4.81 2.26
CA ASN O 55 -43.46 4.56 0.83
C ASN O 55 -44.70 3.76 0.43
N ARG O 56 -45.44 4.29 -0.55
CA ARG O 56 -46.74 3.81 -0.96
C ARG O 56 -46.64 3.13 -2.32
N PRO O 57 -47.19 1.93 -2.50
CA PRO O 57 -47.09 1.25 -3.80
C PRO O 57 -48.02 1.89 -4.83
N SER O 58 -47.77 1.52 -6.08
CA SER O 58 -48.67 1.86 -7.19
C SER O 58 -50.06 1.26 -7.00
N GLY O 59 -51.08 2.04 -7.34
CA GLY O 59 -52.46 1.59 -7.31
C GLY O 59 -53.21 1.83 -6.02
N VAL O 60 -52.52 2.30 -4.98
CA VAL O 60 -53.19 2.71 -3.74
C VAL O 60 -53.97 3.99 -4.02
N PRO O 61 -55.14 4.20 -3.37
CA PRO O 61 -55.93 5.42 -3.60
C PRO O 61 -55.21 6.71 -3.23
N ASP O 62 -53.98 6.62 -2.72
CA ASP O 62 -53.06 7.74 -2.64
C ASP O 62 -53.52 8.78 -1.62
N ARG O 63 -54.22 8.32 -0.59
CA ARG O 63 -54.71 9.15 0.51
C ARG O 63 -54.39 8.51 1.85
N PHE O 64 -53.29 7.75 1.89
CA PHE O 64 -52.81 7.04 3.07
C PHE O 64 -51.34 7.42 3.27
N SER O 65 -50.93 7.55 4.53
CA SER O 65 -49.53 7.88 4.81
C SER O 65 -49.10 7.17 6.09
N ALA O 66 -47.79 6.99 6.21
CA ALA O 66 -47.20 6.32 7.36
C ALA O 66 -45.84 6.93 7.67
N SER O 67 -45.42 6.77 8.92
CA SER O 67 -44.15 7.29 9.39
C SER O 67 -43.60 6.33 10.44
N LYS O 68 -42.28 6.36 10.63
CA LYS O 68 -41.62 5.56 11.65
C LYS O 68 -40.81 6.48 12.55
N SER O 69 -41.49 7.13 13.50
CA SER O 69 -40.82 7.96 14.50
C SER O 69 -40.16 7.06 15.54
N GLY O 70 -39.17 6.31 15.09
CA GLY O 70 -38.66 5.20 15.90
C GLY O 70 -39.70 4.11 16.03
N THR O 71 -39.75 3.51 17.22
CA THR O 71 -40.86 2.65 17.58
C THR O 71 -42.16 3.46 17.58
N SER O 72 -43.28 2.72 17.53
CA SER O 72 -44.62 3.32 17.46
C SER O 72 -44.83 4.05 16.13
N ALA O 73 -44.39 3.42 15.04
CA ALA O 73 -44.83 3.81 13.72
C ALA O 73 -46.36 3.78 13.64
N SER O 74 -46.91 4.65 12.80
CA SER O 74 -48.36 4.78 12.71
C SER O 74 -48.80 5.04 11.28
N LEU O 75 -50.01 4.58 10.98
CA LEU O 75 -50.66 4.76 9.69
C LEU O 75 -51.78 5.79 9.85
N ALA O 76 -51.75 6.82 9.01
CA ALA O 76 -52.79 7.85 9.02
C ALA O 76 -53.66 7.72 7.78
N ILE O 77 -54.98 7.71 8.00
CA ILE O 77 -55.98 7.58 6.95
C ILE O 77 -56.78 8.86 6.86
N THR O 78 -56.90 9.41 5.64
CA THR O 78 -57.61 10.66 5.41
C THR O 78 -58.65 10.44 4.33
N GLY O 79 -59.72 11.22 4.39
CA GLY O 79 -60.86 11.02 3.50
C GLY O 79 -61.56 9.69 3.70
N LEU O 80 -61.59 9.19 4.94
CA LEU O 80 -62.01 7.83 5.21
C LEU O 80 -63.39 7.52 4.62
N GLN O 81 -63.46 6.46 3.83
CA GLN O 81 -64.73 5.97 3.29
C GLN O 81 -65.08 4.63 3.90
N ALA O 82 -66.35 4.23 3.74
CA ALA O 82 -66.78 2.88 4.10
C ALA O 82 -66.00 1.83 3.32
N GLU O 83 -65.58 2.15 2.10
CA GLU O 83 -64.69 1.29 1.32
C GLU O 83 -63.34 1.04 1.98
N ASP O 84 -63.03 1.74 3.08
CA ASP O 84 -61.80 1.52 3.83
C ASP O 84 -62.02 0.77 5.13
N GLU O 85 -63.25 0.38 5.44
CA GLU O 85 -63.54 -0.25 6.73
C GLU O 85 -63.00 -1.67 6.74
N ALA O 86 -61.79 -1.86 7.25
CA ALA O 86 -61.04 -3.09 7.03
C ALA O 86 -60.21 -3.41 8.27
N ASP O 87 -59.71 -4.65 8.30
CA ASP O 87 -58.63 -5.02 9.21
C ASP O 87 -57.31 -4.51 8.65
N TYR O 88 -56.57 -3.76 9.47
CA TYR O 88 -55.26 -3.25 9.08
C TYR O 88 -54.18 -3.75 10.03
N TYR O 89 -53.22 -4.48 9.48
CA TYR O 89 -52.07 -5.01 10.21
C TYR O 89 -50.83 -4.36 9.65
N CYS O 90 -49.93 -3.90 10.52
CA CYS O 90 -48.57 -3.70 10.06
C CYS O 90 -47.79 -5.02 10.03
N GLN O 91 -46.62 -4.95 9.41
CA GLN O 91 -45.62 -6.02 9.43
C GLN O 91 -44.25 -5.44 9.74
N SER O 92 -43.45 -6.18 10.50
CA SER O 92 -42.00 -5.98 10.48
C SER O 92 -41.33 -7.35 10.49
N TYR O 93 -40.03 -7.38 10.81
CA TYR O 93 -39.22 -8.61 10.79
C TYR O 93 -38.33 -8.62 12.02
N ASP O 94 -38.83 -9.20 13.10
CA ASP O 94 -38.09 -9.22 14.35
C ASP O 94 -36.80 -10.03 14.21
N ARG O 95 -35.73 -9.54 14.84
CA ARG O 95 -34.43 -10.20 14.75
C ARG O 95 -34.51 -11.65 15.21
N SER O 96 -35.44 -11.98 16.10
CA SER O 96 -35.57 -13.31 16.67
C SER O 96 -36.79 -14.05 16.16
N LEU O 97 -37.96 -13.43 16.22
CA LEU O 97 -39.21 -14.03 15.76
C LEU O 97 -39.37 -14.01 14.24
N SER O 98 -38.44 -13.38 13.52
CA SER O 98 -38.56 -13.17 12.06
C SER O 98 -39.85 -12.40 11.82
N GLY O 99 -40.73 -12.85 10.93
CA GLY O 99 -41.93 -12.11 10.60
C GLY O 99 -42.85 -11.89 11.79
N VAL O 100 -43.21 -10.64 12.04
CA VAL O 100 -44.08 -10.27 13.16
C VAL O 100 -45.17 -9.35 12.62
N PHE O 101 -46.34 -9.93 12.35
CA PHE O 101 -47.53 -9.13 12.03
C PHE O 101 -48.20 -8.65 13.30
N GLY O 102 -48.79 -7.46 13.22
CA GLY O 102 -49.40 -6.85 14.38
C GLY O 102 -50.71 -7.51 14.77
N THR O 103 -51.24 -7.08 15.92
CA THR O 103 -52.51 -7.60 16.41
C THR O 103 -53.70 -7.13 15.58
N GLY O 104 -53.51 -6.18 14.67
CA GLY O 104 -54.45 -5.94 13.61
C GLY O 104 -55.65 -5.11 13.99
N THR O 105 -55.46 -3.79 14.08
CA THR O 105 -56.57 -2.88 14.36
C THR O 105 -57.61 -2.94 13.24
N LYS O 106 -58.86 -3.14 13.63
CA LYS O 106 -59.97 -2.93 12.71
C LYS O 106 -60.42 -1.47 12.77
N VAL O 107 -60.66 -0.89 11.60
CA VAL O 107 -61.30 0.42 11.49
C VAL O 107 -62.80 0.20 11.35
N THR O 108 -63.57 0.96 12.13
CA THR O 108 -65.03 1.01 11.99
C THR O 108 -65.44 2.34 11.36
N VAL O 109 -66.40 2.29 10.45
CA VAL O 109 -66.89 3.49 9.79
C VAL O 109 -68.41 3.57 9.88
C1 NAG P . -5.91 -26.36 22.31
C2 NAG P . -5.75 -27.21 21.08
C3 NAG P . -7.11 -27.76 20.68
C4 NAG P . -7.67 -28.59 21.83
C5 NAG P . -7.66 -27.82 23.15
C6 NAG P . -7.93 -28.70 24.35
C7 NAG P . -3.88 -26.53 19.64
C8 NAG P . -3.45 -25.68 18.49
N2 NAG P . -5.17 -26.45 19.99
O3 NAG P . -6.98 -28.54 19.51
O4 NAG P . -9.00 -29.00 21.52
O5 NAG P . -6.39 -27.18 23.39
O6 NAG P . -7.05 -29.83 24.38
O7 NAG P . -3.10 -27.28 20.22
C1 NAG Q . 34.73 -1.25 3.08
C2 NAG Q . 34.63 -0.09 2.12
C3 NAG Q . 34.99 -0.60 0.75
C4 NAG Q . 36.44 -1.08 0.78
C5 NAG Q . 36.66 -2.11 1.89
C6 NAG Q . 38.12 -2.40 2.15
C7 NAG Q . 33.03 1.75 2.42
C8 NAG Q . 31.60 2.16 2.37
N2 NAG Q . 33.29 0.47 2.11
O3 NAG Q . 34.85 0.45 -0.20
O4 NAG Q . 36.78 -1.65 -0.47
O5 NAG Q . 36.08 -1.69 3.15
O6 NAG Q . 38.82 -1.22 2.54
O7 NAG Q . 33.92 2.53 2.73
C1 NAG R . -4.40 24.75 23.65
C2 NAG R . -5.87 24.71 23.38
C3 NAG R . -6.22 25.94 22.57
C4 NAG R . -5.84 27.19 23.38
C5 NAG R . -4.39 27.11 23.89
C6 NAG R . -4.08 28.17 24.93
C7 NAG R . -6.74 22.42 23.27
C8 NAG R . -7.07 21.27 22.37
N2 NAG R . -6.25 23.51 22.67
O3 NAG R . -7.62 25.94 22.29
O4 NAG R . -5.99 28.35 22.57
O5 NAG R . -4.12 25.83 24.50
O6 NAG R . -5.11 28.26 25.90
O7 NAG R . -6.91 22.37 24.49
#